data_6CI9
#
_entry.id   6CI9
#
_cell.length_a   131.770
_cell.length_b   129.060
_cell.length_c   145.790
_cell.angle_alpha   90.000
_cell.angle_beta   107.880
_cell.angle_gamma   90.000
#
_symmetry.space_group_name_H-M   'P 1 21 1'
#
loop_
_entity.id
_entity.type
_entity.pdbx_description
1 polymer '3-oxoacyl-[acyl-carrier-protein] reductase'
2 non-polymer 'NADP NICOTINAMIDE-ADENINE-DINUCLEOTIDE PHOSPHATE'
3 non-polymer 1-aminopropan-2-one
4 non-polymer 'CHLORIDE ION'
5 non-polymer 'MAGNESIUM ION'
6 water water
#
_entity_poly.entity_id   1
_entity_poly.type   'polypeptide(L)'
_entity_poly.pdbx_seq_one_letter_code
;SHMFTSLEGRSAIVTGGSKGIGRGIAETFANAGVDVVITGRNQDDLDRTVADLSGTRGKVTAVRADVTDPEDARRTVAET
VSRHGGLDIVCANAGIFPSGRLEDLTPDDIEQVLGVNFKGTVYIVQAALQALTASGHGRVVVTSSITGPITGYPGWSHYG
ASKAAQLGFLRTAAMELAPKKITINAVLPGNIMTEGLDEMGQDYLDQMASAIPAGRLGSVADIGNAALFFATDEAAYVTG
QTLVVDGGQVLPESHLAIA
;
_entity_poly.pdbx_strand_id   A,B,C,D,E,F,G,H,I,J,K,L,M,N,O,P
#
loop_
_chem_comp.id
_chem_comp.type
_chem_comp.name
_chem_comp.formula
CL non-polymer 'CHLORIDE ION' 'Cl -1'
F3V non-polymer 1-aminopropan-2-one 'C3 H7 N O'
MG non-polymer 'MAGNESIUM ION' 'Mg 2'
NAP non-polymer 'NADP NICOTINAMIDE-ADENINE-DINUCLEOTIDE PHOSPHATE' 'C21 H28 N7 O17 P3'
#
# COMPACT_ATOMS: atom_id res chain seq x y z
N SER A 1 59.40 -27.03 24.30
CA SER A 1 60.63 -27.55 23.73
C SER A 1 60.72 -27.38 22.21
N HIS A 2 59.89 -26.51 21.63
CA HIS A 2 59.93 -26.22 20.19
C HIS A 2 59.53 -24.78 19.96
N MET A 3 60.40 -24.00 19.33
CA MET A 3 60.13 -22.59 19.07
C MET A 3 59.98 -22.33 17.57
N PHE A 4 61.04 -22.33 16.81
CA PHE A 4 60.89 -22.18 15.37
C PHE A 4 61.48 -23.39 14.67
N THR A 5 61.07 -23.61 13.42
CA THR A 5 61.54 -24.77 12.66
C THR A 5 63.00 -24.53 12.30
N SER A 6 63.86 -25.49 12.63
CA SER A 6 65.29 -25.31 12.38
C SER A 6 65.56 -24.93 10.92
N LEU A 7 66.42 -23.95 10.73
CA LEU A 7 66.90 -23.57 9.41
C LEU A 7 68.15 -24.32 9.01
N GLU A 8 68.56 -25.32 9.80
CA GLU A 8 69.76 -26.08 9.49
C GLU A 8 69.72 -26.60 8.06
N GLY A 9 70.86 -26.52 7.38
CA GLY A 9 70.99 -27.02 6.02
C GLY A 9 70.65 -26.02 4.94
N ARG A 10 69.94 -24.96 5.25
CA ARG A 10 69.55 -23.99 4.24
C ARG A 10 70.76 -23.20 3.78
N SER A 11 70.55 -22.40 2.71
CA SER A 11 71.62 -21.70 2.01
C SER A 11 71.28 -20.21 1.94
N ALA A 12 72.17 -19.37 2.44
CA ALA A 12 71.99 -17.93 2.49
C ALA A 12 73.16 -17.19 1.85
N ILE A 13 72.87 -15.97 1.38
CA ILE A 13 73.85 -14.96 1.00
C ILE A 13 73.64 -13.77 1.91
N VAL A 14 74.73 -13.21 2.44
CA VAL A 14 74.69 -11.91 3.12
C VAL A 14 75.63 -10.98 2.35
N THR A 15 75.07 -9.97 1.69
CA THR A 15 75.94 -8.98 1.07
C THR A 15 76.55 -8.07 2.13
N GLY A 16 77.82 -7.72 1.93
CA GLY A 16 78.52 -6.92 2.91
C GLY A 16 78.66 -7.65 4.24
N GLY A 17 79.10 -8.91 4.18
CA GLY A 17 79.13 -9.79 5.33
C GLY A 17 80.43 -9.85 6.08
N SER A 18 81.46 -9.10 5.65
CA SER A 18 82.75 -9.21 6.31
C SER A 18 82.85 -8.35 7.58
N LYS A 19 82.02 -7.32 7.73
CA LYS A 19 82.11 -6.38 8.84
C LYS A 19 80.71 -6.04 9.35
N GLY A 20 80.67 -5.44 10.55
CA GLY A 20 79.47 -4.78 11.02
C GLY A 20 78.24 -5.66 11.04
N ILE A 21 77.10 -5.06 10.70
CA ILE A 21 75.81 -5.75 10.78
C ILE A 21 75.79 -6.99 9.89
N GLY A 22 76.39 -6.91 8.69
CA GLY A 22 76.42 -8.10 7.83
C GLY A 22 77.10 -9.28 8.47
N ARG A 23 78.23 -9.04 9.13
CA ARG A 23 78.92 -10.12 9.81
C ARG A 23 78.06 -10.71 10.93
N GLY A 24 77.34 -9.84 11.65
CA GLY A 24 76.43 -10.31 12.69
C GLY A 24 75.28 -11.13 12.15
N ILE A 25 74.72 -10.72 11.00
CA ILE A 25 73.69 -11.52 10.35
C ILE A 25 74.27 -12.87 9.92
N ALA A 26 75.47 -12.83 9.32
CA ALA A 26 76.08 -14.07 8.87
C ALA A 26 76.36 -15.01 10.02
N GLU A 27 76.84 -14.48 11.14
CA GLU A 27 77.14 -15.35 12.29
C GLU A 27 75.86 -15.90 12.90
N THR A 28 74.82 -15.08 12.99
CA THR A 28 73.54 -15.52 13.53
C THR A 28 72.98 -16.68 12.70
N PHE A 29 73.02 -16.56 11.38
CA PHE A 29 72.52 -17.64 10.53
C PHE A 29 73.42 -18.88 10.61
N ALA A 30 74.74 -18.69 10.64
CA ALA A 30 75.62 -19.86 10.73
C ALA A 30 75.40 -20.60 12.04
N ASN A 31 75.14 -19.87 13.14
CA ASN A 31 74.85 -20.51 14.41
C ASN A 31 73.59 -21.34 14.34
N ALA A 32 72.65 -20.94 13.48
CA ALA A 32 71.45 -21.70 13.22
C ALA A 32 71.66 -22.85 12.23
N GLY A 33 72.90 -23.13 11.83
CA GLY A 33 73.17 -24.22 10.91
C GLY A 33 72.98 -23.87 9.45
N VAL A 34 72.82 -22.59 9.11
CA VAL A 34 72.67 -22.17 7.72
C VAL A 34 74.05 -22.05 7.10
N ASP A 35 74.23 -22.59 5.89
CA ASP A 35 75.48 -22.34 5.21
C ASP A 35 75.37 -20.97 4.55
N VAL A 36 76.39 -20.14 4.70
CA VAL A 36 76.30 -18.72 4.33
C VAL A 36 77.50 -18.32 3.48
N VAL A 37 77.21 -17.65 2.37
CA VAL A 37 78.23 -16.97 1.58
C VAL A 37 78.14 -15.49 1.92
N ILE A 38 79.26 -14.90 2.40
CA ILE A 38 79.35 -13.47 2.61
C ILE A 38 80.07 -12.84 1.43
N THR A 39 79.73 -11.59 1.13
CA THR A 39 80.36 -10.87 0.04
C THR A 39 80.96 -9.57 0.57
N GLY A 40 81.89 -9.03 -0.21
CA GLY A 40 82.53 -7.76 0.06
C GLY A 40 83.57 -7.55 -1.01
N ARG A 41 84.12 -6.33 -1.02
CA ARG A 41 85.12 -5.99 -2.02
C ARG A 41 86.55 -6.30 -1.57
N ASN A 42 86.81 -6.33 -0.27
CA ASN A 42 88.15 -6.52 0.24
C ASN A 42 88.35 -7.99 0.65
N GLN A 43 89.28 -8.66 -0.05
CA GLN A 43 89.52 -10.08 0.17
C GLN A 43 90.06 -10.35 1.57
N ASP A 44 90.91 -9.45 2.07
CA ASP A 44 91.49 -9.67 3.39
C ASP A 44 90.41 -9.67 4.48
N ASP A 45 89.47 -8.72 4.42
CA ASP A 45 88.39 -8.70 5.39
C ASP A 45 87.49 -9.92 5.27
N LEU A 46 87.28 -10.39 4.05
CA LEU A 46 86.50 -11.62 3.86
C LEU A 46 87.25 -12.82 4.43
N ASP A 47 88.53 -12.96 4.10
CA ASP A 47 89.31 -14.09 4.58
C ASP A 47 89.35 -14.10 6.10
N ARG A 48 89.51 -12.94 6.72
CA ARG A 48 89.62 -12.89 8.17
C ARG A 48 88.30 -13.27 8.84
N THR A 49 87.18 -12.83 8.27
CA THR A 49 85.88 -13.18 8.85
C THR A 49 85.55 -14.66 8.64
N VAL A 50 85.89 -15.22 7.48
CA VAL A 50 85.72 -16.66 7.24
C VAL A 50 86.51 -17.45 8.29
N ALA A 51 87.75 -17.04 8.55
CA ALA A 51 88.57 -17.73 9.55
C ALA A 51 87.98 -17.58 10.94
N ASP A 52 87.48 -16.38 11.28
CA ASP A 52 86.93 -16.17 12.62
C ASP A 52 85.73 -17.06 12.86
N LEU A 53 84.89 -17.25 11.84
CA LEU A 53 83.68 -18.05 11.97
C LEU A 53 83.89 -19.52 11.62
N SER A 54 85.14 -19.98 11.51
CA SER A 54 85.34 -21.32 10.95
C SER A 54 84.87 -22.44 11.87
N GLY A 55 84.46 -22.14 13.10
CA GLY A 55 83.91 -23.17 13.95
C GLY A 55 82.40 -23.27 14.02
N THR A 56 81.66 -22.44 13.28
CA THR A 56 80.21 -22.41 13.40
C THR A 56 79.58 -23.68 12.82
N ARG A 57 78.35 -23.94 13.25
CA ARG A 57 77.60 -25.10 12.76
C ARG A 57 77.37 -25.01 11.25
N GLY A 58 76.91 -23.85 10.77
CA GLY A 58 76.85 -23.63 9.34
C GLY A 58 78.19 -23.15 8.80
N LYS A 59 78.47 -23.50 7.55
CA LYS A 59 79.75 -23.18 6.93
C LYS A 59 79.66 -21.77 6.33
N VAL A 60 80.54 -20.86 6.77
CA VAL A 60 80.62 -19.53 6.18
C VAL A 60 81.80 -19.48 5.22
N THR A 61 81.54 -19.08 3.97
CA THR A 61 82.58 -18.87 3.00
C THR A 61 82.33 -17.53 2.31
N ALA A 62 83.27 -17.12 1.48
CA ALA A 62 83.22 -15.77 0.94
C ALA A 62 83.28 -15.77 -0.57
N VAL A 63 82.66 -14.74 -1.15
CA VAL A 63 82.77 -14.39 -2.56
C VAL A 63 83.09 -12.91 -2.62
N ARG A 64 84.22 -12.57 -3.21
CA ARG A 64 84.59 -11.18 -3.40
C ARG A 64 83.76 -10.63 -4.55
N ALA A 65 82.87 -9.68 -4.23
CA ALA A 65 81.92 -9.16 -5.19
C ALA A 65 81.51 -7.74 -4.81
N ASP A 66 81.33 -6.90 -5.83
CA ASP A 66 80.84 -5.53 -5.66
C ASP A 66 79.34 -5.53 -5.90
N VAL A 67 78.56 -5.11 -4.89
CA VAL A 67 77.10 -5.10 -5.04
C VAL A 67 76.63 -4.16 -6.13
N THR A 68 77.42 -3.15 -6.49
CA THR A 68 76.98 -2.21 -7.51
C THR A 68 77.12 -2.76 -8.94
N ASP A 69 77.73 -3.93 -9.10
CA ASP A 69 77.94 -4.54 -10.41
C ASP A 69 76.98 -5.72 -10.57
N PRO A 70 76.02 -5.64 -11.49
CA PRO A 70 75.09 -6.76 -11.69
C PRO A 70 75.77 -8.07 -12.06
N GLU A 71 76.88 -8.03 -12.79
CA GLU A 71 77.55 -9.29 -13.08
C GLU A 71 78.07 -9.94 -11.79
N ASP A 72 78.55 -9.14 -10.84
CA ASP A 72 79.00 -9.70 -9.57
C ASP A 72 77.84 -10.30 -8.79
N ALA A 73 76.65 -9.70 -8.89
CA ALA A 73 75.46 -10.29 -8.27
C ALA A 73 75.21 -11.68 -8.81
N ARG A 74 75.21 -11.79 -10.14
CA ARG A 74 74.98 -13.08 -10.79
C ARG A 74 76.06 -14.08 -10.42
N ARG A 75 77.35 -13.67 -10.47
CA ARG A 75 78.42 -14.58 -10.10
C ARG A 75 78.27 -15.03 -8.65
N THR A 76 77.88 -14.11 -7.76
CA THR A 76 77.67 -14.45 -6.37
C THR A 76 76.61 -15.53 -6.23
N VAL A 77 75.48 -15.37 -6.90
CA VAL A 77 74.42 -16.36 -6.80
C VAL A 77 74.89 -17.69 -7.37
N ALA A 78 75.51 -17.68 -8.55
CA ALA A 78 75.99 -18.90 -9.16
C ALA A 78 76.98 -19.62 -8.24
N GLU A 79 77.87 -18.86 -7.60
CA GLU A 79 78.87 -19.51 -6.76
C GLU A 79 78.23 -20.10 -5.50
N THR A 80 77.19 -19.44 -4.97
CA THR A 80 76.53 -19.95 -3.77
C THR A 80 75.74 -21.21 -4.10
N VAL A 81 75.07 -21.22 -5.23
CA VAL A 81 74.33 -22.40 -5.64
C VAL A 81 75.30 -23.53 -5.95
N SER A 82 76.48 -23.21 -6.49
CA SER A 82 77.47 -24.26 -6.73
C SER A 82 77.97 -24.88 -5.41
N ARG A 83 78.13 -24.07 -4.37
CA ARG A 83 78.67 -24.52 -3.08
C ARG A 83 77.64 -25.25 -2.24
N HIS A 84 76.37 -24.83 -2.30
CA HIS A 84 75.36 -25.35 -1.39
C HIS A 84 74.30 -26.20 -2.06
N GLY A 85 74.18 -26.13 -3.38
CA GLY A 85 73.12 -26.83 -4.07
C GLY A 85 71.80 -26.09 -4.14
N GLY A 86 71.77 -24.83 -3.68
CA GLY A 86 70.55 -24.06 -3.78
C GLY A 86 70.73 -22.74 -3.07
N LEU A 87 69.64 -21.98 -2.98
CA LEU A 87 69.68 -20.69 -2.29
C LEU A 87 68.30 -20.44 -1.70
N ASP A 88 68.25 -20.24 -0.38
CA ASP A 88 67.00 -20.04 0.32
C ASP A 88 66.81 -18.64 0.86
N ILE A 89 67.88 -17.99 1.28
CA ILE A 89 67.82 -16.71 1.99
C ILE A 89 68.77 -15.74 1.33
N VAL A 90 68.31 -14.52 1.07
CA VAL A 90 69.21 -13.45 0.65
C VAL A 90 69.08 -12.29 1.62
N CYS A 91 70.19 -11.90 2.23
CA CYS A 91 70.21 -10.75 3.13
C CYS A 91 70.89 -9.64 2.36
N ALA A 92 70.08 -8.74 1.82
CA ALA A 92 70.56 -7.59 1.06
C ALA A 92 70.93 -6.54 2.08
N ASN A 93 72.21 -6.53 2.46
CA ASN A 93 72.65 -5.80 3.63
C ASN A 93 73.69 -4.74 3.33
N ALA A 94 74.47 -4.90 2.26
CA ALA A 94 75.62 -4.05 2.01
C ALA A 94 75.20 -2.58 1.93
N GLY A 95 75.95 -1.72 2.59
CA GLY A 95 75.61 -0.30 2.57
C GLY A 95 76.74 0.54 3.08
N ILE A 96 76.73 1.81 2.66
CA ILE A 96 77.68 2.81 3.11
C ILE A 96 76.90 4.05 3.57
N PHE A 97 77.50 4.83 4.44
CA PHE A 97 76.88 6.07 4.92
C PHE A 97 77.93 7.17 5.07
N PRO A 98 78.59 7.55 3.99
CA PRO A 98 79.36 8.79 4.03
C PRO A 98 78.42 9.95 4.30
N SER A 99 78.95 11.05 4.80
CA SER A 99 78.11 12.18 5.10
C SER A 99 78.51 13.39 4.26
N GLY A 100 77.51 14.18 3.89
CA GLY A 100 77.76 15.45 3.26
C GLY A 100 76.51 16.31 3.26
N ARG A 101 76.69 17.61 3.49
CA ARG A 101 75.57 18.54 3.43
C ARG A 101 74.98 18.58 2.03
N LEU A 102 73.65 18.75 1.98
CA LEU A 102 72.89 18.90 0.75
C LEU A 102 73.63 19.68 -0.34
N GLU A 103 74.17 20.85 0.00
CA GLU A 103 74.78 21.71 -1.01
C GLU A 103 76.18 21.27 -1.43
N ASP A 104 76.79 20.30 -0.74
CA ASP A 104 78.11 19.81 -1.11
C ASP A 104 78.08 18.49 -1.89
N LEU A 105 76.95 17.79 -1.89
CA LEU A 105 76.87 16.46 -2.50
C LEU A 105 77.02 16.57 -4.01
N THR A 106 78.05 15.90 -4.57
CA THR A 106 78.30 15.80 -6.00
C THR A 106 77.46 14.69 -6.61
N PRO A 107 77.23 14.71 -7.92
CA PRO A 107 76.55 13.58 -8.56
C PRO A 107 77.18 12.24 -8.24
N ASP A 108 78.51 12.19 -8.20
CA ASP A 108 79.17 10.93 -7.86
C ASP A 108 78.95 10.55 -6.39
N ASP A 109 78.86 11.52 -5.50
CA ASP A 109 78.52 11.24 -4.11
C ASP A 109 77.16 10.56 -4.02
N ILE A 110 76.17 11.16 -4.67
CA ILE A 110 74.81 10.63 -4.61
C ILE A 110 74.77 9.25 -5.24
N GLU A 111 75.38 9.09 -6.41
CA GLU A 111 75.29 7.80 -7.09
C GLU A 111 76.02 6.71 -6.31
N GLN A 112 77.11 7.05 -5.64
CA GLN A 112 77.83 6.07 -4.86
C GLN A 112 76.92 5.47 -3.79
N VAL A 113 76.20 6.34 -3.09
CA VAL A 113 75.34 5.90 -1.99
C VAL A 113 74.13 5.17 -2.53
N LEU A 114 73.48 5.72 -3.55
CA LEU A 114 72.34 5.05 -4.16
C LEU A 114 72.75 3.75 -4.83
N GLY A 115 73.96 3.73 -5.42
CA GLY A 115 74.42 2.53 -6.10
C GLY A 115 74.60 1.37 -5.14
N VAL A 116 75.37 1.57 -4.08
CA VAL A 116 75.61 0.51 -3.11
C VAL A 116 74.33 0.15 -2.38
N ASN A 117 73.66 1.16 -1.81
CA ASN A 117 72.63 0.91 -0.79
C ASN A 117 71.32 0.47 -1.40
N PHE A 118 70.99 1.00 -2.57
CA PHE A 118 69.73 0.68 -3.22
C PHE A 118 69.95 -0.24 -4.43
N LYS A 119 70.75 0.19 -5.41
CA LYS A 119 70.94 -0.63 -6.60
C LYS A 119 71.50 -2.01 -6.23
N GLY A 120 72.44 -2.06 -5.29
CA GLY A 120 73.01 -3.34 -4.88
C GLY A 120 72.02 -4.25 -4.21
N THR A 121 71.01 -3.68 -3.54
CA THR A 121 69.92 -4.48 -3.01
C THR A 121 69.04 -5.02 -4.14
N VAL A 122 68.75 -4.19 -5.15
CA VAL A 122 67.95 -4.65 -6.28
C VAL A 122 68.68 -5.75 -7.06
N TYR A 123 69.99 -5.60 -7.25
CA TYR A 123 70.71 -6.47 -8.16
C TYR A 123 70.85 -7.88 -7.58
N ILE A 124 71.10 -7.99 -6.28
CA ILE A 124 71.22 -9.32 -5.69
C ILE A 124 69.86 -10.00 -5.62
N VAL A 125 68.81 -9.25 -5.33
CA VAL A 125 67.47 -9.83 -5.39
C VAL A 125 67.17 -10.36 -6.79
N GLN A 126 67.41 -9.55 -7.83
CA GLN A 126 67.15 -10.00 -9.20
C GLN A 126 67.92 -11.27 -9.51
N ALA A 127 69.21 -11.28 -9.20
CA ALA A 127 70.07 -12.39 -9.57
C ALA A 127 69.64 -13.67 -8.88
N ALA A 128 69.01 -13.55 -7.71
CA ALA A 128 68.63 -14.68 -6.86
C ALA A 128 67.20 -15.15 -7.10
N LEU A 129 66.39 -14.40 -7.85
CA LEU A 129 64.97 -14.73 -8.06
C LEU A 129 64.75 -16.20 -8.42
N GLN A 130 65.47 -16.68 -9.44
CA GLN A 130 65.27 -18.03 -9.94
C GLN A 130 65.51 -19.08 -8.86
N ALA A 131 66.69 -19.02 -8.22
CA ALA A 131 67.03 -20.01 -7.22
C ALA A 131 66.14 -19.88 -5.98
N LEU A 132 65.76 -18.66 -5.60
CA LEU A 132 64.85 -18.46 -4.48
C LEU A 132 63.48 -19.03 -4.77
N THR A 133 63.02 -18.86 -6.01
CA THR A 133 61.75 -19.46 -6.43
C THR A 133 61.81 -20.98 -6.32
N ALA A 134 62.92 -21.58 -6.74
CA ALA A 134 63.02 -23.03 -6.72
C ALA A 134 63.10 -23.57 -5.30
N SER A 135 63.49 -22.74 -4.33
CA SER A 135 63.55 -23.20 -2.95
C SER A 135 62.17 -23.52 -2.42
N GLY A 136 61.13 -22.85 -2.92
CA GLY A 136 59.80 -23.01 -2.38
C GLY A 136 59.56 -22.31 -1.06
N HIS A 137 60.57 -21.72 -0.43
CA HIS A 137 60.35 -20.93 0.79
C HIS A 137 61.33 -19.75 0.84
N GLY A 138 61.43 -19.03 -0.28
CA GLY A 138 62.46 -18.03 -0.40
C GLY A 138 62.28 -16.89 0.58
N ARG A 139 63.40 -16.34 1.01
CA ARG A 139 63.38 -15.23 1.94
C ARG A 139 64.38 -14.17 1.50
N VAL A 140 63.93 -12.90 1.47
CA VAL A 140 64.83 -11.77 1.29
C VAL A 140 64.66 -10.86 2.50
N VAL A 141 65.77 -10.53 3.16
CA VAL A 141 65.76 -9.60 4.27
C VAL A 141 66.62 -8.41 3.86
N VAL A 142 66.04 -7.23 3.90
CA VAL A 142 66.77 -6.02 3.52
C VAL A 142 67.17 -5.26 4.78
N THR A 143 68.45 -4.91 4.87
CA THR A 143 68.90 -4.00 5.91
C THR A 143 68.63 -2.58 5.42
N SER A 144 67.56 -1.96 5.92
CA SER A 144 67.30 -0.55 5.63
C SER A 144 67.81 0.28 6.81
N SER A 145 67.02 1.25 7.29
CA SER A 145 67.47 2.10 8.40
C SER A 145 66.28 2.90 8.90
N ILE A 146 66.35 3.34 10.16
CA ILE A 146 65.44 4.38 10.59
C ILE A 146 65.71 5.67 9.81
N THR A 147 66.96 5.93 9.44
CA THR A 147 67.31 7.15 8.70
C THR A 147 66.77 7.10 7.27
N GLY A 148 65.82 8.00 6.96
CA GLY A 148 65.22 8.06 5.65
C GLY A 148 63.74 7.72 5.70
N PRO A 149 63.44 6.45 5.99
CA PRO A 149 62.04 6.06 6.18
C PRO A 149 61.39 6.76 7.33
N ILE A 150 62.14 7.12 8.37
CA ILE A 150 61.55 7.71 9.56
C ILE A 150 62.20 9.04 9.93
N THR A 151 63.51 9.04 10.15
CA THR A 151 64.23 10.18 10.70
C THR A 151 64.97 10.94 9.61
N GLY A 152 65.35 12.18 9.92
CA GLY A 152 66.33 12.91 9.15
C GLY A 152 67.55 13.13 10.01
N TYR A 153 68.69 13.32 9.36
CA TYR A 153 69.91 13.63 10.09
C TYR A 153 70.82 14.41 9.15
N PRO A 154 71.20 15.63 9.49
CA PRO A 154 71.95 16.47 8.53
C PRO A 154 73.22 15.78 8.09
N GLY A 155 73.48 15.82 6.78
CA GLY A 155 74.60 15.13 6.17
C GLY A 155 74.27 13.78 5.55
N TRP A 156 73.04 13.27 5.75
CA TRP A 156 72.65 11.95 5.27
C TRP A 156 71.40 12.03 4.38
N SER A 157 71.16 13.15 3.71
CA SER A 157 69.97 13.21 2.87
C SER A 157 70.05 12.19 1.73
N HIS A 158 71.25 11.87 1.24
CA HIS A 158 71.30 10.86 0.19
C HIS A 158 71.30 9.44 0.77
N TYR A 159 71.93 9.25 1.93
CA TYR A 159 71.80 7.98 2.66
C TYR A 159 70.33 7.69 2.97
N GLY A 160 69.65 8.65 3.60
CA GLY A 160 68.24 8.47 3.92
C GLY A 160 67.39 8.15 2.71
N ALA A 161 67.62 8.86 1.59
CA ALA A 161 66.91 8.54 0.37
C ALA A 161 67.15 7.08 -0.06
N SER A 162 68.38 6.61 0.03
CA SER A 162 68.72 5.27 -0.43
C SER A 162 68.06 4.21 0.45
N LYS A 163 67.97 4.48 1.76
CA LYS A 163 67.32 3.55 2.67
C LYS A 163 65.83 3.53 2.46
N ALA A 164 65.24 4.70 2.19
CA ALA A 164 63.80 4.72 1.90
C ALA A 164 63.52 4.09 0.55
N ALA A 165 64.43 4.29 -0.44
CA ALA A 165 64.27 3.64 -1.76
C ALA A 165 64.16 2.12 -1.63
N GLN A 166 64.95 1.51 -0.75
CA GLN A 166 64.80 0.08 -0.49
C GLN A 166 63.37 -0.30 -0.17
N LEU A 167 62.72 0.48 0.69
CA LEU A 167 61.38 0.12 1.14
C LEU A 167 60.35 0.31 0.03
N GLY A 168 60.41 1.42 -0.71
CA GLY A 168 59.51 1.55 -1.84
C GLY A 168 59.67 0.43 -2.86
N PHE A 169 60.91 0.01 -3.10
CA PHE A 169 61.16 -1.15 -3.95
C PHE A 169 60.50 -2.40 -3.37
N LEU A 170 60.67 -2.62 -2.08
CA LEU A 170 60.24 -3.92 -1.56
C LEU A 170 58.73 -4.01 -1.42
N ARG A 171 58.03 -2.88 -1.29
CA ARG A 171 56.58 -2.96 -1.20
C ARG A 171 55.97 -3.43 -2.50
N THR A 172 56.56 -3.06 -3.64
CA THR A 172 56.12 -3.65 -4.89
C THR A 172 56.68 -5.06 -5.05
N ALA A 173 57.97 -5.24 -4.77
CA ALA A 173 58.60 -6.54 -5.00
C ALA A 173 57.88 -7.63 -4.22
N ALA A 174 57.37 -7.31 -3.03
CA ALA A 174 56.67 -8.31 -2.24
C ALA A 174 55.45 -8.81 -2.97
N MET A 175 54.83 -7.94 -3.77
CA MET A 175 53.67 -8.38 -4.54
C MET A 175 54.09 -9.24 -5.73
N GLU A 176 55.17 -8.84 -6.42
CA GLU A 176 55.62 -9.64 -7.57
C GLU A 176 56.18 -10.99 -7.14
N LEU A 177 56.70 -11.08 -5.92
CA LEU A 177 57.34 -12.29 -5.42
C LEU A 177 56.36 -13.25 -4.72
N ALA A 178 55.21 -12.77 -4.27
CA ALA A 178 54.27 -13.64 -3.58
C ALA A 178 53.91 -14.89 -4.38
N PRO A 179 53.57 -14.83 -5.68
CA PRO A 179 53.29 -16.08 -6.41
C PRO A 179 54.46 -17.04 -6.43
N LYS A 180 55.69 -16.55 -6.24
CA LYS A 180 56.87 -17.40 -6.18
C LYS A 180 57.17 -17.92 -4.77
N LYS A 181 56.34 -17.59 -3.79
CA LYS A 181 56.52 -18.03 -2.41
C LYS A 181 57.80 -17.45 -1.80
N ILE A 182 58.24 -16.29 -2.30
CA ILE A 182 59.35 -15.55 -1.71
C ILE A 182 58.75 -14.39 -0.93
N THR A 183 59.11 -14.27 0.36
CA THR A 183 58.75 -13.08 1.13
C THR A 183 59.93 -12.15 1.12
N ILE A 184 59.64 -10.85 1.22
CA ILE A 184 60.69 -9.85 1.32
C ILE A 184 60.28 -8.79 2.35
N ASN A 185 61.22 -8.49 3.26
CA ASN A 185 60.96 -7.71 4.44
C ASN A 185 62.26 -6.98 4.76
N ALA A 186 62.14 -5.94 5.60
CA ALA A 186 63.32 -5.16 5.96
C ALA A 186 63.46 -5.08 7.47
N VAL A 187 64.70 -5.11 7.93
CA VAL A 187 65.03 -4.64 9.26
C VAL A 187 65.45 -3.18 9.15
N LEU A 188 64.94 -2.36 10.06
CA LEU A 188 65.33 -0.95 10.11
C LEU A 188 66.12 -0.75 11.38
N PRO A 189 67.44 -0.95 11.37
CA PRO A 189 68.23 -0.69 12.57
C PRO A 189 68.22 0.78 12.94
N GLY A 190 68.34 1.01 14.26
CA GLY A 190 68.56 2.35 14.74
C GLY A 190 70.03 2.67 14.69
N ASN A 191 70.69 2.69 15.84
CA ASN A 191 72.13 2.90 15.91
C ASN A 191 72.77 1.68 16.54
N ILE A 192 73.61 1.00 15.77
CA ILE A 192 74.18 -0.30 16.10
C ILE A 192 75.69 -0.13 16.16
N MET A 193 76.32 -0.64 17.22
CA MET A 193 77.77 -0.57 17.35
C MET A 193 78.43 -1.43 16.27
N THR A 194 79.06 -0.77 15.28
CA THR A 194 79.72 -1.45 14.17
C THR A 194 80.99 -0.70 13.80
N GLU A 195 81.77 -1.33 12.91
CA GLU A 195 82.97 -0.68 12.36
C GLU A 195 82.60 0.59 11.61
N GLY A 196 81.60 0.49 10.72
CA GLY A 196 81.23 1.64 9.91
C GLY A 196 80.69 2.80 10.73
N LEU A 197 79.90 2.48 11.77
CA LEU A 197 79.40 3.54 12.64
C LEU A 197 80.49 4.14 13.50
N ASP A 198 81.58 3.41 13.76
CA ASP A 198 82.71 4.00 14.48
C ASP A 198 83.42 5.06 13.64
N GLU A 199 83.21 5.06 12.32
CA GLU A 199 83.75 6.11 11.46
C GLU A 199 83.04 7.45 11.62
N MET A 200 82.03 7.53 12.49
CA MET A 200 81.33 8.77 12.78
C MET A 200 81.92 9.52 13.97
N GLY A 201 82.86 8.92 14.69
CA GLY A 201 83.47 9.53 15.85
C GLY A 201 82.72 9.23 17.13
N GLN A 202 83.41 9.47 18.26
CA GLN A 202 82.81 9.24 19.57
C GLN A 202 81.73 10.26 19.91
N ASP A 203 81.77 11.44 19.30
CA ASP A 203 80.73 12.43 19.56
C ASP A 203 79.38 11.99 18.98
N TYR A 204 79.38 11.46 17.76
CA TYR A 204 78.14 10.93 17.19
C TYR A 204 77.64 9.73 17.99
N LEU A 205 78.56 8.89 18.45
CA LEU A 205 78.15 7.66 19.15
C LEU A 205 77.54 7.97 20.51
N ASP A 206 78.13 8.91 21.27
CA ASP A 206 77.55 9.30 22.55
C ASP A 206 76.23 10.04 22.36
N GLN A 207 76.03 10.68 21.20
CA GLN A 207 74.84 11.49 20.97
C GLN A 207 73.60 10.62 20.85
N MET A 208 73.66 9.59 19.99
CA MET A 208 72.53 8.68 19.86
C MET A 208 72.28 7.90 21.14
N ALA A 209 73.32 7.64 21.95
CA ALA A 209 73.17 6.78 23.12
C ALA A 209 72.17 7.35 24.13
N SER A 210 72.33 8.63 24.49
CA SER A 210 71.40 9.25 25.43
C SER A 210 70.02 9.47 24.84
N ALA A 211 69.84 9.26 23.53
CA ALA A 211 68.56 9.47 22.86
C ALA A 211 67.74 8.20 22.73
N ILE A 212 68.19 7.11 23.33
CA ILE A 212 67.59 5.80 23.10
C ILE A 212 66.99 5.31 24.42
N PRO A 213 65.67 5.12 24.51
CA PRO A 213 65.07 4.66 25.79
C PRO A 213 65.72 3.42 26.39
N ALA A 214 66.12 2.44 25.56
CA ALA A 214 66.77 1.25 26.07
C ALA A 214 68.12 1.55 26.74
N GLY A 215 68.66 2.75 26.55
CA GLY A 215 69.88 3.13 27.24
C GLY A 215 71.18 2.62 26.64
N ARG A 216 71.16 2.17 25.39
CA ARG A 216 72.38 1.67 24.77
C ARG A 216 72.21 1.67 23.26
N LEU A 217 73.35 1.70 22.57
CA LEU A 217 73.34 1.34 21.15
C LEU A 217 73.08 -0.15 21.02
N GLY A 218 72.52 -0.54 19.87
CA GLY A 218 72.23 -1.93 19.64
C GLY A 218 73.46 -2.72 19.21
N SER A 219 73.28 -4.03 19.12
CA SER A 219 74.33 -4.96 18.73
C SER A 219 74.00 -5.57 17.37
N VAL A 220 75.04 -6.08 16.70
CA VAL A 220 74.80 -6.68 15.39
C VAL A 220 73.92 -7.91 15.53
N ALA A 221 73.98 -8.58 16.69
CA ALA A 221 73.12 -9.73 16.92
C ALA A 221 71.64 -9.35 16.97
N ASP A 222 71.33 -8.15 17.50
CA ASP A 222 69.94 -7.65 17.44
C ASP A 222 69.41 -7.65 16.01
N ILE A 223 70.24 -7.26 15.04
CA ILE A 223 69.77 -7.20 13.68
C ILE A 223 69.73 -8.60 13.08
N GLY A 224 70.78 -9.39 13.32
CA GLY A 224 70.79 -10.76 12.82
C GLY A 224 69.63 -11.59 13.32
N ASN A 225 69.23 -11.39 14.58
CA ASN A 225 68.09 -12.13 15.10
C ASN A 225 66.77 -11.68 14.47
N ALA A 226 66.62 -10.39 14.17
CA ALA A 226 65.46 -9.96 13.40
C ALA A 226 65.42 -10.64 12.04
N ALA A 227 66.55 -10.62 11.33
CA ALA A 227 66.60 -11.25 10.02
C ALA A 227 66.30 -12.74 10.15
N LEU A 228 66.84 -13.37 11.20
CA LEU A 228 66.59 -14.79 11.41
C LEU A 228 65.10 -15.08 11.54
N PHE A 229 64.38 -14.25 12.29
CA PHE A 229 62.94 -14.42 12.39
C PHE A 229 62.26 -14.35 11.03
N PHE A 230 62.57 -13.32 10.22
CA PHE A 230 61.94 -13.22 8.92
C PHE A 230 62.22 -14.44 8.07
N ALA A 231 63.41 -15.02 8.19
CA ALA A 231 63.72 -16.19 7.39
C ALA A 231 63.01 -17.48 7.84
N THR A 232 62.40 -17.53 9.02
CA THR A 232 61.76 -18.78 9.43
C THR A 232 60.58 -19.11 8.54
N ASP A 233 60.29 -20.42 8.46
CA ASP A 233 59.05 -20.88 7.85
C ASP A 233 57.83 -20.28 8.54
N GLU A 234 57.94 -20.02 9.85
CA GLU A 234 56.86 -19.46 10.65
C GLU A 234 56.53 -18.02 10.30
N ALA A 235 57.38 -17.36 9.54
CA ALA A 235 57.13 -16.00 9.09
C ALA A 235 56.67 -15.95 7.64
N ALA A 236 56.16 -17.05 7.10
CA ALA A 236 55.77 -17.09 5.70
C ALA A 236 54.65 -16.12 5.36
N TYR A 237 53.88 -15.67 6.36
CA TYR A 237 52.79 -14.73 6.11
C TYR A 237 53.20 -13.27 6.34
N VAL A 238 54.49 -13.00 6.46
CA VAL A 238 54.99 -11.64 6.64
C VAL A 238 55.71 -11.25 5.35
N THR A 239 55.21 -10.22 4.66
CA THR A 239 55.93 -9.82 3.45
C THR A 239 55.66 -8.35 3.16
N GLY A 240 56.63 -7.71 2.51
CA GLY A 240 56.51 -6.28 2.22
C GLY A 240 56.57 -5.40 3.46
N GLN A 241 57.08 -5.91 4.57
CA GLN A 241 56.92 -5.26 5.85
C GLN A 241 58.28 -4.92 6.47
N THR A 242 58.20 -4.13 7.54
CA THR A 242 59.35 -3.55 8.21
C THR A 242 59.30 -3.82 9.70
N LEU A 243 60.47 -3.89 10.31
CA LEU A 243 60.56 -4.04 11.76
C LEU A 243 61.68 -3.14 12.26
N VAL A 244 61.33 -2.17 13.09
CA VAL A 244 62.31 -1.21 13.59
C VAL A 244 62.99 -1.82 14.81
N VAL A 245 64.32 -1.85 14.80
CA VAL A 245 65.08 -2.46 15.89
C VAL A 245 66.03 -1.37 16.40
N ASP A 246 65.56 -0.63 17.43
CA ASP A 246 66.21 0.63 17.78
C ASP A 246 66.12 1.00 19.26
N GLY A 247 65.76 0.07 20.15
CA GLY A 247 65.71 0.43 21.56
C GLY A 247 64.74 1.56 21.91
N GLY A 248 63.76 1.81 21.06
CA GLY A 248 62.83 2.90 21.25
C GLY A 248 63.24 4.23 20.65
N GLN A 249 64.33 4.28 19.88
CA GLN A 249 64.94 5.56 19.55
C GLN A 249 64.01 6.48 18.75
N VAL A 250 63.15 5.93 17.88
CA VAL A 250 62.28 6.81 17.10
C VAL A 250 61.11 7.35 17.91
N LEU A 251 60.89 6.85 19.13
CA LEU A 251 59.71 7.18 19.93
C LEU A 251 59.69 8.57 20.58
N PRO A 252 60.75 9.03 21.26
CA PRO A 252 60.60 10.20 22.14
C PRO A 252 60.21 11.46 21.38
N GLU A 253 59.25 12.19 21.95
CA GLU A 253 58.83 13.47 21.36
C GLU A 253 59.96 14.50 21.45
N SER A 254 60.80 14.40 22.48
CA SER A 254 62.13 14.99 22.43
C SER A 254 63.11 14.09 23.13
N HIS A 255 64.32 14.02 22.57
CA HIS A 255 65.45 13.34 23.18
C HIS A 255 66.17 14.22 24.20
N LEU A 256 65.54 15.32 24.62
CA LEU A 256 66.01 16.25 25.66
C LEU A 256 67.14 17.13 25.12
N HIS B 2 71.37 -23.49 16.82
CA HIS B 2 70.85 -22.56 17.81
C HIS B 2 70.12 -21.41 17.12
N MET B 3 68.78 -21.42 17.16
CA MET B 3 68.03 -20.28 16.68
C MET B 3 67.92 -19.28 17.83
N PHE B 4 66.93 -19.41 18.69
CA PHE B 4 66.74 -18.45 19.77
C PHE B 4 66.88 -19.16 21.12
N THR B 5 67.13 -18.37 22.16
CA THR B 5 67.23 -18.94 23.52
C THR B 5 65.89 -19.54 23.92
N SER B 6 65.91 -20.78 24.41
CA SER B 6 64.67 -21.42 24.81
C SER B 6 63.95 -20.58 25.85
N LEU B 7 62.63 -20.48 25.74
CA LEU B 7 61.82 -19.80 26.73
C LEU B 7 61.20 -20.77 27.74
N GLU B 8 61.54 -22.06 27.63
CA GLU B 8 60.99 -23.07 28.51
C GLU B 8 61.13 -22.64 29.97
N GLY B 9 60.03 -22.74 30.71
CA GLY B 9 60.02 -22.44 32.13
C GLY B 9 59.53 -21.04 32.46
N ARG B 10 59.33 -20.20 31.44
CA ARG B 10 58.84 -18.85 31.68
C ARG B 10 57.33 -18.86 31.82
N SER B 11 56.80 -17.70 32.23
CA SER B 11 55.42 -17.53 32.65
C SER B 11 54.74 -16.49 31.77
N ALA B 12 53.56 -16.82 31.26
CA ALA B 12 52.87 -15.93 30.34
C ALA B 12 51.39 -15.86 30.70
N ILE B 13 50.78 -14.72 30.40
CA ILE B 13 49.34 -14.57 30.38
C ILE B 13 48.94 -14.29 28.93
N VAL B 14 47.82 -14.86 28.50
CA VAL B 14 47.23 -14.51 27.22
C VAL B 14 45.77 -14.16 27.48
N THR B 15 45.40 -12.87 27.35
CA THR B 15 44.01 -12.50 27.55
C THR B 15 43.21 -12.90 26.32
N GLY B 16 41.96 -13.31 26.54
CA GLY B 16 41.16 -13.85 25.45
C GLY B 16 41.83 -15.02 24.75
N GLY B 17 42.41 -15.93 25.53
CA GLY B 17 43.15 -17.07 25.01
C GLY B 17 42.35 -18.33 24.84
N SER B 18 41.02 -18.29 25.00
CA SER B 18 40.22 -19.50 24.86
C SER B 18 39.86 -19.80 23.40
N LYS B 19 39.91 -18.80 22.51
CA LYS B 19 39.54 -18.99 21.12
C LYS B 19 40.47 -18.19 20.22
N GLY B 20 40.45 -18.55 18.94
CA GLY B 20 40.99 -17.72 17.88
C GLY B 20 42.47 -17.43 18.09
N ILE B 21 42.83 -16.15 17.88
CA ILE B 21 44.23 -15.76 17.88
C ILE B 21 44.86 -15.98 19.24
N GLY B 22 44.17 -15.60 20.32
CA GLY B 22 44.68 -15.83 21.65
C GLY B 22 44.97 -17.29 21.93
N ARG B 23 44.11 -18.18 21.41
CA ARG B 23 44.39 -19.61 21.56
C ARG B 23 45.62 -20.02 20.76
N GLY B 24 45.78 -19.49 19.54
CA GLY B 24 46.99 -19.77 18.79
C GLY B 24 48.23 -19.23 19.47
N ILE B 25 48.14 -18.04 20.09
CA ILE B 25 49.27 -17.51 20.86
C ILE B 25 49.56 -18.43 22.03
N ALA B 26 48.52 -18.85 22.75
CA ALA B 26 48.71 -19.70 23.92
C ALA B 26 49.37 -21.04 23.55
N GLU B 27 48.87 -21.69 22.50
CA GLU B 27 49.44 -22.96 22.06
C GLU B 27 50.87 -22.78 21.57
N THR B 28 51.17 -21.64 20.92
CA THR B 28 52.53 -21.39 20.46
C THR B 28 53.49 -21.22 21.63
N PHE B 29 53.09 -20.47 22.65
CA PHE B 29 53.97 -20.35 23.80
C PHE B 29 54.08 -21.67 24.55
N ALA B 30 52.96 -22.35 24.73
CA ALA B 30 53.00 -23.65 25.42
C ALA B 30 53.95 -24.62 24.73
N ASN B 31 53.91 -24.68 23.38
CA ASN B 31 54.79 -25.60 22.65
C ASN B 31 56.25 -25.26 22.89
N ALA B 32 56.53 -24.01 23.21
CA ALA B 32 57.88 -23.56 23.56
C ALA B 32 58.23 -23.85 25.02
N GLY B 33 57.36 -24.52 25.76
CA GLY B 33 57.64 -24.79 27.15
C GLY B 33 57.29 -23.66 28.09
N VAL B 34 56.54 -22.67 27.62
CA VAL B 34 56.08 -21.58 28.48
C VAL B 34 54.77 -22.01 29.12
N ASP B 35 54.70 -21.92 30.44
CA ASP B 35 53.45 -22.09 31.16
C ASP B 35 52.56 -20.87 30.94
N VAL B 36 51.30 -21.10 30.57
CA VAL B 36 50.44 -20.03 30.07
C VAL B 36 49.15 -20.05 30.84
N VAL B 37 48.78 -18.91 31.40
CA VAL B 37 47.44 -18.68 31.93
C VAL B 37 46.62 -17.97 30.87
N ILE B 38 45.51 -18.57 30.45
CA ILE B 38 44.62 -17.93 29.48
C ILE B 38 43.42 -17.37 30.22
N THR B 39 42.93 -16.22 29.79
CA THR B 39 41.71 -15.66 30.37
C THR B 39 40.57 -15.64 29.36
N GLY B 40 39.38 -15.43 29.90
CA GLY B 40 38.14 -15.39 29.14
C GLY B 40 36.99 -15.27 30.11
N ARG B 41 35.81 -14.97 29.55
CA ARG B 41 34.62 -14.91 30.40
C ARG B 41 33.86 -16.22 30.42
N ASN B 42 34.03 -17.06 29.42
CA ASN B 42 33.26 -18.29 29.28
C ASN B 42 34.10 -19.44 29.84
N GLN B 43 33.69 -19.97 30.99
CA GLN B 43 34.44 -21.07 31.58
C GLN B 43 34.40 -22.31 30.70
N ASP B 44 33.26 -22.57 30.07
CA ASP B 44 33.15 -23.74 29.20
C ASP B 44 34.20 -23.70 28.09
N ASP B 45 34.43 -22.53 27.50
CA ASP B 45 35.44 -22.42 26.46
C ASP B 45 36.84 -22.48 27.05
N LEU B 46 37.04 -21.94 28.25
CA LEU B 46 38.35 -22.06 28.89
C LEU B 46 38.65 -23.51 29.26
N ASP B 47 37.67 -24.25 29.79
CA ASP B 47 37.94 -25.65 30.14
C ASP B 47 38.24 -26.47 28.89
N ARG B 48 37.46 -26.26 27.83
CA ARG B 48 37.67 -26.99 26.58
C ARG B 48 39.07 -26.74 26.03
N THR B 49 39.53 -25.49 26.04
CA THR B 49 40.86 -25.21 25.52
C THR B 49 41.95 -25.75 26.44
N VAL B 50 41.77 -25.64 27.76
CA VAL B 50 42.75 -26.18 28.70
C VAL B 50 42.92 -27.68 28.48
N ALA B 51 41.82 -28.37 28.17
CA ALA B 51 41.87 -29.81 27.93
C ALA B 51 42.46 -30.12 26.55
N ASP B 52 42.13 -29.33 25.54
CA ASP B 52 42.69 -29.55 24.21
C ASP B 52 44.21 -29.49 24.24
N LEU B 53 44.77 -28.62 25.08
CA LEU B 53 46.19 -28.37 25.11
C LEU B 53 46.89 -29.14 26.21
N SER B 54 46.22 -30.15 26.77
CA SER B 54 46.77 -30.85 27.93
C SER B 54 48.10 -31.54 27.62
N GLY B 55 48.37 -31.87 26.37
CA GLY B 55 49.65 -32.48 26.08
C GLY B 55 50.84 -31.56 25.82
N THR B 56 50.67 -30.23 25.88
CA THR B 56 51.78 -29.33 25.55
C THR B 56 52.87 -29.39 26.62
N ARG B 57 54.10 -29.08 26.21
CA ARG B 57 55.21 -29.11 27.17
C ARG B 57 55.00 -28.08 28.28
N GLY B 58 54.87 -26.80 27.93
CA GLY B 58 54.41 -25.82 28.90
C GLY B 58 52.94 -26.01 29.21
N LYS B 59 52.55 -25.66 30.43
CA LYS B 59 51.23 -26.00 30.93
C LYS B 59 50.27 -24.84 30.77
N VAL B 60 49.15 -25.09 30.09
CA VAL B 60 48.10 -24.11 29.91
C VAL B 60 47.02 -24.34 30.97
N THR B 61 46.80 -23.32 31.80
CA THR B 61 45.72 -23.26 32.77
C THR B 61 44.91 -22.00 32.52
N ALA B 62 43.74 -21.90 33.16
CA ALA B 62 42.82 -20.82 32.84
C ALA B 62 42.41 -20.06 34.10
N VAL B 63 42.18 -18.77 33.93
CA VAL B 63 41.59 -17.91 34.94
C VAL B 63 40.42 -17.19 34.30
N ARG B 64 39.23 -17.32 34.88
CA ARG B 64 38.06 -16.64 34.36
C ARG B 64 38.11 -15.18 34.76
N ALA B 65 38.19 -14.28 33.78
CA ALA B 65 38.34 -12.88 34.12
C ALA B 65 37.86 -12.03 32.95
N ASP B 66 37.39 -10.83 33.27
CA ASP B 66 36.96 -9.84 32.27
C ASP B 66 38.07 -8.83 32.10
N VAL B 67 38.52 -8.61 30.85
CA VAL B 67 39.63 -7.67 30.66
C VAL B 67 39.21 -6.26 31.02
N THR B 68 37.92 -5.95 30.90
CA THR B 68 37.46 -4.60 31.21
C THR B 68 37.46 -4.29 32.70
N ASP B 69 37.69 -5.28 33.57
CA ASP B 69 37.67 -5.00 34.99
C ASP B 69 39.08 -4.97 35.56
N PRO B 70 39.56 -3.82 36.05
CA PRO B 70 40.89 -3.79 36.70
C PRO B 70 41.07 -4.78 37.84
N GLU B 71 40.02 -5.05 38.61
CA GLU B 71 40.19 -6.02 39.69
C GLU B 71 40.38 -7.42 39.15
N ASP B 72 39.68 -7.77 38.05
CA ASP B 72 39.95 -9.05 37.40
C ASP B 72 41.36 -9.10 36.84
N ALA B 73 41.88 -7.95 36.41
CA ALA B 73 43.26 -7.91 35.94
C ALA B 73 44.22 -8.20 37.08
N ARG B 74 44.01 -7.56 38.23
CA ARG B 74 44.86 -7.81 39.39
C ARG B 74 44.78 -9.27 39.83
N ARG B 75 43.59 -9.87 39.75
CA ARG B 75 43.42 -11.26 40.18
C ARG B 75 44.09 -12.22 39.21
N THR B 76 43.97 -11.95 37.91
CA THR B 76 44.66 -12.76 36.91
C THR B 76 46.16 -12.81 37.18
N VAL B 77 46.78 -11.65 37.44
CA VAL B 77 48.23 -11.60 37.64
C VAL B 77 48.63 -12.29 38.94
N ALA B 78 47.85 -12.10 40.01
CA ALA B 78 48.16 -12.76 41.28
C ALA B 78 48.03 -14.26 41.16
N GLU B 79 46.93 -14.73 40.57
CA GLU B 79 46.77 -16.17 40.36
C GLU B 79 47.90 -16.72 39.50
N THR B 80 48.32 -15.98 38.48
CA THR B 80 49.39 -16.47 37.59
C THR B 80 50.73 -16.54 38.32
N VAL B 81 51.04 -15.53 39.13
CA VAL B 81 52.28 -15.55 39.91
C VAL B 81 52.25 -16.70 40.92
N SER B 82 51.06 -17.03 41.42
CA SER B 82 50.95 -18.13 42.39
C SER B 82 51.22 -19.47 41.72
N ARG B 83 50.60 -19.71 40.56
CA ARG B 83 50.75 -20.96 39.83
C ARG B 83 52.18 -21.15 39.32
N HIS B 84 52.79 -20.10 38.79
CA HIS B 84 54.05 -20.21 38.07
C HIS B 84 55.27 -19.74 38.84
N GLY B 85 55.11 -18.91 39.87
CA GLY B 85 56.23 -18.32 40.57
C GLY B 85 56.63 -16.93 40.11
N GLY B 86 55.96 -16.41 39.10
CA GLY B 86 56.30 -15.11 38.56
C GLY B 86 55.59 -14.91 37.25
N LEU B 87 56.01 -13.88 36.53
CA LEU B 87 55.37 -13.50 35.29
C LEU B 87 56.42 -12.83 34.41
N ASP B 88 56.61 -13.39 33.21
CA ASP B 88 57.57 -12.88 32.24
C ASP B 88 56.95 -12.29 30.99
N ILE B 89 55.73 -12.71 30.64
CA ILE B 89 55.16 -12.41 29.33
C ILE B 89 53.67 -12.10 29.48
N VAL B 90 53.22 -10.96 28.97
CA VAL B 90 51.80 -10.67 28.89
C VAL B 90 51.45 -10.45 27.43
N CYS B 91 50.49 -11.21 26.94
CA CYS B 91 49.95 -11.01 25.62
C CYS B 91 48.59 -10.36 25.81
N ALA B 92 48.53 -9.03 25.66
CA ALA B 92 47.25 -8.33 25.79
C ALA B 92 46.55 -8.51 24.45
N ASN B 93 45.66 -9.48 24.38
CA ASN B 93 45.15 -9.93 23.11
C ASN B 93 43.63 -9.85 22.98
N ALA B 94 42.88 -9.90 24.08
CA ALA B 94 41.42 -9.91 24.01
C ALA B 94 40.90 -8.77 23.16
N GLY B 95 39.98 -9.11 22.26
CA GLY B 95 39.37 -8.09 21.44
C GLY B 95 38.07 -8.58 20.83
N ILE B 96 37.18 -7.63 20.56
CA ILE B 96 35.94 -7.86 19.83
C ILE B 96 35.85 -6.89 18.66
N PHE B 97 35.14 -7.31 17.61
CA PHE B 97 34.94 -6.46 16.44
C PHE B 97 33.50 -6.56 15.95
N PRO B 98 32.52 -6.15 16.75
CA PRO B 98 31.18 -5.94 16.22
C PRO B 98 31.20 -4.86 15.16
N SER B 99 30.27 -4.96 14.22
CA SER B 99 30.17 -4.04 13.10
C SER B 99 28.99 -3.11 13.32
N GLY B 100 29.19 -1.82 13.06
CA GLY B 100 28.10 -0.87 13.04
C GLY B 100 28.47 0.39 12.29
N ARG B 101 27.54 0.88 11.46
CA ARG B 101 27.80 2.11 10.73
C ARG B 101 27.92 3.27 11.70
N LEU B 102 28.63 4.31 11.27
CA LEU B 102 28.91 5.45 12.14
C LEU B 102 27.65 6.01 12.78
N GLU B 103 26.62 6.29 11.97
CA GLU B 103 25.41 6.92 12.48
C GLU B 103 24.61 6.03 13.41
N ASP B 104 24.96 4.74 13.52
CA ASP B 104 24.24 3.82 14.36
C ASP B 104 24.94 3.50 15.67
N LEU B 105 26.22 3.82 15.79
CA LEU B 105 26.99 3.42 16.97
C LEU B 105 26.49 4.18 18.20
N THR B 106 25.98 3.46 19.18
CA THR B 106 25.56 4.10 20.40
C THR B 106 26.76 4.33 21.32
N PRO B 107 26.61 5.16 22.35
CA PRO B 107 27.68 5.26 23.35
C PRO B 107 28.07 3.92 23.95
N ASP B 108 27.11 3.03 24.18
CA ASP B 108 27.43 1.71 24.73
C ASP B 108 28.21 0.86 23.73
N ASP B 109 27.90 0.97 22.43
CA ASP B 109 28.67 0.23 21.43
C ASP B 109 30.14 0.67 21.45
N ILE B 110 30.36 1.97 21.55
CA ILE B 110 31.73 2.50 21.50
C ILE B 110 32.49 2.13 22.76
N GLU B 111 31.88 2.28 23.92
CA GLU B 111 32.52 1.91 25.18
C GLU B 111 32.79 0.41 25.24
N GLN B 112 31.90 -0.41 24.69
CA GLN B 112 32.12 -1.85 24.73
C GLN B 112 33.38 -2.23 23.97
N VAL B 113 33.56 -1.64 22.78
CA VAL B 113 34.72 -1.97 21.95
C VAL B 113 35.97 -1.31 22.51
N LEU B 114 35.88 -0.03 22.89
CA LEU B 114 37.01 0.62 23.56
C LEU B 114 37.35 -0.06 24.89
N GLY B 115 36.33 -0.38 25.68
CA GLY B 115 36.58 -1.06 26.95
C GLY B 115 37.31 -2.38 26.80
N VAL B 116 36.85 -3.23 25.89
CA VAL B 116 37.50 -4.54 25.75
C VAL B 116 38.86 -4.38 25.11
N ASN B 117 38.90 -3.70 23.95
CA ASN B 117 40.06 -3.75 23.08
C ASN B 117 41.20 -2.86 23.57
N PHE B 118 40.88 -1.70 24.13
CA PHE B 118 41.93 -0.79 24.56
C PHE B 118 42.09 -0.75 26.08
N LYS B 119 41.01 -0.44 26.82
CA LYS B 119 41.07 -0.47 28.28
C LYS B 119 41.54 -1.82 28.81
N GLY B 120 41.06 -2.90 28.19
CA GLY B 120 41.48 -4.21 28.64
C GLY B 120 42.96 -4.48 28.43
N THR B 121 43.55 -3.85 27.41
CA THR B 121 45.00 -3.93 27.21
C THR B 121 45.73 -3.14 28.28
N VAL B 122 45.32 -1.88 28.51
CA VAL B 122 45.96 -1.07 29.56
C VAL B 122 45.88 -1.78 30.91
N TYR B 123 44.70 -2.25 31.29
CA TYR B 123 44.52 -2.79 32.66
C TYR B 123 45.40 -4.03 32.91
N ILE B 124 45.58 -4.89 31.91
CA ILE B 124 46.37 -6.11 32.20
C ILE B 124 47.85 -5.74 32.23
N VAL B 125 48.26 -4.74 31.45
CA VAL B 125 49.64 -4.26 31.51
C VAL B 125 49.91 -3.61 32.87
N GLN B 126 49.04 -2.69 33.32
CA GLN B 126 49.21 -2.07 34.62
C GLN B 126 49.32 -3.13 35.71
N ALA B 127 48.36 -4.05 35.74
CA ALA B 127 48.34 -5.09 36.78
C ALA B 127 49.64 -5.89 36.81
N ALA B 128 50.26 -6.14 35.65
CA ALA B 128 51.45 -6.99 35.54
C ALA B 128 52.77 -6.26 35.78
N LEU B 129 52.76 -4.93 35.97
CA LEU B 129 53.99 -4.15 35.92
C LEU B 129 55.01 -4.60 36.97
N GLN B 130 54.59 -4.74 38.23
CA GLN B 130 55.53 -5.18 39.27
C GLN B 130 56.09 -6.57 38.95
N ALA B 131 55.23 -7.53 38.62
CA ALA B 131 55.76 -8.86 38.35
C ALA B 131 56.64 -8.88 37.10
N LEU B 132 56.25 -8.15 36.04
CA LEU B 132 57.07 -8.09 34.84
C LEU B 132 58.42 -7.43 35.11
N THR B 133 58.41 -6.42 35.99
CA THR B 133 59.65 -5.74 36.34
C THR B 133 60.60 -6.69 37.06
N ALA B 134 60.05 -7.47 37.99
CA ALA B 134 60.85 -8.41 38.77
C ALA B 134 61.47 -9.50 37.92
N SER B 135 60.88 -9.81 36.76
CA SER B 135 61.41 -10.90 35.94
C SER B 135 62.73 -10.52 35.31
N GLY B 136 63.01 -9.23 35.14
CA GLY B 136 64.24 -8.78 34.53
C GLY B 136 64.28 -8.88 33.02
N HIS B 137 63.22 -9.39 32.39
CA HIS B 137 63.17 -9.50 30.93
C HIS B 137 61.70 -9.50 30.51
N GLY B 138 60.94 -8.55 31.04
CA GLY B 138 59.51 -8.55 30.80
C GLY B 138 59.17 -8.34 29.35
N ARG B 139 58.05 -8.91 28.93
CA ARG B 139 57.64 -8.85 27.54
C ARG B 139 56.14 -8.63 27.51
N VAL B 140 55.70 -7.56 26.84
CA VAL B 140 54.29 -7.33 26.57
C VAL B 140 54.09 -7.39 25.06
N VAL B 141 53.14 -8.21 24.62
CA VAL B 141 52.78 -8.24 23.20
C VAL B 141 51.31 -7.89 23.08
N VAL B 142 51.01 -6.89 22.26
CA VAL B 142 49.64 -6.42 22.12
C VAL B 142 49.11 -6.94 20.79
N THR B 143 47.88 -7.41 20.76
CA THR B 143 47.29 -7.79 19.47
C THR B 143 46.47 -6.60 19.00
N SER B 144 47.05 -5.85 18.07
CA SER B 144 46.32 -4.74 17.48
C SER B 144 45.68 -5.21 16.18
N SER B 145 45.75 -4.40 15.13
CA SER B 145 45.14 -4.83 13.87
C SER B 145 45.65 -3.89 12.79
N ILE B 146 45.63 -4.36 11.53
CA ILE B 146 45.84 -3.38 10.45
C ILE B 146 44.68 -2.39 10.41
N THR B 147 43.50 -2.81 10.85
CA THR B 147 42.31 -1.97 10.82
C THR B 147 42.40 -0.91 11.90
N GLY B 148 42.52 0.36 11.49
CA GLY B 148 42.69 1.45 12.42
C GLY B 148 44.03 2.12 12.26
N PRO B 149 45.10 1.40 12.61
CA PRO B 149 46.44 1.94 12.40
C PRO B 149 46.76 2.17 10.94
N ILE B 150 46.21 1.36 10.03
CA ILE B 150 46.53 1.46 8.61
C ILE B 150 45.28 1.64 7.75
N THR B 151 44.29 0.77 7.90
CA THR B 151 43.17 0.67 6.97
C THR B 151 41.88 1.17 7.59
N GLY B 152 40.89 1.37 6.72
CA GLY B 152 39.52 1.55 7.13
C GLY B 152 38.63 0.49 6.52
N TYR B 153 37.53 0.22 7.21
CA TYR B 153 36.52 -0.71 6.74
C TYR B 153 35.16 -0.29 7.29
N PRO B 154 34.23 0.09 6.42
CA PRO B 154 32.90 0.51 6.89
C PRO B 154 32.36 -0.40 7.98
N GLY B 155 31.84 0.22 9.04
CA GLY B 155 31.29 -0.51 10.17
C GLY B 155 32.26 -0.71 11.32
N TRP B 156 33.55 -0.42 11.11
CA TRP B 156 34.57 -0.64 12.12
C TRP B 156 35.29 0.66 12.53
N SER B 157 34.57 1.79 12.53
CA SER B 157 35.26 3.01 12.93
C SER B 157 35.64 2.98 14.40
N HIS B 158 34.80 2.38 15.24
CA HIS B 158 35.12 2.27 16.65
C HIS B 158 36.15 1.18 16.93
N TYR B 159 36.09 0.08 16.18
CA TYR B 159 37.10 -0.96 16.32
C TYR B 159 38.47 -0.45 15.88
N GLY B 160 38.56 0.19 14.71
CA GLY B 160 39.82 0.73 14.26
C GLY B 160 40.37 1.76 15.23
N ALA B 161 39.50 2.62 15.77
CA ALA B 161 39.91 3.54 16.84
C ALA B 161 40.55 2.79 18.00
N SER B 162 39.95 1.66 18.39
CA SER B 162 40.45 0.95 19.56
C SER B 162 41.81 0.32 19.26
N LYS B 163 42.01 -0.15 18.02
CA LYS B 163 43.27 -0.78 17.69
C LYS B 163 44.39 0.23 17.53
N ALA B 164 44.07 1.44 17.00
CA ALA B 164 45.04 2.54 16.97
C ALA B 164 45.32 3.07 18.36
N ALA B 165 44.29 3.17 19.22
CA ALA B 165 44.48 3.49 20.64
C ALA B 165 45.55 2.63 21.32
N GLN B 166 45.54 1.31 21.08
CA GLN B 166 46.57 0.45 21.66
C GLN B 166 47.98 0.90 21.30
N LEU B 167 48.17 1.33 20.05
CA LEU B 167 49.50 1.73 19.59
C LEU B 167 49.92 3.10 20.12
N GLY B 168 49.02 4.09 20.10
CA GLY B 168 49.35 5.36 20.77
C GLY B 168 49.73 5.14 22.23
N PHE B 169 49.06 4.20 22.89
CA PHE B 169 49.40 3.86 24.27
C PHE B 169 50.79 3.24 24.38
N LEU B 170 51.08 2.27 23.52
CA LEU B 170 52.35 1.55 23.69
C LEU B 170 53.56 2.36 23.29
N ARG B 171 53.41 3.35 22.37
CA ARG B 171 54.53 4.22 22.05
C ARG B 171 54.99 5.03 23.25
N THR B 172 54.06 5.50 24.08
CA THR B 172 54.49 6.05 25.37
C THR B 172 54.83 4.92 26.37
N ALA B 173 54.01 3.89 26.44
CA ALA B 173 54.28 2.85 27.46
C ALA B 173 55.68 2.26 27.32
N ALA B 174 56.16 2.08 26.09
CA ALA B 174 57.51 1.58 25.86
C ALA B 174 58.59 2.46 26.49
N MET B 175 58.39 3.79 26.51
CA MET B 175 59.41 4.65 27.10
C MET B 175 59.35 4.56 28.63
N GLU B 176 58.14 4.51 29.21
CA GLU B 176 58.01 4.37 30.67
C GLU B 176 58.51 3.01 31.15
N LEU B 177 58.33 1.96 30.35
CA LEU B 177 58.71 0.59 30.72
C LEU B 177 60.18 0.26 30.47
N ALA B 178 60.87 1.02 29.61
CA ALA B 178 62.28 0.75 29.34
C ALA B 178 63.17 0.69 30.57
N PRO B 179 63.07 1.61 31.55
CA PRO B 179 63.90 1.45 32.76
C PRO B 179 63.59 0.18 33.53
N LYS B 180 62.38 -0.35 33.41
CA LYS B 180 62.03 -1.61 34.05
C LYS B 180 62.49 -2.83 33.25
N LYS B 181 63.14 -2.61 32.10
CA LYS B 181 63.61 -3.66 31.21
C LYS B 181 62.48 -4.46 30.60
N ILE B 182 61.29 -3.86 30.52
CA ILE B 182 60.15 -4.47 29.85
C ILE B 182 60.05 -3.86 28.45
N THR B 183 60.02 -4.70 27.42
CA THR B 183 59.67 -4.19 26.09
C THR B 183 58.18 -4.39 25.84
N ILE B 184 57.63 -3.60 24.94
CA ILE B 184 56.22 -3.73 24.60
C ILE B 184 56.08 -3.44 23.10
N ASN B 185 55.57 -4.40 22.36
CA ASN B 185 55.38 -4.25 20.93
C ASN B 185 53.99 -4.76 20.58
N ALA B 186 53.61 -4.61 19.31
CA ALA B 186 52.29 -5.07 18.88
C ALA B 186 52.41 -5.84 17.59
N VAL B 187 51.64 -6.93 17.51
CA VAL B 187 51.40 -7.63 16.25
C VAL B 187 50.11 -7.03 15.68
N LEU B 188 50.16 -6.65 14.39
CA LEU B 188 49.03 -6.12 13.64
C LEU B 188 48.61 -7.19 12.64
N PRO B 189 47.73 -8.11 13.02
CA PRO B 189 47.30 -9.13 12.05
C PRO B 189 46.48 -8.49 10.94
N GLY B 190 46.53 -9.10 9.77
CA GLY B 190 45.60 -8.73 8.73
C GLY B 190 44.28 -9.44 8.92
N ASN B 191 44.03 -10.46 8.12
CA ASN B 191 42.83 -11.26 8.25
C ASN B 191 43.26 -12.70 8.52
N ILE B 192 42.87 -13.21 9.68
CA ILE B 192 43.28 -14.50 10.21
C ILE B 192 42.05 -15.36 10.40
N MET B 193 42.12 -16.61 9.95
CA MET B 193 41.03 -17.56 10.14
C MET B 193 40.82 -17.81 11.63
N THR B 194 39.71 -17.29 12.19
CA THR B 194 39.40 -17.46 13.61
C THR B 194 37.90 -17.64 13.77
N GLU B 195 37.50 -17.97 15.01
CA GLU B 195 36.08 -18.09 15.33
C GLU B 195 35.37 -16.75 15.21
N GLY B 196 35.89 -15.72 15.91
CA GLY B 196 35.28 -14.41 15.83
C GLY B 196 35.29 -13.86 14.42
N LEU B 197 36.37 -14.10 13.67
CA LEU B 197 36.42 -13.70 12.27
C LEU B 197 35.39 -14.46 11.44
N ASP B 198 35.09 -15.71 11.80
CA ASP B 198 34.09 -16.48 11.06
C ASP B 198 32.68 -15.90 11.24
N GLU B 199 32.46 -15.07 12.25
CA GLU B 199 31.17 -14.40 12.43
C GLU B 199 30.88 -13.39 11.33
N MET B 200 31.92 -12.90 10.65
CA MET B 200 31.73 -11.95 9.56
C MET B 200 31.06 -12.56 8.35
N GLY B 201 30.99 -13.89 8.27
CA GLY B 201 30.30 -14.57 7.19
C GLY B 201 31.23 -14.96 6.06
N GLN B 202 30.70 -15.79 5.17
CA GLN B 202 31.48 -16.29 4.04
C GLN B 202 31.76 -15.18 3.02
N ASP B 203 30.84 -14.24 2.86
CA ASP B 203 31.08 -13.13 1.92
C ASP B 203 32.30 -12.33 2.34
N TYR B 204 32.37 -11.93 3.61
CA TYR B 204 33.58 -11.29 4.12
C TYR B 204 34.78 -12.21 4.03
N LEU B 205 34.56 -13.52 4.15
CA LEU B 205 35.66 -14.49 4.07
C LEU B 205 36.19 -14.61 2.64
N ASP B 206 35.30 -14.93 1.68
CA ASP B 206 35.70 -15.19 0.31
C ASP B 206 36.29 -13.97 -0.38
N GLN B 207 36.31 -12.81 0.28
CA GLN B 207 36.59 -11.55 -0.36
C GLN B 207 37.85 -10.89 0.12
N MET B 208 38.25 -11.13 1.37
CA MET B 208 39.56 -10.70 1.82
C MET B 208 40.67 -11.61 1.30
N ALA B 209 40.35 -12.84 0.89
CA ALA B 209 41.38 -13.74 0.39
C ALA B 209 41.91 -13.30 -0.97
N SER B 210 41.02 -12.80 -1.84
CA SER B 210 41.45 -12.37 -3.17
C SER B 210 42.23 -11.07 -3.14
N ALA B 211 42.24 -10.35 -2.02
CA ALA B 211 42.94 -9.09 -1.90
C ALA B 211 44.29 -9.23 -1.21
N ILE B 212 44.73 -10.45 -0.94
CA ILE B 212 45.94 -10.73 -0.16
C ILE B 212 46.99 -11.33 -1.10
N PRO B 213 48.15 -10.70 -1.26
CA PRO B 213 49.13 -11.23 -2.21
C PRO B 213 49.57 -12.66 -1.90
N ALA B 214 49.72 -13.00 -0.62
CA ALA B 214 50.03 -14.38 -0.22
C ALA B 214 48.96 -15.37 -0.67
N GLY B 215 47.75 -14.91 -0.96
CA GLY B 215 46.73 -15.75 -1.56
C GLY B 215 45.92 -16.57 -0.58
N ARG B 216 45.98 -16.27 0.70
CA ARG B 216 45.23 -17.01 1.70
C ARG B 216 45.01 -16.09 2.89
N LEU B 217 44.01 -16.44 3.69
CA LEU B 217 43.90 -15.84 5.01
C LEU B 217 45.01 -16.40 5.90
N GLY B 218 45.38 -15.64 6.91
CA GLY B 218 46.40 -16.09 7.83
C GLY B 218 45.86 -17.12 8.81
N SER B 219 46.77 -17.63 9.63
CA SER B 219 46.44 -18.64 10.64
C SER B 219 46.78 -18.10 12.02
N VAL B 220 46.17 -18.68 13.06
CA VAL B 220 46.46 -18.13 14.39
C VAL B 220 47.93 -18.34 14.73
N ALA B 221 48.57 -19.37 14.15
CA ALA B 221 49.98 -19.64 14.44
C ALA B 221 50.88 -18.54 13.88
N ASP B 222 50.50 -17.96 12.73
CA ASP B 222 51.25 -16.82 12.22
C ASP B 222 51.34 -15.71 13.26
N ILE B 223 50.24 -15.44 13.95
CA ILE B 223 50.24 -14.39 14.98
C ILE B 223 50.99 -14.87 16.21
N GLY B 224 50.82 -16.15 16.58
CA GLY B 224 51.49 -16.64 17.75
C GLY B 224 52.99 -16.60 17.59
N ASN B 225 53.47 -16.92 16.39
CA ASN B 225 54.91 -17.00 16.17
C ASN B 225 55.53 -15.61 16.13
N ALA B 226 54.78 -14.63 15.66
CA ALA B 226 55.23 -13.23 15.79
C ALA B 226 55.28 -12.82 17.25
N ALA B 227 54.26 -13.18 18.03
CA ALA B 227 54.30 -12.86 19.46
C ALA B 227 55.47 -13.56 20.13
N LEU B 228 55.76 -14.80 19.71
CA LEU B 228 56.90 -15.54 20.24
C LEU B 228 58.23 -14.85 19.96
N PHE B 229 58.40 -14.33 18.72
CA PHE B 229 59.64 -13.60 18.45
C PHE B 229 59.83 -12.44 19.42
N PHE B 230 58.79 -11.63 19.59
CA PHE B 230 58.90 -10.48 20.49
C PHE B 230 59.25 -10.90 21.90
N ALA B 231 58.80 -12.08 22.32
CA ALA B 231 59.04 -12.51 23.68
C ALA B 231 60.46 -13.00 23.93
N THR B 232 61.24 -13.22 22.88
CA THR B 232 62.57 -13.81 23.05
C THR B 232 63.53 -12.83 23.71
N ASP B 233 64.54 -13.39 24.37
CA ASP B 233 65.64 -12.55 24.82
C ASP B 233 66.28 -11.81 23.66
N GLU B 234 66.29 -12.43 22.48
CA GLU B 234 66.99 -11.88 21.33
C GLU B 234 66.31 -10.64 20.76
N ALA B 235 65.08 -10.34 21.19
CA ALA B 235 64.35 -9.15 20.78
C ALA B 235 64.36 -8.08 21.87
N ALA B 236 65.39 -8.09 22.75
CA ALA B 236 65.44 -7.14 23.85
C ALA B 236 65.51 -5.69 23.38
N TYR B 237 66.08 -5.46 22.19
CA TYR B 237 66.28 -4.12 21.65
C TYR B 237 65.16 -3.70 20.71
N VAL B 238 64.02 -4.39 20.77
CA VAL B 238 62.82 -4.07 20.01
C VAL B 238 61.76 -3.59 21.01
N THR B 239 61.41 -2.31 20.99
CA THR B 239 60.33 -1.87 21.83
C THR B 239 59.59 -0.70 21.18
N GLY B 240 58.32 -0.58 21.53
CA GLY B 240 57.44 0.45 21.01
C GLY B 240 57.07 0.25 19.56
N GLN B 241 57.20 -0.96 19.03
CA GLN B 241 57.15 -1.17 17.59
C GLN B 241 56.05 -2.13 17.17
N THR B 242 55.83 -2.16 15.88
CA THR B 242 54.72 -2.86 15.28
C THR B 242 55.21 -3.85 14.24
N LEU B 243 54.49 -4.95 14.09
CA LEU B 243 54.79 -5.92 13.03
C LEU B 243 53.48 -6.33 12.39
N VAL B 244 53.35 -6.03 11.10
CA VAL B 244 52.16 -6.34 10.32
C VAL B 244 52.28 -7.77 9.78
N VAL B 245 51.29 -8.61 10.09
CA VAL B 245 51.28 -10.02 9.70
C VAL B 245 50.03 -10.22 8.87
N ASP B 246 50.15 -10.10 7.55
CA ASP B 246 48.96 -9.93 6.73
C ASP B 246 49.11 -10.44 5.30
N GLY B 247 50.18 -11.16 4.95
CA GLY B 247 50.31 -11.73 3.62
C GLY B 247 50.50 -10.72 2.52
N GLY B 248 50.87 -9.49 2.88
CA GLY B 248 50.95 -8.35 1.96
C GLY B 248 49.65 -7.60 1.75
N GLN B 249 48.62 -7.85 2.57
CA GLN B 249 47.31 -7.29 2.29
C GLN B 249 47.31 -5.76 2.21
N VAL B 250 48.14 -5.08 3.00
CA VAL B 250 48.07 -3.62 3.00
C VAL B 250 48.82 -3.00 1.83
N LEU B 251 49.56 -3.80 1.05
CA LEU B 251 50.42 -3.27 0.01
C LEU B 251 49.73 -2.81 -1.28
N PRO B 252 48.76 -3.55 -1.83
CA PRO B 252 48.32 -3.28 -3.21
C PRO B 252 47.69 -1.90 -3.36
N GLU B 253 48.11 -1.18 -4.41
CA GLU B 253 47.50 0.12 -4.70
C GLU B 253 46.04 -0.06 -5.08
N SER B 254 45.75 -1.13 -5.79
CA SER B 254 44.41 -1.58 -6.12
C SER B 254 44.38 -3.07 -5.82
N HIS B 255 43.38 -3.51 -5.03
CA HIS B 255 43.32 -4.92 -4.67
C HIS B 255 42.81 -5.80 -5.81
N LEU B 256 42.48 -5.22 -6.95
CA LEU B 256 42.05 -5.99 -8.11
C LEU B 256 43.18 -6.06 -9.14
N SER C 1 46.14 37.06 -7.81
CA SER C 1 44.73 37.41 -8.00
C SER C 1 43.74 36.40 -7.41
N HIS C 2 43.99 35.09 -7.55
CA HIS C 2 43.06 34.07 -7.06
C HIS C 2 43.80 32.88 -6.47
N MET C 3 43.43 32.49 -5.25
CA MET C 3 44.01 31.28 -4.66
C MET C 3 42.95 30.22 -4.40
N PHE C 4 42.24 30.31 -3.29
CA PHE C 4 41.22 29.34 -2.96
C PHE C 4 39.84 29.99 -2.99
N THR C 5 38.85 29.22 -3.40
CA THR C 5 37.47 29.68 -3.40
C THR C 5 37.06 30.15 -2.02
N SER C 6 36.44 31.33 -1.98
CA SER C 6 36.08 31.95 -0.71
C SER C 6 35.09 31.11 0.07
N LEU C 7 35.32 30.95 1.37
CA LEU C 7 34.38 30.22 2.20
C LEU C 7 33.32 31.13 2.84
N GLU C 8 33.24 32.39 2.42
CA GLU C 8 32.33 33.36 3.02
C GLU C 8 30.91 32.83 3.13
N GLY C 9 30.29 33.04 4.29
CA GLY C 9 28.92 32.64 4.52
C GLY C 9 28.72 31.19 4.89
N ARG C 10 29.77 30.37 4.87
CA ARG C 10 29.62 29.00 5.32
C ARG C 10 29.46 28.97 6.84
N SER C 11 29.21 27.78 7.38
CA SER C 11 28.82 27.58 8.77
C SER C 11 29.67 26.50 9.40
N ALA C 12 30.24 26.80 10.58
CA ALA C 12 31.21 25.91 11.20
C ALA C 12 30.98 25.80 12.69
N ILE C 13 31.34 24.62 13.24
CA ILE C 13 31.44 24.35 14.66
C ILE C 13 32.90 24.05 14.97
N VAL C 14 33.43 24.69 16.01
CA VAL C 14 34.73 24.33 16.58
C VAL C 14 34.47 23.89 18.03
N THR C 15 34.69 22.60 18.34
CA THR C 15 34.53 22.20 19.73
C THR C 15 35.75 22.66 20.52
N GLY C 16 35.53 23.06 21.78
CA GLY C 16 36.65 23.57 22.55
C GLY C 16 37.28 24.79 21.89
N GLY C 17 36.45 25.75 21.45
CA GLY C 17 36.90 26.95 20.77
C GLY C 17 37.09 28.17 21.64
N SER C 18 36.93 28.05 22.97
CA SER C 18 37.06 29.22 23.83
C SER C 18 38.52 29.60 24.09
N LYS C 19 39.46 28.68 23.91
CA LYS C 19 40.85 28.86 24.27
C LYS C 19 41.74 28.15 23.26
N GLY C 20 43.04 28.43 23.33
CA GLY C 20 44.01 27.58 22.68
C GLY C 20 43.83 27.46 21.18
N ILE C 21 44.06 26.25 20.69
CA ILE C 21 44.01 25.99 19.25
C ILE C 21 42.59 26.16 18.72
N GLY C 22 41.60 25.72 19.50
CA GLY C 22 40.22 25.89 19.07
C GLY C 22 39.89 27.35 18.80
N ARG C 23 40.34 28.26 19.67
CA ARG C 23 40.09 29.68 19.45
C ARG C 23 40.80 30.17 18.18
N GLY C 24 42.05 29.77 17.98
CA GLY C 24 42.77 30.17 16.79
C GLY C 24 42.13 29.65 15.51
N ILE C 25 41.52 28.45 15.57
CA ILE C 25 40.79 27.93 14.43
C ILE C 25 39.55 28.75 14.16
N ALA C 26 38.76 29.01 15.22
CA ALA C 26 37.57 29.83 15.06
C ALA C 26 37.90 31.19 14.45
N GLU C 27 38.94 31.84 14.98
CA GLU C 27 39.34 33.14 14.46
C GLU C 27 39.80 33.05 13.01
N THR C 28 40.57 32.01 12.68
CA THR C 28 40.99 31.80 11.31
C THR C 28 39.79 31.66 10.38
N PHE C 29 38.80 30.84 10.77
CA PHE C 29 37.62 30.70 9.93
C PHE C 29 36.83 32.00 9.87
N ALA C 30 36.62 32.63 11.03
CA ALA C 30 35.86 33.87 11.06
C ALA C 30 36.48 34.93 10.16
N ASN C 31 37.81 35.04 10.16
CA ASN C 31 38.46 36.01 9.28
C ASN C 31 38.16 35.73 7.82
N ALA C 32 37.87 34.48 7.48
CA ALA C 32 37.53 34.10 6.12
C ALA C 32 36.05 34.26 5.82
N GLY C 33 35.25 34.81 6.73
CA GLY C 33 33.83 35.02 6.51
C GLY C 33 32.95 33.86 6.92
N VAL C 34 33.51 32.82 7.54
CA VAL C 34 32.72 31.70 8.02
C VAL C 34 32.13 32.08 9.38
N ASP C 35 30.82 31.89 9.52
CA ASP C 35 30.18 32.00 10.83
C ASP C 35 30.56 30.78 11.66
N VAL C 36 30.95 31.01 12.92
CA VAL C 36 31.51 29.94 13.75
C VAL C 36 30.80 29.89 15.09
N VAL C 37 30.32 28.71 15.46
CA VAL C 37 29.86 28.43 16.82
C VAL C 37 31.00 27.71 17.52
N ILE C 38 31.50 28.31 18.60
CA ILE C 38 32.52 27.71 19.43
C ILE C 38 31.84 27.09 20.63
N THR C 39 32.42 26.02 21.15
CA THR C 39 31.83 25.35 22.30
C THR C 39 32.84 25.24 23.44
N GLY C 40 32.32 24.92 24.61
CA GLY C 40 33.12 24.71 25.79
C GLY C 40 32.19 24.58 26.98
N ARG C 41 32.78 24.20 28.12
CA ARG C 41 31.97 24.05 29.32
C ARG C 41 31.86 25.34 30.11
N ASN C 42 32.92 26.15 30.14
CA ASN C 42 32.89 27.37 30.94
C ASN C 42 32.28 28.52 30.16
N GLN C 43 31.15 29.04 30.67
CA GLN C 43 30.44 30.11 29.96
C GLN C 43 31.25 31.39 29.91
N ASP C 44 31.92 31.77 31.01
CA ASP C 44 32.66 33.03 31.01
C ASP C 44 33.76 33.02 29.94
N ASP C 45 34.49 31.90 29.81
CA ASP C 45 35.54 31.80 28.80
C ASP C 45 34.96 31.88 27.39
N LEU C 46 33.80 31.25 27.16
CA LEU C 46 33.15 31.40 25.86
C LEU C 46 32.76 32.85 25.61
N ASP C 47 32.23 33.52 26.62
CA ASP C 47 31.76 34.89 26.45
C ASP C 47 32.91 35.85 26.18
N ARG C 48 34.05 35.66 26.85
CA ARG C 48 35.20 36.53 26.60
C ARG C 48 35.73 36.38 25.18
N THR C 49 35.77 35.14 24.68
CA THR C 49 36.27 34.93 23.34
C THR C 49 35.31 35.44 22.28
N VAL C 50 34.00 35.24 22.50
CA VAL C 50 32.99 35.84 21.62
C VAL C 50 33.14 37.36 21.62
N ALA C 51 33.33 37.96 22.79
CA ALA C 51 33.55 39.41 22.85
C ALA C 51 34.83 39.82 22.14
N ASP C 52 35.92 39.05 22.35
CA ASP C 52 37.20 39.40 21.73
C ASP C 52 37.10 39.35 20.21
N LEU C 53 36.34 38.40 19.67
CA LEU C 53 36.28 38.19 18.23
C LEU C 53 35.12 38.95 17.58
N SER C 54 34.53 39.92 18.28
CA SER C 54 33.32 40.56 17.80
C SER C 54 33.54 41.36 16.52
N GLY C 55 34.78 41.75 16.21
CA GLY C 55 34.99 42.49 14.99
C GLY C 55 35.26 41.67 13.73
N THR C 56 35.21 40.34 13.79
CA THR C 56 35.56 39.51 12.65
C THR C 56 34.46 39.53 11.58
N ARG C 57 34.85 39.16 10.35
CA ARG C 57 33.92 39.19 9.24
C ARG C 57 32.83 38.13 9.40
N GLY C 58 33.22 36.88 9.68
CA GLY C 58 32.26 35.89 10.10
C GLY C 58 31.89 36.05 11.56
N LYS C 59 30.65 35.72 11.89
CA LYS C 59 30.14 35.95 13.24
C LYS C 59 30.46 34.74 14.12
N VAL C 60 31.29 34.94 15.15
CA VAL C 60 31.58 33.92 16.14
C VAL C 60 30.61 34.09 17.31
N THR C 61 29.90 33.01 17.66
CA THR C 61 29.01 32.95 18.80
C THR C 61 29.32 31.65 19.55
N ALA C 62 28.76 31.49 20.74
CA ALA C 62 29.14 30.36 21.58
C ALA C 62 27.94 29.49 21.90
N VAL C 63 28.23 28.20 22.12
CA VAL C 63 27.27 27.24 22.65
C VAL C 63 27.97 26.48 23.79
N ARG C 64 27.45 26.65 25.02
CA ARG C 64 28.01 25.93 26.18
C ARG C 64 27.61 24.46 26.11
N ALA C 65 28.62 23.58 26.08
CA ALA C 65 28.40 22.18 25.80
C ALA C 65 29.65 21.39 26.16
N ASP C 66 29.45 20.22 26.73
CA ASP C 66 30.48 19.24 27.05
C ASP C 66 30.57 18.24 25.90
N VAL C 67 31.77 18.05 25.34
CA VAL C 67 31.87 17.15 24.18
C VAL C 67 31.63 15.71 24.56
N THR C 68 31.73 15.35 25.85
CA THR C 68 31.51 13.98 26.28
C THR C 68 30.04 13.61 26.34
N ASP C 69 29.15 14.56 26.11
CA ASP C 69 27.72 14.30 26.25
C ASP C 69 27.09 14.23 24.87
N PRO C 70 26.59 13.06 24.44
CA PRO C 70 25.99 12.98 23.10
C PRO C 70 24.78 13.90 22.93
N GLU C 71 24.04 14.13 24.00
CA GLU C 71 22.93 15.07 23.93
C GLU C 71 23.40 16.49 23.66
N ASP C 72 24.53 16.89 24.27
CA ASP C 72 25.06 18.22 24.03
C ASP C 72 25.55 18.36 22.59
N ALA C 73 26.05 17.26 22.00
CA ALA C 73 26.43 17.28 20.58
C ALA C 73 25.22 17.57 19.70
N ARG C 74 24.12 16.85 19.91
CA ARG C 74 22.92 17.08 19.11
C ARG C 74 22.41 18.51 19.28
N ARG C 75 22.37 18.99 20.53
CA ARG C 75 21.94 20.37 20.78
C ARG C 75 22.85 21.37 20.09
N THR C 76 24.16 21.07 20.04
CA THR C 76 25.12 21.99 19.43
C THR C 76 24.87 22.11 17.93
N VAL C 77 24.70 20.97 17.25
CA VAL C 77 24.42 21.00 15.82
C VAL C 77 23.08 21.69 15.54
N ALA C 78 22.04 21.32 16.29
CA ALA C 78 20.73 21.94 16.07
C ALA C 78 20.77 23.44 16.28
N GLU C 79 21.50 23.89 17.31
CA GLU C 79 21.59 25.32 17.57
C GLU C 79 22.41 26.04 16.51
N THR C 80 23.41 25.35 15.96
CA THR C 80 24.22 25.95 14.91
C THR C 80 23.44 26.04 13.60
N VAL C 81 22.68 24.99 13.29
CA VAL C 81 21.80 25.05 12.12
C VAL C 81 20.79 26.17 12.28
N SER C 82 20.31 26.37 13.51
CA SER C 82 19.31 27.40 13.75
C SER C 82 19.91 28.80 13.55
N ARG C 83 21.15 29.02 14.03
CA ARG C 83 21.75 30.34 13.94
C ARG C 83 22.18 30.67 12.51
N HIS C 84 22.67 29.67 11.78
CA HIS C 84 23.27 29.87 10.46
C HIS C 84 22.43 29.34 9.31
N GLY C 85 21.47 28.46 9.57
CA GLY C 85 20.67 27.88 8.51
C GLY C 85 21.23 26.60 7.93
N GLY C 86 22.38 26.14 8.40
CA GLY C 86 22.99 24.93 7.90
C GLY C 86 24.34 24.74 8.54
N LEU C 87 25.05 23.72 8.08
CA LEU C 87 26.32 23.37 8.71
C LEU C 87 27.24 22.78 7.65
N ASP C 88 28.41 23.39 7.48
CA ASP C 88 29.36 23.05 6.43
C ASP C 88 30.65 22.43 6.96
N ILE C 89 31.11 22.85 8.14
CA ILE C 89 32.43 22.53 8.64
C ILE C 89 32.30 22.18 10.11
N VAL C 90 32.89 21.06 10.51
CA VAL C 90 32.98 20.71 11.92
C VAL C 90 34.45 20.48 12.24
N CYS C 91 34.97 21.24 13.17
CA CYS C 91 36.33 21.09 13.65
C CYS C 91 36.22 20.40 15.01
N ALA C 92 36.49 19.09 15.04
CA ALA C 92 36.47 18.27 16.24
C ALA C 92 37.82 18.44 16.93
N ASN C 93 37.88 19.40 17.84
CA ASN C 93 39.12 19.92 18.37
C ASN C 93 39.26 19.76 19.89
N ALA C 94 38.17 19.78 20.62
CA ALA C 94 38.25 19.78 22.09
C ALA C 94 39.12 18.63 22.60
N GLY C 95 40.03 18.94 23.52
CA GLY C 95 40.90 17.92 24.04
C GLY C 95 41.67 18.32 25.28
N ILE C 96 42.02 17.34 26.10
CA ILE C 96 42.77 17.58 27.32
C ILE C 96 43.97 16.64 27.37
N PHE C 97 45.03 17.10 28.04
CA PHE C 97 46.25 16.29 28.16
C PHE C 97 46.80 16.36 29.58
N PRO C 98 46.03 15.90 30.57
CA PRO C 98 46.61 15.68 31.89
C PRO C 98 47.70 14.61 31.81
N SER C 99 48.64 14.69 32.74
CA SER C 99 49.84 13.87 32.74
C SER C 99 49.76 12.87 33.90
N GLY C 100 50.04 11.59 33.62
CA GLY C 100 50.09 10.59 34.68
C GLY C 100 50.83 9.34 34.24
N ARG C 101 51.77 8.87 35.04
CA ARG C 101 52.50 7.66 34.69
C ARG C 101 51.54 6.49 34.60
N LEU C 102 51.85 5.53 33.71
CA LEU C 102 50.95 4.42 33.48
C LEU C 102 50.55 3.73 34.79
N GLU C 103 51.50 3.52 35.70
CA GLU C 103 51.12 2.79 36.92
C GLU C 103 50.26 3.64 37.84
N ASP C 104 50.15 4.95 37.59
CA ASP C 104 49.30 5.80 38.42
C ASP C 104 47.93 6.05 37.82
N LEU C 105 47.66 5.57 36.61
CA LEU C 105 46.49 6.04 35.89
C LEU C 105 45.27 5.25 36.34
N THR C 106 44.25 5.95 36.79
CA THR C 106 43.05 5.25 37.24
C THR C 106 42.10 5.03 36.07
N PRO C 107 41.14 4.12 36.25
CA PRO C 107 40.05 4.02 35.27
C PRO C 107 39.43 5.38 34.94
N ASP C 108 39.18 6.21 35.96
CA ASP C 108 38.59 7.52 35.73
C ASP C 108 39.52 8.44 34.95
N ASP C 109 40.83 8.40 35.26
CA ASP C 109 41.78 9.18 34.48
C ASP C 109 41.71 8.81 33.01
N ILE C 110 41.69 7.52 32.72
CA ILE C 110 41.70 7.06 31.35
C ILE C 110 40.40 7.41 30.66
N GLU C 111 39.27 7.19 31.33
CA GLU C 111 38.00 7.54 30.70
C GLU C 111 37.85 9.05 30.51
N GLN C 112 38.45 9.86 31.40
CA GLN C 112 38.34 11.31 31.24
C GLN C 112 39.00 11.74 29.92
N VAL C 113 40.21 11.24 29.67
CA VAL C 113 40.96 11.65 28.49
C VAL C 113 40.35 11.04 27.22
N LEU C 114 39.99 9.75 27.27
CA LEU C 114 39.39 9.12 26.10
C LEU C 114 38.00 9.70 25.80
N GLY C 115 37.24 10.06 26.83
CA GLY C 115 35.92 10.62 26.61
C GLY C 115 35.96 11.97 25.91
N VAL C 116 36.76 12.90 26.42
CA VAL C 116 36.88 14.21 25.76
C VAL C 116 37.49 14.07 24.38
N ASN C 117 38.68 13.46 24.31
CA ASN C 117 39.53 13.56 23.14
C ASN C 117 39.01 12.68 22.00
N PHE C 118 38.62 11.45 22.30
CA PHE C 118 38.15 10.52 21.26
C PHE C 118 36.64 10.49 21.16
N LYS C 119 35.96 10.14 22.24
CA LYS C 119 34.50 10.05 22.20
C LYS C 119 33.88 11.38 21.80
N GLY C 120 34.42 12.49 22.33
CA GLY C 120 33.89 13.80 22.00
C GLY C 120 34.06 14.15 20.54
N THR C 121 35.11 13.61 19.90
CA THR C 121 35.26 13.77 18.45
C THR C 121 34.22 12.97 17.69
N VAL C 122 34.01 11.70 18.09
CA VAL C 122 33.02 10.86 17.43
C VAL C 122 31.62 11.47 17.57
N TYR C 123 31.28 11.95 18.77
CA TYR C 123 29.93 12.41 19.06
C TYR C 123 29.56 13.63 18.23
N ILE C 124 30.49 14.57 18.06
CA ILE C 124 30.10 15.76 17.31
C ILE C 124 29.99 15.40 15.83
N VAL C 125 30.79 14.46 15.34
CA VAL C 125 30.73 14.08 13.93
C VAL C 125 29.41 13.38 13.64
N GLN C 126 29.02 12.44 14.51
CA GLN C 126 27.74 11.75 14.38
C GLN C 126 26.59 12.75 14.36
N ALA C 127 26.55 13.64 15.36
CA ALA C 127 25.47 14.61 15.46
C ALA C 127 25.39 15.51 14.23
N ALA C 128 26.52 15.77 13.59
CA ALA C 128 26.60 16.71 12.47
C ALA C 128 26.40 16.05 11.12
N LEU C 129 26.21 14.73 11.09
CA LEU C 129 26.30 13.98 9.84
C LEU C 129 25.24 14.42 8.83
N GLN C 130 23.99 14.51 9.26
CA GLN C 130 22.92 14.84 8.31
C GLN C 130 23.05 16.26 7.78
N ALA C 131 23.37 17.23 8.65
CA ALA C 131 23.57 18.59 8.17
C ALA C 131 24.79 18.69 7.25
N LEU C 132 25.88 17.99 7.59
CA LEU C 132 27.03 18.01 6.70
C LEU C 132 26.71 17.34 5.37
N THR C 133 25.86 16.30 5.39
CA THR C 133 25.42 15.69 4.14
C THR C 133 24.64 16.68 3.29
N ALA C 134 23.72 17.44 3.91
CA ALA C 134 22.93 18.42 3.19
C ALA C 134 23.78 19.57 2.66
N SER C 135 24.92 19.84 3.29
CA SER C 135 25.88 20.82 2.79
C SER C 135 26.22 20.59 1.32
N GLY C 136 26.43 19.33 0.93
CA GLY C 136 26.99 19.01 -0.36
C GLY C 136 28.48 19.25 -0.48
N HIS C 137 29.14 19.73 0.56
CA HIS C 137 30.58 19.87 0.56
C HIS C 137 31.08 19.85 2.01
N GLY C 138 30.62 18.84 2.76
CA GLY C 138 30.93 18.79 4.18
C GLY C 138 32.41 18.61 4.44
N ARG C 139 32.87 19.23 5.53
CA ARG C 139 34.27 19.15 5.94
C ARG C 139 34.34 18.88 7.44
N VAL C 140 35.06 17.82 7.82
CA VAL C 140 35.41 17.57 9.22
C VAL C 140 36.92 17.65 9.34
N VAL C 141 37.40 18.46 10.28
CA VAL C 141 38.82 18.56 10.60
C VAL C 141 38.99 18.17 12.05
N VAL C 142 39.85 17.19 12.31
CA VAL C 142 40.09 16.67 13.65
C VAL C 142 41.41 17.22 14.16
N THR C 143 41.43 17.70 15.39
CA THR C 143 42.71 18.04 16.00
C THR C 143 43.23 16.80 16.72
N SER C 144 44.13 16.06 16.07
CA SER C 144 44.85 14.95 16.68
C SER C 144 46.14 15.52 17.27
N SER C 145 47.26 14.80 17.16
CA SER C 145 48.53 15.29 17.71
C SER C 145 49.62 14.39 17.16
N ILE C 146 50.87 14.88 17.24
CA ILE C 146 51.95 13.94 16.99
C ILE C 146 52.02 12.90 18.10
N THR C 147 51.54 13.23 19.30
CA THR C 147 51.63 12.36 20.48
C THR C 147 50.60 11.23 20.38
N GLY C 148 51.08 9.97 20.27
CA GLY C 148 50.20 8.86 20.01
C GLY C 148 50.43 8.25 18.66
N PRO C 149 49.98 8.95 17.61
CA PRO C 149 50.24 8.48 16.23
C PRO C 149 51.70 8.35 15.91
N ILE C 150 52.55 9.16 16.55
CA ILE C 150 53.94 9.19 16.15
C ILE C 150 54.85 9.11 17.34
N THR C 151 54.60 9.95 18.35
CA THR C 151 55.56 10.07 19.44
C THR C 151 55.04 9.41 20.71
N GLY C 152 55.97 9.17 21.62
CA GLY C 152 55.66 8.91 23.02
C GLY C 152 56.22 10.02 23.90
N TYR C 153 55.62 10.19 25.07
CA TYR C 153 56.09 11.13 26.08
C TYR C 153 55.61 10.65 27.44
N PRO C 154 56.51 10.42 28.41
CA PRO C 154 56.06 9.80 29.66
C PRO C 154 54.98 10.64 30.31
N GLY C 155 53.97 9.96 30.83
CA GLY C 155 52.81 10.62 31.39
C GLY C 155 51.64 10.75 30.45
N TRP C 156 51.82 10.48 29.16
CA TRP C 156 50.76 10.69 28.18
C TRP C 156 50.41 9.40 27.45
N SER C 157 50.47 8.24 28.13
CA SER C 157 50.06 7.01 27.46
C SER C 157 48.57 6.99 27.17
N HIS C 158 47.75 7.58 28.04
CA HIS C 158 46.32 7.64 27.73
C HIS C 158 46.03 8.77 26.74
N TYR C 159 46.72 9.89 26.85
CA TYR C 159 46.56 10.97 25.89
C TYR C 159 46.89 10.50 24.49
N GLY C 160 48.12 9.99 24.31
CA GLY C 160 48.52 9.47 23.01
C GLY C 160 47.56 8.42 22.47
N ALA C 161 47.11 7.51 23.36
CA ALA C 161 46.07 6.56 22.99
C ALA C 161 44.87 7.26 22.36
N SER C 162 44.38 8.33 22.99
CA SER C 162 43.19 8.99 22.49
C SER C 162 43.45 9.75 21.18
N LYS C 163 44.67 10.27 20.98
CA LYS C 163 44.99 10.95 19.72
C LYS C 163 45.08 9.96 18.56
N ALA C 164 45.64 8.77 18.82
CA ALA C 164 45.66 7.71 17.81
C ALA C 164 44.26 7.16 17.56
N ALA C 165 43.46 7.06 18.61
CA ALA C 165 42.07 6.62 18.46
C ALA C 165 41.31 7.50 17.47
N GLN C 166 41.48 8.83 17.55
CA GLN C 166 40.88 9.72 16.57
C GLN C 166 41.22 9.31 15.14
N LEU C 167 42.50 9.02 14.87
CA LEU C 167 42.90 8.70 13.50
C LEU C 167 42.40 7.35 13.06
N GLY C 168 42.39 6.36 13.97
CA GLY C 168 41.84 5.06 13.60
C GLY C 168 40.38 5.19 13.23
N PHE C 169 39.65 6.04 13.94
CA PHE C 169 38.24 6.30 13.64
C PHE C 169 38.09 6.94 12.26
N LEU C 170 38.89 7.96 11.98
CA LEU C 170 38.66 8.72 10.76
C LEU C 170 39.07 7.96 9.50
N ARG C 171 40.02 7.02 9.59
CA ARG C 171 40.37 6.23 8.42
C ARG C 171 39.18 5.41 7.92
N THR C 172 38.34 4.93 8.84
CA THR C 172 37.11 4.26 8.44
C THR C 172 36.01 5.27 8.11
N ALA C 173 35.85 6.29 8.97
CA ALA C 173 34.83 7.31 8.74
C ALA C 173 34.96 7.94 7.37
N ALA C 174 36.20 8.15 6.92
CA ALA C 174 36.41 8.76 5.61
C ALA C 174 35.74 7.95 4.51
N MET C 175 35.79 6.62 4.63
CA MET C 175 35.17 5.76 3.62
C MET C 175 33.66 5.78 3.75
N GLU C 176 33.13 5.82 4.98
CA GLU C 176 31.69 5.90 5.15
C GLU C 176 31.14 7.25 4.74
N LEU C 177 31.95 8.31 4.84
CA LEU C 177 31.48 9.66 4.56
C LEU C 177 31.62 10.04 3.09
N ALA C 178 32.49 9.35 2.35
CA ALA C 178 32.73 9.71 0.95
C ALA C 178 31.47 9.71 0.09
N PRO C 179 30.55 8.75 0.18
CA PRO C 179 29.33 8.85 -0.62
C PRO C 179 28.45 10.01 -0.20
N LYS C 180 28.62 10.52 1.02
CA LYS C 180 27.91 11.71 1.46
C LYS C 180 28.61 13.01 1.05
N LYS C 181 29.75 12.91 0.35
CA LYS C 181 30.57 14.05 -0.06
C LYS C 181 31.12 14.81 1.16
N ILE C 182 31.38 14.13 2.26
CA ILE C 182 32.05 14.75 3.40
C ILE C 182 33.47 14.20 3.44
N THR C 183 34.46 15.10 3.48
CA THR C 183 35.83 14.68 3.77
C THR C 183 36.06 14.80 5.27
N ILE C 184 36.96 13.95 5.77
CA ILE C 184 37.38 14.04 7.17
C ILE C 184 38.88 13.84 7.20
N ASN C 185 39.58 14.76 7.86
CA ASN C 185 41.04 14.76 7.88
C ASN C 185 41.45 15.27 9.24
N ALA C 186 42.75 15.17 9.52
CA ALA C 186 43.21 15.55 10.84
C ALA C 186 44.48 16.35 10.73
N VAL C 187 44.54 17.43 11.51
CA VAL C 187 45.78 18.13 11.75
C VAL C 187 46.45 17.51 12.96
N LEU C 188 47.77 17.30 12.87
CA LEU C 188 48.54 16.75 13.99
C LEU C 188 49.55 17.82 14.39
N PRO C 189 49.19 18.69 15.33
CA PRO C 189 50.15 19.68 15.80
C PRO C 189 51.26 19.01 16.58
N GLY C 190 52.39 19.70 16.64
CA GLY C 190 53.43 19.18 17.52
C GLY C 190 53.27 19.82 18.89
N ASN C 191 53.83 21.02 19.06
CA ASN C 191 53.68 21.78 20.28
C ASN C 191 53.40 23.23 19.92
N ILE C 192 52.19 23.68 20.25
CA ILE C 192 51.66 24.99 19.90
C ILE C 192 51.50 25.79 21.18
N MET C 193 51.81 27.09 21.13
CA MET C 193 51.64 27.93 22.32
C MET C 193 50.15 28.13 22.59
N THR C 194 49.65 27.58 23.71
CA THR C 194 48.25 27.65 24.12
C THR C 194 48.17 27.70 25.64
N GLU C 195 46.99 28.04 26.15
CA GLU C 195 46.78 28.03 27.60
C GLU C 195 46.93 26.61 28.14
N GLY C 196 46.46 25.62 27.37
CA GLY C 196 46.59 24.22 27.80
C GLY C 196 48.04 23.78 27.90
N LEU C 197 48.86 24.12 26.90
CA LEU C 197 50.28 23.77 26.96
C LEU C 197 51.01 24.55 28.05
N ASP C 198 50.54 25.75 28.36
CA ASP C 198 51.13 26.53 29.45
C ASP C 198 51.13 25.74 30.76
N GLU C 199 50.09 24.97 31.03
CA GLU C 199 50.00 24.20 32.27
C GLU C 199 51.09 23.12 32.36
N MET C 200 51.73 22.76 31.24
CA MET C 200 52.82 21.80 31.33
C MET C 200 54.05 22.38 32.04
N GLY C 201 54.17 23.70 32.11
CA GLY C 201 55.27 24.35 32.80
C GLY C 201 56.37 24.79 31.83
N GLN C 202 57.23 25.70 32.33
CA GLN C 202 58.21 26.32 31.46
C GLN C 202 59.26 25.32 30.97
N ASP C 203 59.67 24.38 31.83
CA ASP C 203 60.72 23.46 31.41
C ASP C 203 60.25 22.50 30.32
N TYR C 204 58.95 22.16 30.31
CA TYR C 204 58.39 21.44 29.19
C TYR C 204 58.45 22.27 27.92
N LEU C 205 58.08 23.56 28.00
CA LEU C 205 58.07 24.39 26.80
C LEU C 205 59.48 24.58 26.25
N ASP C 206 60.46 24.81 27.13
CA ASP C 206 61.86 24.89 26.70
C ASP C 206 62.31 23.58 26.08
N GLN C 207 61.98 22.46 26.73
CA GLN C 207 62.37 21.15 26.24
C GLN C 207 61.91 20.94 24.80
N MET C 208 60.63 21.22 24.51
CA MET C 208 60.17 21.00 23.15
C MET C 208 60.72 22.05 22.19
N ALA C 209 60.89 23.29 22.66
CA ALA C 209 61.43 24.33 21.78
C ALA C 209 62.79 23.90 21.23
N SER C 210 63.66 23.36 22.07
CA SER C 210 64.99 22.93 21.66
C SER C 210 64.96 21.68 20.77
N ALA C 211 63.82 21.02 20.63
CA ALA C 211 63.72 19.81 19.82
C ALA C 211 63.12 20.07 18.44
N ILE C 212 62.90 21.34 18.07
CA ILE C 212 62.10 21.71 16.90
C ILE C 212 63.02 22.38 15.88
N PRO C 213 63.24 21.77 14.71
CA PRO C 213 64.08 22.40 13.68
C PRO C 213 63.69 23.82 13.33
N ALA C 214 62.39 24.15 13.30
CA ALA C 214 61.97 25.51 13.00
C ALA C 214 62.35 26.50 14.09
N GLY C 215 62.74 26.01 15.27
CA GLY C 215 63.28 26.88 16.30
C GLY C 215 62.26 27.60 17.17
N ARG C 216 61.00 27.19 17.14
CA ARG C 216 59.99 27.85 17.96
C ARG C 216 58.85 26.88 18.16
N LEU C 217 58.13 27.05 19.27
CA LEU C 217 56.81 26.48 19.39
C LEU C 217 55.93 27.08 18.31
N GLY C 218 54.97 26.29 17.83
CA GLY C 218 54.04 26.80 16.84
C GLY C 218 52.97 27.69 17.44
N SER C 219 52.11 28.19 16.57
CA SER C 219 51.08 29.14 16.96
C SER C 219 49.72 28.57 16.61
N VAL C 220 48.68 29.04 17.31
CA VAL C 220 47.33 28.58 17.00
C VAL C 220 46.96 28.88 15.56
N ALA C 221 47.48 29.99 14.98
CA ALA C 221 47.18 30.28 13.57
C ALA C 221 47.72 29.19 12.67
N ASP C 222 48.89 28.62 13.00
CA ASP C 222 49.41 27.49 12.21
C ASP C 222 48.39 26.37 12.08
N ILE C 223 47.69 26.07 13.16
CA ILE C 223 46.72 24.98 13.10
C ILE C 223 45.44 25.44 12.42
N GLY C 224 44.97 26.64 12.77
CA GLY C 224 43.80 27.19 12.11
C GLY C 224 43.95 27.22 10.60
N ASN C 225 45.15 27.56 10.11
CA ASN C 225 45.35 27.68 8.67
C ASN C 225 45.40 26.31 8.01
N ALA C 226 45.87 25.28 8.73
CA ALA C 226 45.82 23.93 8.19
C ALA C 226 44.37 23.44 8.11
N ALA C 227 43.59 23.71 9.16
CA ALA C 227 42.17 23.43 9.15
C ALA C 227 41.50 24.12 7.98
N LEU C 228 41.86 25.39 7.75
CA LEU C 228 41.28 26.17 6.68
C LEU C 228 41.55 25.51 5.33
N PHE C 229 42.79 25.09 5.08
CA PHE C 229 43.08 24.40 3.83
C PHE C 229 42.16 23.21 3.63
N PHE C 230 42.03 22.34 4.67
CA PHE C 230 41.21 21.14 4.53
C PHE C 230 39.77 21.50 4.21
N ALA C 231 39.26 22.63 4.73
CA ALA C 231 37.86 22.97 4.49
C ALA C 231 37.59 23.53 3.10
N THR C 232 38.61 23.80 2.29
CA THR C 232 38.34 24.44 1.00
C THR C 232 37.69 23.45 0.05
N ASP C 233 36.96 24.01 -0.93
CA ASP C 233 36.50 23.22 -2.05
C ASP C 233 37.68 22.60 -2.79
N GLU C 234 38.84 23.27 -2.75
CA GLU C 234 40.03 22.84 -3.44
C GLU C 234 40.63 21.58 -2.85
N ALA C 235 40.23 21.21 -1.62
CA ALA C 235 40.72 20.00 -0.97
C ALA C 235 39.69 18.87 -0.96
N ALA C 236 38.74 18.90 -1.90
CA ALA C 236 37.68 17.89 -1.96
C ALA C 236 38.21 16.48 -2.20
N TYR C 237 39.38 16.33 -2.83
CA TYR C 237 39.98 15.03 -3.09
C TYR C 237 40.91 14.56 -1.97
N VAL C 238 40.93 15.26 -0.84
CA VAL C 238 41.76 14.86 0.31
C VAL C 238 40.84 14.34 1.39
N THR C 239 40.95 13.06 1.73
CA THR C 239 40.10 12.54 2.79
C THR C 239 40.83 11.40 3.51
N GLY C 240 40.52 11.27 4.79
CA GLY C 240 41.12 10.24 5.64
C GLY C 240 42.58 10.45 5.91
N GLN C 241 43.08 11.67 5.82
CA GLN C 241 44.51 11.88 5.82
C GLN C 241 44.94 12.78 6.98
N THR C 242 46.24 12.83 7.17
CA THR C 242 46.87 13.57 8.27
C THR C 242 47.82 14.64 7.71
N LEU C 243 47.93 15.74 8.44
CA LEU C 243 48.97 16.72 8.17
C LEU C 243 49.65 17.09 9.47
N VAL C 244 50.95 16.83 9.56
CA VAL C 244 51.74 17.14 10.74
C VAL C 244 52.23 18.59 10.64
N VAL C 245 51.91 19.37 11.67
CA VAL C 245 52.23 20.81 11.71
C VAL C 245 53.08 21.03 12.96
N ASP C 246 54.41 20.94 12.81
CA ASP C 246 55.29 20.74 13.97
C ASP C 246 56.67 21.34 13.79
N GLY C 247 56.92 22.14 12.76
CA GLY C 247 58.23 22.76 12.63
C GLY C 247 59.36 21.78 12.40
N GLY C 248 59.05 20.55 12.00
CA GLY C 248 60.04 19.52 11.82
C GLY C 248 60.28 18.65 13.04
N GLN C 249 59.46 18.79 14.08
CA GLN C 249 59.82 18.19 15.37
C GLN C 249 59.90 16.66 15.35
N VAL C 250 59.08 16.00 14.52
CA VAL C 250 59.16 14.53 14.51
C VAL C 250 60.31 14.01 13.68
N LEU C 251 61.08 14.88 13.00
CA LEU C 251 62.12 14.41 12.09
C LEU C 251 63.44 13.99 12.73
N PRO C 252 64.02 14.75 13.65
CA PRO C 252 65.40 14.48 14.05
C PRO C 252 65.60 13.08 14.63
N GLU C 253 66.70 12.46 14.22
CA GLU C 253 67.05 11.14 14.75
C GLU C 253 67.42 11.23 16.23
N SER C 254 68.01 12.35 16.66
CA SER C 254 68.41 12.54 18.05
C SER C 254 68.39 14.03 18.37
N HIS C 255 68.76 14.38 19.61
CA HIS C 255 68.64 15.74 20.12
C HIS C 255 69.49 16.74 19.34
N LEU C 256 70.79 16.81 19.66
CA LEU C 256 71.64 17.83 19.05
C LEU C 256 71.71 17.70 17.53
N ALA C 257 71.28 16.55 16.98
CA ALA C 257 71.07 16.38 15.54
C ALA C 257 70.29 17.54 14.92
N ILE C 258 69.53 18.29 15.72
CA ILE C 258 68.87 19.51 15.28
C ILE C 258 69.88 20.63 15.03
N SER D 1 36.66 37.50 3.86
CA SER D 1 37.59 38.59 3.61
C SER D 1 38.94 38.06 3.20
N HIS D 2 39.51 37.25 4.09
CA HIS D 2 40.91 36.87 3.99
C HIS D 2 41.06 35.40 4.34
N MET D 3 41.66 34.64 3.42
CA MET D 3 41.98 33.24 3.65
C MET D 3 43.47 33.07 3.83
N PHE D 4 44.25 33.16 2.77
CA PHE D 4 45.70 33.09 2.89
C PHE D 4 46.29 34.39 2.36
N THR D 5 47.57 34.64 2.68
CA THR D 5 48.27 35.83 2.22
C THR D 5 48.58 35.68 0.73
N SER D 6 48.29 36.72 -0.05
CA SER D 6 48.48 36.62 -1.49
C SER D 6 49.93 36.27 -1.82
N LEU D 7 50.11 35.32 -2.73
CA LEU D 7 51.42 35.00 -3.25
C LEU D 7 51.73 35.78 -4.51
N GLU D 8 50.90 36.77 -4.83
CA GLU D 8 51.06 37.55 -6.05
C GLU D 8 52.46 38.13 -6.16
N GLY D 9 53.12 37.89 -7.29
CA GLY D 9 54.43 38.46 -7.56
C GLY D 9 55.61 37.62 -7.11
N ARG D 10 55.38 36.51 -6.41
CA ARG D 10 56.50 35.65 -6.11
C ARG D 10 56.90 34.87 -7.36
N SER D 11 58.05 34.20 -7.27
CA SER D 11 58.75 33.53 -8.36
C SER D 11 58.80 32.03 -8.10
N ALA D 12 58.46 31.22 -9.10
CA ALA D 12 58.48 29.77 -8.94
C ALA D 12 59.05 29.06 -10.15
N ILE D 13 59.58 27.86 -9.88
CA ILE D 13 60.02 26.90 -10.89
C ILE D 13 59.16 25.65 -10.71
N VAL D 14 58.68 25.10 -11.81
CA VAL D 14 57.98 23.82 -11.83
C VAL D 14 58.71 22.93 -12.83
N THR D 15 59.35 21.86 -12.36
CA THR D 15 59.98 20.95 -13.31
C THR D 15 58.93 20.02 -13.89
N GLY D 16 59.08 19.73 -15.17
CA GLY D 16 58.08 18.94 -15.87
C GLY D 16 56.70 19.58 -15.87
N GLY D 17 56.63 20.87 -16.16
CA GLY D 17 55.38 21.60 -16.16
C GLY D 17 54.71 21.78 -17.50
N SER D 18 55.19 21.11 -18.56
CA SER D 18 54.56 21.21 -19.87
C SER D 18 53.30 20.36 -19.99
N LYS D 19 53.14 19.36 -19.13
CA LYS D 19 52.06 18.40 -19.22
C LYS D 19 51.66 17.96 -17.82
N GLY D 20 50.46 17.40 -17.71
CA GLY D 20 50.09 16.65 -16.51
C GLY D 20 50.07 17.50 -15.25
N ILE D 21 50.53 16.89 -14.15
CA ILE D 21 50.48 17.52 -12.84
C ILE D 21 51.29 18.80 -12.82
N GLY D 22 52.48 18.77 -13.43
CA GLY D 22 53.33 19.95 -13.43
C GLY D 22 52.68 21.15 -14.11
N ARG D 23 51.95 20.90 -15.20
CA ARG D 23 51.20 21.99 -15.82
C ARG D 23 50.06 22.45 -14.91
N GLY D 24 49.39 21.52 -14.23
CA GLY D 24 48.36 21.91 -13.29
C GLY D 24 48.90 22.73 -12.14
N ILE D 25 50.08 22.36 -11.62
CA ILE D 25 50.72 23.16 -10.60
C ILE D 25 51.03 24.55 -11.14
N ALA D 26 51.65 24.61 -12.32
CA ALA D 26 52.02 25.90 -12.92
C ALA D 26 50.80 26.79 -13.10
N GLU D 27 49.71 26.24 -13.64
CA GLU D 27 48.51 27.02 -13.82
C GLU D 27 47.95 27.50 -12.48
N THR D 28 47.98 26.63 -11.46
CA THR D 28 47.45 27.01 -10.15
C THR D 28 48.23 28.17 -9.56
N PHE D 29 49.56 28.11 -9.61
CA PHE D 29 50.35 29.22 -9.09
C PHE D 29 50.20 30.47 -9.96
N ALA D 30 50.15 30.28 -11.28
CA ALA D 30 49.95 31.41 -12.20
C ALA D 30 48.64 32.14 -11.91
N ASN D 31 47.55 31.39 -11.68
CA ASN D 31 46.28 32.00 -11.33
C ASN D 31 46.35 32.74 -10.01
N ALA D 32 47.34 32.44 -9.16
CA ALA D 32 47.53 33.16 -7.91
C ALA D 32 48.46 34.35 -8.05
N GLY D 33 48.80 34.73 -9.28
CA GLY D 33 49.72 35.84 -9.48
C GLY D 33 51.18 35.47 -9.36
N VAL D 34 51.51 34.19 -9.17
CA VAL D 34 52.89 33.76 -9.16
C VAL D 34 53.39 33.68 -10.59
N ASP D 35 54.62 34.13 -10.82
CA ASP D 35 55.28 33.95 -12.10
C ASP D 35 56.01 32.62 -12.08
N VAL D 36 55.88 31.86 -13.16
CA VAL D 36 56.28 30.46 -13.16
C VAL D 36 57.14 30.19 -14.40
N VAL D 37 58.30 29.60 -14.16
CA VAL D 37 59.13 28.99 -15.19
C VAL D 37 58.87 27.48 -15.15
N ILE D 38 58.30 26.96 -16.23
CA ILE D 38 58.09 25.52 -16.38
C ILE D 38 59.26 24.96 -17.16
N THR D 39 59.66 23.74 -16.81
CA THR D 39 60.73 23.09 -17.56
C THR D 39 60.23 21.80 -18.20
N GLY D 40 61.02 21.32 -19.14
CA GLY D 40 60.78 20.06 -19.83
C GLY D 40 61.77 19.91 -20.96
N ARG D 41 61.71 18.73 -21.60
CA ARG D 41 62.68 18.40 -22.64
C ARG D 41 62.17 18.75 -24.04
N ASN D 42 60.87 18.75 -24.24
CA ASN D 42 60.28 18.93 -25.57
C ASN D 42 59.85 20.40 -25.73
N GLN D 43 60.50 21.13 -26.65
CA GLN D 43 60.25 22.56 -26.79
C GLN D 43 58.85 22.84 -27.31
N ASP D 44 58.38 22.01 -28.25
CA ASP D 44 57.01 22.17 -28.74
C ASP D 44 56.01 22.08 -27.61
N ASP D 45 56.16 21.07 -26.73
CA ASP D 45 55.26 20.91 -25.59
C ASP D 45 55.31 22.12 -24.67
N LEU D 46 56.52 22.64 -24.41
CA LEU D 46 56.67 23.84 -23.60
C LEU D 46 56.02 25.05 -24.27
N ASP D 47 56.27 25.22 -25.57
CA ASP D 47 55.69 26.37 -26.27
C ASP D 47 54.18 26.32 -26.26
N ARG D 48 53.60 25.14 -26.47
CA ARG D 48 52.16 25.01 -26.52
C ARG D 48 51.53 25.30 -25.15
N THR D 49 52.16 24.83 -24.07
CA THR D 49 51.59 25.10 -22.75
C THR D 49 51.73 26.56 -22.39
N VAL D 50 52.89 27.16 -22.69
CA VAL D 50 53.07 28.60 -22.48
C VAL D 50 52.00 29.38 -23.24
N ALA D 51 51.68 28.95 -24.46
CA ALA D 51 50.64 29.64 -25.21
C ALA D 51 49.26 29.36 -24.61
N ASP D 52 48.99 28.09 -24.25
CA ASP D 52 47.73 27.75 -23.59
C ASP D 52 47.47 28.61 -22.36
N LEU D 53 48.53 28.99 -21.64
CA LEU D 53 48.37 29.70 -20.38
C LEU D 53 48.61 31.19 -20.52
N SER D 54 48.56 31.70 -21.76
CA SER D 54 48.92 33.10 -22.00
C SER D 54 48.02 34.04 -21.21
N GLY D 55 46.75 33.70 -21.05
CA GLY D 55 45.83 34.57 -20.33
C GLY D 55 45.89 34.55 -18.80
N THR D 56 46.79 33.78 -18.18
CA THR D 56 46.82 33.76 -16.72
C THR D 56 47.43 35.05 -16.17
N ARG D 57 47.12 35.34 -14.89
CA ARG D 57 47.66 36.51 -14.22
C ARG D 57 49.17 36.41 -14.21
N GLY D 58 49.73 35.50 -13.41
CA GLY D 58 51.17 35.34 -13.38
C GLY D 58 51.70 34.93 -14.75
N LYS D 59 52.97 35.24 -15.00
CA LYS D 59 53.58 35.02 -16.32
C LYS D 59 54.26 33.65 -16.34
N VAL D 60 53.75 32.77 -17.20
CA VAL D 60 54.27 31.43 -17.37
C VAL D 60 55.17 31.41 -18.60
N THR D 61 56.46 31.23 -18.38
CA THR D 61 57.42 31.02 -19.45
C THR D 61 58.06 29.64 -19.28
N ALA D 62 58.82 29.24 -20.29
CA ALA D 62 59.38 27.90 -20.30
C ALA D 62 60.90 27.97 -20.34
N VAL D 63 61.52 26.93 -19.81
CA VAL D 63 62.95 26.70 -19.98
C VAL D 63 63.14 25.24 -20.35
N ARG D 64 63.71 25.00 -21.51
CA ARG D 64 63.99 23.63 -21.94
C ARG D 64 65.18 23.10 -21.16
N ALA D 65 64.99 22.00 -20.42
CA ALA D 65 66.01 21.56 -19.48
C ALA D 65 65.69 20.15 -19.01
N ASP D 66 66.75 19.35 -18.84
CA ASP D 66 66.65 17.97 -18.40
C ASP D 66 66.94 17.88 -16.90
N VAL D 67 65.97 17.38 -16.12
CA VAL D 67 66.18 17.32 -14.66
C VAL D 67 67.36 16.45 -14.30
N THR D 68 67.69 15.44 -15.13
CA THR D 68 68.80 14.55 -14.81
C THR D 68 70.15 15.24 -14.90
N ASP D 69 70.21 16.44 -15.50
CA ASP D 69 71.45 17.14 -15.79
C ASP D 69 71.61 18.29 -14.81
N PRO D 70 72.61 18.24 -13.91
CA PRO D 70 72.76 19.33 -12.94
C PRO D 70 73.06 20.68 -13.56
N GLU D 71 73.74 20.69 -14.72
CA GLU D 71 74.01 21.94 -15.40
C GLU D 71 72.72 22.60 -15.86
N ASP D 72 71.79 21.81 -16.40
CA ASP D 72 70.47 22.34 -16.73
C ASP D 72 69.78 22.91 -15.49
N ALA D 73 69.89 22.22 -14.34
CA ALA D 73 69.28 22.75 -13.12
C ALA D 73 69.85 24.12 -12.76
N ARG D 74 71.16 24.30 -12.92
CA ARG D 74 71.76 25.60 -12.63
C ARG D 74 71.25 26.66 -13.62
N ARG D 75 71.27 26.32 -14.92
CA ARG D 75 70.72 27.19 -15.95
C ARG D 75 69.26 27.55 -15.67
N THR D 76 68.46 26.58 -15.22
CA THR D 76 67.05 26.83 -14.97
C THR D 76 66.86 27.89 -13.88
N VAL D 77 67.60 27.74 -12.78
CA VAL D 77 67.53 28.70 -11.69
C VAL D 77 67.98 30.08 -12.14
N ALA D 78 69.07 30.17 -12.90
CA ALA D 78 69.59 31.49 -13.32
C ALA D 78 68.65 32.19 -14.28
N GLU D 79 68.13 31.46 -15.27
CA GLU D 79 67.12 32.05 -16.13
C GLU D 79 65.93 32.53 -15.31
N THR D 80 65.50 31.71 -14.34
CA THR D 80 64.37 32.11 -13.51
C THR D 80 64.70 33.35 -12.68
N VAL D 81 65.93 33.42 -12.16
CA VAL D 81 66.33 34.51 -11.28
C VAL D 81 66.54 35.79 -12.07
N SER D 82 66.78 35.68 -13.38
CA SER D 82 66.85 36.85 -14.26
C SER D 82 65.48 37.36 -14.71
N ARG D 83 64.54 36.44 -15.00
CA ARG D 83 63.24 36.84 -15.51
C ARG D 83 62.34 37.44 -14.43
N HIS D 84 62.33 36.83 -13.25
CA HIS D 84 61.40 37.16 -12.17
C HIS D 84 61.98 38.10 -11.13
N GLY D 85 63.30 38.20 -11.04
CA GLY D 85 63.95 38.94 -9.98
C GLY D 85 64.16 38.20 -8.68
N GLY D 86 64.17 36.87 -8.71
CA GLY D 86 64.31 36.10 -7.49
C GLY D 86 63.72 34.71 -7.68
N LEU D 87 63.68 33.97 -6.58
CA LEU D 87 63.12 32.62 -6.62
C LEU D 87 62.58 32.28 -5.24
N ASP D 88 61.27 32.02 -5.18
CA ASP D 88 60.63 31.77 -3.90
C ASP D 88 60.09 30.35 -3.73
N ILE D 89 59.74 29.66 -4.82
CA ILE D 89 59.04 28.38 -4.77
C ILE D 89 59.66 27.44 -5.80
N VAL D 90 60.01 26.23 -5.38
CA VAL D 90 60.51 25.23 -6.32
C VAL D 90 59.63 24.01 -6.19
N CYS D 91 58.95 23.64 -7.28
CA CYS D 91 58.18 22.40 -7.35
C CYS D 91 59.02 21.39 -8.11
N ALA D 92 59.69 20.54 -7.36
CA ALA D 92 60.40 19.39 -7.90
C ALA D 92 59.37 18.35 -8.29
N ASN D 93 58.91 18.41 -9.54
CA ASN D 93 57.76 17.62 -9.99
C ASN D 93 58.06 16.59 -11.07
N ALA D 94 58.98 16.88 -12.00
CA ALA D 94 59.26 15.99 -13.12
C ALA D 94 59.44 14.54 -12.67
N GLY D 95 58.75 13.63 -13.35
CA GLY D 95 59.00 12.22 -13.15
C GLY D 95 58.37 11.36 -14.22
N ILE D 96 58.83 10.12 -14.28
CA ILE D 96 58.40 9.14 -15.27
C ILE D 96 58.08 7.84 -14.53
N PHE D 97 57.12 7.08 -15.07
CA PHE D 97 56.74 5.81 -14.44
C PHE D 97 56.53 4.74 -15.50
N PRO D 98 57.58 4.42 -16.27
CA PRO D 98 57.50 3.24 -17.14
C PRO D 98 57.32 2.01 -16.26
N SER D 99 56.87 0.92 -16.86
CA SER D 99 56.50 -0.26 -16.08
C SER D 99 57.36 -1.44 -16.53
N GLY D 100 57.91 -2.17 -15.57
CA GLY D 100 58.66 -3.36 -15.92
C GLY D 100 58.75 -4.32 -14.75
N ARG D 101 58.58 -5.61 -15.03
CA ARG D 101 58.70 -6.60 -13.96
C ARG D 101 60.12 -6.60 -13.41
N LEU D 102 60.25 -6.93 -12.12
CA LEU D 102 61.54 -6.92 -11.46
C LEU D 102 62.61 -7.71 -12.24
N GLU D 103 62.26 -8.88 -12.73
CA GLU D 103 63.25 -9.67 -13.48
C GLU D 103 63.57 -9.09 -14.86
N ASP D 104 62.83 -8.09 -15.33
CA ASP D 104 63.17 -7.46 -16.61
C ASP D 104 63.86 -6.12 -16.47
N LEU D 105 63.97 -5.57 -15.27
CA LEU D 105 64.54 -4.24 -15.13
C LEU D 105 66.03 -4.27 -15.35
N THR D 106 66.50 -3.50 -16.36
CA THR D 106 67.92 -3.37 -16.62
C THR D 106 68.51 -2.26 -15.76
N PRO D 107 69.84 -2.24 -15.62
CA PRO D 107 70.49 -1.09 -14.96
C PRO D 107 70.06 0.25 -15.55
N ASP D 108 69.85 0.31 -16.87
CA ASP D 108 69.38 1.53 -17.54
C ASP D 108 67.96 1.88 -17.14
N ASP D 109 67.06 0.88 -17.12
CA ASP D 109 65.70 1.12 -16.65
C ASP D 109 65.70 1.76 -15.27
N ILE D 110 66.53 1.21 -14.37
CA ILE D 110 66.52 1.66 -12.99
C ILE D 110 67.15 3.05 -12.89
N GLU D 111 68.24 3.28 -13.63
CA GLU D 111 68.89 4.59 -13.53
C GLU D 111 68.07 5.68 -14.20
N GLN D 112 67.37 5.36 -15.28
CA GLN D 112 66.48 6.35 -15.92
C GLN D 112 65.43 6.85 -14.94
N VAL D 113 64.79 5.93 -14.22
CA VAL D 113 63.71 6.30 -13.32
C VAL D 113 64.27 6.98 -12.07
N LEU D 114 65.32 6.40 -11.47
CA LEU D 114 65.92 7.02 -10.30
C LEU D 114 66.50 8.40 -10.63
N GLY D 115 67.09 8.55 -11.81
CA GLY D 115 67.67 9.84 -12.19
C GLY D 115 66.63 10.93 -12.38
N VAL D 116 65.59 10.65 -13.17
CA VAL D 116 64.55 11.65 -13.40
C VAL D 116 63.83 11.95 -12.09
N ASN D 117 63.37 10.90 -11.40
CA ASN D 117 62.41 11.11 -10.32
C ASN D 117 63.07 11.54 -9.01
N PHE D 118 64.25 11.02 -8.72
CA PHE D 118 64.89 11.34 -7.46
C PHE D 118 66.09 12.25 -7.64
N LYS D 119 67.01 11.87 -8.55
CA LYS D 119 68.17 12.72 -8.76
C LYS D 119 67.75 14.08 -9.28
N GLY D 120 66.72 14.13 -10.12
CA GLY D 120 66.25 15.40 -10.66
C GLY D 120 65.59 16.28 -9.64
N THR D 121 65.05 15.70 -8.57
CA THR D 121 64.54 16.49 -7.45
C THR D 121 65.69 17.09 -6.63
N VAL D 122 66.70 16.26 -6.30
CA VAL D 122 67.87 16.74 -5.56
C VAL D 122 68.55 17.90 -6.30
N TYR D 123 68.81 17.72 -7.60
CA TYR D 123 69.61 18.69 -8.35
C TYR D 123 68.91 20.03 -8.46
N ILE D 124 67.57 20.03 -8.61
CA ILE D 124 66.89 21.32 -8.70
C ILE D 124 66.88 22.00 -7.34
N VAL D 125 66.78 21.22 -6.26
CA VAL D 125 66.81 21.80 -4.91
C VAL D 125 68.18 22.37 -4.62
N GLN D 126 69.25 21.61 -4.95
CA GLN D 126 70.60 22.10 -4.73
C GLN D 126 70.86 23.37 -5.52
N ALA D 127 70.38 23.43 -6.76
CA ALA D 127 70.62 24.60 -7.59
C ALA D 127 69.88 25.83 -7.06
N ALA D 128 68.72 25.63 -6.44
CA ALA D 128 67.88 26.73 -5.98
C ALA D 128 68.21 27.20 -4.56
N LEU D 129 69.10 26.50 -3.85
CA LEU D 129 69.29 26.76 -2.43
C LEU D 129 69.59 28.22 -2.14
N GLN D 130 70.52 28.80 -2.89
CA GLN D 130 70.95 30.17 -2.62
C GLN D 130 69.85 31.18 -2.88
N ALA D 131 69.13 31.04 -4.01
CA ALA D 131 68.04 31.96 -4.31
C ALA D 131 66.87 31.78 -3.34
N LEU D 132 66.57 30.53 -2.97
CA LEU D 132 65.54 30.29 -1.99
C LEU D 132 65.91 30.90 -0.64
N THR D 133 67.17 30.77 -0.25
CA THR D 133 67.58 31.33 1.03
C THR D 133 67.41 32.84 1.05
N ALA D 134 67.81 33.50 -0.04
CA ALA D 134 67.67 34.95 -0.13
C ALA D 134 66.21 35.39 -0.14
N SER D 135 65.29 34.54 -0.55
CA SER D 135 63.86 34.89 -0.49
C SER D 135 63.41 35.12 0.93
N GLY D 136 64.01 34.44 1.90
CA GLY D 136 63.56 34.52 3.28
C GLY D 136 62.28 33.79 3.58
N HIS D 137 61.54 33.33 2.58
CA HIS D 137 60.37 32.47 2.80
C HIS D 137 60.37 31.31 1.80
N GLY D 138 61.54 30.69 1.62
CA GLY D 138 61.65 29.67 0.59
C GLY D 138 60.76 28.47 0.82
N ARG D 139 60.26 27.92 -0.29
CA ARG D 139 59.33 26.80 -0.30
C ARG D 139 59.72 25.78 -1.36
N VAL D 140 59.86 24.51 -0.97
CA VAL D 140 60.06 23.44 -1.94
C VAL D 140 58.93 22.45 -1.78
N VAL D 141 58.28 22.13 -2.88
CA VAL D 141 57.21 21.13 -2.91
C VAL D 141 57.66 20.03 -3.84
N VAL D 142 57.68 18.79 -3.34
CA VAL D 142 58.13 17.62 -4.10
C VAL D 142 56.89 16.85 -4.54
N THR D 143 56.84 16.45 -5.81
CA THR D 143 55.77 15.57 -6.24
C THR D 143 56.24 14.15 -6.06
N SER D 144 55.79 13.53 -4.97
CA SER D 144 56.09 12.12 -4.73
C SER D 144 54.91 11.30 -5.23
N SER D 145 54.50 10.26 -4.50
CA SER D 145 53.36 9.43 -4.91
C SER D 145 52.99 8.54 -3.72
N ILE D 146 51.77 8.01 -3.73
CA ILE D 146 51.46 6.96 -2.77
C ILE D 146 52.26 5.70 -3.11
N THR D 147 52.63 5.54 -4.39
CA THR D 147 53.33 4.35 -4.89
C THR D 147 54.77 4.42 -4.43
N GLY D 148 55.17 3.48 -3.57
CA GLY D 148 56.50 3.50 -3.00
C GLY D 148 56.46 3.75 -1.50
N PRO D 149 56.19 4.99 -1.10
CA PRO D 149 56.06 5.26 0.35
C PRO D 149 54.94 4.47 0.99
N ILE D 150 53.89 4.15 0.25
CA ILE D 150 52.73 3.51 0.86
C ILE D 150 52.39 2.22 0.12
N THR D 151 52.20 2.27 -1.20
CA THR D 151 51.66 1.13 -1.92
C THR D 151 52.70 0.45 -2.81
N GLY D 152 52.31 -0.70 -3.32
CA GLY D 152 53.07 -1.34 -4.36
C GLY D 152 52.17 -1.65 -5.54
N TYR D 153 52.78 -1.84 -6.69
CA TYR D 153 52.02 -2.12 -7.90
C TYR D 153 52.97 -2.83 -8.84
N PRO D 154 52.62 -4.01 -9.34
CA PRO D 154 53.58 -4.80 -10.12
C PRO D 154 54.07 -4.00 -11.31
N GLY D 155 55.38 -4.01 -11.50
CA GLY D 155 56.02 -3.27 -12.57
C GLY D 155 56.59 -1.93 -12.15
N TRP D 156 56.32 -1.47 -10.92
CA TRP D 156 56.78 -0.17 -10.46
C TRP D 156 57.74 -0.26 -9.28
N SER D 157 58.52 -1.35 -9.17
CA SER D 157 59.40 -1.44 -8.02
C SER D 157 60.50 -0.39 -8.05
N HIS D 158 60.96 -0.01 -9.25
CA HIS D 158 61.92 1.08 -9.38
C HIS D 158 61.27 2.44 -9.25
N TYR D 159 60.06 2.60 -9.80
CA TYR D 159 59.30 3.84 -9.60
C TYR D 159 59.00 4.06 -8.12
N GLY D 160 58.41 3.06 -7.46
CA GLY D 160 58.13 3.21 -6.03
C GLY D 160 59.39 3.55 -5.25
N ALA D 161 60.50 2.91 -5.58
CA ALA D 161 61.76 3.23 -4.91
C ALA D 161 62.12 4.70 -5.05
N SER D 162 61.91 5.27 -6.24
CA SER D 162 62.32 6.66 -6.46
C SER D 162 61.42 7.63 -5.70
N LYS D 163 60.12 7.31 -5.62
CA LYS D 163 59.18 8.15 -4.91
C LYS D 163 59.44 8.16 -3.42
N ALA D 164 59.81 6.99 -2.88
CA ALA D 164 60.17 6.92 -1.47
C ALA D 164 61.53 7.54 -1.26
N ALA D 165 62.44 7.38 -2.22
CA ALA D 165 63.72 8.07 -2.12
C ALA D 165 63.53 9.59 -1.96
N GLN D 166 62.59 10.18 -2.71
CA GLN D 166 62.32 11.61 -2.56
C GLN D 166 62.01 11.95 -1.10
N LEU D 167 61.26 11.08 -0.43
CA LEU D 167 60.82 11.36 0.94
C LEU D 167 61.96 11.14 1.93
N GLY D 168 62.74 10.08 1.78
CA GLY D 168 63.92 9.92 2.62
C GLY D 168 64.85 11.11 2.53
N PHE D 169 65.04 11.62 1.31
CA PHE D 169 65.86 12.82 1.09
C PHE D 169 65.27 14.02 1.83
N LEU D 170 63.96 14.25 1.70
CA LEU D 170 63.42 15.48 2.24
C LEU D 170 63.31 15.46 3.76
N ARG D 171 63.23 14.29 4.40
CA ARG D 171 63.16 14.31 5.85
C ARG D 171 64.46 14.82 6.47
N THR D 172 65.59 14.57 5.81
CA THR D 172 66.84 15.22 6.22
C THR D 172 66.93 16.64 5.64
N ALA D 173 66.57 16.82 4.38
CA ALA D 173 66.66 18.17 3.78
C ALA D 173 65.88 19.19 4.59
N ALA D 174 64.73 18.80 5.14
CA ALA D 174 63.96 19.76 5.92
C ALA D 174 64.76 20.26 7.11
N MET D 175 65.58 19.41 7.71
CA MET D 175 66.38 19.84 8.85
C MET D 175 67.50 20.77 8.41
N GLU D 176 68.21 20.44 7.33
CA GLU D 176 69.25 21.34 6.82
C GLU D 176 68.69 22.65 6.31
N LEU D 177 67.47 22.66 5.80
CA LEU D 177 66.91 23.89 5.24
C LEU D 177 66.23 24.77 6.27
N ALA D 178 65.94 24.24 7.46
CA ALA D 178 65.24 25.04 8.47
C ALA D 178 65.98 26.32 8.83
N PRO D 179 67.30 26.33 9.03
CA PRO D 179 67.97 27.60 9.37
C PRO D 179 67.94 28.61 8.26
N LYS D 180 67.70 28.18 7.02
CA LYS D 180 67.59 29.09 5.88
C LYS D 180 66.15 29.56 5.67
N LYS D 181 65.20 29.12 6.52
CA LYS D 181 63.79 29.51 6.43
C LYS D 181 63.12 28.94 5.19
N ILE D 182 63.63 27.81 4.70
CA ILE D 182 63.03 27.08 3.58
C ILE D 182 62.31 25.87 4.13
N THR D 183 61.03 25.70 3.79
CA THR D 183 60.39 24.44 4.11
C THR D 183 60.39 23.53 2.88
N ILE D 184 60.36 22.22 3.12
CA ILE D 184 60.25 21.28 2.02
C ILE D 184 59.25 20.22 2.41
N ASN D 185 58.23 20.03 1.59
CA ASN D 185 57.17 19.07 1.84
C ASN D 185 56.89 18.36 0.53
N ALA D 186 56.19 17.23 0.60
CA ALA D 186 55.81 16.53 -0.61
C ALA D 186 54.30 16.36 -0.66
N VAL D 187 53.75 16.44 -1.87
CA VAL D 187 52.41 15.97 -2.15
C VAL D 187 52.54 14.54 -2.66
N LEU D 188 51.70 13.66 -2.14
CA LEU D 188 51.69 12.26 -2.56
C LEU D 188 50.38 12.00 -3.29
N PRO D 189 50.29 12.30 -4.58
CA PRO D 189 49.04 12.04 -5.30
C PRO D 189 48.79 10.54 -5.36
N GLY D 190 47.51 10.17 -5.42
CA GLY D 190 47.15 8.79 -5.68
C GLY D 190 47.17 8.51 -7.18
N ASN D 191 46.01 8.63 -7.83
CA ASN D 191 45.93 8.47 -9.28
C ASN D 191 45.20 9.68 -9.86
N ILE D 192 45.88 10.37 -10.78
CA ILE D 192 45.47 11.67 -11.28
C ILE D 192 45.44 11.62 -12.81
N MET D 193 44.32 12.05 -13.41
CA MET D 193 44.19 12.13 -14.87
C MET D 193 45.28 13.03 -15.46
N THR D 194 46.22 12.44 -16.20
CA THR D 194 47.30 13.16 -16.87
C THR D 194 47.62 12.45 -18.18
N GLU D 195 48.43 13.10 -19.02
CA GLU D 195 48.88 12.46 -20.26
C GLU D 195 49.77 11.24 -19.95
N GLY D 196 50.62 11.35 -18.92
CA GLY D 196 51.47 10.22 -18.54
C GLY D 196 50.64 9.06 -18.04
N LEU D 197 49.67 9.33 -17.16
CA LEU D 197 48.81 8.26 -16.68
C LEU D 197 47.99 7.64 -17.80
N ASP D 198 47.77 8.39 -18.89
CA ASP D 198 47.03 7.85 -20.02
C ASP D 198 47.78 6.69 -20.68
N GLU D 199 49.12 6.72 -20.65
CA GLU D 199 49.87 5.67 -21.32
C GLU D 199 49.75 4.34 -20.61
N MET D 200 49.18 4.30 -19.40
CA MET D 200 48.94 3.04 -18.72
C MET D 200 47.75 2.26 -19.29
N GLY D 201 46.89 2.92 -20.08
CA GLY D 201 45.81 2.23 -20.75
C GLY D 201 44.51 2.25 -19.96
N GLN D 202 43.42 1.94 -20.66
CA GLN D 202 42.08 2.05 -20.08
C GLN D 202 41.87 1.08 -18.93
N ASP D 203 42.44 -0.13 -19.02
CA ASP D 203 42.23 -1.12 -17.96
C ASP D 203 42.82 -0.64 -16.64
N TYR D 204 44.00 -0.02 -16.70
CA TYR D 204 44.60 0.55 -15.51
C TYR D 204 43.71 1.64 -14.90
N LEU D 205 43.18 2.54 -15.75
CA LEU D 205 42.39 3.65 -15.24
C LEU D 205 41.08 3.15 -14.62
N ASP D 206 40.41 2.21 -15.29
CA ASP D 206 39.22 1.60 -14.71
C ASP D 206 39.52 0.91 -13.39
N GLN D 207 40.62 0.16 -13.34
CA GLN D 207 41.00 -0.55 -12.12
C GLN D 207 41.21 0.44 -10.97
N MET D 208 41.91 1.53 -11.23
CA MET D 208 42.24 2.46 -10.16
C MET D 208 40.99 3.23 -9.72
N ALA D 209 40.14 3.64 -10.67
CA ALA D 209 38.92 4.38 -10.32
C ALA D 209 38.06 3.58 -9.33
N SER D 210 37.91 2.28 -9.55
CA SER D 210 37.09 1.47 -8.67
C SER D 210 37.71 1.29 -7.29
N ALA D 211 38.99 1.62 -7.13
CA ALA D 211 39.68 1.48 -5.85
C ALA D 211 39.58 2.73 -4.98
N ILE D 212 38.92 3.78 -5.44
CA ILE D 212 39.00 5.11 -4.86
C ILE D 212 37.66 5.42 -4.18
N PRO D 213 37.62 5.57 -2.86
CA PRO D 213 36.33 5.86 -2.20
C PRO D 213 35.64 7.11 -2.72
N ALA D 214 36.38 8.18 -3.02
CA ALA D 214 35.75 9.35 -3.60
C ALA D 214 35.14 9.09 -4.98
N GLY D 215 35.45 7.95 -5.60
CA GLY D 215 34.76 7.54 -6.80
C GLY D 215 35.24 8.17 -8.08
N ARG D 216 36.49 8.62 -8.14
CA ARG D 216 37.00 9.25 -9.36
C ARG D 216 38.52 9.34 -9.24
N LEU D 217 39.15 9.41 -10.40
CA LEU D 217 40.55 9.80 -10.47
C LEU D 217 40.65 11.28 -10.11
N GLY D 218 41.77 11.67 -9.50
CA GLY D 218 41.96 13.06 -9.18
C GLY D 218 42.27 13.90 -10.41
N SER D 219 42.30 15.21 -10.21
CA SER D 219 42.62 16.15 -11.28
C SER D 219 43.96 16.80 -10.99
N VAL D 220 44.52 17.45 -12.03
CA VAL D 220 45.80 18.10 -11.82
C VAL D 220 45.65 19.29 -10.88
N ALA D 221 44.46 19.89 -10.83
CA ALA D 221 44.21 21.00 -9.90
C ALA D 221 44.31 20.55 -8.46
N ASP D 222 43.80 19.35 -8.17
CA ASP D 222 43.93 18.78 -6.82
C ASP D 222 45.36 18.84 -6.32
N ILE D 223 46.32 18.47 -7.17
CA ILE D 223 47.71 18.51 -6.74
C ILE D 223 48.22 19.94 -6.71
N GLY D 224 47.86 20.75 -7.70
CA GLY D 224 48.29 22.15 -7.68
C GLY D 224 47.86 22.87 -6.43
N ASN D 225 46.59 22.71 -6.05
CA ASN D 225 46.08 23.38 -4.85
C ASN D 225 46.76 22.91 -3.57
N ALA D 226 47.18 21.63 -3.51
CA ALA D 226 47.95 21.20 -2.35
C ALA D 226 49.33 21.84 -2.33
N ALA D 227 50.01 21.90 -3.48
CA ALA D 227 51.29 22.58 -3.54
C ALA D 227 51.16 24.06 -3.19
N LEU D 228 50.07 24.68 -3.64
CA LEU D 228 49.78 26.07 -3.28
C LEU D 228 49.72 26.26 -1.77
N PHE D 229 49.09 25.35 -1.03
CA PHE D 229 49.02 25.50 0.41
C PHE D 229 50.41 25.50 1.02
N PHE D 230 51.23 24.51 0.65
CA PHE D 230 52.59 24.41 1.18
C PHE D 230 53.36 25.69 0.94
N ALA D 231 53.13 26.34 -0.21
CA ALA D 231 53.88 27.53 -0.54
C ALA D 231 53.42 28.78 0.20
N THR D 232 52.28 28.77 0.89
CA THR D 232 51.82 29.97 1.59
C THR D 232 52.73 30.32 2.77
N ASP D 233 52.77 31.61 3.11
CA ASP D 233 53.40 32.01 4.37
C ASP D 233 52.77 31.27 5.55
N GLU D 234 51.46 31.05 5.49
CA GLU D 234 50.70 30.43 6.56
C GLU D 234 51.10 28.97 6.81
N ALA D 235 51.90 28.38 5.93
CA ALA D 235 52.42 27.02 6.11
C ALA D 235 53.88 27.02 6.53
N ALA D 236 54.37 28.16 7.06
CA ALA D 236 55.76 28.27 7.49
C ALA D 236 56.15 27.22 8.54
N TYR D 237 55.20 26.75 9.33
CA TYR D 237 55.52 25.79 10.39
C TYR D 237 55.37 24.34 9.96
N VAL D 238 55.24 24.08 8.65
CA VAL D 238 55.10 22.75 8.10
C VAL D 238 56.34 22.44 7.28
N THR D 239 57.14 21.46 7.71
CA THR D 239 58.31 21.07 6.92
C THR D 239 58.64 19.59 7.16
N GLY D 240 59.22 18.96 6.13
CA GLY D 240 59.57 17.54 6.24
C GLY D 240 58.40 16.60 6.14
N GLN D 241 57.26 17.09 5.68
CA GLN D 241 55.99 16.40 5.82
C GLN D 241 55.37 16.07 4.47
N THR D 242 54.33 15.25 4.55
CA THR D 242 53.68 14.71 3.37
C THR D 242 52.17 14.99 3.45
N LEU D 243 51.54 15.05 2.30
CA LEU D 243 50.08 15.14 2.20
C LEU D 243 49.63 14.23 1.08
N VAL D 244 48.82 13.24 1.42
CA VAL D 244 48.32 12.28 0.45
C VAL D 244 47.04 12.84 -0.15
N VAL D 245 47.02 13.00 -1.47
CA VAL D 245 45.87 13.56 -2.19
C VAL D 245 45.37 12.44 -3.10
N ASP D 246 44.41 11.66 -2.60
CA ASP D 246 44.10 10.42 -3.29
C ASP D 246 42.64 10.00 -3.21
N GLY D 247 41.72 10.89 -2.83
CA GLY D 247 40.32 10.53 -2.72
C GLY D 247 40.05 9.39 -1.75
N GLY D 248 41.01 9.10 -0.86
CA GLY D 248 40.90 7.99 0.08
C GLY D 248 41.46 6.68 -0.42
N GLN D 249 42.20 6.68 -1.54
CA GLN D 249 42.59 5.43 -2.20
C GLN D 249 43.36 4.49 -1.27
N VAL D 250 44.25 5.02 -0.43
CA VAL D 250 45.10 4.14 0.38
C VAL D 250 44.43 3.60 1.64
N LEU D 251 43.15 3.91 1.87
CA LEU D 251 42.47 3.55 3.11
C LEU D 251 41.87 2.15 3.08
N PRO D 252 41.19 1.71 2.03
CA PRO D 252 40.38 0.49 2.14
C PRO D 252 41.21 -0.75 2.47
N GLU D 253 40.71 -1.52 3.42
CA GLU D 253 41.32 -2.81 3.73
C GLU D 253 41.25 -3.75 2.54
N SER D 254 40.10 -3.80 1.88
CA SER D 254 39.94 -4.60 0.67
C SER D 254 38.91 -3.96 -0.25
N HIS D 255 38.18 -4.76 -1.05
CA HIS D 255 37.27 -4.21 -2.05
C HIS D 255 35.79 -4.48 -1.74
N LEU D 256 35.43 -4.72 -0.46
CA LEU D 256 34.10 -4.38 0.05
C LEU D 256 34.18 -3.26 1.07
N ALA D 257 35.35 -3.02 1.64
CA ALA D 257 35.62 -1.71 2.20
C ALA D 257 35.02 -0.66 1.25
N ILE D 258 35.39 -0.73 -0.04
CA ILE D 258 34.72 0.09 -1.04
C ILE D 258 33.29 -0.40 -1.26
N ALA D 259 33.14 -1.70 -1.55
CA ALA D 259 31.85 -2.29 -1.92
C ALA D 259 31.05 -2.79 -0.72
N SER E 1 -80.54 -20.78 18.03
CA SER E 1 -79.50 -19.93 17.47
C SER E 1 -78.87 -20.59 16.26
N HIS E 2 -78.73 -19.82 15.18
CA HIS E 2 -78.10 -20.32 13.96
C HIS E 2 -77.14 -19.26 13.46
N MET E 3 -75.84 -19.59 13.47
CA MET E 3 -74.89 -18.71 12.81
C MET E 3 -74.65 -19.26 11.41
N PHE E 4 -73.73 -20.20 11.24
CA PHE E 4 -73.44 -20.74 9.93
C PHE E 4 -73.88 -22.20 9.86
N THR E 5 -74.11 -22.70 8.64
CA THR E 5 -74.51 -24.11 8.50
C THR E 5 -73.35 -25.02 8.88
N SER E 6 -73.64 -26.07 9.64
CA SER E 6 -72.58 -26.94 10.13
C SER E 6 -71.79 -27.54 8.98
N LEU E 7 -70.47 -27.56 9.12
CA LEU E 7 -69.58 -28.21 8.18
C LEU E 7 -69.32 -29.67 8.55
N GLU E 8 -69.87 -30.12 9.67
CA GLU E 8 -69.69 -31.49 10.15
C GLU E 8 -69.83 -32.50 9.00
N GLY E 9 -68.84 -33.40 8.90
CA GLY E 9 -68.89 -34.48 7.94
C GLY E 9 -68.17 -34.19 6.65
N ARG E 10 -67.88 -32.92 6.37
CA ARG E 10 -67.16 -32.57 5.17
C ARG E 10 -65.70 -32.98 5.30
N SER E 11 -65.01 -32.89 4.17
CA SER E 11 -63.66 -33.42 4.00
C SER E 11 -62.73 -32.29 3.60
N ALA E 12 -61.56 -32.24 4.20
CA ALA E 12 -60.61 -31.18 3.96
C ALA E 12 -59.20 -31.73 3.90
N ILE E 13 -58.37 -31.05 3.11
CA ILE E 13 -56.92 -31.19 3.13
C ILE E 13 -56.36 -29.87 3.64
N VAL E 14 -55.32 -29.96 4.47
CA VAL E 14 -54.53 -28.79 4.83
C VAL E 14 -53.08 -29.13 4.53
N THR E 15 -52.50 -28.49 3.50
CA THR E 15 -51.08 -28.73 3.26
C THR E 15 -50.27 -28.00 4.32
N GLY E 16 -49.14 -28.58 4.68
CA GLY E 16 -48.35 -28.10 5.80
C GLY E 16 -49.13 -27.93 7.10
N GLY E 17 -49.85 -28.97 7.49
CA GLY E 17 -50.72 -28.90 8.64
C GLY E 17 -50.16 -29.48 9.91
N SER E 18 -48.88 -29.88 9.92
CA SER E 18 -48.31 -30.48 11.13
C SER E 18 -47.86 -29.42 12.14
N LYS E 19 -47.64 -28.19 11.71
CA LYS E 19 -47.13 -27.14 12.59
C LYS E 19 -47.78 -25.81 12.25
N GLY E 20 -47.62 -24.85 13.17
CA GLY E 20 -48.00 -23.47 12.95
C GLY E 20 -49.42 -23.25 12.46
N ILE E 21 -49.53 -22.40 11.43
CA ILE E 21 -50.84 -21.92 10.98
C ILE E 21 -51.68 -23.07 10.43
N GLY E 22 -51.08 -23.96 9.65
CA GLY E 22 -51.82 -25.09 9.11
C GLY E 22 -52.34 -26.04 10.18
N ARG E 23 -51.58 -26.21 11.27
CA ARG E 23 -52.13 -26.96 12.39
C ARG E 23 -53.30 -26.22 13.01
N GLY E 24 -53.20 -24.90 13.18
CA GLY E 24 -54.33 -24.14 13.69
C GLY E 24 -55.53 -24.21 12.76
N ILE E 25 -55.28 -24.18 11.45
CA ILE E 25 -56.37 -24.36 10.49
C ILE E 25 -57.00 -25.74 10.64
N ALA E 26 -56.17 -26.78 10.66
CA ALA E 26 -56.71 -28.15 10.81
C ALA E 26 -57.49 -28.32 12.11
N GLU E 27 -56.92 -27.86 13.22
CA GLU E 27 -57.66 -27.94 14.49
C GLU E 27 -58.98 -27.18 14.42
N THR E 28 -58.98 -26.00 13.77
CA THR E 28 -60.23 -25.25 13.66
C THR E 28 -61.27 -26.02 12.86
N PHE E 29 -60.87 -26.58 11.72
CA PHE E 29 -61.81 -27.40 10.95
C PHE E 29 -62.21 -28.65 11.72
N ALA E 30 -61.23 -29.28 12.37
CA ALA E 30 -61.55 -30.48 13.14
C ALA E 30 -62.61 -30.20 14.20
N ASN E 31 -62.44 -29.11 14.97
CA ASN E 31 -63.42 -28.75 16.00
C ASN E 31 -64.81 -28.58 15.41
N ALA E 32 -64.89 -28.17 14.15
CA ALA E 32 -66.16 -28.00 13.45
C ALA E 32 -66.70 -29.30 12.87
N GLY E 33 -66.08 -30.44 13.15
CA GLY E 33 -66.57 -31.71 12.67
C GLY E 33 -66.10 -32.10 11.28
N VAL E 34 -65.23 -31.29 10.67
CA VAL E 34 -64.65 -31.62 9.38
C VAL E 34 -63.52 -32.60 9.59
N ASP E 35 -63.51 -33.68 8.81
CA ASP E 35 -62.39 -34.60 8.80
C ASP E 35 -61.23 -34.02 8.00
N VAL E 36 -60.03 -34.08 8.55
CA VAL E 36 -58.92 -33.34 7.95
C VAL E 36 -57.72 -34.25 7.74
N VAL E 37 -57.23 -34.27 6.51
CA VAL E 37 -55.91 -34.79 6.19
C VAL E 37 -54.93 -33.63 6.18
N ILE E 38 -53.89 -33.73 7.01
CA ILE E 38 -52.80 -32.76 7.01
C ILE E 38 -51.60 -33.39 6.31
N THR E 39 -50.80 -32.55 5.64
CA THR E 39 -49.60 -33.02 5.01
C THR E 39 -48.37 -32.36 5.62
N GLY E 40 -47.22 -32.94 5.32
CA GLY E 40 -45.95 -32.47 5.80
C GLY E 40 -44.90 -33.47 5.36
N ARG E 41 -43.64 -33.05 5.46
CA ARG E 41 -42.54 -33.93 5.08
C ARG E 41 -42.04 -34.77 6.24
N ASN E 42 -42.14 -34.24 7.46
CA ASN E 42 -41.63 -34.90 8.65
C ASN E 42 -42.74 -35.76 9.25
N GLN E 43 -42.60 -37.09 9.18
CA GLN E 43 -43.62 -37.95 9.74
C GLN E 43 -43.73 -37.79 11.25
N ASP E 44 -42.61 -37.55 11.94
CA ASP E 44 -42.66 -37.40 13.39
C ASP E 44 -43.54 -36.23 13.79
N ASP E 45 -43.44 -35.10 13.07
CA ASP E 45 -44.31 -33.98 13.35
C ASP E 45 -45.75 -34.30 12.98
N LEU E 46 -45.95 -35.04 11.88
CA LEU E 46 -47.31 -35.43 11.50
C LEU E 46 -47.95 -36.30 12.55
N ASP E 47 -47.27 -37.36 12.98
CA ASP E 47 -47.87 -38.25 13.99
C ASP E 47 -48.14 -37.52 15.29
N ARG E 48 -47.25 -36.61 15.69
CA ARG E 48 -47.44 -35.90 16.96
C ARG E 48 -48.68 -35.02 16.92
N THR E 49 -48.95 -34.39 15.78
CA THR E 49 -50.14 -33.57 15.67
C THR E 49 -51.40 -34.42 15.59
N VAL E 50 -51.32 -35.53 14.84
CA VAL E 50 -52.46 -36.44 14.76
C VAL E 50 -52.84 -36.91 16.17
N ALA E 51 -51.85 -37.11 17.02
CA ALA E 51 -52.12 -37.59 18.38
C ALA E 51 -52.62 -36.45 19.25
N ASP E 52 -52.03 -35.26 19.12
CA ASP E 52 -52.50 -34.11 19.89
C ASP E 52 -53.99 -33.87 19.66
N LEU E 53 -54.43 -34.01 18.42
CA LEU E 53 -55.80 -33.69 18.06
C LEU E 53 -56.72 -34.90 18.11
N SER E 54 -56.30 -35.98 18.77
CA SER E 54 -57.04 -37.24 18.68
C SER E 54 -58.46 -37.14 19.22
N GLY E 55 -58.71 -36.26 20.18
CA GLY E 55 -60.10 -36.13 20.62
C GLY E 55 -60.98 -35.11 19.93
N THR E 56 -60.62 -34.65 18.72
CA THR E 56 -61.47 -33.67 18.07
C THR E 56 -62.68 -34.35 17.44
N ARG E 57 -63.76 -33.58 17.28
CA ARG E 57 -64.98 -34.13 16.72
C ARG E 57 -64.75 -34.63 15.30
N GLY E 58 -64.27 -33.77 14.41
CA GLY E 58 -63.74 -34.23 13.14
C GLY E 58 -62.39 -34.87 13.33
N LYS E 59 -62.06 -35.83 12.47
CA LYS E 59 -60.89 -36.67 12.66
C LYS E 59 -59.71 -36.20 11.82
N VAL E 60 -58.57 -35.96 12.46
CA VAL E 60 -57.36 -35.52 11.77
C VAL E 60 -56.45 -36.70 11.51
N THR E 61 -56.16 -36.96 10.25
CA THR E 61 -55.16 -37.95 9.86
C THR E 61 -54.11 -37.29 8.97
N ALA E 62 -53.06 -38.03 8.66
CA ALA E 62 -51.89 -37.44 8.03
C ALA E 62 -51.53 -38.20 6.76
N VAL E 63 -50.93 -37.47 5.82
CA VAL E 63 -50.30 -38.03 4.63
C VAL E 63 -48.95 -37.35 4.45
N ARG E 64 -47.88 -38.13 4.46
CA ARG E 64 -46.55 -37.57 4.26
C ARG E 64 -46.37 -37.25 2.78
N ALA E 65 -46.17 -35.97 2.48
CA ALA E 65 -46.14 -35.54 1.10
C ALA E 65 -45.41 -34.21 1.01
N ASP E 66 -44.73 -34.00 -0.11
CA ASP E 66 -44.05 -32.76 -0.43
C ASP E 66 -44.94 -31.94 -1.37
N VAL E 67 -45.25 -30.69 -0.99
CA VAL E 67 -46.12 -29.89 -1.86
C VAL E 67 -45.46 -29.63 -3.20
N THR E 68 -44.12 -29.64 -3.24
CA THR E 68 -43.47 -29.32 -4.50
C THR E 68 -43.57 -30.42 -5.53
N ASP E 69 -44.10 -31.59 -5.17
CA ASP E 69 -44.13 -32.72 -6.11
C ASP E 69 -45.56 -32.97 -6.58
N PRO E 70 -45.88 -32.69 -7.85
CA PRO E 70 -47.26 -32.97 -8.31
C PRO E 70 -47.74 -34.39 -8.01
N GLU E 71 -46.85 -35.39 -8.09
CA GLU E 71 -47.28 -36.76 -7.79
C GLU E 71 -47.70 -36.90 -6.33
N ASP E 72 -46.97 -36.27 -5.39
CA ASP E 72 -47.41 -36.25 -4.00
C ASP E 72 -48.76 -35.58 -3.87
N ALA E 73 -49.05 -34.58 -4.72
CA ALA E 73 -50.34 -33.91 -4.63
C ALA E 73 -51.46 -34.83 -5.07
N ARG E 74 -51.26 -35.56 -6.17
CA ARG E 74 -52.27 -36.50 -6.62
C ARG E 74 -52.48 -37.61 -5.60
N ARG E 75 -51.40 -38.09 -4.97
CA ARG E 75 -51.54 -39.13 -3.96
C ARG E 75 -52.25 -38.58 -2.72
N THR E 76 -51.94 -37.35 -2.32
CA THR E 76 -52.64 -36.75 -1.18
C THR E 76 -54.14 -36.76 -1.41
N VAL E 77 -54.58 -36.28 -2.58
CA VAL E 77 -56.01 -36.18 -2.88
C VAL E 77 -56.64 -37.57 -2.92
N ALA E 78 -56.01 -38.52 -3.61
CA ALA E 78 -56.57 -39.86 -3.70
C ALA E 78 -56.72 -40.49 -2.31
N GLU E 79 -55.66 -40.45 -1.52
CA GLU E 79 -55.73 -41.00 -0.16
C GLU E 79 -56.83 -40.30 0.64
N THR E 80 -56.99 -38.99 0.46
CA THR E 80 -58.00 -38.27 1.24
C THR E 80 -59.40 -38.68 0.82
N VAL E 81 -59.64 -38.84 -0.48
CA VAL E 81 -60.92 -39.31 -0.98
C VAL E 81 -61.21 -40.73 -0.51
N SER E 82 -60.17 -41.55 -0.35
CA SER E 82 -60.39 -42.92 0.10
C SER E 82 -60.80 -42.94 1.57
N ARG E 83 -60.08 -42.18 2.42
CA ARG E 83 -60.39 -42.10 3.84
C ARG E 83 -61.75 -41.45 4.09
N HIS E 84 -62.10 -40.41 3.33
CA HIS E 84 -63.29 -39.63 3.65
C HIS E 84 -64.47 -39.87 2.72
N GLY E 85 -64.26 -40.41 1.52
CA GLY E 85 -65.33 -40.53 0.55
C GLY E 85 -65.47 -39.37 -0.42
N GLY E 86 -64.73 -38.30 -0.21
CA GLY E 86 -64.82 -37.14 -1.07
C GLY E 86 -63.85 -36.10 -0.60
N LEU E 87 -63.90 -34.94 -1.25
CA LEU E 87 -63.08 -33.79 -0.87
C LEU E 87 -63.89 -32.54 -1.10
N ASP E 88 -64.07 -31.73 -0.04
CA ASP E 88 -64.83 -30.49 -0.10
C ASP E 88 -63.97 -29.24 0.03
N ILE E 89 -62.81 -29.34 0.66
CA ILE E 89 -62.08 -28.17 1.15
C ILE E 89 -60.60 -28.41 0.97
N VAL E 90 -59.90 -27.47 0.35
CA VAL E 90 -58.45 -27.54 0.29
C VAL E 90 -57.87 -26.28 0.88
N CYS E 91 -57.08 -26.42 1.93
CA CYS E 91 -56.33 -25.29 2.47
C CYS E 91 -54.91 -25.42 1.93
N ALA E 92 -54.60 -24.62 0.92
CA ALA E 92 -53.24 -24.56 0.36
C ALA E 92 -52.43 -23.62 1.23
N ASN E 93 -51.74 -24.21 2.20
CA ASN E 93 -51.17 -23.45 3.30
C ASN E 93 -49.66 -23.55 3.42
N ALA E 94 -49.04 -24.64 2.97
CA ALA E 94 -47.63 -24.86 3.23
C ALA E 94 -46.77 -23.76 2.63
N GLY E 95 -45.85 -23.25 3.43
CA GLY E 95 -44.89 -22.29 2.93
C GLY E 95 -43.70 -22.16 3.84
N ILE E 96 -42.63 -21.60 3.28
CA ILE E 96 -41.40 -21.32 4.01
C ILE E 96 -40.98 -19.88 3.75
N PHE E 97 -40.29 -19.28 4.72
CA PHE E 97 -39.85 -17.91 4.59
C PHE E 97 -38.42 -17.74 5.11
N PRO E 98 -37.45 -18.41 4.48
CA PRO E 98 -36.05 -18.09 4.76
C PRO E 98 -35.74 -16.66 4.33
N SER E 99 -34.72 -16.10 4.94
CA SER E 99 -34.29 -14.73 4.68
C SER E 99 -33.02 -14.74 3.86
N GLY E 100 -32.96 -13.85 2.87
CA GLY E 100 -31.73 -13.63 2.13
C GLY E 100 -31.77 -12.32 1.37
N ARG E 101 -30.75 -11.50 1.53
CA ARG E 101 -30.70 -10.23 0.81
C ARG E 101 -30.69 -10.48 -0.69
N LEU E 102 -31.20 -9.51 -1.44
CA LEU E 102 -31.36 -9.66 -2.88
C LEU E 102 -30.07 -10.14 -3.55
N GLU E 103 -28.93 -9.52 -3.23
CA GLU E 103 -27.69 -9.88 -3.89
C GLU E 103 -27.22 -11.28 -3.56
N ASP E 104 -27.73 -11.88 -2.46
CA ASP E 104 -27.30 -13.20 -2.01
C ASP E 104 -28.22 -14.33 -2.43
N LEU E 105 -29.38 -14.02 -3.01
CA LEU E 105 -30.36 -15.06 -3.34
C LEU E 105 -29.88 -15.88 -4.52
N THR E 106 -29.60 -17.17 -4.31
CA THR E 106 -29.23 -18.04 -5.41
C THR E 106 -30.46 -18.46 -6.20
N PRO E 107 -30.28 -18.96 -7.43
CA PRO E 107 -31.41 -19.58 -8.14
C PRO E 107 -32.07 -20.70 -7.34
N ASP E 108 -31.29 -21.46 -6.57
CA ASP E 108 -31.89 -22.51 -5.75
C ASP E 108 -32.69 -21.93 -4.60
N ASP E 109 -32.21 -20.82 -4.02
CA ASP E 109 -32.98 -20.12 -2.98
C ASP E 109 -34.34 -19.71 -3.50
N ILE E 110 -34.36 -19.15 -4.71
CA ILE E 110 -35.59 -18.59 -5.25
C ILE E 110 -36.57 -19.70 -5.59
N GLU E 111 -36.07 -20.78 -6.20
CA GLU E 111 -36.93 -21.87 -6.62
C GLU E 111 -37.45 -22.64 -5.41
N GLN E 112 -36.64 -22.77 -4.35
CA GLN E 112 -37.14 -23.45 -3.16
C GLN E 112 -38.36 -22.71 -2.61
N VAL E 113 -38.28 -21.38 -2.52
CA VAL E 113 -39.36 -20.60 -1.92
C VAL E 113 -40.54 -20.54 -2.89
N LEU E 114 -40.26 -20.28 -4.18
CA LEU E 114 -41.32 -20.28 -5.19
C LEU E 114 -41.97 -21.66 -5.29
N GLY E 115 -41.17 -22.71 -5.31
CA GLY E 115 -41.73 -24.06 -5.44
C GLY E 115 -42.65 -24.45 -4.30
N VAL E 116 -42.20 -24.24 -3.05
CA VAL E 116 -43.05 -24.61 -1.91
C VAL E 116 -44.28 -23.72 -1.87
N ASN E 117 -44.06 -22.39 -1.96
CA ASN E 117 -45.08 -21.41 -1.61
C ASN E 117 -46.08 -21.22 -2.74
N PHE E 118 -45.62 -21.16 -3.99
CA PHE E 118 -46.54 -20.92 -5.08
C PHE E 118 -46.86 -22.20 -5.85
N LYS E 119 -45.85 -22.90 -6.35
CA LYS E 119 -46.12 -24.12 -7.11
C LYS E 119 -46.86 -25.15 -6.25
N GLY E 120 -46.53 -25.24 -4.96
CA GLY E 120 -47.16 -26.24 -4.12
C GLY E 120 -48.60 -25.91 -3.85
N THR E 121 -48.95 -24.63 -3.93
CA THR E 121 -50.35 -24.22 -3.92
C THR E 121 -51.05 -24.59 -5.23
N VAL E 122 -50.44 -24.24 -6.37
CA VAL E 122 -51.00 -24.64 -7.67
C VAL E 122 -51.22 -26.15 -7.74
N TYR E 123 -50.20 -26.93 -7.37
CA TYR E 123 -50.28 -28.38 -7.61
C TYR E 123 -51.40 -29.05 -6.82
N ILE E 124 -51.64 -28.61 -5.58
CA ILE E 124 -52.67 -29.28 -4.78
C ILE E 124 -54.05 -28.86 -5.26
N VAL E 125 -54.20 -27.61 -5.73
CA VAL E 125 -55.45 -27.19 -6.35
C VAL E 125 -55.73 -28.02 -7.61
N GLN E 126 -54.74 -28.12 -8.50
CA GLN E 126 -54.90 -28.95 -9.70
C GLN E 126 -55.30 -30.38 -9.34
N ALA E 127 -54.60 -30.98 -8.39
CA ALA E 127 -54.90 -32.38 -8.05
C ALA E 127 -56.31 -32.55 -7.49
N ALA E 128 -56.81 -31.53 -6.78
CA ALA E 128 -58.11 -31.61 -6.12
C ALA E 128 -59.30 -31.25 -6.99
N LEU E 129 -59.06 -30.78 -8.22
CA LEU E 129 -60.11 -30.12 -9.01
C LEU E 129 -61.31 -31.03 -9.24
N GLN E 130 -61.08 -32.24 -9.75
CA GLN E 130 -62.22 -33.10 -10.06
C GLN E 130 -63.00 -33.47 -8.79
N ALA E 131 -62.31 -33.73 -7.68
CA ALA E 131 -63.03 -34.06 -6.45
C ALA E 131 -63.77 -32.85 -5.89
N LEU E 132 -63.16 -31.67 -5.95
CA LEU E 132 -63.85 -30.48 -5.47
C LEU E 132 -65.07 -30.16 -6.35
N THR E 133 -64.95 -30.40 -7.66
CA THR E 133 -66.09 -30.25 -8.56
C THR E 133 -67.23 -31.17 -8.17
N ALA E 134 -66.92 -32.45 -7.93
CA ALA E 134 -67.95 -33.43 -7.56
C ALA E 134 -68.65 -33.05 -6.26
N SER E 135 -67.96 -32.38 -5.34
CA SER E 135 -68.57 -32.04 -4.06
C SER E 135 -69.79 -31.12 -4.24
N GLY E 136 -69.80 -30.33 -5.31
CA GLY E 136 -70.87 -29.38 -5.51
C GLY E 136 -70.73 -28.11 -4.70
N HIS E 137 -69.71 -28.01 -3.86
CA HIS E 137 -69.50 -26.80 -3.07
C HIS E 137 -68.04 -26.69 -2.66
N GLY E 138 -67.13 -26.83 -3.63
CA GLY E 138 -65.72 -26.86 -3.31
C GLY E 138 -65.22 -25.53 -2.78
N ARG E 139 -64.22 -25.61 -1.92
CA ARG E 139 -63.65 -24.46 -1.27
C ARG E 139 -62.14 -24.62 -1.30
N VAL E 140 -61.45 -23.62 -1.84
CA VAL E 140 -60.00 -23.54 -1.77
C VAL E 140 -59.66 -22.30 -0.95
N VAL E 141 -58.87 -22.48 0.10
CA VAL E 141 -58.38 -21.36 0.90
C VAL E 141 -56.87 -21.34 0.82
N VAL E 142 -56.31 -20.21 0.39
CA VAL E 142 -54.87 -20.12 0.21
C VAL E 142 -54.30 -19.34 1.37
N THR E 143 -53.14 -19.75 1.89
CA THR E 143 -52.45 -18.93 2.89
C THR E 143 -51.41 -18.09 2.18
N SER E 144 -51.76 -16.83 1.92
CA SER E 144 -50.82 -15.87 1.40
C SER E 144 -50.19 -15.12 2.57
N SER E 145 -49.97 -13.81 2.41
CA SER E 145 -49.32 -13.04 3.47
C SER E 145 -49.50 -11.58 3.12
N ILE E 146 -49.42 -10.70 4.14
CA ILE E 146 -49.32 -9.28 3.81
C ILE E 146 -48.01 -9.01 3.09
N THR E 147 -46.98 -9.81 3.40
CA THR E 147 -45.65 -9.63 2.82
C THR E 147 -45.66 -10.03 1.34
N GLY E 148 -45.50 -9.04 0.45
CA GLY E 148 -45.53 -9.27 -0.99
C GLY E 148 -46.71 -8.58 -1.64
N PRO E 149 -47.92 -9.07 -1.36
CA PRO E 149 -49.13 -8.36 -1.83
C PRO E 149 -49.22 -6.95 -1.32
N ILE E 150 -48.74 -6.67 -0.09
CA ILE E 150 -48.92 -5.35 0.48
C ILE E 150 -47.59 -4.74 0.91
N THR E 151 -46.80 -5.46 1.70
CA THR E 151 -45.64 -4.91 2.38
C THR E 151 -44.35 -5.41 1.76
N GLY E 152 -43.27 -4.72 2.12
CA GLY E 152 -41.92 -5.19 1.87
C GLY E 152 -41.21 -5.41 3.19
N TYR E 153 -40.23 -6.32 3.17
CA TYR E 153 -39.37 -6.56 4.31
C TYR E 153 -38.02 -7.08 3.82
N PRO E 154 -36.93 -6.38 4.12
CA PRO E 154 -35.62 -6.81 3.60
C PRO E 154 -35.34 -8.28 3.87
N GLY E 155 -34.76 -8.94 2.88
CA GLY E 155 -34.51 -10.36 2.94
C GLY E 155 -35.65 -11.25 2.50
N TRP E 156 -36.83 -10.68 2.20
CA TRP E 156 -38.00 -11.46 1.81
C TRP E 156 -38.50 -11.11 0.41
N SER E 157 -37.61 -10.72 -0.50
CA SER E 157 -38.10 -10.33 -1.82
C SER E 157 -38.57 -11.55 -2.62
N HIS E 158 -37.98 -12.72 -2.38
CA HIS E 158 -38.48 -13.95 -3.00
C HIS E 158 -39.72 -14.49 -2.28
N TYR E 159 -39.74 -14.39 -0.95
CA TYR E 159 -40.95 -14.76 -0.21
C TYR E 159 -42.15 -13.92 -0.62
N GLY E 160 -42.00 -12.59 -0.61
CA GLY E 160 -43.10 -11.72 -0.99
C GLY E 160 -43.56 -11.97 -2.42
N ALA E 161 -42.61 -12.15 -3.33
CA ALA E 161 -42.95 -12.56 -4.69
C ALA E 161 -43.84 -13.81 -4.70
N SER E 162 -43.44 -14.82 -3.92
CA SER E 162 -44.20 -16.05 -3.93
C SER E 162 -45.60 -15.85 -3.36
N LYS E 163 -45.73 -14.98 -2.36
CA LYS E 163 -47.04 -14.76 -1.77
C LYS E 163 -47.94 -13.97 -2.71
N ALA E 164 -47.38 -12.98 -3.42
CA ALA E 164 -48.14 -12.27 -4.44
C ALA E 164 -48.48 -13.17 -5.62
N ALA E 165 -47.58 -14.10 -5.96
CA ALA E 165 -47.86 -15.09 -7.01
C ALA E 165 -49.12 -15.91 -6.73
N GLN E 166 -49.32 -16.35 -5.48
CA GLN E 166 -50.56 -17.05 -5.13
C GLN E 166 -51.80 -16.23 -5.48
N LEU E 167 -51.77 -14.91 -5.21
CA LEU E 167 -52.96 -14.09 -5.47
C LEU E 167 -53.15 -13.85 -6.97
N GLY E 168 -52.06 -13.58 -7.69
CA GLY E 168 -52.18 -13.49 -9.14
C GLY E 168 -52.78 -14.76 -9.74
N PHE E 169 -52.39 -15.91 -9.20
CA PHE E 169 -52.95 -17.19 -9.64
C PHE E 169 -54.44 -17.28 -9.33
N LEU E 170 -54.84 -16.90 -8.12
CA LEU E 170 -56.22 -17.16 -7.74
C LEU E 170 -57.22 -16.21 -8.37
N ARG E 171 -56.80 -15.00 -8.76
CA ARG E 171 -57.70 -14.09 -9.48
C ARG E 171 -58.14 -14.68 -10.82
N THR E 172 -57.24 -15.37 -11.53
CA THR E 172 -57.73 -16.14 -12.67
C THR E 172 -58.40 -17.44 -12.25
N ALA E 173 -57.82 -18.17 -11.31
CA ALA E 173 -58.39 -19.49 -10.99
C ALA E 173 -59.84 -19.38 -10.52
N ALA E 174 -60.18 -18.29 -9.80
CA ALA E 174 -61.56 -18.12 -9.37
C ALA E 174 -62.52 -18.07 -10.54
N MET E 175 -62.08 -17.47 -11.66
CA MET E 175 -62.91 -17.41 -12.84
C MET E 175 -63.03 -18.79 -13.49
N GLU E 176 -61.91 -19.52 -13.59
CA GLU E 176 -62.01 -20.85 -14.20
C GLU E 176 -62.80 -21.82 -13.33
N LEU E 177 -62.81 -21.63 -12.00
CA LEU E 177 -63.47 -22.59 -11.11
C LEU E 177 -64.93 -22.26 -10.83
N ALA E 178 -65.36 -21.02 -11.07
CA ALA E 178 -66.75 -20.64 -10.83
C ALA E 178 -67.77 -21.53 -11.53
N PRO E 179 -67.57 -21.98 -12.78
CA PRO E 179 -68.53 -22.94 -13.35
C PRO E 179 -68.56 -24.27 -12.63
N LYS E 180 -67.48 -24.63 -11.95
CA LYS E 180 -67.41 -25.85 -11.15
C LYS E 180 -67.97 -25.68 -9.75
N LYS E 181 -68.46 -24.49 -9.42
CA LYS E 181 -69.05 -24.16 -8.11
C LYS E 181 -68.00 -24.20 -7.00
N ILE E 182 -66.73 -24.02 -7.35
CA ILE E 182 -65.62 -23.93 -6.40
C ILE E 182 -65.27 -22.46 -6.23
N THR E 183 -65.22 -21.98 -4.99
CA THR E 183 -64.63 -20.67 -4.72
C THR E 183 -63.18 -20.85 -4.27
N ILE E 184 -62.37 -19.84 -4.52
CA ILE E 184 -60.98 -19.81 -4.06
C ILE E 184 -60.69 -18.40 -3.56
N ASN E 185 -60.24 -18.30 -2.31
CA ASN E 185 -59.95 -17.03 -1.65
C ASN E 185 -58.64 -17.21 -0.89
N ALA E 186 -58.10 -16.11 -0.37
CA ALA E 186 -56.85 -16.19 0.37
C ALA E 186 -56.96 -15.41 1.67
N VAL E 187 -56.42 -16.01 2.75
CA VAL E 187 -56.14 -15.29 4.01
C VAL E 187 -54.73 -14.75 3.90
N LEU E 188 -54.55 -13.47 4.24
CA LEU E 188 -53.27 -12.79 4.25
C LEU E 188 -52.92 -12.50 5.70
N PRO E 189 -52.30 -13.43 6.41
CA PRO E 189 -51.99 -13.17 7.82
C PRO E 189 -50.95 -12.06 7.93
N GLY E 190 -51.00 -11.33 9.03
CA GLY E 190 -49.95 -10.38 9.33
C GLY E 190 -48.77 -11.11 9.94
N ASN E 191 -48.59 -10.96 11.25
CA ASN E 191 -47.55 -11.69 11.96
C ASN E 191 -48.23 -12.54 13.03
N ILE E 192 -48.04 -13.86 12.91
CA ILE E 192 -48.76 -14.86 13.69
C ILE E 192 -47.72 -15.73 14.40
N MET E 193 -47.88 -15.85 15.72
CA MET E 193 -46.97 -16.68 16.52
C MET E 193 -47.05 -18.15 16.11
N THR E 194 -45.99 -18.62 15.45
CA THR E 194 -45.89 -19.99 14.94
C THR E 194 -44.46 -20.48 15.12
N GLU E 195 -44.27 -21.79 14.99
CA GLU E 195 -42.92 -22.36 15.00
C GLU E 195 -42.04 -21.70 13.93
N GLY E 196 -42.56 -21.58 12.71
CA GLY E 196 -41.79 -20.94 11.65
C GLY E 196 -41.41 -19.50 11.97
N LEU E 197 -42.37 -18.70 12.42
CA LEU E 197 -42.05 -17.31 12.73
C LEU E 197 -41.08 -17.21 13.90
N ASP E 198 -41.13 -18.19 14.82
CA ASP E 198 -40.23 -18.23 15.96
C ASP E 198 -38.77 -18.24 15.53
N GLU E 199 -38.47 -18.73 14.32
CA GLU E 199 -37.09 -18.80 13.85
C GLU E 199 -36.54 -17.43 13.46
N MET E 200 -37.40 -16.42 13.28
CA MET E 200 -36.90 -15.06 13.04
C MET E 200 -36.19 -14.48 14.26
N GLY E 201 -36.36 -15.09 15.44
CA GLY E 201 -35.76 -14.57 16.65
C GLY E 201 -36.64 -13.57 17.36
N GLN E 202 -36.27 -13.24 18.60
CA GLN E 202 -37.10 -12.36 19.42
C GLN E 202 -37.07 -10.91 18.95
N ASP E 203 -35.94 -10.44 18.41
CA ASP E 203 -35.89 -9.08 17.89
C ASP E 203 -36.95 -8.84 16.83
N TYR E 204 -37.13 -9.82 15.94
CA TYR E 204 -38.16 -9.69 14.92
C TYR E 204 -39.56 -9.67 15.53
N LEU E 205 -39.85 -10.64 16.42
CA LEU E 205 -41.17 -10.72 17.02
C LEU E 205 -41.52 -9.44 17.77
N ASP E 206 -40.57 -8.93 18.56
CA ASP E 206 -40.79 -7.67 19.27
C ASP E 206 -40.98 -6.51 18.29
N GLN E 207 -40.18 -6.48 17.23
CA GLN E 207 -40.30 -5.40 16.24
C GLN E 207 -41.67 -5.41 15.58
N MET E 208 -42.20 -6.60 15.28
CA MET E 208 -43.52 -6.65 14.64
C MET E 208 -44.64 -6.33 15.63
N ALA E 209 -44.47 -6.70 16.90
CA ALA E 209 -45.55 -6.51 17.87
C ALA E 209 -45.85 -5.03 18.11
N SER E 210 -44.83 -4.19 18.17
CA SER E 210 -45.06 -2.77 18.37
C SER E 210 -45.58 -2.07 17.12
N ALA E 211 -45.62 -2.75 15.98
CA ALA E 211 -46.15 -2.18 14.75
C ALA E 211 -47.62 -2.48 14.56
N ILE E 212 -48.26 -3.16 15.50
CA ILE E 212 -49.59 -3.74 15.33
C ILE E 212 -50.55 -2.97 16.22
N PRO E 213 -51.54 -2.26 15.67
CA PRO E 213 -52.51 -1.56 16.53
C PRO E 213 -53.21 -2.47 17.54
N ALA E 214 -53.49 -3.72 17.20
CA ALA E 214 -54.12 -4.62 18.18
C ALA E 214 -53.22 -4.91 19.38
N GLY E 215 -51.91 -4.65 19.26
CA GLY E 215 -51.01 -4.76 20.40
C GLY E 215 -50.49 -6.16 20.68
N ARG E 216 -50.58 -7.07 19.72
CA ARG E 216 -50.13 -8.44 19.91
C ARG E 216 -49.94 -9.05 18.53
N LEU E 217 -49.09 -10.07 18.48
CA LEU E 217 -49.09 -10.96 17.33
C LEU E 217 -50.37 -11.78 17.34
N GLY E 218 -50.82 -12.19 16.17
CA GLY E 218 -52.00 -13.01 16.06
C GLY E 218 -51.73 -14.44 16.49
N SER E 219 -52.79 -15.24 16.46
CA SER E 219 -52.71 -16.66 16.78
C SER E 219 -53.07 -17.49 15.57
N VAL E 220 -52.67 -18.77 15.59
CA VAL E 220 -53.02 -19.62 14.46
C VAL E 220 -54.53 -19.77 14.34
N ALA E 221 -55.27 -19.66 15.47
CA ALA E 221 -56.73 -19.74 15.38
C ALA E 221 -57.32 -18.56 14.63
N ASP E 222 -56.67 -17.40 14.70
CA ASP E 222 -57.12 -16.27 13.90
C ASP E 222 -57.15 -16.64 12.42
N ILE E 223 -56.11 -17.32 11.95
CA ILE E 223 -56.08 -17.70 10.54
C ILE E 223 -57.03 -18.87 10.28
N GLY E 224 -57.09 -19.84 11.23
CA GLY E 224 -58.00 -20.94 11.04
C GLY E 224 -59.45 -20.49 10.94
N ASN E 225 -59.84 -19.50 11.75
CA ASN E 225 -61.24 -19.08 11.73
C ASN E 225 -61.56 -18.28 10.48
N ALA E 226 -60.57 -17.59 9.93
CA ALA E 226 -60.81 -16.92 8.64
C ALA E 226 -60.98 -17.95 7.53
N ALA E 227 -60.11 -18.98 7.49
CA ALA E 227 -60.27 -20.06 6.52
C ALA E 227 -61.61 -20.76 6.68
N LEU E 228 -62.04 -20.96 7.94
CA LEU E 228 -63.35 -21.55 8.21
C LEU E 228 -64.48 -20.74 7.61
N PHE E 229 -64.46 -19.40 7.79
CA PHE E 229 -65.52 -18.58 7.18
C PHE E 229 -65.58 -18.81 5.67
N PHE E 230 -64.42 -18.76 5.00
CA PHE E 230 -64.41 -18.99 3.56
C PHE E 230 -65.01 -20.33 3.19
N ALA E 231 -64.90 -21.33 4.07
CA ALA E 231 -65.36 -22.67 3.73
C ALA E 231 -66.87 -22.84 3.88
N THR E 232 -67.55 -21.89 4.52
CA THR E 232 -68.98 -22.04 4.74
C THR E 232 -69.77 -22.02 3.43
N ASP E 233 -70.89 -22.73 3.43
CA ASP E 233 -71.90 -22.51 2.41
C ASP E 233 -72.25 -21.04 2.29
N GLU E 234 -72.22 -20.30 3.40
CA GLU E 234 -72.66 -18.92 3.45
C GLU E 234 -71.73 -17.95 2.73
N ALA E 235 -70.53 -18.39 2.38
CA ALA E 235 -69.54 -17.61 1.65
C ALA E 235 -69.44 -18.04 0.18
N ALA E 236 -70.51 -18.67 -0.35
CA ALA E 236 -70.49 -19.14 -1.72
C ALA E 236 -70.35 -17.99 -2.71
N TYR E 237 -70.78 -16.78 -2.35
CA TYR E 237 -70.70 -15.64 -3.25
C TYR E 237 -69.42 -14.85 -3.06
N VAL E 238 -68.45 -15.42 -2.35
CA VAL E 238 -67.13 -14.82 -2.16
C VAL E 238 -66.16 -15.65 -2.98
N THR E 239 -65.56 -15.05 -4.01
CA THR E 239 -64.50 -15.75 -4.69
C THR E 239 -63.49 -14.77 -5.29
N GLY E 240 -62.26 -15.27 -5.45
CA GLY E 240 -61.17 -14.49 -6.00
C GLY E 240 -60.65 -13.43 -5.08
N GLN E 241 -60.93 -13.53 -3.77
CA GLN E 241 -60.73 -12.38 -2.88
C GLN E 241 -59.76 -12.70 -1.75
N THR E 242 -59.49 -11.67 -0.97
CA THR E 242 -58.45 -11.67 0.03
C THR E 242 -59.01 -11.12 1.34
N LEU E 243 -58.49 -11.63 2.46
CA LEU E 243 -58.83 -11.12 3.77
C LEU E 243 -57.55 -10.98 4.58
N VAL E 244 -57.23 -9.75 4.96
CA VAL E 244 -56.04 -9.44 5.74
C VAL E 244 -56.35 -9.62 7.23
N VAL E 245 -55.61 -10.51 7.89
CA VAL E 245 -55.80 -10.82 9.32
C VAL E 245 -54.52 -10.42 10.03
N ASP E 246 -54.46 -9.18 10.54
CA ASP E 246 -53.17 -8.64 10.94
C ASP E 246 -53.26 -7.63 12.09
N GLY E 247 -54.41 -7.49 12.75
CA GLY E 247 -54.48 -6.61 13.90
C GLY E 247 -54.31 -5.15 13.55
N GLY E 248 -54.48 -4.82 12.27
CA GLY E 248 -54.27 -3.48 11.73
C GLY E 248 -52.87 -3.16 11.33
N GLN E 249 -51.98 -4.16 11.27
CA GLN E 249 -50.55 -3.91 11.05
C GLN E 249 -50.28 -3.12 9.77
N VAL E 250 -51.05 -3.34 8.71
CA VAL E 250 -50.72 -2.68 7.43
C VAL E 250 -51.23 -1.24 7.39
N LEU E 251 -52.02 -0.82 8.37
CA LEU E 251 -52.65 0.50 8.36
C LEU E 251 -51.76 1.70 8.70
N PRO E 252 -50.88 1.62 9.70
CA PRO E 252 -50.20 2.85 10.18
C PRO E 252 -49.35 3.52 9.12
N GLU E 253 -49.48 4.86 9.03
CA GLU E 253 -48.64 5.62 8.12
C GLU E 253 -47.19 5.56 8.55
N SER E 254 -46.94 5.46 9.86
CA SER E 254 -45.61 5.26 10.42
C SER E 254 -45.77 4.46 11.70
N HIS E 255 -45.00 3.38 11.83
CA HIS E 255 -45.15 2.45 12.95
C HIS E 255 -44.38 2.89 14.19
N HIS F 2 -68.51 -27.35 16.95
CA HIS F 2 -68.21 -25.95 17.30
C HIS F 2 -67.57 -25.20 16.13
N MET F 3 -68.25 -24.17 15.63
CA MET F 3 -67.70 -23.33 14.56
C MET F 3 -67.35 -21.95 15.07
N PHE F 4 -68.32 -21.09 15.35
CA PHE F 4 -68.00 -19.80 15.95
C PHE F 4 -68.73 -19.64 17.29
N THR F 5 -68.14 -18.84 18.17
CA THR F 5 -68.75 -18.57 19.48
C THR F 5 -70.09 -17.88 19.28
N SER F 6 -71.13 -18.43 19.89
CA SER F 6 -72.47 -17.88 19.74
C SER F 6 -72.53 -16.41 20.11
N LEU F 7 -73.21 -15.65 19.27
CA LEU F 7 -73.47 -14.24 19.52
C LEU F 7 -74.80 -14.02 20.22
N GLU F 8 -75.48 -15.10 20.65
CA GLU F 8 -76.77 -14.96 21.28
C GLU F 8 -76.67 -14.01 22.46
N GLY F 9 -77.69 -13.16 22.63
CA GLY F 9 -77.78 -12.21 23.73
C GLY F 9 -77.14 -10.86 23.45
N ARG F 10 -76.27 -10.75 22.45
CA ARG F 10 -75.61 -9.49 22.16
C ARG F 10 -76.59 -8.51 21.55
N SER F 11 -76.11 -7.28 21.38
CA SER F 11 -76.95 -6.14 21.03
C SER F 11 -76.37 -5.44 19.82
N ALA F 12 -77.20 -5.24 18.79
CA ALA F 12 -76.76 -4.64 17.55
C ALA F 12 -77.69 -3.52 17.12
N ILE F 13 -77.12 -2.61 16.32
CA ILE F 13 -77.84 -1.60 15.56
C ILE F 13 -77.53 -1.84 14.09
N VAL F 14 -78.55 -1.86 13.24
CA VAL F 14 -78.36 -1.83 11.78
C VAL F 14 -79.02 -0.58 11.23
N THR F 15 -78.23 0.36 10.73
CA THR F 15 -78.84 1.52 10.10
C THR F 15 -79.34 1.14 8.71
N GLY F 16 -80.52 1.65 8.36
CA GLY F 16 -81.17 1.29 7.11
C GLY F 16 -81.57 -0.17 7.05
N GLY F 17 -82.17 -0.68 8.13
CA GLY F 17 -82.45 -2.09 8.25
C GLY F 17 -83.84 -2.51 7.85
N SER F 18 -84.68 -1.61 7.36
CA SER F 18 -86.03 -2.01 6.99
C SER F 18 -86.12 -2.62 5.59
N LYS F 19 -85.10 -2.43 4.75
CA LYS F 19 -85.13 -2.89 3.37
C LYS F 19 -83.76 -3.40 2.96
N GLY F 20 -83.73 -4.18 1.87
CA GLY F 20 -82.49 -4.44 1.17
C GLY F 20 -81.45 -5.14 2.02
N ILE F 21 -80.20 -4.72 1.85
CA ILE F 21 -79.10 -5.37 2.54
C ILE F 21 -79.26 -5.24 4.06
N GLY F 22 -79.71 -4.07 4.52
CA GLY F 22 -79.83 -3.86 5.95
C GLY F 22 -80.78 -4.83 6.62
N ARG F 23 -81.91 -5.12 5.96
CA ARG F 23 -82.82 -6.13 6.48
C ARG F 23 -82.18 -7.51 6.45
N GLY F 24 -81.44 -7.83 5.38
CA GLY F 24 -80.70 -9.08 5.33
C GLY F 24 -79.70 -9.22 6.46
N ILE F 25 -78.97 -8.14 6.76
CA ILE F 25 -78.04 -8.14 7.90
C ILE F 25 -78.80 -8.32 9.21
N ALA F 26 -79.90 -7.58 9.37
CA ALA F 26 -80.65 -7.65 10.63
C ALA F 26 -81.20 -9.05 10.86
N GLU F 27 -81.73 -9.69 9.80
CA GLU F 27 -82.28 -11.03 9.95
C GLU F 27 -81.19 -12.04 10.27
N THR F 28 -80.03 -11.90 9.62
CA THR F 28 -78.90 -12.78 9.89
C THR F 28 -78.47 -12.68 11.35
N PHE F 29 -78.38 -11.46 11.88
CA PHE F 29 -78.01 -11.32 13.30
C PHE F 29 -79.11 -11.84 14.22
N ALA F 30 -80.37 -11.58 13.88
CA ALA F 30 -81.48 -12.05 14.70
C ALA F 30 -81.55 -13.57 14.75
N ASN F 31 -81.29 -14.23 13.62
CA ASN F 31 -81.27 -15.69 13.61
C ASN F 31 -80.14 -16.22 14.47
N ALA F 32 -79.05 -15.47 14.59
CA ALA F 32 -77.97 -15.86 15.49
C ALA F 32 -78.25 -15.47 16.94
N GLY F 33 -79.46 -15.03 17.26
CA GLY F 33 -79.79 -14.71 18.65
C GLY F 33 -79.40 -13.32 19.10
N VAL F 34 -78.98 -12.44 18.19
CA VAL F 34 -78.62 -11.06 18.53
C VAL F 34 -79.90 -10.22 18.58
N ASP F 35 -80.03 -9.39 19.60
CA ASP F 35 -81.13 -8.44 19.62
C ASP F 35 -80.72 -7.23 18.79
N VAL F 36 -81.60 -6.80 17.89
CA VAL F 36 -81.24 -5.87 16.82
C VAL F 36 -82.22 -4.71 16.83
N VAL F 37 -81.69 -3.48 16.81
CA VAL F 37 -82.49 -2.30 16.51
C VAL F 37 -82.16 -1.87 15.08
N ILE F 38 -83.18 -1.80 14.22
CA ILE F 38 -83.04 -1.31 12.85
C ILE F 38 -83.51 0.14 12.83
N THR F 39 -82.93 0.92 11.91
CA THR F 39 -83.31 2.32 11.77
C THR F 39 -83.77 2.58 10.34
N GLY F 40 -84.44 3.70 10.18
CA GLY F 40 -84.88 4.21 8.90
C GLY F 40 -85.83 5.36 9.13
N ARG F 41 -86.14 6.12 8.08
CA ARG F 41 -87.03 7.26 8.22
C ARG F 41 -88.50 6.89 8.07
N ASN F 42 -88.82 5.85 7.31
CA ASN F 42 -90.20 5.48 7.00
C ASN F 42 -90.72 4.56 8.09
N GLN F 43 -91.69 5.04 8.87
CA GLN F 43 -92.21 4.25 9.99
C GLN F 43 -92.93 3.00 9.51
N ASP F 44 -93.69 3.12 8.42
CA ASP F 44 -94.43 1.97 7.91
C ASP F 44 -93.50 0.83 7.51
N ASP F 45 -92.37 1.15 6.86
CA ASP F 45 -91.45 0.11 6.44
C ASP F 45 -90.79 -0.56 7.65
N LEU F 46 -90.47 0.22 8.68
CA LEU F 46 -89.92 -0.35 9.90
C LEU F 46 -90.91 -1.30 10.56
N ASP F 47 -92.16 -0.86 10.71
CA ASP F 47 -93.18 -1.69 11.35
C ASP F 47 -93.37 -3.00 10.59
N ARG F 48 -93.36 -2.96 9.26
CA ARG F 48 -93.60 -4.17 8.51
C ARG F 48 -92.41 -5.12 8.62
N THR F 49 -91.19 -4.58 8.66
CA THR F 49 -90.02 -5.44 8.83
C THR F 49 -89.99 -6.02 10.24
N VAL F 50 -90.30 -5.21 11.26
CA VAL F 50 -90.37 -5.73 12.62
C VAL F 50 -91.40 -6.85 12.71
N ALA F 51 -92.59 -6.63 12.14
CA ALA F 51 -93.61 -7.67 12.13
C ALA F 51 -93.17 -8.90 11.34
N ASP F 52 -92.52 -8.68 10.18
CA ASP F 52 -92.02 -9.81 9.39
C ASP F 52 -91.05 -10.67 10.19
N LEU F 53 -90.18 -10.04 10.98
CA LEU F 53 -89.14 -10.73 11.73
C LEU F 53 -89.57 -11.12 13.14
N SER F 54 -90.86 -11.06 13.46
CA SER F 54 -91.27 -11.24 14.83
C SER F 54 -90.95 -12.63 15.38
N GLY F 55 -90.74 -13.62 14.51
CA GLY F 55 -90.48 -14.98 14.97
C GLY F 55 -89.03 -15.34 15.18
N THR F 56 -88.10 -14.41 15.06
CA THR F 56 -86.68 -14.74 15.14
C THR F 56 -86.24 -14.96 16.58
N ARG F 57 -85.07 -15.61 16.73
CA ARG F 57 -84.56 -15.90 18.07
C ARG F 57 -84.15 -14.62 18.78
N GLY F 58 -83.42 -13.73 18.09
CA GLY F 58 -83.19 -12.42 18.62
C GLY F 58 -84.37 -11.51 18.34
N LYS F 59 -84.56 -10.52 19.21
CA LYS F 59 -85.68 -9.60 19.08
C LYS F 59 -85.29 -8.41 18.19
N VAL F 60 -86.00 -8.23 17.08
CA VAL F 60 -85.79 -7.10 16.18
C VAL F 60 -86.85 -6.06 16.48
N THR F 61 -86.43 -4.85 16.84
CA THR F 61 -87.32 -3.71 17.06
C THR F 61 -86.78 -2.53 16.27
N ALA F 62 -87.53 -1.44 16.24
CA ALA F 62 -87.19 -0.34 15.34
C ALA F 62 -87.05 0.98 16.10
N VAL F 63 -86.23 1.85 15.52
CA VAL F 63 -86.14 3.26 15.89
C VAL F 63 -86.21 4.08 14.60
N ARG F 64 -87.09 5.06 14.58
CA ARG F 64 -87.20 5.97 13.44
C ARG F 64 -86.12 7.04 13.55
N ALA F 65 -85.21 7.08 12.58
CA ALA F 65 -84.02 7.92 12.68
C ALA F 65 -83.43 8.16 11.31
N ASP F 66 -82.96 9.38 11.09
CA ASP F 66 -82.24 9.79 9.90
C ASP F 66 -80.74 9.71 10.18
N VAL F 67 -80.01 8.90 9.41
CA VAL F 67 -78.57 8.77 9.64
C VAL F 67 -77.80 10.09 9.44
N THR F 68 -78.34 11.03 8.66
CA THR F 68 -77.66 12.30 8.44
C THR F 68 -77.79 13.27 9.61
N ASP F 69 -78.48 12.89 10.67
CA ASP F 69 -78.68 13.79 11.81
C ASP F 69 -77.96 13.23 13.01
N PRO F 70 -76.87 13.86 13.47
CA PRO F 70 -76.15 13.30 14.63
C PRO F 70 -76.99 13.17 15.89
N GLU F 71 -78.00 14.03 16.08
CA GLU F 71 -78.84 13.84 17.25
C GLU F 71 -79.68 12.57 17.12
N ASP F 72 -80.12 12.23 15.91
CA ASP F 72 -80.79 10.95 15.71
C ASP F 72 -79.85 9.77 15.96
N ALA F 73 -78.55 9.94 15.62
CA ALA F 73 -77.57 8.90 15.92
C ALA F 73 -77.45 8.69 17.43
N ARG F 74 -77.42 9.78 18.19
CA ARG F 74 -77.31 9.65 19.64
C ARG F 74 -78.58 9.05 20.24
N ARG F 75 -79.75 9.48 19.76
CA ARG F 75 -81.01 8.89 20.24
C ARG F 75 -81.07 7.40 19.93
N THR F 76 -80.61 6.99 18.73
CA THR F 76 -80.64 5.59 18.35
C THR F 76 -79.83 4.77 19.33
N VAL F 77 -78.62 5.23 19.64
CA VAL F 77 -77.78 4.49 20.57
C VAL F 77 -78.40 4.47 21.96
N ALA F 78 -78.92 5.60 22.42
CA ALA F 78 -79.54 5.63 23.75
C ALA F 78 -80.75 4.70 23.81
N GLU F 79 -81.52 4.64 22.72
CA GLU F 79 -82.70 3.78 22.73
C GLU F 79 -82.32 2.31 22.63
N THR F 80 -81.25 1.99 21.89
CA THR F 80 -80.78 0.61 21.84
C THR F 80 -80.24 0.17 23.20
N VAL F 81 -79.46 1.02 23.84
CA VAL F 81 -78.88 0.67 25.13
C VAL F 81 -79.99 0.52 26.16
N SER F 82 -81.01 1.38 26.09
CA SER F 82 -82.13 1.26 27.01
C SER F 82 -82.86 -0.08 26.82
N ARG F 83 -83.00 -0.52 25.58
CA ARG F 83 -83.76 -1.73 25.27
C ARG F 83 -82.98 -3.01 25.57
N HIS F 84 -81.67 -3.00 25.32
CA HIS F 84 -80.85 -4.19 25.41
C HIS F 84 -79.97 -4.23 26.65
N GLY F 85 -79.66 -3.08 27.25
CA GLY F 85 -78.70 -3.04 28.33
C GLY F 85 -77.29 -2.76 27.89
N GLY F 86 -77.07 -2.53 26.61
CA GLY F 86 -75.74 -2.26 26.10
C GLY F 86 -75.74 -2.34 24.59
N LEU F 87 -74.55 -2.24 24.02
CA LEU F 87 -74.42 -2.24 22.55
C LEU F 87 -73.10 -2.88 22.18
N ASP F 88 -73.15 -3.91 21.34
CA ASP F 88 -71.96 -4.65 20.95
C ASP F 88 -71.59 -4.50 19.50
N ILE F 89 -72.56 -4.32 18.61
CA ILE F 89 -72.36 -4.36 17.16
C ILE F 89 -73.10 -3.16 16.54
N VAL F 90 -72.44 -2.44 15.66
CA VAL F 90 -73.08 -1.41 14.85
C VAL F 90 -72.82 -1.73 13.39
N CYS F 91 -73.89 -1.93 12.63
CA CYS F 91 -73.79 -2.14 11.18
C CYS F 91 -74.16 -0.80 10.53
N ALA F 92 -73.13 -0.08 10.13
CA ALA F 92 -73.31 1.22 9.48
C ALA F 92 -73.62 0.90 8.05
N ASN F 93 -74.91 0.82 7.73
CA ASN F 93 -75.33 0.26 6.45
C ASN F 93 -76.16 1.20 5.59
N ALA F 94 -76.82 2.19 6.18
CA ALA F 94 -77.72 3.05 5.40
C ALA F 94 -76.98 3.71 4.25
N GLY F 95 -77.62 3.72 3.09
CA GLY F 95 -77.00 4.30 1.92
C GLY F 95 -77.99 4.42 0.78
N ILE F 96 -77.78 5.41 -0.10
CA ILE F 96 -78.62 5.62 -1.28
C ILE F 96 -77.70 5.68 -2.50
N PHE F 97 -78.24 5.38 -3.68
CA PHE F 97 -77.44 5.45 -4.90
C PHE F 97 -78.23 6.04 -6.05
N PRO F 98 -78.67 7.29 -5.91
CA PRO F 98 -79.22 8.01 -7.06
C PRO F 98 -78.15 8.18 -8.12
N SER F 99 -78.60 8.37 -9.35
CA SER F 99 -77.73 8.44 -10.50
C SER F 99 -77.71 9.86 -11.04
N GLY F 100 -76.51 10.34 -11.37
CA GLY F 100 -76.40 11.60 -12.08
C GLY F 100 -75.04 11.78 -12.72
N ARG F 101 -75.04 12.10 -14.01
CA ARG F 101 -73.79 12.38 -14.69
C ARG F 101 -73.08 13.56 -14.03
N LEU F 102 -71.75 13.48 -14.05
CA LEU F 102 -70.87 14.43 -13.37
C LEU F 102 -71.29 15.88 -13.62
N GLU F 103 -71.65 16.22 -14.85
CA GLU F 103 -71.95 17.60 -15.20
C GLU F 103 -73.34 18.06 -14.75
N ASP F 104 -74.19 17.15 -14.30
CA ASP F 104 -75.52 17.49 -13.81
C ASP F 104 -75.61 17.46 -12.29
N LEU F 105 -74.56 17.04 -11.60
CA LEU F 105 -74.59 16.85 -10.15
C LEU F 105 -74.63 18.20 -9.43
N THR F 106 -75.74 18.50 -8.78
CA THR F 106 -75.83 19.73 -8.02
C THR F 106 -75.13 19.58 -6.67
N PRO F 107 -74.80 20.68 -6.01
CA PRO F 107 -74.34 20.58 -4.62
C PRO F 107 -75.27 19.78 -3.74
N ASP F 108 -76.58 19.92 -3.90
CA ASP F 108 -77.51 19.16 -3.08
C ASP F 108 -77.46 17.67 -3.41
N ASP F 109 -77.30 17.31 -4.69
CA ASP F 109 -77.13 15.91 -5.06
C ASP F 109 -75.92 15.32 -4.35
N ILE F 110 -74.79 16.03 -4.39
CA ILE F 110 -73.56 15.50 -3.81
C ILE F 110 -73.71 15.36 -2.30
N GLU F 111 -74.26 16.40 -1.65
CA GLU F 111 -74.33 16.37 -0.19
C GLU F 111 -75.32 15.32 0.30
N GLN F 112 -76.41 15.10 -0.45
CA GLN F 112 -77.37 14.08 -0.07
C GLN F 112 -76.72 12.70 -0.03
N VAL F 113 -75.88 12.42 -1.03
CA VAL F 113 -75.24 11.13 -1.12
C VAL F 113 -74.10 11.02 -0.10
N LEU F 114 -73.26 12.05 -0.01
CA LEU F 114 -72.19 12.03 0.98
C LEU F 114 -72.77 12.02 2.39
N GLY F 115 -73.86 12.75 2.62
CA GLY F 115 -74.43 12.83 3.95
C GLY F 115 -74.99 11.51 4.44
N VAL F 116 -75.79 10.83 3.61
CA VAL F 116 -76.35 9.54 4.02
C VAL F 116 -75.27 8.47 4.08
N ASN F 117 -74.47 8.35 3.00
CA ASN F 117 -73.61 7.19 2.82
C ASN F 117 -72.35 7.29 3.68
N PHE F 118 -71.78 8.48 3.80
CA PHE F 118 -70.54 8.66 4.56
C PHE F 118 -70.77 9.30 5.92
N LYS F 119 -71.34 10.52 5.97
CA LYS F 119 -71.61 11.18 7.25
C LYS F 119 -72.45 10.29 8.15
N GLY F 120 -73.46 9.63 7.59
CA GLY F 120 -74.32 8.79 8.41
C GLY F 120 -73.59 7.61 9.01
N THR F 121 -72.53 7.16 8.34
CA THR F 121 -71.67 6.12 8.88
C THR F 121 -70.80 6.66 10.02
N VAL F 122 -70.23 7.85 9.81
CA VAL F 122 -69.42 8.47 10.86
C VAL F 122 -70.26 8.74 12.11
N TYR F 123 -71.49 9.24 11.94
CA TYR F 123 -72.24 9.72 13.09
C TYR F 123 -72.69 8.58 13.98
N ILE F 124 -73.11 7.46 13.39
CA ILE F 124 -73.55 6.34 14.21
C ILE F 124 -72.35 5.72 14.95
N VAL F 125 -71.20 5.64 14.29
CA VAL F 125 -69.98 5.19 14.98
C VAL F 125 -69.65 6.10 16.15
N GLN F 126 -69.61 7.43 15.91
CA GLN F 126 -69.32 8.37 16.99
C GLN F 126 -70.28 8.17 18.16
N ALA F 127 -71.57 8.05 17.89
CA ALA F 127 -72.54 8.06 18.97
C ALA F 127 -72.44 6.79 19.79
N ALA F 128 -71.94 5.70 19.18
CA ALA F 128 -71.86 4.37 19.77
C ALA F 128 -70.53 4.08 20.46
N LEU F 129 -69.52 4.93 20.25
CA LEU F 129 -68.17 4.68 20.75
C LEU F 129 -68.17 4.23 22.22
N GLN F 130 -68.83 4.99 23.09
CA GLN F 130 -68.72 4.72 24.52
C GLN F 130 -69.35 3.38 24.88
N ALA F 131 -70.52 3.09 24.32
CA ALA F 131 -71.15 1.80 24.61
C ALA F 131 -70.37 0.66 23.98
N LEU F 132 -69.87 0.83 22.76
CA LEU F 132 -69.05 -0.20 22.15
C LEU F 132 -67.78 -0.47 22.96
N THR F 133 -67.16 0.58 23.47
CA THR F 133 -66.00 0.44 24.34
C THR F 133 -66.36 -0.37 25.59
N ALA F 134 -67.49 -0.03 26.22
CA ALA F 134 -67.90 -0.70 27.45
C ALA F 134 -68.13 -2.19 27.24
N SER F 135 -68.50 -2.59 26.01
CA SER F 135 -68.80 -3.99 25.75
C SER F 135 -67.56 -4.87 25.83
N GLY F 136 -66.38 -4.32 25.53
CA GLY F 136 -65.15 -5.08 25.55
C GLY F 136 -64.90 -5.95 24.32
N HIS F 137 -65.85 -6.03 23.39
CA HIS F 137 -65.67 -6.80 22.15
C HIS F 137 -66.39 -6.08 21.02
N GLY F 138 -66.18 -4.76 20.93
CA GLY F 138 -66.98 -3.95 20.05
C GLY F 138 -66.72 -4.28 18.61
N ARG F 139 -67.77 -4.17 17.79
CA ARG F 139 -67.71 -4.50 16.37
C ARG F 139 -68.46 -3.43 15.58
N VAL F 140 -67.78 -2.86 14.59
CA VAL F 140 -68.43 -2.01 13.61
C VAL F 140 -68.23 -2.66 12.25
N VAL F 141 -69.33 -2.90 11.53
CA VAL F 141 -69.25 -3.39 10.15
C VAL F 141 -69.87 -2.33 9.25
N VAL F 142 -69.13 -1.94 8.22
CA VAL F 142 -69.56 -0.87 7.34
C VAL F 142 -69.96 -1.50 6.00
N THR F 143 -71.14 -1.15 5.49
CA THR F 143 -71.51 -1.55 4.12
C THR F 143 -70.99 -0.49 3.17
N SER F 144 -69.84 -0.75 2.55
CA SER F 144 -69.28 0.07 1.48
C SER F 144 -69.80 -0.49 0.16
N SER F 145 -68.93 -0.58 -0.85
CA SER F 145 -69.32 -1.06 -2.19
C SER F 145 -68.05 -1.31 -2.99
N ILE F 146 -68.16 -2.15 -4.02
CA ILE F 146 -67.08 -2.20 -5.00
C ILE F 146 -67.05 -0.89 -5.78
N THR F 147 -68.20 -0.25 -5.92
CA THR F 147 -68.27 1.02 -6.66
C THR F 147 -67.61 2.15 -5.86
N GLY F 148 -66.52 2.71 -6.41
CA GLY F 148 -65.73 3.73 -5.75
C GLY F 148 -64.36 3.25 -5.32
N PRO F 149 -64.30 2.34 -4.34
CA PRO F 149 -62.99 1.77 -3.97
C PRO F 149 -62.36 0.98 -5.10
N ILE F 150 -63.16 0.36 -5.96
CA ILE F 150 -62.57 -0.48 -7.00
C ILE F 150 -63.03 -0.05 -8.38
N THR F 151 -64.35 -0.02 -8.60
CA THR F 151 -64.89 0.19 -9.94
C THR F 151 -65.43 1.60 -10.15
N GLY F 152 -65.60 1.97 -11.42
CA GLY F 152 -66.32 3.17 -11.79
C GLY F 152 -67.61 2.77 -12.48
N TYR F 153 -68.60 3.65 -12.41
CA TYR F 153 -69.83 3.37 -13.15
C TYR F 153 -70.52 4.68 -13.48
N PRO F 154 -70.64 5.03 -14.76
CA PRO F 154 -71.16 6.36 -15.13
C PRO F 154 -72.45 6.70 -14.41
N GLY F 155 -72.51 7.93 -13.89
CA GLY F 155 -73.61 8.38 -13.06
C GLY F 155 -73.44 8.13 -11.58
N TRP F 156 -72.34 7.51 -11.14
CA TRP F 156 -72.15 7.20 -9.73
C TRP F 156 -70.85 7.76 -9.19
N SER F 157 -70.40 8.92 -9.70
CA SER F 157 -69.13 9.45 -9.22
C SER F 157 -69.24 9.95 -7.78
N HIS F 158 -70.44 10.41 -7.38
CA HIS F 158 -70.59 10.84 -6.00
C HIS F 158 -70.87 9.66 -5.09
N TYR F 159 -71.63 8.68 -5.58
CA TYR F 159 -71.84 7.45 -4.84
C TYR F 159 -70.52 6.73 -4.60
N GLY F 160 -69.73 6.54 -5.65
CA GLY F 160 -68.44 5.90 -5.49
C GLY F 160 -67.53 6.66 -4.55
N ALA F 161 -67.50 8.00 -4.67
CA ALA F 161 -66.72 8.79 -3.71
C ALA F 161 -67.16 8.56 -2.27
N SER F 162 -68.49 8.46 -2.04
CA SER F 162 -68.96 8.24 -0.68
C SER F 162 -68.60 6.86 -0.17
N LYS F 163 -68.57 5.87 -1.05
CA LYS F 163 -68.22 4.52 -0.61
C LYS F 163 -66.73 4.43 -0.31
N ALA F 164 -65.91 5.15 -1.06
CA ALA F 164 -64.48 5.13 -0.78
C ALA F 164 -64.17 5.94 0.46
N ALA F 165 -64.94 7.01 0.71
CA ALA F 165 -64.75 7.83 1.91
C ALA F 165 -64.95 7.01 3.19
N GLN F 166 -65.96 6.14 3.22
CA GLN F 166 -66.13 5.21 4.35
C GLN F 166 -64.85 4.44 4.63
N LEU F 167 -64.19 3.96 3.56
CA LEU F 167 -62.98 3.16 3.74
C LEU F 167 -61.81 4.02 4.20
N GLY F 168 -61.63 5.21 3.63
CA GLY F 168 -60.58 6.07 4.14
C GLY F 168 -60.77 6.42 5.60
N PHE F 169 -62.03 6.65 5.99
CA PHE F 169 -62.35 6.92 7.40
C PHE F 169 -62.03 5.70 8.25
N LEU F 170 -62.44 4.53 7.78
CA LEU F 170 -62.30 3.28 8.54
C LEU F 170 -60.84 2.94 8.82
N ARG F 171 -59.94 3.29 7.90
CA ARG F 171 -58.53 2.92 8.05
C ARG F 171 -57.86 3.69 9.16
N THR F 172 -58.27 4.95 9.40
CA THR F 172 -57.81 5.64 10.60
C THR F 172 -58.61 5.21 11.81
N ALA F 173 -59.94 5.11 11.69
CA ALA F 173 -60.75 4.79 12.86
C ALA F 173 -60.29 3.50 13.50
N ALA F 174 -59.91 2.52 12.69
CA ALA F 174 -59.44 1.23 13.19
C ALA F 174 -58.29 1.41 14.15
N MET F 175 -57.38 2.35 13.85
CA MET F 175 -56.28 2.57 14.77
C MET F 175 -56.74 3.30 16.02
N GLU F 176 -57.66 4.28 15.88
CA GLU F 176 -58.13 4.99 17.06
C GLU F 176 -58.96 4.07 17.93
N LEU F 177 -59.61 3.08 17.33
CA LEU F 177 -60.49 2.18 18.04
C LEU F 177 -59.80 0.96 18.63
N ALA F 178 -58.59 0.62 18.17
CA ALA F 178 -57.94 -0.59 18.68
C ALA F 178 -57.70 -0.55 20.20
N PRO F 179 -57.29 0.56 20.82
CA PRO F 179 -57.16 0.53 22.29
C PRO F 179 -58.47 0.30 23.01
N LYS F 180 -59.61 0.57 22.37
CA LYS F 180 -60.92 0.33 22.97
C LYS F 180 -61.44 -1.10 22.72
N LYS F 181 -60.66 -1.94 22.05
CA LYS F 181 -61.06 -3.31 21.71
C LYS F 181 -62.27 -3.33 20.77
N ILE F 182 -62.41 -2.29 19.95
CA ILE F 182 -63.42 -2.23 18.90
C ILE F 182 -62.71 -2.44 17.57
N THR F 183 -63.19 -3.38 16.78
CA THR F 183 -62.70 -3.52 15.41
C THR F 183 -63.70 -2.86 14.47
N ILE F 184 -63.22 -2.41 13.32
CA ILE F 184 -64.07 -1.81 12.29
C ILE F 184 -63.58 -2.28 10.92
N ASN F 185 -64.52 -2.78 10.14
CA ASN F 185 -64.25 -3.47 8.90
C ASN F 185 -65.41 -3.14 7.99
N ALA F 186 -65.23 -3.35 6.68
CA ALA F 186 -66.28 -3.10 5.71
C ALA F 186 -66.54 -4.32 4.85
N VAL F 187 -67.83 -4.57 4.54
CA VAL F 187 -68.19 -5.47 3.45
C VAL F 187 -68.31 -4.62 2.18
N LEU F 188 -67.79 -5.10 1.07
CA LEU F 188 -67.93 -4.39 -0.19
C LEU F 188 -68.80 -5.26 -1.09
N PRO F 189 -70.12 -5.11 -1.06
CA PRO F 189 -70.97 -5.88 -1.97
C PRO F 189 -70.74 -5.48 -3.41
N GLY F 190 -70.94 -6.44 -4.30
CA GLY F 190 -70.95 -6.18 -5.72
C GLY F 190 -72.33 -5.77 -6.14
N ASN F 191 -73.12 -6.71 -6.65
CA ASN F 191 -74.49 -6.43 -7.06
C ASN F 191 -75.44 -7.41 -6.41
N ILE F 192 -76.32 -6.88 -5.57
CA ILE F 192 -77.17 -7.66 -4.67
C ILE F 192 -78.62 -7.32 -4.97
N MET F 193 -79.44 -8.35 -5.13
CA MET F 193 -80.88 -8.15 -5.37
C MET F 193 -81.53 -7.48 -4.17
N THR F 194 -81.92 -6.20 -4.30
CA THR F 194 -82.52 -5.45 -3.20
C THR F 194 -83.61 -4.51 -3.72
N GLU F 195 -84.28 -3.85 -2.77
CA GLU F 195 -85.24 -2.79 -3.10
C GLU F 195 -84.57 -1.70 -3.92
N GLY F 196 -83.47 -1.15 -3.41
CA GLY F 196 -82.85 0.00 -4.05
C GLY F 196 -82.27 -0.32 -5.41
N LEU F 197 -81.64 -1.49 -5.55
CA LEU F 197 -81.08 -1.85 -6.84
C LEU F 197 -82.16 -2.08 -7.90
N ASP F 198 -83.37 -2.45 -7.48
CA ASP F 198 -84.46 -2.59 -8.42
C ASP F 198 -84.92 -1.27 -9.02
N GLU F 199 -84.48 -0.14 -8.46
CA GLU F 199 -84.75 1.16 -9.05
C GLU F 199 -83.81 1.50 -10.20
N MET F 200 -82.78 0.66 -10.44
CA MET F 200 -81.92 0.84 -11.61
C MET F 200 -82.55 0.30 -12.88
N GLY F 201 -83.59 -0.51 -12.77
CA GLY F 201 -84.21 -1.12 -13.93
C GLY F 201 -83.70 -2.52 -14.19
N GLN F 202 -84.46 -3.27 -14.99
CA GLN F 202 -84.05 -4.61 -15.37
C GLN F 202 -82.89 -4.58 -16.35
N ASP F 203 -82.77 -3.52 -17.14
CA ASP F 203 -81.62 -3.38 -18.02
C ASP F 203 -80.32 -3.41 -17.23
N TYR F 204 -80.24 -2.58 -16.19
CA TYR F 204 -79.06 -2.60 -15.32
C TYR F 204 -78.89 -3.97 -14.67
N LEU F 205 -79.99 -4.58 -14.25
CA LEU F 205 -79.91 -5.86 -13.53
C LEU F 205 -79.32 -6.95 -14.41
N ASP F 206 -79.80 -7.05 -15.67
CA ASP F 206 -79.30 -8.06 -16.58
C ASP F 206 -77.83 -7.83 -16.96
N GLN F 207 -77.41 -6.56 -17.07
CA GLN F 207 -76.03 -6.26 -17.44
C GLN F 207 -75.04 -6.81 -16.42
N MET F 208 -75.26 -6.49 -15.14
CA MET F 208 -74.34 -6.94 -14.09
C MET F 208 -74.32 -8.46 -13.99
N ALA F 209 -75.45 -9.12 -14.27
CA ALA F 209 -75.56 -10.57 -14.10
C ALA F 209 -74.56 -11.33 -14.96
N SER F 210 -74.47 -10.97 -16.25
CA SER F 210 -73.53 -11.63 -17.15
C SER F 210 -72.09 -11.24 -16.89
N ALA F 211 -71.85 -10.17 -16.12
CA ALA F 211 -70.51 -9.73 -15.77
C ALA F 211 -69.92 -10.48 -14.57
N ILE F 212 -70.67 -11.39 -13.97
CA ILE F 212 -70.35 -11.96 -12.66
C ILE F 212 -70.01 -13.44 -12.84
N PRO F 213 -68.76 -13.85 -12.59
CA PRO F 213 -68.39 -15.27 -12.78
C PRO F 213 -69.28 -16.25 -12.04
N ALA F 214 -69.75 -15.92 -10.84
CA ALA F 214 -70.63 -16.84 -10.11
C ALA F 214 -71.94 -17.07 -10.84
N GLY F 215 -72.29 -16.21 -11.81
CA GLY F 215 -73.46 -16.42 -12.64
C GLY F 215 -74.76 -15.92 -12.07
N ARG F 216 -74.73 -15.04 -11.07
CA ARG F 216 -75.94 -14.55 -10.45
C ARG F 216 -75.63 -13.27 -9.70
N LEU F 217 -76.67 -12.49 -9.46
CA LEU F 217 -76.55 -11.42 -8.48
C LEU F 217 -76.53 -12.04 -7.09
N GLY F 218 -75.96 -11.32 -6.13
CA GLY F 218 -75.91 -11.84 -4.78
C GLY F 218 -77.22 -11.64 -4.05
N SER F 219 -77.26 -12.18 -2.84
CA SER F 219 -78.42 -12.10 -1.97
C SER F 219 -78.08 -11.26 -0.75
N VAL F 220 -79.11 -10.70 -0.11
CA VAL F 220 -78.82 -9.91 1.07
C VAL F 220 -78.22 -10.77 2.17
N ALA F 221 -78.51 -12.09 2.17
CA ALA F 221 -77.90 -12.98 3.15
C ALA F 221 -76.39 -13.08 2.96
N ASP F 222 -75.91 -13.01 1.71
CA ASP F 222 -74.47 -12.98 1.47
C ASP F 222 -73.80 -11.85 2.22
N ILE F 223 -74.45 -10.70 2.30
CA ILE F 223 -73.82 -9.56 2.97
C ILE F 223 -73.97 -9.70 4.47
N GLY F 224 -75.16 -10.11 4.92
CA GLY F 224 -75.37 -10.32 6.34
C GLY F 224 -74.47 -11.38 6.93
N ASN F 225 -74.16 -12.41 6.16
CA ASN F 225 -73.27 -13.44 6.66
C ASN F 225 -71.82 -12.97 6.73
N ALA F 226 -71.40 -12.11 5.79
CA ALA F 226 -70.07 -11.52 5.92
C ALA F 226 -69.99 -10.63 7.15
N ALA F 227 -71.05 -9.85 7.41
CA ALA F 227 -71.04 -8.98 8.59
C ALA F 227 -71.01 -9.81 9.86
N LEU F 228 -71.73 -10.93 9.85
CA LEU F 228 -71.74 -11.81 11.02
C LEU F 228 -70.34 -12.32 11.31
N PHE F 229 -69.60 -12.72 10.28
CA PHE F 229 -68.23 -13.15 10.51
C PHE F 229 -67.41 -12.08 11.20
N PHE F 230 -67.45 -10.84 10.68
CA PHE F 230 -66.70 -9.76 11.31
C PHE F 230 -67.10 -9.59 12.77
N ALA F 231 -68.38 -9.77 13.08
CA ALA F 231 -68.86 -9.56 14.44
C ALA F 231 -68.46 -10.67 15.43
N THR F 232 -67.94 -11.80 14.97
CA THR F 232 -67.59 -12.86 15.92
C THR F 232 -66.40 -12.46 16.78
N ASP F 233 -66.31 -13.09 17.97
CA ASP F 233 -65.10 -12.98 18.79
C ASP F 233 -63.88 -13.49 18.04
N GLU F 234 -64.07 -14.51 17.19
CA GLU F 234 -63.00 -15.12 16.41
C GLU F 234 -62.41 -14.20 15.37
N ALA F 235 -63.05 -13.09 15.08
CA ALA F 235 -62.50 -12.11 14.16
C ALA F 235 -61.88 -10.94 14.89
N ALA F 236 -61.49 -11.13 16.15
CA ALA F 236 -61.00 -9.99 16.94
C ALA F 236 -59.71 -9.42 16.39
N TYR F 237 -58.93 -10.20 15.63
CA TYR F 237 -57.67 -9.73 15.08
C TYR F 237 -57.80 -9.15 13.66
N VAL F 238 -59.03 -8.93 13.19
CA VAL F 238 -59.30 -8.36 11.89
C VAL F 238 -59.78 -6.91 12.09
N THR F 239 -59.02 -5.93 11.63
CA THR F 239 -59.53 -4.57 11.78
C THR F 239 -58.96 -3.70 10.67
N GLY F 240 -59.75 -2.68 10.31
CA GLY F 240 -59.35 -1.77 9.24
C GLY F 240 -59.42 -2.35 7.84
N GLN F 241 -60.18 -3.41 7.65
CA GLN F 241 -60.05 -4.24 6.47
C GLN F 241 -61.36 -4.36 5.72
N THR F 242 -61.25 -4.94 4.52
CA THR F 242 -62.36 -5.03 3.60
C THR F 242 -62.51 -6.47 3.15
N LEU F 243 -63.74 -6.83 2.78
CA LEU F 243 -64.00 -8.12 2.16
C LEU F 243 -64.98 -7.92 1.02
N VAL F 244 -64.57 -8.23 -0.20
CA VAL F 244 -65.40 -8.01 -1.37
C VAL F 244 -66.32 -9.20 -1.52
N VAL F 245 -67.62 -8.96 -1.64
CA VAL F 245 -68.61 -10.03 -1.72
C VAL F 245 -69.39 -9.81 -3.02
N ASP F 246 -68.89 -10.39 -4.13
CA ASP F 246 -69.36 -10.03 -5.47
C ASP F 246 -69.38 -11.16 -6.49
N GLY F 247 -69.27 -12.43 -6.07
CA GLY F 247 -69.29 -13.50 -7.06
C GLY F 247 -68.19 -13.43 -8.10
N GLY F 248 -67.10 -12.71 -7.81
CA GLY F 248 -66.02 -12.55 -8.75
C GLY F 248 -66.14 -11.38 -9.70
N GLN F 249 -67.11 -10.48 -9.49
CA GLN F 249 -67.42 -9.46 -10.51
C GLN F 249 -66.22 -8.58 -10.80
N VAL F 250 -65.43 -8.22 -9.80
CA VAL F 250 -64.32 -7.30 -10.06
C VAL F 250 -63.13 -7.95 -10.75
N LEU F 251 -63.14 -9.28 -10.92
CA LEU F 251 -62.02 -10.02 -11.50
C LEU F 251 -61.81 -9.90 -13.01
N PRO F 252 -62.85 -10.07 -13.87
CA PRO F 252 -62.61 -10.26 -15.30
C PRO F 252 -61.90 -9.08 -15.94
N GLU F 253 -60.92 -9.40 -16.80
CA GLU F 253 -60.21 -8.35 -17.53
C GLU F 253 -61.12 -7.70 -18.55
N SER F 254 -62.15 -8.43 -19.03
CA SER F 254 -63.19 -7.76 -19.82
C SER F 254 -64.60 -8.31 -19.71
N HIS F 255 -64.95 -9.11 -18.72
CA HIS F 255 -66.37 -9.47 -18.48
C HIS F 255 -67.00 -10.23 -19.66
N SER G 1 -32.27 15.29 -29.22
CA SER G 1 -32.82 14.56 -28.08
C SER G 1 -34.25 15.00 -27.78
N HIS G 2 -35.11 14.03 -27.48
CA HIS G 2 -36.53 14.28 -27.27
C HIS G 2 -37.02 13.42 -26.12
N MET G 3 -37.66 14.04 -25.12
CA MET G 3 -38.23 13.24 -24.05
C MET G 3 -39.74 13.27 -24.14
N PHE G 4 -40.38 14.32 -23.65
CA PHE G 4 -41.81 14.47 -23.79
C PHE G 4 -42.11 15.68 -24.65
N THR G 5 -43.31 15.70 -25.24
CA THR G 5 -43.77 16.82 -26.04
C THR G 5 -43.90 18.08 -25.18
N SER G 6 -43.29 19.17 -25.63
CA SER G 6 -43.34 20.40 -24.85
C SER G 6 -44.78 20.79 -24.54
N LEU G 7 -45.02 21.23 -23.31
CA LEU G 7 -46.33 21.74 -22.93
C LEU G 7 -46.37 23.26 -22.99
N GLU G 8 -45.34 23.90 -23.53
CA GLU G 8 -45.27 25.34 -23.66
C GLU G 8 -46.54 25.90 -24.30
N GLY G 9 -47.15 26.88 -23.62
CA GLY G 9 -48.29 27.59 -24.15
C GLY G 9 -49.65 27.05 -23.77
N ARG G 10 -49.73 25.92 -23.06
CA ARG G 10 -51.02 25.44 -22.60
C ARG G 10 -51.44 26.18 -21.33
N SER G 11 -52.70 26.03 -20.98
CA SER G 11 -53.33 26.72 -19.87
C SER G 11 -53.66 25.75 -18.72
N ALA G 12 -53.27 26.12 -17.50
CA ALA G 12 -53.50 25.33 -16.30
C ALA G 12 -54.15 26.17 -15.20
N ILE G 13 -54.95 25.49 -14.39
CA ILE G 13 -55.44 25.97 -13.10
C ILE G 13 -54.84 25.09 -12.02
N VAL G 14 -54.34 25.69 -10.95
CA VAL G 14 -53.89 24.97 -9.77
C VAL G 14 -54.68 25.52 -8.60
N THR G 15 -55.54 24.71 -8.00
CA THR G 15 -56.23 25.24 -6.84
C THR G 15 -55.34 25.10 -5.61
N GLY G 16 -55.49 26.04 -4.69
CA GLY G 16 -54.55 26.10 -3.58
C GLY G 16 -53.10 26.19 -4.00
N GLY G 17 -52.79 27.05 -4.97
CA GLY G 17 -51.45 27.23 -5.48
C GLY G 17 -50.60 28.25 -4.76
N SER G 18 -51.15 28.94 -3.73
CA SER G 18 -50.39 29.98 -3.02
C SER G 18 -49.13 29.43 -2.37
N LYS G 19 -49.18 28.19 -1.89
CA LYS G 19 -48.11 27.68 -1.05
C LYS G 19 -48.12 26.17 -1.12
N GLY G 20 -47.12 25.56 -0.48
CA GLY G 20 -47.09 24.11 -0.34
C GLY G 20 -46.99 23.42 -1.68
N ILE G 21 -47.71 22.30 -1.79
CA ILE G 21 -47.63 21.46 -2.99
C ILE G 21 -48.19 22.19 -4.20
N GLY G 22 -49.28 22.93 -4.01
CA GLY G 22 -49.87 23.65 -5.12
C GLY G 22 -48.95 24.69 -5.73
N ARG G 23 -48.17 25.39 -4.89
CA ARG G 23 -47.15 26.28 -5.43
C ARG G 23 -46.06 25.50 -6.16
N GLY G 24 -45.64 24.37 -5.59
CA GLY G 24 -44.70 23.49 -6.28
C GLY G 24 -45.22 23.03 -7.62
N ILE G 25 -46.48 22.63 -7.68
CA ILE G 25 -47.08 22.25 -8.96
C ILE G 25 -47.07 23.44 -9.91
N ALA G 26 -47.54 24.60 -9.43
CA ALA G 26 -47.60 25.80 -10.27
C ALA G 26 -46.25 26.12 -10.88
N GLU G 27 -45.20 26.14 -10.04
CA GLU G 27 -43.87 26.47 -10.52
C GLU G 27 -43.37 25.44 -11.54
N THR G 28 -43.61 24.15 -11.29
CA THR G 28 -43.17 23.12 -12.22
C THR G 28 -43.80 23.31 -13.59
N PHE G 29 -45.11 23.58 -13.64
CA PHE G 29 -45.76 23.78 -14.93
C PHE G 29 -45.30 25.09 -15.58
N ALA G 30 -45.17 26.14 -14.77
CA ALA G 30 -44.67 27.41 -15.28
C ALA G 30 -43.28 27.26 -15.86
N ASN G 31 -42.38 26.57 -15.13
CA ASN G 31 -41.05 26.31 -15.66
C ASN G 31 -41.09 25.55 -16.98
N ALA G 32 -42.17 24.84 -17.25
CA ALA G 32 -42.34 24.12 -18.51
C ALA G 32 -43.02 24.96 -19.57
N GLY G 33 -43.19 26.27 -19.35
CA GLY G 33 -43.83 27.14 -20.31
C GLY G 33 -45.34 27.10 -20.33
N VAL G 34 -45.97 26.45 -19.34
CA VAL G 34 -47.42 26.50 -19.19
C VAL G 34 -47.82 27.75 -18.42
N ASP G 35 -48.90 28.41 -18.85
CA ASP G 35 -49.44 29.52 -18.10
C ASP G 35 -50.39 29.00 -17.03
N VAL G 36 -50.26 29.52 -15.81
CA VAL G 36 -50.92 28.94 -14.65
C VAL G 36 -51.68 30.02 -13.89
N VAL G 37 -52.96 29.77 -13.65
CA VAL G 37 -53.75 30.51 -12.68
C VAL G 37 -53.76 29.71 -11.38
N ILE G 38 -53.20 30.28 -10.31
CA ILE G 38 -53.29 29.67 -8.99
C ILE G 38 -54.45 30.31 -8.27
N THR G 39 -55.11 29.53 -7.41
CA THR G 39 -56.21 30.03 -6.61
C THR G 39 -55.91 29.90 -5.12
N GLY G 40 -56.72 30.60 -4.33
CA GLY G 40 -56.61 30.60 -2.89
C GLY G 40 -57.46 31.73 -2.33
N ARG G 41 -57.55 31.73 -1.00
CA ARG G 41 -58.42 32.68 -0.29
C ARG G 41 -57.68 33.91 0.20
N ASN G 42 -56.38 33.81 0.42
CA ASN G 42 -55.57 34.90 0.95
C ASN G 42 -54.93 35.68 -0.20
N GLN G 43 -55.37 36.93 -0.41
CA GLN G 43 -54.82 37.71 -1.53
C GLN G 43 -53.34 38.04 -1.29
N ASP G 44 -52.94 38.23 -0.03
CA ASP G 44 -51.54 38.52 0.27
C ASP G 44 -50.63 37.36 -0.11
N ASP G 45 -51.03 36.12 0.25
CA ASP G 45 -50.23 34.96 -0.12
C ASP G 45 -50.22 34.74 -1.63
N LEU G 46 -51.36 34.94 -2.28
CA LEU G 46 -51.43 34.84 -3.73
C LEU G 46 -50.51 35.84 -4.40
N ASP G 47 -50.53 37.11 -3.93
CA ASP G 47 -49.69 38.14 -4.53
C ASP G 47 -48.21 37.88 -4.29
N ARG G 48 -47.86 37.41 -3.09
CA ARG G 48 -46.46 37.10 -2.79
C ARG G 48 -45.95 35.97 -3.70
N THR G 49 -46.74 34.91 -3.88
CA THR G 49 -46.32 33.84 -4.77
C THR G 49 -46.23 34.31 -6.21
N VAL G 50 -47.22 35.07 -6.68
CA VAL G 50 -47.16 35.62 -8.03
C VAL G 50 -45.91 36.48 -8.19
N ALA G 51 -45.52 37.19 -7.14
CA ALA G 51 -44.27 37.96 -7.21
C ALA G 51 -43.06 37.04 -7.14
N ASP G 52 -43.11 36.02 -6.29
CA ASP G 52 -42.00 35.07 -6.18
C ASP G 52 -41.70 34.40 -7.52
N LEU G 53 -42.73 34.13 -8.32
CA LEU G 53 -42.56 33.36 -9.54
C LEU G 53 -42.48 34.24 -10.78
N SER G 54 -42.27 35.55 -10.59
CA SER G 54 -42.33 36.49 -11.70
C SER G 54 -41.34 36.16 -12.80
N GLY G 55 -40.17 35.65 -12.45
CA GLY G 55 -39.22 35.23 -13.46
C GLY G 55 -39.48 33.92 -14.20
N THR G 56 -40.55 33.18 -13.91
CA THR G 56 -40.72 31.90 -14.60
C THR G 56 -41.10 32.12 -16.06
N ARG G 57 -40.89 31.08 -16.86
CA ARG G 57 -41.17 31.10 -18.29
C ARG G 57 -42.66 31.31 -18.53
N GLY G 58 -43.49 30.34 -18.19
CA GLY G 58 -44.92 30.56 -18.23
C GLY G 58 -45.37 31.61 -17.23
N LYS G 59 -46.55 32.16 -17.47
CA LYS G 59 -47.06 33.27 -16.69
C LYS G 59 -48.00 32.77 -15.60
N VAL G 60 -47.62 33.02 -14.35
CA VAL G 60 -48.41 32.64 -13.18
C VAL G 60 -49.14 33.88 -12.66
N THR G 61 -50.48 33.86 -12.75
CA THR G 61 -51.35 34.85 -12.14
C THR G 61 -52.24 34.15 -11.09
N ALA G 62 -52.94 34.96 -10.30
CA ALA G 62 -53.78 34.42 -9.22
C ALA G 62 -55.23 34.81 -9.43
N VAL G 63 -56.12 33.93 -8.97
CA VAL G 63 -57.53 34.22 -8.85
C VAL G 63 -57.96 33.86 -7.44
N ARG G 64 -58.48 34.84 -6.71
CA ARG G 64 -58.91 34.62 -5.34
C ARG G 64 -60.27 33.95 -5.36
N ALA G 65 -60.37 32.76 -4.75
CA ALA G 65 -61.56 31.93 -4.91
C ALA G 65 -61.54 30.80 -3.89
N ASP G 66 -62.72 30.48 -3.36
CA ASP G 66 -62.89 29.40 -2.39
C ASP G 66 -63.34 28.14 -3.13
N VAL G 67 -62.56 27.07 -3.03
CA VAL G 67 -62.93 25.85 -3.75
C VAL G 67 -64.29 25.32 -3.31
N THR G 68 -64.73 25.64 -2.08
CA THR G 68 -66.00 25.09 -1.62
C THR G 68 -67.22 25.76 -2.26
N ASP G 69 -67.03 26.88 -2.98
CA ASP G 69 -68.12 27.63 -3.60
C ASP G 69 -68.12 27.36 -5.10
N PRO G 70 -69.13 26.67 -5.64
CA PRO G 70 -69.15 26.41 -7.10
C PRO G 70 -69.12 27.68 -7.95
N GLU G 71 -69.68 28.78 -7.46
CA GLU G 71 -69.63 30.02 -8.23
C GLU G 71 -68.19 30.50 -8.39
N ASP G 72 -67.38 30.39 -7.34
CA ASP G 72 -65.97 30.73 -7.44
C ASP G 72 -65.25 29.84 -8.45
N ALA G 73 -65.58 28.53 -8.46
CA ALA G 73 -65.02 27.64 -9.47
C ALA G 73 -65.37 28.09 -10.89
N ARG G 74 -66.63 28.46 -11.11
CA ARG G 74 -67.03 28.93 -12.44
C ARG G 74 -66.29 30.20 -12.82
N ARG G 75 -66.14 31.13 -11.87
CA ARG G 75 -65.39 32.36 -12.11
C ARG G 75 -63.91 32.06 -12.33
N THR G 76 -63.37 31.07 -11.63
CA THR G 76 -61.97 30.71 -11.83
C THR G 76 -61.73 30.23 -13.26
N VAL G 77 -62.61 29.35 -13.76
CA VAL G 77 -62.50 28.88 -15.12
C VAL G 77 -62.66 30.05 -16.10
N ALA G 78 -63.63 30.94 -15.86
CA ALA G 78 -63.84 32.09 -16.75
C ALA G 78 -62.61 32.98 -16.82
N GLU G 79 -62.11 33.41 -15.67
CA GLU G 79 -60.89 34.22 -15.65
C GLU G 79 -59.75 33.51 -16.38
N THR G 80 -59.51 32.24 -16.06
CA THR G 80 -58.40 31.53 -16.69
C THR G 80 -58.57 31.46 -18.20
N VAL G 81 -59.80 31.24 -18.68
CA VAL G 81 -60.00 31.10 -20.11
C VAL G 81 -59.79 32.44 -20.81
N SER G 82 -60.20 33.54 -20.18
CA SER G 82 -59.98 34.85 -20.78
C SER G 82 -58.49 35.22 -20.80
N ARG G 83 -57.78 34.96 -19.70
CA ARG G 83 -56.38 35.34 -19.65
C ARG G 83 -55.52 34.49 -20.58
N HIS G 84 -55.80 33.20 -20.66
CA HIS G 84 -54.93 32.30 -21.41
C HIS G 84 -55.47 31.94 -22.79
N GLY G 85 -56.76 32.12 -23.04
CA GLY G 85 -57.35 31.68 -24.29
C GLY G 85 -57.80 30.24 -24.35
N GLY G 86 -58.03 29.61 -23.21
CA GLY G 86 -58.44 28.22 -23.18
C GLY G 86 -58.03 27.62 -21.85
N LEU G 87 -58.21 26.30 -21.76
CA LEU G 87 -57.90 25.62 -20.50
C LEU G 87 -57.57 24.17 -20.82
N ASP G 88 -56.36 23.75 -20.50
CA ASP G 88 -55.89 22.42 -20.87
C ASP G 88 -55.71 21.48 -19.70
N ILE G 89 -55.39 22.02 -18.53
CA ILE G 89 -54.93 21.25 -17.38
C ILE G 89 -55.65 21.80 -16.16
N VAL G 90 -56.20 20.93 -15.33
CA VAL G 90 -56.75 21.34 -14.04
C VAL G 90 -56.11 20.48 -12.98
N CYS G 91 -55.40 21.12 -12.06
CA CYS G 91 -54.83 20.48 -10.89
C CYS G 91 -55.74 20.78 -9.72
N ALA G 92 -56.58 19.81 -9.37
CA ALA G 92 -57.48 19.91 -8.22
C ALA G 92 -56.63 19.55 -7.01
N ASN G 93 -56.08 20.57 -6.36
CA ASN G 93 -55.04 20.37 -5.36
C ASN G 93 -55.41 20.87 -3.98
N ALA G 94 -56.25 21.90 -3.87
CA ALA G 94 -56.54 22.52 -2.60
C ALA G 94 -57.00 21.47 -1.59
N GLY G 95 -56.40 21.51 -0.41
CA GLY G 95 -56.83 20.68 0.69
C GLY G 95 -56.26 21.13 2.01
N ILE G 96 -56.96 20.76 3.10
CA ILE G 96 -56.58 21.08 4.47
C ILE G 96 -56.56 19.77 5.26
N PHE G 97 -55.71 19.71 6.28
CA PHE G 97 -55.61 18.54 7.13
C PHE G 97 -55.50 18.92 8.60
N PRO G 98 -56.52 19.58 9.14
CA PRO G 98 -56.59 19.74 10.59
C PRO G 98 -56.76 18.36 11.21
N SER G 99 -56.42 18.26 12.49
CA SER G 99 -56.42 16.97 13.17
C SER G 99 -57.43 16.97 14.31
N GLY G 100 -58.14 15.86 14.46
CA GLY G 100 -59.07 15.70 15.56
C GLY G 100 -59.43 14.24 15.74
N ARG G 101 -59.40 13.76 16.97
CA ARG G 101 -59.80 12.38 17.18
C ARG G 101 -61.29 12.22 16.84
N LEU G 102 -61.64 10.96 16.51
CA LEU G 102 -62.98 10.63 16.07
C LEU G 102 -64.05 11.22 16.99
N GLU G 103 -63.90 11.01 18.30
CA GLU G 103 -64.95 11.43 19.22
C GLU G 103 -65.03 12.94 19.38
N ASP G 104 -64.06 13.70 18.87
CA ASP G 104 -64.09 15.16 18.94
C ASP G 104 -64.57 15.82 17.65
N LEU G 105 -64.73 15.08 16.57
CA LEU G 105 -65.05 15.69 15.28
C LEU G 105 -66.52 16.15 15.26
N THR G 106 -66.71 17.47 15.12
CA THR G 106 -68.04 18.01 14.99
C THR G 106 -68.49 17.90 13.54
N PRO G 107 -69.80 18.02 13.27
CA PRO G 107 -70.26 18.05 11.86
C PRO G 107 -69.58 19.13 11.04
N ASP G 108 -69.27 20.28 11.64
CA ASP G 108 -68.58 21.35 10.94
C ASP G 108 -67.14 20.96 10.62
N ASP G 109 -66.44 20.33 11.57
CA ASP G 109 -65.11 19.80 11.28
C ASP G 109 -65.16 18.89 10.06
N ILE G 110 -66.12 17.98 10.02
CA ILE G 110 -66.15 16.97 8.96
C ILE G 110 -66.45 17.64 7.62
N GLU G 111 -67.40 18.57 7.60
CA GLU G 111 -67.81 19.20 6.35
C GLU G 111 -66.78 20.18 5.83
N GLN G 112 -66.02 20.80 6.74
CA GLN G 112 -64.94 21.68 6.30
C GLN G 112 -63.90 20.92 5.52
N VAL G 113 -63.52 19.73 6.01
CA VAL G 113 -62.51 18.93 5.34
C VAL G 113 -63.09 18.29 4.08
N LEU G 114 -64.28 17.70 4.19
CA LEU G 114 -64.89 17.11 2.99
C LEU G 114 -65.18 18.19 1.93
N GLY G 115 -65.53 19.39 2.37
CA GLY G 115 -65.85 20.46 1.43
C GLY G 115 -64.63 20.94 0.66
N VAL G 116 -63.55 21.28 1.38
CA VAL G 116 -62.34 21.73 0.70
C VAL G 116 -61.76 20.60 -0.14
N ASN G 117 -61.49 19.45 0.48
CA ASN G 117 -60.65 18.45 -0.15
C ASN G 117 -61.36 17.67 -1.23
N PHE G 118 -62.63 17.36 -1.00
CA PHE G 118 -63.40 16.52 -1.92
C PHE G 118 -64.36 17.36 -2.77
N LYS G 119 -65.26 18.12 -2.15
CA LYS G 119 -66.21 18.91 -2.93
C LYS G 119 -65.48 19.92 -3.81
N GLY G 120 -64.41 20.53 -3.30
CA GLY G 120 -63.68 21.51 -4.09
C GLY G 120 -62.96 20.89 -5.27
N THR G 121 -62.68 19.58 -5.20
CA THR G 121 -62.14 18.88 -6.37
C THR G 121 -63.24 18.64 -7.40
N VAL G 122 -64.39 18.15 -6.94
CA VAL G 122 -65.54 17.95 -7.84
C VAL G 122 -65.90 19.26 -8.56
N TYR G 123 -66.00 20.37 -7.80
CA TYR G 123 -66.56 21.61 -8.37
C TYR G 123 -65.65 22.22 -9.42
N ILE G 124 -64.32 22.16 -9.20
CA ILE G 124 -63.43 22.70 -10.22
C ILE G 124 -63.42 21.82 -11.47
N VAL G 125 -63.55 20.50 -11.30
CA VAL G 125 -63.66 19.64 -12.47
C VAL G 125 -64.95 19.91 -13.23
N GLN G 126 -66.07 20.04 -12.50
CA GLN G 126 -67.35 20.34 -13.15
C GLN G 126 -67.29 21.66 -13.91
N ALA G 127 -66.73 22.70 -13.29
CA ALA G 127 -66.63 23.99 -13.96
C ALA G 127 -65.75 23.90 -15.20
N ALA G 128 -64.72 23.07 -15.18
CA ALA G 128 -63.75 23.06 -16.26
C ALA G 128 -64.13 22.15 -17.42
N LEU G 129 -65.22 21.38 -17.32
CA LEU G 129 -65.44 20.28 -18.27
C LEU G 129 -65.50 20.78 -19.71
N GLN G 130 -66.13 21.92 -19.93
CA GLN G 130 -66.33 22.41 -21.30
C GLN G 130 -65.03 22.91 -21.91
N ALA G 131 -64.28 23.74 -21.17
CA ALA G 131 -63.00 24.20 -21.68
C ALA G 131 -62.02 23.04 -21.85
N LEU G 132 -62.04 22.08 -20.92
CA LEU G 132 -61.16 20.93 -21.07
C LEU G 132 -61.53 20.11 -22.30
N THR G 133 -62.83 19.96 -22.56
CA THR G 133 -63.28 19.22 -23.73
C THR G 133 -62.83 19.94 -25.00
N ALA G 134 -62.88 21.26 -24.99
CA ALA G 134 -62.53 22.02 -26.18
C ALA G 134 -61.04 21.92 -26.51
N SER G 135 -60.20 21.71 -25.50
CA SER G 135 -58.76 21.57 -25.71
C SER G 135 -58.42 20.33 -26.53
N GLY G 136 -59.21 19.27 -26.43
CA GLY G 136 -58.92 18.04 -27.12
C GLY G 136 -57.83 17.19 -26.50
N HIS G 137 -57.11 17.70 -25.51
CA HIS G 137 -56.15 16.91 -24.75
C HIS G 137 -56.25 17.25 -23.27
N GLY G 138 -57.50 17.32 -22.77
CA GLY G 138 -57.72 17.78 -21.41
C GLY G 138 -57.10 16.85 -20.38
N ARG G 139 -56.62 17.45 -19.29
CA ARG G 139 -55.92 16.73 -18.22
C ARG G 139 -56.41 17.22 -16.88
N VAL G 140 -56.79 16.30 -15.99
CA VAL G 140 -57.08 16.65 -14.61
C VAL G 140 -56.17 15.83 -13.72
N VAL G 141 -55.48 16.50 -12.81
CA VAL G 141 -54.59 15.88 -11.84
C VAL G 141 -55.09 16.24 -10.44
N VAL G 142 -55.47 15.22 -9.67
CA VAL G 142 -56.02 15.38 -8.32
C VAL G 142 -54.89 15.16 -7.31
N THR G 143 -54.77 16.06 -6.35
CA THR G 143 -53.82 15.83 -5.26
C THR G 143 -54.56 15.09 -4.18
N SER G 144 -54.38 13.79 -4.16
CA SER G 144 -54.92 12.95 -3.09
C SER G 144 -53.88 12.78 -1.98
N SER G 145 -53.72 11.58 -1.40
CA SER G 145 -52.71 11.35 -0.36
C SER G 145 -52.62 9.85 -0.10
N ILE G 146 -51.50 9.40 0.46
CA ILE G 146 -51.50 8.01 0.95
C ILE G 146 -52.49 7.86 2.10
N THR G 147 -52.73 8.93 2.86
CA THR G 147 -53.62 8.90 4.02
C THR G 147 -55.07 8.80 3.55
N GLY G 148 -55.74 7.71 3.90
CA GLY G 148 -57.08 7.49 3.45
C GLY G 148 -57.14 6.32 2.49
N PRO G 149 -56.67 6.50 1.25
CA PRO G 149 -56.64 5.36 0.31
C PRO G 149 -55.79 4.19 0.78
N ILE G 150 -54.72 4.45 1.54
CA ILE G 150 -53.80 3.40 1.92
C ILE G 150 -53.63 3.37 3.44
N THR G 151 -53.23 4.48 4.06
CA THR G 151 -52.84 4.46 5.46
C THR G 151 -53.91 5.06 6.35
N GLY G 152 -53.71 4.84 7.65
CA GLY G 152 -54.49 5.48 8.68
C GLY G 152 -53.55 6.27 9.58
N TYR G 153 -54.08 7.34 10.19
CA TYR G 153 -53.29 8.13 11.12
C TYR G 153 -54.22 8.76 12.13
N PRO G 154 -54.07 8.50 13.43
CA PRO G 154 -55.03 9.01 14.42
C PRO G 154 -55.18 10.52 14.31
N GLY G 155 -56.45 10.96 14.26
CA GLY G 155 -56.79 12.36 14.11
C GLY G 155 -57.16 12.77 12.70
N TRP G 156 -56.94 11.89 11.72
CA TRP G 156 -57.15 12.19 10.32
C TRP G 156 -58.22 11.30 9.70
N SER G 157 -59.21 10.86 10.48
CA SER G 157 -60.21 9.96 9.91
C SER G 157 -61.06 10.67 8.86
N HIS G 158 -61.35 11.96 9.09
CA HIS G 158 -62.10 12.74 8.11
C HIS G 158 -61.23 13.17 6.94
N TYR G 159 -59.98 13.56 7.22
CA TYR G 159 -59.04 13.85 6.14
C TYR G 159 -58.84 12.62 5.26
N GLY G 160 -58.58 11.45 5.86
CA GLY G 160 -58.42 10.26 5.05
C GLY G 160 -59.64 9.93 4.23
N ALA G 161 -60.82 10.09 4.83
CA ALA G 161 -62.06 9.90 4.08
C ALA G 161 -62.10 10.79 2.86
N SER G 162 -61.74 12.06 3.03
CA SER G 162 -61.80 13.02 1.93
C SER G 162 -60.80 12.70 0.82
N LYS G 163 -59.62 12.23 1.20
CA LYS G 163 -58.63 11.83 0.20
C LYS G 163 -59.07 10.58 -0.57
N ALA G 164 -59.67 9.61 0.11
CA ALA G 164 -60.16 8.45 -0.60
C ALA G 164 -61.40 8.77 -1.42
N ALA G 165 -62.25 9.68 -0.91
CA ALA G 165 -63.41 10.15 -1.68
C ALA G 165 -63.01 10.71 -3.06
N GLN G 166 -61.92 11.48 -3.12
CA GLN G 166 -61.44 11.96 -4.43
C GLN G 166 -61.22 10.80 -5.38
N LEU G 167 -60.75 9.66 -4.86
CA LEU G 167 -60.40 8.55 -5.75
C LEU G 167 -61.64 7.78 -6.21
N GLY G 168 -62.60 7.55 -5.32
CA GLY G 168 -63.85 6.96 -5.75
C GLY G 168 -64.54 7.81 -6.81
N PHE G 169 -64.50 9.12 -6.63
CA PHE G 169 -65.04 10.04 -7.62
C PHE G 169 -64.34 9.87 -8.96
N LEU G 170 -63.01 9.78 -8.95
CA LEU G 170 -62.32 9.82 -10.23
C LEU G 170 -62.33 8.50 -10.97
N ARG G 171 -62.51 7.37 -10.26
CA ARG G 171 -62.63 6.12 -11.00
C ARG G 171 -63.88 6.11 -11.87
N THR G 172 -64.97 6.76 -11.42
CA THR G 172 -66.13 6.91 -12.31
C THR G 172 -65.92 8.07 -13.28
N ALA G 173 -65.40 9.20 -12.79
CA ALA G 173 -65.22 10.36 -13.67
C ALA G 173 -64.34 10.05 -14.85
N ALA G 174 -63.36 9.16 -14.69
CA ALA G 174 -62.48 8.85 -15.82
C ALA G 174 -63.24 8.16 -16.94
N MET G 175 -64.26 7.37 -16.60
CA MET G 175 -65.08 6.77 -17.63
C MET G 175 -65.93 7.82 -18.33
N GLU G 176 -66.59 8.69 -17.54
CA GLU G 176 -67.41 9.74 -18.14
C GLU G 176 -66.57 10.73 -18.96
N LEU G 177 -65.30 10.88 -18.63
CA LEU G 177 -64.50 11.88 -19.34
C LEU G 177 -63.82 11.30 -20.57
N ALA G 178 -63.70 9.98 -20.66
CA ALA G 178 -62.98 9.36 -21.77
C ALA G 178 -63.48 9.77 -23.15
N PRO G 179 -64.79 9.86 -23.43
CA PRO G 179 -65.21 10.28 -24.78
C PRO G 179 -64.93 11.73 -25.06
N LYS G 180 -64.73 12.54 -24.03
CA LYS G 180 -64.35 13.93 -24.16
C LYS G 180 -62.84 14.12 -24.31
N LYS G 181 -62.07 13.03 -24.25
CA LYS G 181 -60.62 13.04 -24.36
C LYS G 181 -59.96 13.74 -23.19
N ILE G 182 -60.59 13.65 -22.02
CA ILE G 182 -60.02 14.15 -20.77
C ILE G 182 -59.60 12.95 -19.94
N THR G 183 -58.33 12.93 -19.54
CA THR G 183 -57.91 11.96 -18.52
C THR G 183 -57.95 12.60 -17.13
N ILE G 184 -58.11 11.76 -16.12
CA ILE G 184 -58.09 12.23 -14.74
C ILE G 184 -57.36 11.18 -13.91
N ASN G 185 -56.33 11.61 -13.19
CA ASN G 185 -55.49 10.75 -12.39
C ASN G 185 -55.18 11.47 -11.10
N ALA G 186 -54.63 10.74 -10.14
CA ALA G 186 -54.27 11.35 -8.86
C ALA G 186 -52.81 11.07 -8.54
N VAL G 187 -52.15 12.07 -7.99
CA VAL G 187 -50.90 11.86 -7.26
C VAL G 187 -51.27 11.68 -5.79
N LEU G 188 -50.66 10.70 -5.16
CA LEU G 188 -50.83 10.41 -3.74
C LEU G 188 -49.51 10.68 -3.03
N PRO G 189 -49.23 11.92 -2.65
CA PRO G 189 -47.98 12.19 -1.95
C PRO G 189 -47.96 11.45 -0.62
N GLY G 190 -46.75 11.10 -0.17
CA GLY G 190 -46.58 10.61 1.18
C GLY G 190 -46.46 11.80 2.13
N ASN G 191 -45.24 12.13 2.53
CA ASN G 191 -45.00 13.25 3.42
C ASN G 191 -44.03 14.22 2.76
N ILE G 192 -44.52 15.43 2.48
CA ILE G 192 -43.81 16.41 1.69
C ILE G 192 -43.62 17.66 2.54
N MET G 193 -42.39 18.15 2.61
CA MET G 193 -42.10 19.43 3.27
C MET G 193 -42.93 20.54 2.64
N THR G 194 -43.89 21.10 3.40
CA THR G 194 -44.73 22.21 2.96
C THR G 194 -45.06 23.09 4.15
N GLU G 195 -45.77 24.20 3.88
CA GLU G 195 -46.30 25.06 4.93
C GLU G 195 -47.29 24.31 5.81
N GLY G 196 -48.27 23.63 5.18
CA GLY G 196 -49.29 22.93 5.94
C GLY G 196 -48.72 21.87 6.86
N LEU G 197 -47.84 21.01 6.33
CA LEU G 197 -47.25 19.97 7.16
C LEU G 197 -46.34 20.55 8.24
N ASP G 198 -45.78 21.75 8.01
CA ASP G 198 -45.01 22.43 9.04
C ASP G 198 -45.80 22.63 10.32
N GLU G 199 -47.13 22.75 10.21
CA GLU G 199 -47.96 23.00 11.38
C GLU G 199 -48.20 21.75 12.22
N MET G 200 -47.93 20.55 11.67
CA MET G 200 -48.07 19.34 12.47
C MET G 200 -46.94 19.17 13.49
N GLY G 201 -45.95 20.06 13.47
CA GLY G 201 -44.89 20.06 14.46
C GLY G 201 -43.67 19.27 14.02
N GLN G 202 -42.55 19.57 14.67
CA GLN G 202 -41.30 18.87 14.36
C GLN G 202 -41.42 17.38 14.68
N ASP G 203 -42.11 17.03 15.76
CA ASP G 203 -42.24 15.62 16.16
C ASP G 203 -42.89 14.80 15.04
N TYR G 204 -43.97 15.31 14.45
CA TYR G 204 -44.58 14.64 13.32
C TYR G 204 -43.59 14.51 12.17
N LEU G 205 -42.79 15.55 11.94
CA LEU G 205 -41.84 15.49 10.82
C LEU G 205 -40.71 14.51 11.12
N ASP G 206 -40.14 14.57 12.33
CA ASP G 206 -39.18 13.57 12.79
C ASP G 206 -39.72 12.15 12.55
N GLN G 207 -40.93 11.88 13.07
CA GLN G 207 -41.50 10.54 13.01
C GLN G 207 -41.65 10.05 11.57
N MET G 208 -42.11 10.92 10.67
CA MET G 208 -42.31 10.48 9.30
C MET G 208 -40.98 10.20 8.60
N ALA G 209 -39.93 10.97 8.92
CA ALA G 209 -38.66 10.81 8.20
C ALA G 209 -38.07 9.42 8.42
N SER G 210 -38.05 8.96 9.67
CA SER G 210 -37.51 7.64 9.97
C SER G 210 -38.36 6.53 9.39
N ALA G 211 -39.54 6.83 8.88
CA ALA G 211 -40.45 5.85 8.32
C ALA G 211 -40.31 5.68 6.81
N ILE G 212 -39.41 6.43 6.16
CA ILE G 212 -39.32 6.52 4.71
C ILE G 212 -38.05 5.82 4.25
N PRO G 213 -38.14 4.77 3.43
CA PRO G 213 -36.91 4.13 2.93
C PRO G 213 -35.97 5.09 2.23
N ALA G 214 -36.50 6.04 1.43
CA ALA G 214 -35.63 7.03 0.81
C ALA G 214 -34.91 7.91 1.82
N GLY G 215 -35.34 7.91 3.09
CA GLY G 215 -34.62 8.62 4.13
C GLY G 215 -34.80 10.11 4.15
N ARG G 216 -35.88 10.62 3.58
CA ARG G 216 -36.13 12.06 3.58
C ARG G 216 -37.62 12.29 3.34
N LEU G 217 -38.10 13.43 3.84
CA LEU G 217 -39.38 13.96 3.40
C LEU G 217 -39.26 14.36 1.94
N GLY G 218 -40.36 14.25 1.20
CA GLY G 218 -40.33 14.64 -0.20
C GLY G 218 -40.33 16.16 -0.37
N SER G 219 -40.15 16.60 -1.62
CA SER G 219 -40.19 18.00 -1.96
C SER G 219 -41.46 18.34 -2.74
N VAL G 220 -41.79 19.63 -2.80
CA VAL G 220 -42.98 19.98 -3.57
C VAL G 220 -42.75 19.73 -5.05
N ALA G 221 -41.49 19.75 -5.50
CA ALA G 221 -41.21 19.46 -6.90
C ALA G 221 -41.45 17.99 -7.23
N ASP G 222 -41.29 17.10 -6.25
CA ASP G 222 -41.61 15.69 -6.48
C ASP G 222 -43.04 15.53 -6.93
N ILE G 223 -43.97 16.27 -6.31
CA ILE G 223 -45.37 16.18 -6.68
C ILE G 223 -45.63 16.93 -7.98
N GLY G 224 -45.03 18.10 -8.16
CA GLY G 224 -45.22 18.84 -9.39
C GLY G 224 -44.77 18.06 -10.61
N ASN G 225 -43.63 17.39 -10.50
CA ASN G 225 -43.14 16.59 -11.63
C ASN G 225 -44.03 15.39 -11.94
N ALA G 226 -44.61 14.76 -10.93
CA ALA G 226 -45.59 13.71 -11.18
C ALA G 226 -46.82 14.26 -11.90
N ALA G 227 -47.35 15.40 -11.44
CA ALA G 227 -48.47 16.02 -12.14
C ALA G 227 -48.09 16.38 -13.57
N LEU G 228 -46.86 16.88 -13.78
CA LEU G 228 -46.40 17.22 -15.12
C LEU G 228 -46.42 16.02 -16.06
N PHE G 229 -46.08 14.84 -15.52
CA PHE G 229 -46.14 13.65 -16.35
C PHE G 229 -47.56 13.39 -16.83
N PHE G 230 -48.51 13.37 -15.88
CA PHE G 230 -49.91 13.09 -16.22
C PHE G 230 -50.41 14.04 -17.30
N ALA G 231 -50.02 15.30 -17.21
CA ALA G 231 -50.47 16.30 -18.17
C ALA G 231 -49.85 16.14 -19.55
N THR G 232 -48.82 15.31 -19.73
CA THR G 232 -48.24 15.19 -21.06
C THR G 232 -49.20 14.52 -22.04
N ASP G 233 -49.05 14.89 -23.33
CA ASP G 233 -49.64 14.11 -24.41
C ASP G 233 -49.29 12.62 -24.28
N GLU G 234 -48.05 12.32 -23.87
CA GLU G 234 -47.54 10.96 -23.85
C GLU G 234 -48.22 10.10 -22.80
N ALA G 235 -49.06 10.69 -21.95
CA ALA G 235 -49.83 9.96 -20.94
C ALA G 235 -51.30 9.89 -21.29
N ALA G 236 -51.65 10.06 -22.56
CA ALA G 236 -53.07 10.06 -22.94
C ALA G 236 -53.77 8.74 -22.65
N TYR G 237 -53.02 7.65 -22.52
CA TYR G 237 -53.61 6.34 -22.27
C TYR G 237 -53.66 6.00 -20.78
N VAL G 238 -53.38 6.98 -19.92
CA VAL G 238 -53.37 6.79 -18.47
C VAL G 238 -54.60 7.53 -17.94
N THR G 239 -55.59 6.81 -17.43
CA THR G 239 -56.72 7.52 -16.85
C THR G 239 -57.33 6.71 -15.70
N GLY G 240 -57.92 7.43 -14.74
CA GLY G 240 -58.52 6.74 -13.58
C GLY G 240 -57.52 6.14 -12.63
N GLN G 241 -56.26 6.56 -12.73
CA GLN G 241 -55.18 5.87 -12.04
C GLN G 241 -54.52 6.77 -10.99
N THR G 242 -53.71 6.12 -10.16
CA THR G 242 -53.00 6.75 -9.06
C THR G 242 -51.49 6.56 -9.22
N LEU G 243 -50.73 7.48 -8.66
CA LEU G 243 -49.28 7.30 -8.50
C LEU G 243 -48.86 7.77 -7.12
N VAL G 244 -48.30 6.86 -6.33
CA VAL G 244 -47.86 7.16 -4.96
C VAL G 244 -46.44 7.71 -5.02
N VAL G 245 -46.23 8.90 -4.43
CA VAL G 245 -44.94 9.59 -4.44
C VAL G 245 -44.59 9.77 -2.97
N ASP G 246 -43.83 8.82 -2.41
CA ASP G 246 -43.68 8.75 -0.96
C ASP G 246 -42.33 8.23 -0.51
N GLY G 247 -41.34 8.17 -1.41
CA GLY G 247 -40.03 7.61 -1.07
C GLY G 247 -40.07 6.20 -0.51
N GLY G 248 -41.15 5.45 -0.75
CA GLY G 248 -41.27 4.11 -0.25
C GLY G 248 -42.03 4.00 1.05
N GLN G 249 -42.70 5.07 1.49
CA GLN G 249 -43.20 5.13 2.86
C GLN G 249 -44.22 4.04 3.17
N VAL G 250 -45.11 3.72 2.22
CA VAL G 250 -46.19 2.78 2.50
C VAL G 250 -45.74 1.32 2.46
N LEU G 251 -44.49 1.05 2.14
CA LEU G 251 -44.01 -0.32 1.93
C LEU G 251 -43.63 -1.06 3.22
N PRO G 252 -42.89 -0.45 4.16
CA PRO G 252 -42.32 -1.26 5.26
C PRO G 252 -43.38 -1.99 6.07
N GLU G 253 -43.11 -3.26 6.33
CA GLU G 253 -44.00 -4.06 7.15
C GLU G 253 -43.99 -3.58 8.59
N SER G 254 -42.83 -3.16 9.09
CA SER G 254 -42.73 -2.38 10.30
C SER G 254 -41.74 -1.25 10.04
N HIS G 255 -42.15 -0.01 10.32
CA HIS G 255 -41.26 1.12 10.07
C HIS G 255 -40.11 1.16 11.07
N LEU G 256 -40.28 0.51 12.23
CA LEU G 256 -39.26 0.52 13.26
C LEU G 256 -38.13 -0.45 12.88
N HIS H 2 -38.30 24.23 -19.25
CA HIS H 2 -37.70 23.01 -18.74
C HIS H 2 -38.79 22.03 -18.31
N MET H 3 -38.75 20.80 -18.85
CA MET H 3 -39.71 19.81 -18.40
C MET H 3 -39.04 18.78 -17.51
N PHE H 4 -38.25 17.86 -18.07
CA PHE H 4 -37.49 16.93 -17.26
C PHE H 4 -36.02 17.02 -17.63
N THR H 5 -35.17 16.76 -16.64
CA THR H 5 -33.72 16.77 -16.86
C THR H 5 -33.34 15.76 -17.93
N SER H 6 -32.48 16.20 -18.86
CA SER H 6 -32.11 15.35 -19.98
C SER H 6 -31.43 14.06 -19.51
N LEU H 7 -31.83 12.94 -20.09
CA LEU H 7 -31.19 11.66 -19.81
C LEU H 7 -30.11 11.32 -20.83
N GLU H 8 -29.77 12.25 -21.73
CA GLU H 8 -28.83 11.96 -22.80
C GLU H 8 -27.48 11.54 -22.23
N GLY H 9 -26.88 10.52 -22.87
CA GLY H 9 -25.61 9.97 -22.42
C GLY H 9 -25.73 8.87 -21.38
N ARG H 10 -26.90 8.65 -20.80
CA ARG H 10 -27.04 7.56 -19.85
C ARG H 10 -27.10 6.23 -20.59
N SER H 11 -27.14 5.15 -19.81
CA SER H 11 -26.99 3.79 -20.33
C SER H 11 -28.10 2.91 -19.78
N ALA H 12 -28.75 2.14 -20.66
CA ALA H 12 -29.89 1.32 -20.26
C ALA H 12 -29.77 -0.10 -20.81
N ILE H 13 -30.37 -1.04 -20.09
CA ILE H 13 -30.67 -2.38 -20.60
C ILE H 13 -32.18 -2.53 -20.66
N VAL H 14 -32.68 -3.05 -21.79
CA VAL H 14 -34.08 -3.45 -21.91
C VAL H 14 -34.09 -4.93 -22.25
N THR H 15 -34.63 -5.76 -21.37
CA THR H 15 -34.70 -7.17 -21.69
C THR H 15 -35.91 -7.42 -22.59
N GLY H 16 -35.74 -8.34 -23.56
CA GLY H 16 -36.82 -8.60 -24.50
C GLY H 16 -37.19 -7.36 -25.29
N GLY H 17 -36.18 -6.67 -25.81
CA GLY H 17 -36.30 -5.42 -26.54
C GLY H 17 -36.27 -5.55 -28.05
N SER H 18 -36.25 -6.77 -28.59
CA SER H 18 -36.26 -6.97 -30.04
C SER H 18 -37.65 -6.77 -30.63
N LYS H 19 -38.69 -6.87 -29.81
CA LYS H 19 -40.07 -6.86 -30.28
C LYS H 19 -40.96 -6.14 -29.27
N GLY H 20 -42.16 -5.80 -29.73
CA GLY H 20 -43.24 -5.45 -28.82
C GLY H 20 -42.94 -4.27 -27.91
N ILE H 21 -43.31 -4.42 -26.64
CA ILE H 21 -43.19 -3.31 -25.70
C ILE H 21 -41.73 -3.01 -25.41
N GLY H 22 -40.90 -4.04 -25.30
CA GLY H 22 -39.48 -3.83 -25.09
C GLY H 22 -38.84 -2.98 -26.18
N ARG H 23 -39.19 -3.26 -27.45
CA ARG H 23 -38.70 -2.41 -28.53
C ARG H 23 -39.19 -0.97 -28.38
N GLY H 24 -40.45 -0.79 -28.01
CA GLY H 24 -40.97 0.55 -27.84
C GLY H 24 -40.26 1.29 -26.73
N ILE H 25 -39.95 0.60 -25.64
CA ILE H 25 -39.21 1.22 -24.54
C ILE H 25 -37.82 1.61 -25.01
N ALA H 26 -37.11 0.67 -25.64
CA ALA H 26 -35.78 0.95 -26.16
C ALA H 26 -35.79 2.15 -27.11
N GLU H 27 -36.78 2.21 -28.00
CA GLU H 27 -36.83 3.32 -28.93
C GLU H 27 -37.14 4.62 -28.19
N THR H 28 -38.04 4.57 -27.20
CA THR H 28 -38.34 5.76 -26.42
C THR H 28 -37.09 6.29 -25.72
N PHE H 29 -36.31 5.41 -25.11
CA PHE H 29 -35.09 5.87 -24.43
C PHE H 29 -34.06 6.36 -25.43
N ALA H 30 -33.96 5.68 -26.58
CA ALA H 30 -32.98 6.08 -27.57
C ALA H 30 -33.29 7.46 -28.13
N ASN H 31 -34.57 7.77 -28.34
CA ASN H 31 -34.93 9.12 -28.78
C ASN H 31 -34.55 10.16 -27.74
N ALA H 32 -34.49 9.77 -26.46
CA ALA H 32 -34.09 10.68 -25.42
C ALA H 32 -32.58 10.77 -25.27
N GLY H 33 -31.80 10.09 -26.10
CA GLY H 33 -30.37 10.17 -26.00
C GLY H 33 -29.71 9.12 -25.14
N VAL H 34 -30.45 8.17 -24.61
CA VAL H 34 -29.89 7.10 -23.80
C VAL H 34 -29.40 6.00 -24.72
N ASP H 35 -28.19 5.52 -24.48
CA ASP H 35 -27.68 4.35 -25.18
C ASP H 35 -28.31 3.09 -24.59
N VAL H 36 -28.78 2.19 -25.45
CA VAL H 36 -29.64 1.09 -25.03
C VAL H 36 -29.12 -0.22 -25.59
N VAL H 37 -28.90 -1.19 -24.70
CA VAL H 37 -28.65 -2.58 -25.06
C VAL H 37 -29.98 -3.31 -24.94
N ILE H 38 -30.47 -3.86 -26.04
CA ILE H 38 -31.66 -4.70 -26.03
C ILE H 38 -31.20 -6.16 -26.04
N THR H 39 -31.99 -7.01 -25.41
CA THR H 39 -31.67 -8.42 -25.32
C THR H 39 -32.80 -9.27 -25.87
N GLY H 40 -32.53 -10.54 -26.01
CA GLY H 40 -33.47 -11.47 -26.58
C GLY H 40 -32.74 -12.70 -27.05
N ARG H 41 -33.51 -13.75 -27.31
CA ARG H 41 -32.88 -15.01 -27.69
C ARG H 41 -32.58 -15.07 -29.18
N ASN H 42 -33.49 -14.60 -30.03
CA ASN H 42 -33.30 -14.72 -31.48
C ASN H 42 -32.39 -13.62 -32.00
N GLN H 43 -31.23 -14.01 -32.54
CA GLN H 43 -30.27 -13.04 -33.03
C GLN H 43 -30.82 -12.22 -34.20
N ASP H 44 -31.50 -12.88 -35.15
CA ASP H 44 -32.03 -12.17 -36.31
C ASP H 44 -32.98 -11.05 -35.89
N ASP H 45 -33.84 -11.32 -34.91
CA ASP H 45 -34.80 -10.32 -34.45
C ASP H 45 -34.11 -9.14 -33.79
N LEU H 46 -33.03 -9.40 -33.04
CA LEU H 46 -32.24 -8.32 -32.48
C LEU H 46 -31.58 -7.49 -33.58
N ASP H 47 -30.91 -8.15 -34.53
CA ASP H 47 -30.23 -7.44 -35.60
C ASP H 47 -31.19 -6.56 -36.40
N ARG H 48 -32.40 -7.06 -36.66
CA ARG H 48 -33.36 -6.26 -37.41
C ARG H 48 -33.77 -5.02 -36.64
N THR H 49 -34.04 -5.15 -35.34
CA THR H 49 -34.44 -3.97 -34.59
C THR H 49 -33.26 -3.00 -34.41
N VAL H 50 -32.04 -3.51 -34.30
CA VAL H 50 -30.87 -2.62 -34.24
C VAL H 50 -30.74 -1.83 -35.55
N ALA H 51 -30.93 -2.50 -36.69
CA ALA H 51 -30.92 -1.82 -37.97
C ALA H 51 -32.08 -0.85 -38.10
N ASP H 52 -33.28 -1.25 -37.67
CA ASP H 52 -34.44 -0.36 -37.72
C ASP H 52 -34.18 0.93 -36.95
N LEU H 53 -33.60 0.82 -35.75
CA LEU H 53 -33.43 1.97 -34.88
C LEU H 53 -32.11 2.71 -35.11
N SER H 54 -31.44 2.45 -36.24
CA SER H 54 -30.08 2.96 -36.43
C SER H 54 -30.00 4.48 -36.55
N GLY H 55 -31.11 5.19 -36.69
CA GLY H 55 -31.06 6.64 -36.78
C GLY H 55 -31.25 7.40 -35.49
N THR H 56 -31.36 6.71 -34.35
CA THR H 56 -31.75 7.36 -33.10
C THR H 56 -30.58 8.10 -32.47
N ARG H 57 -30.92 9.10 -31.64
CA ARG H 57 -29.88 9.87 -30.98
C ARG H 57 -29.05 8.99 -30.04
N GLY H 58 -29.72 8.24 -29.16
CA GLY H 58 -29.05 7.20 -28.41
C GLY H 58 -28.78 5.98 -29.27
N LYS H 59 -27.67 5.29 -29.00
CA LYS H 59 -27.26 4.14 -29.80
C LYS H 59 -27.85 2.85 -29.25
N VAL H 60 -28.70 2.20 -30.06
CA VAL H 60 -29.28 0.91 -29.70
C VAL H 60 -28.41 -0.20 -30.28
N THR H 61 -27.95 -1.11 -29.42
CA THR H 61 -27.22 -2.30 -29.83
C THR H 61 -27.80 -3.50 -29.09
N ALA H 62 -27.44 -4.70 -29.53
CA ALA H 62 -28.08 -5.91 -29.02
C ALA H 62 -27.09 -6.83 -28.33
N VAL H 63 -27.59 -7.54 -27.32
CA VAL H 63 -26.89 -8.66 -26.70
C VAL H 63 -27.85 -9.84 -26.74
N ARG H 64 -27.45 -10.93 -27.42
CA ARG H 64 -28.23 -12.15 -27.43
C ARG H 64 -28.09 -12.85 -26.08
N ALA H 65 -29.21 -13.05 -25.39
CA ALA H 65 -29.16 -13.61 -24.04
C ALA H 65 -30.56 -14.10 -23.67
N ASP H 66 -30.62 -15.17 -22.90
CA ASP H 66 -31.87 -15.70 -22.38
C ASP H 66 -32.03 -15.16 -20.96
N VAL H 67 -33.18 -14.55 -20.66
CA VAL H 67 -33.36 -13.95 -19.33
C VAL H 67 -33.46 -15.02 -18.27
N THR H 68 -33.73 -16.27 -18.64
CA THR H 68 -33.86 -17.32 -17.64
C THR H 68 -32.50 -17.85 -17.17
N ASP H 69 -31.40 -17.34 -17.73
CA ASP H 69 -30.09 -17.87 -17.36
C ASP H 69 -29.32 -16.81 -16.58
N PRO H 70 -29.02 -17.04 -15.30
CA PRO H 70 -28.26 -16.03 -14.54
C PRO H 70 -26.94 -15.64 -15.17
N GLU H 71 -26.26 -16.58 -15.84
CA GLU H 71 -24.99 -16.24 -16.47
C GLU H 71 -25.19 -15.28 -17.64
N ASP H 72 -26.26 -15.46 -18.41
CA ASP H 72 -26.57 -14.53 -19.49
C ASP H 72 -26.90 -13.16 -18.93
N ALA H 73 -27.44 -13.10 -17.72
CA ALA H 73 -27.71 -11.81 -17.07
C ALA H 73 -26.41 -11.11 -16.71
N ARG H 74 -25.47 -11.85 -16.11
CA ARG H 74 -24.18 -11.24 -15.78
C ARG H 74 -23.43 -10.80 -17.04
N ARG H 75 -23.49 -11.62 -18.10
CA ARG H 75 -22.84 -11.25 -19.35
C ARG H 75 -23.46 -9.98 -19.95
N THR H 76 -24.78 -9.86 -19.85
CA THR H 76 -25.46 -8.67 -20.39
C THR H 76 -24.97 -7.40 -19.70
N VAL H 77 -24.98 -7.40 -18.36
CA VAL H 77 -24.52 -6.21 -17.63
C VAL H 77 -23.06 -5.92 -17.96
N ALA H 78 -22.23 -6.95 -18.05
CA ALA H 78 -20.81 -6.73 -18.35
C ALA H 78 -20.62 -6.17 -19.75
N GLU H 79 -21.39 -6.66 -20.72
CA GLU H 79 -21.23 -6.15 -22.07
C GLU H 79 -21.80 -4.74 -22.21
N THR H 80 -22.82 -4.41 -21.42
CA THR H 80 -23.37 -3.06 -21.45
C THR H 80 -22.41 -2.08 -20.79
N VAL H 81 -21.87 -2.43 -19.63
CA VAL H 81 -20.86 -1.59 -18.98
C VAL H 81 -19.67 -1.39 -19.91
N SER H 82 -19.30 -2.43 -20.65
CA SER H 82 -18.18 -2.28 -21.59
C SER H 82 -18.54 -1.36 -22.75
N ARG H 83 -19.75 -1.49 -23.29
CA ARG H 83 -20.11 -0.70 -24.47
C ARG H 83 -20.35 0.77 -24.09
N HIS H 84 -20.95 1.02 -22.92
CA HIS H 84 -21.40 2.34 -22.53
C HIS H 84 -20.54 3.00 -21.46
N GLY H 85 -19.73 2.25 -20.72
CA GLY H 85 -18.97 2.79 -19.62
C GLY H 85 -19.66 2.68 -18.27
N GLY H 86 -20.92 2.30 -18.24
CA GLY H 86 -21.65 2.19 -16.98
C GLY H 86 -23.08 1.77 -17.26
N LEU H 87 -23.89 1.76 -16.20
CA LEU H 87 -25.27 1.32 -16.31
C LEU H 87 -26.13 2.16 -15.39
N ASP H 88 -27.15 2.80 -15.96
CA ASP H 88 -28.03 3.72 -15.23
C ASP H 88 -29.45 3.21 -15.11
N ILE H 89 -29.95 2.52 -16.13
CA ILE H 89 -31.36 2.11 -16.22
C ILE H 89 -31.44 0.65 -16.64
N VAL H 90 -32.25 -0.13 -15.94
CA VAL H 90 -32.55 -1.50 -16.34
C VAL H 90 -34.06 -1.62 -16.48
N CYS H 91 -34.52 -1.96 -17.68
CA CYS H 91 -35.93 -2.21 -17.91
C CYS H 91 -36.09 -3.73 -17.95
N ALA H 92 -36.62 -4.29 -16.86
CA ALA H 92 -36.85 -5.74 -16.78
C ALA H 92 -38.20 -6.02 -17.44
N ASN H 93 -38.16 -6.33 -18.71
CA ASN H 93 -39.37 -6.31 -19.53
C ASN H 93 -39.71 -7.65 -20.19
N ALA H 94 -38.72 -8.45 -20.58
CA ALA H 94 -38.97 -9.75 -21.21
C ALA H 94 -40.09 -10.53 -20.52
N GLY H 95 -41.09 -10.95 -21.29
CA GLY H 95 -42.16 -11.75 -20.73
C GLY H 95 -42.93 -12.52 -21.78
N ILE H 96 -43.53 -13.63 -21.36
CA ILE H 96 -44.32 -14.45 -22.27
C ILE H 96 -45.67 -14.72 -21.64
N PHE H 97 -46.69 -14.89 -22.49
CA PHE H 97 -48.05 -15.14 -22.01
C PHE H 97 -48.73 -16.24 -22.82
N PRO H 98 -48.18 -17.46 -22.81
CA PRO H 98 -48.96 -18.61 -23.30
C PRO H 98 -50.22 -18.82 -22.46
N SER H 99 -51.20 -19.44 -23.09
CA SER H 99 -52.52 -19.64 -22.50
C SER H 99 -52.71 -21.13 -22.27
N GLY H 100 -53.22 -21.48 -21.09
CA GLY H 100 -53.52 -22.85 -20.73
C GLY H 100 -54.43 -22.87 -19.52
N ARG H 101 -55.55 -23.58 -19.64
CA ARG H 101 -56.44 -23.75 -18.50
C ARG H 101 -55.71 -24.41 -17.34
N LEU H 102 -56.17 -24.12 -16.13
CA LEU H 102 -55.51 -24.60 -14.92
C LEU H 102 -55.30 -26.12 -14.96
N GLU H 103 -56.34 -26.88 -15.30
CA GLU H 103 -56.18 -28.34 -15.27
C GLU H 103 -55.23 -28.85 -16.35
N ASP H 104 -54.86 -28.01 -17.33
CA ASP H 104 -53.96 -28.45 -18.38
C ASP H 104 -52.50 -28.06 -18.15
N LEU H 105 -52.20 -27.26 -17.13
CA LEU H 105 -50.87 -26.69 -17.03
C LEU H 105 -49.90 -27.70 -16.45
N THR H 106 -48.85 -28.01 -17.17
CA THR H 106 -47.85 -28.93 -16.67
C THR H 106 -46.84 -28.19 -15.84
N PRO H 107 -46.04 -28.89 -15.04
CA PRO H 107 -44.98 -28.18 -14.31
C PRO H 107 -44.07 -27.37 -15.22
N ASP H 108 -43.74 -27.91 -16.41
CA ASP H 108 -42.91 -27.16 -17.36
C ASP H 108 -43.61 -25.92 -17.87
N ASP H 109 -44.92 -26.01 -18.14
CA ASP H 109 -45.70 -24.83 -18.50
C ASP H 109 -45.52 -23.75 -17.46
N ILE H 110 -45.66 -24.13 -16.18
CA ILE H 110 -45.62 -23.16 -15.11
C ILE H 110 -44.21 -22.59 -14.95
N GLU H 111 -43.19 -23.45 -14.99
CA GLU H 111 -41.82 -22.96 -14.85
C GLU H 111 -41.37 -22.14 -16.05
N GLN H 112 -41.91 -22.43 -17.25
CA GLN H 112 -41.55 -21.65 -18.43
C GLN H 112 -41.93 -20.19 -18.24
N VAL H 113 -43.17 -19.95 -17.79
CA VAL H 113 -43.70 -18.61 -17.62
C VAL H 113 -43.08 -17.93 -16.40
N LEU H 114 -42.94 -18.65 -15.29
CA LEU H 114 -42.40 -18.02 -14.09
C LEU H 114 -40.91 -17.70 -14.26
N GLY H 115 -40.20 -18.53 -15.02
CA GLY H 115 -38.79 -18.30 -15.23
C GLY H 115 -38.51 -17.10 -16.12
N VAL H 116 -39.25 -16.96 -17.22
CA VAL H 116 -39.08 -15.78 -18.06
C VAL H 116 -39.53 -14.54 -17.29
N ASN H 117 -40.78 -14.55 -16.84
CA ASN H 117 -41.44 -13.34 -16.38
C ASN H 117 -40.97 -12.89 -15.00
N PHE H 118 -40.78 -13.82 -14.06
CA PHE H 118 -40.37 -13.47 -12.71
C PHE H 118 -38.87 -13.63 -12.49
N LYS H 119 -38.37 -14.87 -12.59
CA LYS H 119 -36.93 -15.09 -12.42
C LYS H 119 -36.11 -14.20 -13.35
N GLY H 120 -36.54 -14.07 -14.62
CA GLY H 120 -35.82 -13.25 -15.57
C GLY H 120 -35.69 -11.80 -15.11
N THR H 121 -36.69 -11.30 -14.38
CA THR H 121 -36.63 -9.95 -13.80
C THR H 121 -35.67 -9.90 -12.63
N VAL H 122 -35.74 -10.90 -11.74
CA VAL H 122 -34.86 -10.94 -10.58
C VAL H 122 -33.40 -11.00 -11.03
N TYR H 123 -33.10 -11.90 -11.98
CA TYR H 123 -31.71 -12.15 -12.38
C TYR H 123 -31.05 -10.91 -12.98
N ILE H 124 -31.78 -10.18 -13.82
CA ILE H 124 -31.16 -8.99 -14.43
C ILE H 124 -30.97 -7.90 -13.37
N VAL H 125 -31.90 -7.79 -12.41
CA VAL H 125 -31.75 -6.78 -11.36
C VAL H 125 -30.58 -7.14 -10.45
N GLN H 126 -30.44 -8.42 -10.11
CA GLN H 126 -29.30 -8.89 -9.33
C GLN H 126 -27.98 -8.58 -10.03
N ALA H 127 -27.86 -9.01 -11.30
CA ALA H 127 -26.61 -8.80 -12.03
C ALA H 127 -26.29 -7.32 -12.19
N ALA H 128 -27.29 -6.45 -12.26
CA ALA H 128 -27.08 -5.02 -12.47
C ALA H 128 -26.86 -4.24 -11.17
N LEU H 129 -27.05 -4.88 -10.01
CA LEU H 129 -27.08 -4.13 -8.75
C LEU H 129 -25.83 -3.29 -8.54
N GLN H 130 -24.66 -3.86 -8.83
CA GLN H 130 -23.41 -3.14 -8.57
C GLN H 130 -23.24 -1.95 -9.51
N ALA H 131 -23.54 -2.13 -10.79
CA ALA H 131 -23.39 -1.01 -11.73
C ALA H 131 -24.43 0.06 -11.46
N LEU H 132 -25.66 -0.32 -11.10
CA LEU H 132 -26.68 0.65 -10.78
C LEU H 132 -26.30 1.47 -9.55
N THR H 133 -25.71 0.80 -8.56
CA THR H 133 -25.23 1.50 -7.37
C THR H 133 -24.19 2.55 -7.74
N ALA H 134 -23.26 2.20 -8.63
CA ALA H 134 -22.17 3.08 -8.98
C ALA H 134 -22.64 4.31 -9.75
N SER H 135 -23.81 4.27 -10.38
CA SER H 135 -24.28 5.41 -11.15
C SER H 135 -24.76 6.55 -10.26
N GLY H 136 -25.14 6.26 -9.01
CA GLY H 136 -25.67 7.27 -8.12
C GLY H 136 -27.14 7.60 -8.33
N HIS H 137 -27.74 7.12 -9.41
CA HIS H 137 -29.13 7.43 -9.68
C HIS H 137 -29.77 6.23 -10.39
N GLY H 138 -29.56 5.04 -9.84
CA GLY H 138 -30.00 3.84 -10.51
C GLY H 138 -31.51 3.80 -10.66
N ARG H 139 -31.96 3.23 -11.76
CA ARG H 139 -33.38 3.09 -12.04
C ARG H 139 -33.64 1.68 -12.57
N VAL H 140 -34.59 0.98 -11.95
CA VAL H 140 -35.14 -0.25 -12.52
C VAL H 140 -36.62 -0.03 -12.80
N VAL H 141 -37.05 -0.41 -14.01
CA VAL H 141 -38.45 -0.36 -14.41
C VAL H 141 -38.87 -1.76 -14.83
N VAL H 142 -39.91 -2.27 -14.20
CA VAL H 142 -40.38 -3.63 -14.42
C VAL H 142 -41.65 -3.59 -15.25
N THR H 143 -41.72 -4.39 -16.31
CA THR H 143 -42.98 -4.52 -17.04
C THR H 143 -43.81 -5.63 -16.40
N SER H 144 -44.76 -5.25 -15.56
CA SER H 144 -45.74 -6.19 -15.02
C SER H 144 -46.97 -6.18 -15.91
N SER H 145 -48.17 -6.22 -15.34
CA SER H 145 -49.39 -6.24 -16.15
C SER H 145 -50.55 -5.97 -15.22
N ILE H 146 -51.70 -5.61 -15.81
CA ILE H 146 -52.92 -5.62 -15.01
C ILE H 146 -53.31 -7.05 -14.65
N THR H 147 -52.96 -8.03 -15.50
CA THR H 147 -53.30 -9.45 -15.35
C THR H 147 -52.44 -10.07 -14.25
N GLY H 148 -53.09 -10.49 -13.16
CA GLY H 148 -52.39 -10.99 -12.00
C GLY H 148 -52.57 -10.10 -10.80
N PRO H 149 -51.96 -8.92 -10.85
CA PRO H 149 -52.13 -7.97 -9.74
C PRO H 149 -53.55 -7.46 -9.63
N ILE H 150 -54.30 -7.43 -10.73
CA ILE H 150 -55.62 -6.79 -10.68
C ILE H 150 -56.65 -7.72 -11.29
N THR H 151 -56.42 -8.19 -12.50
CA THR H 151 -57.43 -8.93 -13.24
C THR H 151 -57.13 -10.42 -13.29
N GLY H 152 -58.18 -11.17 -13.60
CA GLY H 152 -58.06 -12.54 -14.02
C GLY H 152 -58.52 -12.71 -15.47
N TYR H 153 -57.99 -13.72 -16.14
CA TYR H 153 -58.43 -14.04 -17.50
C TYR H 153 -58.18 -15.52 -17.74
N PRO H 154 -59.21 -16.27 -18.08
CA PRO H 154 -59.06 -17.73 -18.21
C PRO H 154 -57.87 -18.08 -19.09
N GLY H 155 -57.12 -19.08 -18.64
CA GLY H 155 -55.92 -19.52 -19.34
C GLY H 155 -54.65 -18.85 -18.90
N TRP H 156 -54.73 -17.83 -18.05
CA TRP H 156 -53.57 -17.05 -17.65
C TRP H 156 -53.29 -17.13 -16.15
N SER H 157 -53.60 -18.26 -15.49
CA SER H 157 -53.38 -18.29 -14.05
C SER H 157 -51.90 -18.26 -13.71
N HIS H 158 -51.06 -18.91 -14.54
CA HIS H 158 -49.61 -18.84 -14.32
C HIS H 158 -49.05 -17.51 -14.78
N TYR H 159 -49.54 -16.98 -15.89
CA TYR H 159 -49.10 -15.66 -16.34
C TYR H 159 -49.33 -14.62 -15.26
N GLY H 160 -50.59 -14.49 -14.83
CA GLY H 160 -50.91 -13.52 -13.79
C GLY H 160 -50.14 -13.75 -12.50
N ALA H 161 -49.90 -15.02 -12.15
CA ALA H 161 -49.02 -15.33 -11.02
C ALA H 161 -47.65 -14.68 -11.19
N SER H 162 -47.07 -14.82 -12.38
CA SER H 162 -45.74 -14.29 -12.59
C SER H 162 -45.71 -12.76 -12.56
N LYS H 163 -46.79 -12.11 -13.02
CA LYS H 163 -46.86 -10.64 -13.03
C LYS H 163 -47.03 -10.08 -11.62
N ALA H 164 -47.81 -10.77 -10.79
CA ALA H 164 -47.92 -10.37 -9.39
C ALA H 164 -46.63 -10.67 -8.64
N ALA H 165 -45.99 -11.80 -8.96
CA ALA H 165 -44.70 -12.12 -8.37
C ALA H 165 -43.70 -10.98 -8.58
N GLN H 166 -43.63 -10.42 -9.80
CA GLN H 166 -42.76 -9.27 -10.01
C GLN H 166 -43.02 -8.17 -8.98
N LEU H 167 -44.29 -7.88 -8.69
CA LEU H 167 -44.60 -6.78 -7.78
C LEU H 167 -44.30 -7.15 -6.34
N GLY H 168 -44.57 -8.39 -5.94
CA GLY H 168 -44.22 -8.78 -4.58
C GLY H 168 -42.73 -8.68 -4.36
N PHE H 169 -41.96 -8.99 -5.40
CA PHE H 169 -40.52 -8.85 -5.34
C PHE H 169 -40.10 -7.38 -5.19
N LEU H 170 -40.70 -6.51 -5.99
CA LEU H 170 -40.18 -5.14 -6.01
C LEU H 170 -40.55 -4.35 -4.76
N ARG H 171 -41.64 -4.73 -4.07
CA ARG H 171 -42.01 -4.00 -2.85
C ARG H 171 -40.95 -4.16 -1.75
N THR H 172 -40.30 -5.33 -1.68
CA THR H 172 -39.14 -5.54 -0.83
C THR H 172 -37.87 -5.00 -1.45
N ALA H 173 -37.66 -5.25 -2.76
CA ALA H 173 -36.47 -4.76 -3.44
C ALA H 173 -36.34 -3.25 -3.28
N ALA H 174 -37.46 -2.53 -3.37
CA ALA H 174 -37.42 -1.08 -3.21
C ALA H 174 -36.79 -0.68 -1.88
N MET H 175 -37.11 -1.40 -0.80
CA MET H 175 -36.50 -1.07 0.47
C MET H 175 -35.02 -1.43 0.51
N GLU H 176 -34.64 -2.55 -0.12
CA GLU H 176 -33.22 -2.94 -0.12
C GLU H 176 -32.39 -2.05 -1.03
N LEU H 177 -32.99 -1.47 -2.06
CA LEU H 177 -32.26 -0.65 -3.03
C LEU H 177 -32.21 0.84 -2.65
N ALA H 178 -33.05 1.29 -1.73
CA ALA H 178 -33.07 2.70 -1.38
C ALA H 178 -31.73 3.20 -0.84
N PRO H 179 -31.02 2.47 0.04
CA PRO H 179 -29.72 2.97 0.49
C PRO H 179 -28.69 3.05 -0.63
N LYS H 180 -28.93 2.38 -1.76
CA LYS H 180 -28.07 2.50 -2.94
C LYS H 180 -28.53 3.59 -3.90
N LYS H 181 -29.59 4.33 -3.57
CA LYS H 181 -30.17 5.35 -4.43
C LYS H 181 -30.71 4.75 -5.74
N ILE H 182 -31.10 3.48 -5.71
CA ILE H 182 -31.76 2.83 -6.83
C ILE H 182 -33.25 2.79 -6.53
N THR H 183 -34.07 3.34 -7.43
CA THR H 183 -35.51 3.13 -7.34
C THR H 183 -35.90 1.96 -8.23
N ILE H 184 -37.02 1.31 -7.89
CA ILE H 184 -37.57 0.23 -8.70
C ILE H 184 -39.09 0.36 -8.68
N ASN H 185 -39.68 0.36 -9.87
CA ASN H 185 -41.10 0.62 -10.04
C ASN H 185 -41.59 -0.25 -11.20
N ALA H 186 -42.90 -0.33 -11.34
CA ALA H 186 -43.45 -1.18 -12.37
C ALA H 186 -44.50 -0.44 -13.16
N VAL H 187 -44.48 -0.65 -14.47
CA VAL H 187 -45.60 -0.27 -15.32
C VAL H 187 -46.48 -1.49 -15.45
N LEU H 188 -47.80 -1.27 -15.41
CA LEU H 188 -48.78 -2.34 -15.56
C LEU H 188 -49.58 -1.99 -16.80
N PRO H 189 -49.14 -2.42 -17.98
CA PRO H 189 -49.94 -2.19 -19.18
C PRO H 189 -51.22 -3.00 -19.12
N GLY H 190 -52.24 -2.52 -19.80
CA GLY H 190 -53.42 -3.34 -19.94
C GLY H 190 -53.29 -4.25 -21.16
N ASN H 191 -53.65 -3.70 -22.32
CA ASN H 191 -53.57 -4.43 -23.58
C ASN H 191 -52.99 -3.48 -24.63
N ILE H 192 -51.80 -3.82 -25.10
CA ILE H 192 -50.97 -3.01 -25.97
C ILE H 192 -50.77 -3.76 -27.28
N MET H 193 -50.90 -3.05 -28.41
CA MET H 193 -50.72 -3.72 -29.69
C MET H 193 -49.25 -4.09 -29.84
N THR H 194 -48.96 -5.41 -29.85
CA THR H 194 -47.60 -5.95 -29.96
C THR H 194 -47.64 -7.28 -30.71
N GLU H 195 -46.47 -7.73 -31.15
CA GLU H 195 -46.34 -9.03 -31.78
C GLU H 195 -46.84 -10.14 -30.85
N GLY H 196 -46.48 -10.05 -29.57
CA GLY H 196 -46.98 -11.02 -28.60
C GLY H 196 -48.49 -11.05 -28.52
N LEU H 197 -49.11 -9.88 -28.42
CA LEU H 197 -50.56 -9.85 -28.30
C LEU H 197 -51.25 -10.25 -29.60
N ASP H 198 -50.59 -10.08 -30.74
CA ASP H 198 -51.15 -10.54 -32.00
C ASP H 198 -51.43 -12.04 -31.99
N GLU H 199 -50.60 -12.81 -31.29
CA GLU H 199 -50.81 -14.26 -31.27
C GLU H 199 -52.05 -14.66 -30.49
N MET H 200 -52.68 -13.74 -29.76
CA MET H 200 -53.92 -14.02 -29.08
C MET H 200 -55.13 -14.06 -30.01
N GLY H 201 -54.99 -13.59 -31.25
CA GLY H 201 -56.04 -13.68 -32.23
C GLY H 201 -56.93 -12.45 -32.25
N GLN H 202 -57.65 -12.31 -33.35
CA GLN H 202 -58.46 -11.11 -33.59
C GLN H 202 -59.61 -11.01 -32.58
N ASP H 203 -60.19 -12.14 -32.21
CA ASP H 203 -61.31 -12.12 -31.25
C ASP H 203 -60.86 -11.61 -29.89
N TYR H 204 -59.66 -11.98 -29.44
CA TYR H 204 -59.13 -11.42 -28.21
C TYR H 204 -58.95 -9.91 -28.33
N LEU H 205 -58.33 -9.46 -29.43
CA LEU H 205 -58.06 -8.03 -29.57
C LEU H 205 -59.36 -7.23 -29.56
N ASP H 206 -60.38 -7.71 -30.27
CA ASP H 206 -61.67 -7.01 -30.28
C ASP H 206 -62.31 -7.02 -28.89
N GLN H 207 -62.33 -8.17 -28.23
CA GLN H 207 -62.92 -8.26 -26.90
C GLN H 207 -62.27 -7.27 -25.94
N MET H 208 -60.95 -7.15 -25.96
CA MET H 208 -60.28 -6.20 -25.08
C MET H 208 -60.53 -4.77 -25.53
N ALA H 209 -60.52 -4.53 -26.85
CA ALA H 209 -60.78 -3.17 -27.33
C ALA H 209 -62.12 -2.66 -26.84
N SER H 210 -63.12 -3.53 -26.76
CA SER H 210 -64.45 -3.10 -26.35
C SER H 210 -64.55 -2.86 -24.83
N ALA H 211 -63.54 -3.19 -24.06
CA ALA H 211 -63.61 -3.04 -22.61
C ALA H 211 -62.87 -1.81 -22.12
N ILE H 212 -62.38 -0.97 -23.03
CA ILE H 212 -61.40 0.06 -22.71
C ILE H 212 -62.06 1.43 -22.89
N PRO H 213 -62.30 2.19 -21.82
CA PRO H 213 -62.93 3.52 -21.96
C PRO H 213 -62.26 4.41 -22.98
N ALA H 214 -60.92 4.39 -23.10
CA ALA H 214 -60.23 5.18 -24.11
C ALA H 214 -60.60 4.75 -25.52
N GLY H 215 -61.14 3.54 -25.70
CA GLY H 215 -61.64 3.12 -26.98
C GLY H 215 -60.62 2.49 -27.91
N ARG H 216 -59.40 2.26 -27.45
CA ARG H 216 -58.36 1.69 -28.29
C ARG H 216 -57.43 0.84 -27.45
N LEU H 217 -56.83 -0.16 -28.06
CA LEU H 217 -55.68 -0.80 -27.43
C LEU H 217 -54.54 0.21 -27.37
N GLY H 218 -53.71 0.07 -26.35
CA GLY H 218 -52.60 0.98 -26.18
C GLY H 218 -51.48 0.72 -27.17
N SER H 219 -50.47 1.58 -27.14
CA SER H 219 -49.32 1.49 -28.02
C SER H 219 -48.05 1.26 -27.21
N VAL H 220 -47.03 0.71 -27.85
CA VAL H 220 -45.78 0.47 -27.13
C VAL H 220 -45.16 1.77 -26.63
N ALA H 221 -45.44 2.90 -27.30
CA ALA H 221 -44.88 4.17 -26.82
C ALA H 221 -45.53 4.59 -25.52
N ASP H 222 -46.82 4.28 -25.31
CA ASP H 222 -47.49 4.52 -24.04
C ASP H 222 -46.71 3.92 -22.88
N ILE H 223 -46.10 2.75 -23.10
CA ILE H 223 -45.35 2.08 -22.03
C ILE H 223 -43.92 2.60 -21.96
N GLY H 224 -43.30 2.82 -23.12
CA GLY H 224 -41.99 3.43 -23.14
C GLY H 224 -41.97 4.79 -22.43
N ASN H 225 -43.06 5.55 -22.58
CA ASN H 225 -43.11 6.89 -21.98
C ASN H 225 -43.30 6.81 -20.47
N ALA H 226 -44.08 5.84 -19.99
CA ALA H 226 -44.20 5.66 -18.55
C ALA H 226 -42.86 5.22 -17.97
N ALA H 227 -42.20 4.27 -18.65
CA ALA H 227 -40.85 3.87 -18.28
C ALA H 227 -39.92 5.07 -18.23
N LEU H 228 -39.97 5.90 -19.27
CA LEU H 228 -39.16 7.12 -19.32
C LEU H 228 -39.36 7.98 -18.08
N PHE H 229 -40.62 8.20 -17.70
CA PHE H 229 -40.89 9.03 -16.52
C PHE H 229 -40.19 8.48 -15.28
N PHE H 230 -40.36 7.16 -15.02
CA PHE H 230 -39.77 6.59 -13.82
C PHE H 230 -38.26 6.79 -13.80
N ALA H 231 -37.62 6.75 -14.97
CA ALA H 231 -36.17 6.86 -15.05
C ALA H 231 -35.66 8.28 -14.83
N THR H 232 -36.53 9.28 -14.77
CA THR H 232 -36.03 10.64 -14.65
C THR H 232 -35.42 10.87 -13.28
N ASP H 233 -34.51 11.83 -13.22
CA ASP H 233 -34.06 12.34 -11.93
C ASP H 233 -35.23 12.87 -11.13
N GLU H 234 -36.22 13.46 -11.81
CA GLU H 234 -37.38 14.04 -11.15
C GLU H 234 -38.27 13.00 -10.49
N ALA H 235 -38.08 11.71 -10.78
CA ALA H 235 -38.86 10.66 -10.16
C ALA H 235 -38.08 9.95 -9.05
N ALA H 236 -37.09 10.62 -8.47
CA ALA H 236 -36.22 9.96 -7.49
C ALA H 236 -36.96 9.58 -6.22
N TYR H 237 -38.04 10.29 -5.88
CA TYR H 237 -38.83 9.99 -4.70
C TYR H 237 -39.95 9.00 -4.97
N VAL H 238 -39.93 8.32 -6.11
CA VAL H 238 -40.94 7.33 -6.46
C VAL H 238 -40.27 5.97 -6.45
N THR H 239 -40.62 5.11 -5.49
CA THR H 239 -40.03 3.77 -5.47
C THR H 239 -41.05 2.79 -4.93
N GLY H 240 -40.89 1.52 -5.36
CA GLY H 240 -41.75 0.42 -4.97
C GLY H 240 -43.18 0.55 -5.47
N GLN H 241 -43.39 1.30 -6.55
CA GLN H 241 -44.76 1.67 -6.88
C GLN H 241 -45.11 1.20 -8.28
N THR H 242 -46.41 1.29 -8.57
CA THR H 242 -47.00 0.83 -9.81
C THR H 242 -47.69 1.98 -10.53
N LEU H 243 -47.74 1.89 -11.87
CA LEU H 243 -48.56 2.78 -12.67
C LEU H 243 -49.29 1.95 -13.70
N VAL H 244 -50.62 1.96 -13.67
CA VAL H 244 -51.44 1.22 -14.64
C VAL H 244 -51.65 2.07 -15.88
N VAL H 245 -51.30 1.52 -17.03
CA VAL H 245 -51.35 2.23 -18.33
C VAL H 245 -52.27 1.41 -19.23
N ASP H 246 -53.58 1.75 -19.20
CA ASP H 246 -54.58 0.83 -19.74
C ASP H 246 -55.83 1.51 -20.29
N GLY H 247 -55.81 2.82 -20.52
CA GLY H 247 -56.98 3.46 -21.09
C GLY H 247 -58.22 3.38 -20.26
N GLY H 248 -58.10 3.06 -18.97
CA GLY H 248 -59.24 2.90 -18.12
C GLY H 248 -59.74 1.48 -17.98
N GLN H 249 -59.05 0.49 -18.57
CA GLN H 249 -59.63 -0.84 -18.75
C GLN H 249 -60.01 -1.48 -17.40
N VAL H 250 -59.23 -1.25 -16.35
CA VAL H 250 -59.56 -1.90 -15.07
C VAL H 250 -60.70 -1.22 -14.33
N LEU H 251 -61.21 -0.07 -14.81
CA LEU H 251 -62.22 0.67 -14.03
C LEU H 251 -63.65 0.15 -14.14
N PRO H 252 -64.19 -0.15 -15.32
CA PRO H 252 -65.64 -0.36 -15.44
C PRO H 252 -66.17 -1.49 -14.55
N GLU H 253 -67.33 -1.23 -13.93
CA GLU H 253 -67.94 -2.25 -13.09
C GLU H 253 -68.37 -3.45 -13.91
N SER H 254 -68.75 -3.21 -15.16
CA SER H 254 -69.12 -4.28 -16.09
C SER H 254 -68.91 -3.80 -17.52
N HIS I 2 -26.10 -53.48 39.89
CA HIS I 2 -25.58 -53.74 38.55
C HIS I 2 -24.67 -52.62 38.08
N MET I 3 -23.38 -52.92 37.94
CA MET I 3 -22.45 -51.97 37.37
C MET I 3 -22.14 -52.35 35.93
N PHE I 4 -21.39 -53.43 35.74
CA PHE I 4 -21.10 -53.96 34.42
C PHE I 4 -21.46 -55.44 34.39
N THR I 5 -21.76 -55.95 33.20
CA THR I 5 -22.08 -57.36 33.06
C THR I 5 -20.87 -58.19 33.45
N SER I 6 -21.11 -59.26 34.22
CA SER I 6 -20.01 -60.08 34.71
C SER I 6 -19.25 -60.70 33.55
N LEU I 7 -17.93 -60.76 33.70
CA LEU I 7 -17.06 -61.42 32.75
C LEU I 7 -16.67 -62.81 33.19
N GLU I 8 -17.30 -63.29 34.28
CA GLU I 8 -17.03 -64.62 34.79
C GLU I 8 -17.12 -65.66 33.68
N GLY I 9 -16.14 -66.55 33.63
CA GLY I 9 -16.16 -67.66 32.69
C GLY I 9 -15.50 -67.36 31.37
N ARG I 10 -15.12 -66.11 31.12
CA ARG I 10 -14.43 -65.75 29.90
C ARG I 10 -12.96 -66.12 30.00
N SER I 11 -12.30 -66.07 28.84
CA SER I 11 -10.94 -66.58 28.68
C SER I 11 -10.03 -65.45 28.27
N ALA I 12 -8.89 -65.34 28.94
CA ALA I 12 -7.98 -64.23 28.73
C ALA I 12 -6.55 -64.74 28.64
N ILE I 13 -5.75 -64.03 27.84
CA ILE I 13 -4.30 -64.15 27.80
C ILE I 13 -3.72 -62.84 28.30
N VAL I 14 -2.65 -62.90 29.10
CA VAL I 14 -1.91 -61.72 29.51
C VAL I 14 -0.44 -62.01 29.26
N THR I 15 0.13 -61.39 28.22
CA THR I 15 1.53 -61.62 27.92
C THR I 15 2.40 -60.86 28.93
N GLY I 16 3.42 -61.52 29.44
CA GLY I 16 4.24 -60.93 30.48
C GLY I 16 3.50 -60.72 31.78
N GLY I 17 2.77 -61.74 32.22
CA GLY I 17 1.92 -61.65 33.39
C GLY I 17 2.49 -62.22 34.66
N SER I 18 3.77 -62.56 34.70
CA SER I 18 4.34 -63.12 35.91
C SER I 18 4.74 -62.05 36.92
N LYS I 19 4.94 -60.81 36.48
CA LYS I 19 5.37 -59.72 37.36
C LYS I 19 4.69 -58.43 36.94
N GLY I 20 4.80 -57.43 37.82
CA GLY I 20 4.47 -56.05 37.46
C GLY I 20 3.04 -55.87 36.98
N ILE I 21 2.90 -55.05 35.94
CA ILE I 21 1.56 -54.67 35.47
C ILE I 21 0.82 -55.89 34.94
N GLY I 22 1.52 -56.74 34.17
CA GLY I 22 0.89 -57.95 33.67
C GLY I 22 0.26 -58.80 34.77
N ARG I 23 0.97 -58.98 35.89
CA ARG I 23 0.38 -59.73 36.99
C ARG I 23 -0.80 -58.98 37.58
N GLY I 24 -0.68 -57.65 37.69
CA GLY I 24 -1.82 -56.85 38.13
C GLY I 24 -3.03 -57.04 37.24
N ILE I 25 -2.84 -57.02 35.93
CA ILE I 25 -3.96 -57.27 35.01
C ILE I 25 -4.55 -58.65 35.25
N ALA I 26 -3.67 -59.66 35.31
CA ALA I 26 -4.13 -61.04 35.46
C ALA I 26 -4.94 -61.21 36.74
N GLU I 27 -4.44 -60.67 37.86
CA GLU I 27 -5.17 -60.79 39.12
C GLU I 27 -6.50 -60.05 39.05
N THR I 28 -6.52 -58.86 38.43
CA THR I 28 -7.78 -58.14 38.27
C THR I 28 -8.78 -58.98 37.49
N PHE I 29 -8.34 -59.62 36.40
CA PHE I 29 -9.26 -60.42 35.60
C PHE I 29 -9.64 -61.70 36.32
N ALA I 30 -8.68 -62.31 37.02
CA ALA I 30 -8.99 -63.49 37.81
C ALA I 30 -10.07 -63.18 38.85
N ASN I 31 -9.96 -62.03 39.52
CA ASN I 31 -10.93 -61.67 40.55
C ASN I 31 -12.32 -61.49 39.96
N ALA I 32 -12.41 -61.12 38.69
CA ALA I 32 -13.68 -61.00 37.99
C ALA I 32 -14.20 -62.35 37.51
N GLY I 33 -13.49 -63.44 37.77
CA GLY I 33 -13.92 -64.76 37.33
C GLY I 33 -13.41 -65.15 35.97
N VAL I 34 -12.60 -64.31 35.34
CA VAL I 34 -12.01 -64.63 34.04
C VAL I 34 -10.86 -65.59 34.26
N ASP I 35 -10.85 -66.70 33.51
CA ASP I 35 -9.72 -67.61 33.52
C ASP I 35 -8.60 -67.02 32.66
N VAL I 36 -7.38 -67.02 33.19
CA VAL I 36 -6.28 -66.23 32.65
C VAL I 36 -5.08 -67.14 32.41
N VAL I 37 -4.53 -67.10 31.20
CA VAL I 37 -3.24 -67.70 30.90
C VAL I 37 -2.23 -66.56 30.86
N ILE I 38 -1.20 -66.65 31.70
CA ILE I 38 -0.13 -65.65 31.74
C ILE I 38 1.10 -66.23 31.05
N THR I 39 1.78 -65.41 30.28
CA THR I 39 2.99 -65.87 29.62
C THR I 39 4.22 -65.17 30.21
N GLY I 40 5.37 -65.75 29.89
CA GLY I 40 6.65 -65.25 30.34
C GLY I 40 7.71 -66.26 29.99
N ARG I 41 8.97 -65.83 30.14
CA ARG I 41 10.09 -66.72 29.82
C ARG I 41 10.59 -67.48 31.03
N ASN I 42 10.47 -66.90 32.22
CA ASN I 42 11.02 -67.49 33.43
C ASN I 42 9.96 -68.36 34.09
N GLN I 43 10.17 -69.68 34.07
CA GLN I 43 9.20 -70.59 34.68
C GLN I 43 9.07 -70.35 36.18
N ASP I 44 10.18 -70.06 36.86
CA ASP I 44 10.15 -69.79 38.29
C ASP I 44 9.16 -68.66 38.60
N ASP I 45 9.23 -67.57 37.82
CA ASP I 45 8.30 -66.47 38.03
C ASP I 45 6.88 -66.84 37.65
N LEU I 46 6.71 -67.65 36.59
CA LEU I 46 5.36 -68.08 36.23
C LEU I 46 4.77 -68.98 37.33
N ASP I 47 5.58 -69.90 37.86
CA ASP I 47 5.09 -70.78 38.91
C ASP I 47 4.76 -70.00 40.17
N ARG I 48 5.66 -69.10 40.58
CA ARG I 48 5.42 -68.32 41.80
C ARG I 48 4.14 -67.51 41.68
N THR I 49 3.86 -66.95 40.50
CA THR I 49 2.64 -66.17 40.33
C THR I 49 1.41 -67.06 40.29
N VAL I 50 1.48 -68.17 39.55
CA VAL I 50 0.37 -69.12 39.52
C VAL I 50 0.03 -69.59 40.92
N ALA I 51 1.06 -69.86 41.72
CA ALA I 51 0.86 -70.25 43.12
C ALA I 51 0.26 -69.10 43.93
N ASP I 52 0.70 -67.87 43.67
CA ASP I 52 0.22 -66.71 44.42
C ASP I 52 -1.26 -66.46 44.18
N LEU I 53 -1.76 -66.73 42.99
CA LEU I 53 -3.14 -66.45 42.64
C LEU I 53 -4.04 -67.66 42.75
N SER I 54 -3.61 -68.67 43.52
CA SER I 54 -4.29 -69.97 43.51
C SER I 54 -5.74 -69.87 43.98
N GLY I 55 -6.05 -68.96 44.89
CA GLY I 55 -7.41 -68.83 45.39
C GLY I 55 -8.33 -67.91 44.61
N THR I 56 -7.90 -67.35 43.48
CA THR I 56 -8.78 -66.45 42.72
C THR I 56 -9.95 -67.23 42.12
N ARG I 57 -11.04 -66.51 41.85
CA ARG I 57 -12.24 -67.14 41.29
C ARG I 57 -11.96 -67.70 39.90
N GLY I 58 -11.66 -66.83 38.94
CA GLY I 58 -11.05 -67.29 37.71
C GLY I 58 -9.68 -67.88 37.97
N LYS I 59 -9.33 -68.88 37.18
CA LYS I 59 -8.08 -69.62 37.40
C LYS I 59 -6.96 -69.04 36.56
N VAL I 60 -5.80 -68.84 37.19
CA VAL I 60 -4.62 -68.33 36.51
C VAL I 60 -3.65 -69.48 36.31
N THR I 61 -3.41 -69.83 35.06
CA THR I 61 -2.39 -70.80 34.69
C THR I 61 -1.35 -70.13 33.79
N ALA I 62 -0.24 -70.82 33.58
CA ALA I 62 0.93 -70.24 32.93
C ALA I 62 1.28 -71.00 31.66
N VAL I 63 1.80 -70.26 30.68
CA VAL I 63 2.42 -70.84 29.50
C VAL I 63 3.77 -70.15 29.30
N ARG I 64 4.84 -70.92 29.22
CA ARG I 64 6.16 -70.37 28.99
C ARG I 64 6.33 -70.07 27.51
N ALA I 65 6.28 -68.78 27.16
CA ALA I 65 6.37 -68.34 25.77
C ALA I 65 7.15 -67.03 25.69
N ASP I 66 7.83 -66.83 24.57
CA ASP I 66 8.54 -65.59 24.28
C ASP I 66 7.73 -64.79 23.27
N VAL I 67 7.40 -63.54 23.63
CA VAL I 67 6.54 -62.74 22.77
C VAL I 67 7.21 -62.41 21.45
N THR I 68 8.54 -62.50 21.37
CA THR I 68 9.20 -62.18 20.10
C THR I 68 9.05 -63.28 19.06
N ASP I 69 8.62 -64.48 19.46
CA ASP I 69 8.56 -65.61 18.54
C ASP I 69 7.12 -65.83 18.12
N PRO I 70 6.77 -65.67 16.83
CA PRO I 70 5.39 -65.90 16.41
C PRO I 70 4.90 -67.31 16.67
N GLU I 71 5.78 -68.32 16.58
CA GLU I 71 5.35 -69.69 16.88
C GLU I 71 4.98 -69.83 18.36
N ASP I 72 5.74 -69.17 19.26
CA ASP I 72 5.33 -69.13 20.66
C ASP I 72 3.97 -68.47 20.80
N ALA I 73 3.69 -67.47 19.96
CA ALA I 73 2.39 -66.82 20.00
C ALA I 73 1.28 -67.80 19.61
N ARG I 74 1.49 -68.53 18.52
CA ARG I 74 0.50 -69.53 18.11
C ARG I 74 0.32 -70.62 19.16
N ARG I 75 1.42 -71.04 19.80
CA ARG I 75 1.32 -72.07 20.83
C ARG I 75 0.52 -71.56 22.03
N THR I 76 0.75 -70.30 22.41
CA THR I 76 0.04 -69.70 23.54
C THR I 76 -1.47 -69.72 23.33
N VAL I 77 -1.92 -69.29 22.16
CA VAL I 77 -3.36 -69.20 21.90
C VAL I 77 -3.98 -70.59 21.89
N ALA I 78 -3.37 -71.54 21.16
CA ALA I 78 -3.93 -72.89 21.07
C ALA I 78 -3.98 -73.55 22.44
N GLU I 79 -2.94 -73.38 23.25
CA GLU I 79 -2.95 -73.95 24.58
C GLU I 79 -4.02 -73.29 25.46
N THR I 80 -4.27 -71.99 25.25
CA THR I 80 -5.33 -71.31 26.00
C THR I 80 -6.70 -71.79 25.57
N VAL I 81 -6.89 -72.01 24.27
CA VAL I 81 -8.15 -72.51 23.73
C VAL I 81 -8.41 -73.95 24.19
N SER I 82 -7.35 -74.73 24.39
CA SER I 82 -7.54 -76.09 24.87
C SER I 82 -7.85 -76.11 26.37
N ARG I 83 -7.30 -75.16 27.14
CA ARG I 83 -7.54 -75.14 28.58
C ARG I 83 -8.91 -74.56 28.91
N HIS I 84 -9.28 -73.47 28.24
CA HIS I 84 -10.48 -72.70 28.54
C HIS I 84 -11.66 -72.99 27.63
N GLY I 85 -11.42 -73.57 26.46
CA GLY I 85 -12.47 -73.78 25.48
C GLY I 85 -12.65 -72.66 24.48
N GLY I 86 -11.94 -71.55 24.63
CA GLY I 86 -12.08 -70.43 23.72
C GLY I 86 -11.18 -69.29 24.16
N LEU I 87 -11.38 -68.13 23.55
CA LEU I 87 -10.61 -66.96 23.96
C LEU I 87 -11.37 -65.69 23.63
N ASP I 88 -11.49 -64.83 24.64
CA ASP I 88 -12.26 -63.58 24.58
C ASP I 88 -11.43 -62.32 24.76
N ILE I 89 -10.33 -62.39 25.51
CA ILE I 89 -9.56 -61.22 25.90
C ILE I 89 -8.08 -61.50 25.69
N VAL I 90 -7.40 -60.58 25.02
CA VAL I 90 -5.95 -60.64 24.89
C VAL I 90 -5.37 -59.35 25.42
N CYS I 91 -4.52 -59.46 26.44
CA CYS I 91 -3.82 -58.30 26.99
C CYS I 91 -2.38 -58.39 26.50
N ALA I 92 -2.09 -57.65 25.43
CA ALA I 92 -0.72 -57.53 24.93
C ALA I 92 0.00 -56.55 25.84
N ASN I 93 0.75 -57.09 26.79
CA ASN I 93 1.32 -56.33 27.88
C ASN I 93 2.83 -56.41 27.98
N ALA I 94 3.43 -57.55 27.65
CA ALA I 94 4.87 -57.73 27.85
C ALA I 94 5.66 -56.58 27.24
N GLY I 95 6.64 -56.10 27.99
CA GLY I 95 7.50 -55.06 27.49
C GLY I 95 8.72 -54.82 28.35
N ILE I 96 9.79 -54.29 27.75
CA ILE I 96 11.01 -53.98 28.46
C ILE I 96 11.37 -52.53 28.19
N PHE I 97 11.99 -51.88 29.18
CA PHE I 97 12.42 -50.48 29.04
C PHE I 97 13.85 -50.30 29.56
N PRO I 98 14.83 -50.95 28.93
CA PRO I 98 16.22 -50.61 29.23
C PRO I 98 16.51 -49.21 28.71
N SER I 99 17.50 -48.58 29.31
CA SER I 99 17.83 -47.20 29.04
C SER I 99 19.15 -47.12 28.30
N GLY I 100 19.16 -46.41 27.18
CA GLY I 100 20.40 -46.15 26.47
C GLY I 100 20.36 -44.83 25.73
N ARG I 101 21.43 -44.04 25.87
CA ARG I 101 21.51 -42.81 25.09
C ARG I 101 21.45 -43.13 23.60
N LEU I 102 20.94 -42.16 22.83
CA LEU I 102 20.80 -42.36 21.39
C LEU I 102 22.14 -42.70 20.75
N GLU I 103 23.22 -42.05 21.19
CA GLU I 103 24.55 -42.32 20.65
C GLU I 103 25.03 -43.73 20.96
N ASP I 104 24.47 -44.37 21.98
CA ASP I 104 24.92 -45.68 22.44
C ASP I 104 24.06 -46.83 21.96
N LEU I 105 22.89 -46.55 21.39
CA LEU I 105 21.94 -47.60 21.04
C LEU I 105 22.42 -48.39 19.83
N THR I 106 22.79 -49.65 20.05
CA THR I 106 23.19 -50.55 18.97
C THR I 106 21.96 -51.04 18.20
N PRO I 107 22.16 -51.51 16.97
CA PRO I 107 21.03 -52.18 16.27
C PRO I 107 20.37 -53.27 17.09
N ASP I 108 21.17 -54.07 17.82
CA ASP I 108 20.58 -55.12 18.65
C ASP I 108 19.77 -54.52 19.80
N ASP I 109 20.24 -53.40 20.38
CA ASP I 109 19.46 -52.70 21.40
C ASP I 109 18.09 -52.32 20.87
N ILE I 110 18.06 -51.71 19.68
CA ILE I 110 16.80 -51.22 19.12
C ILE I 110 15.87 -52.37 18.78
N GLU I 111 16.42 -53.46 18.22
CA GLU I 111 15.57 -54.59 17.82
C GLU I 111 15.02 -55.33 19.03
N GLN I 112 15.79 -55.44 20.11
CA GLN I 112 15.30 -56.16 21.29
C GLN I 112 14.10 -55.45 21.89
N VAL I 113 14.15 -54.12 21.99
CA VAL I 113 13.03 -53.37 22.52
C VAL I 113 11.87 -53.34 21.52
N LEU I 114 12.17 -53.10 20.24
CA LEU I 114 11.11 -53.11 19.25
C LEU I 114 10.47 -54.48 19.12
N GLY I 115 11.28 -55.54 19.18
CA GLY I 115 10.73 -56.88 19.07
C GLY I 115 9.82 -57.25 20.24
N VAL I 116 10.26 -56.98 21.47
CA VAL I 116 9.45 -57.34 22.63
C VAL I 116 8.20 -56.47 22.69
N ASN I 117 8.37 -55.14 22.63
CA ASN I 117 7.29 -54.23 22.97
C ASN I 117 6.28 -54.06 21.84
N PHE I 118 6.73 -54.05 20.59
CA PHE I 118 5.84 -53.82 19.46
C PHE I 118 5.54 -55.09 18.69
N LYS I 119 6.58 -55.79 18.23
CA LYS I 119 6.35 -57.02 17.49
C LYS I 119 5.64 -58.06 18.35
N GLY I 120 6.00 -58.13 19.64
CA GLY I 120 5.32 -59.05 20.53
C GLY I 120 3.84 -58.73 20.68
N THR I 121 3.48 -57.45 20.56
CA THR I 121 2.08 -57.07 20.57
C THR I 121 1.39 -57.54 19.29
N VAL I 122 2.00 -57.30 18.14
CA VAL I 122 1.39 -57.70 16.87
C VAL I 122 1.20 -59.22 16.84
N TYR I 123 2.25 -59.97 17.20
CA TYR I 123 2.21 -61.44 17.03
C TYR I 123 1.11 -62.09 17.85
N ILE I 124 0.85 -61.60 19.07
CA ILE I 124 -0.17 -62.25 19.88
C ILE I 124 -1.57 -61.85 19.42
N VAL I 125 -1.72 -60.64 18.88
CA VAL I 125 -3.00 -60.26 18.28
C VAL I 125 -3.27 -61.09 17.04
N GLN I 126 -2.29 -61.19 16.14
CA GLN I 126 -2.43 -62.03 14.96
C GLN I 126 -2.81 -63.46 15.33
N ALA I 127 -2.06 -64.05 16.25
CA ALA I 127 -2.27 -65.45 16.61
C ALA I 127 -3.63 -65.70 17.25
N ALA I 128 -4.23 -64.67 17.83
CA ALA I 128 -5.51 -64.76 18.52
C ALA I 128 -6.70 -64.37 17.66
N LEU I 129 -6.45 -63.94 16.43
CA LEU I 129 -7.50 -63.29 15.65
C LEU I 129 -8.70 -64.20 15.44
N GLN I 130 -8.47 -65.44 15.02
CA GLN I 130 -9.60 -66.31 14.72
C GLN I 130 -10.34 -66.75 15.98
N ALA I 131 -9.62 -66.98 17.09
CA ALA I 131 -10.31 -67.31 18.33
C ALA I 131 -11.10 -66.11 18.86
N LEU I 132 -10.50 -64.91 18.83
CA LEU I 132 -11.23 -63.71 19.22
C LEU I 132 -12.44 -63.48 18.33
N THR I 133 -12.34 -63.82 17.05
CA THR I 133 -13.48 -63.67 16.14
C THR I 133 -14.62 -64.60 16.54
N ALA I 134 -14.29 -65.86 16.82
CA ALA I 134 -15.31 -66.83 17.21
C ALA I 134 -15.96 -66.48 18.55
N SER I 135 -15.32 -65.62 19.35
CA SER I 135 -15.90 -65.24 20.63
C SER I 135 -17.14 -64.39 20.47
N GLY I 136 -17.22 -63.60 19.39
CA GLY I 136 -18.33 -62.67 19.21
C GLY I 136 -18.24 -61.40 20.03
N HIS I 137 -17.21 -61.27 20.87
CA HIS I 137 -17.00 -60.07 21.68
C HIS I 137 -15.52 -59.96 22.04
N GLY I 138 -14.65 -60.19 21.07
CA GLY I 138 -13.23 -60.18 21.33
C GLY I 138 -12.76 -58.83 21.84
N ARG I 139 -11.76 -58.87 22.72
CA ARG I 139 -11.24 -57.69 23.37
C ARG I 139 -9.72 -57.75 23.37
N VAL I 140 -9.08 -56.74 22.78
CA VAL I 140 -7.64 -56.59 22.83
C VAL I 140 -7.32 -55.36 23.66
N VAL I 141 -6.41 -55.52 24.61
CA VAL I 141 -5.95 -54.42 25.44
C VAL I 141 -4.43 -54.39 25.34
N VAL I 142 -3.90 -53.25 24.90
CA VAL I 142 -2.46 -53.09 24.72
C VAL I 142 -1.95 -52.24 25.87
N THR I 143 -0.85 -52.67 26.49
CA THR I 143 -0.17 -51.83 27.48
C THR I 143 0.85 -50.99 26.73
N SER I 144 0.49 -49.75 26.44
CA SER I 144 1.43 -48.78 25.90
C SER I 144 2.01 -47.97 27.05
N SER I 145 2.24 -46.68 26.86
CA SER I 145 2.82 -45.83 27.90
C SER I 145 2.65 -44.38 27.51
N ILE I 146 2.79 -43.50 28.51
CA ILE I 146 2.89 -42.07 28.16
C ILE I 146 4.21 -41.80 27.45
N THR I 147 5.20 -42.68 27.63
CA THR I 147 6.54 -42.45 27.08
C THR I 147 6.54 -42.85 25.62
N GLY I 148 6.70 -41.87 24.73
CA GLY I 148 6.63 -42.09 23.31
C GLY I 148 5.45 -41.38 22.69
N PRO I 149 4.24 -41.84 23.01
CA PRO I 149 3.05 -41.14 22.52
C PRO I 149 2.95 -39.71 22.99
N ILE I 150 3.45 -39.42 24.21
CA ILE I 150 3.25 -38.13 24.84
C ILE I 150 4.58 -37.54 25.27
N THR I 151 5.33 -38.29 26.08
CA THR I 151 6.50 -37.73 26.75
C THR I 151 7.79 -38.20 26.11
N GLY I 152 8.85 -37.47 26.42
CA GLY I 152 10.20 -37.93 26.17
C GLY I 152 10.92 -38.13 27.49
N TYR I 153 11.96 -38.94 27.44
CA TYR I 153 12.81 -39.16 28.60
C TYR I 153 14.15 -39.69 28.14
N PRO I 154 15.24 -39.01 28.47
CA PRO I 154 16.57 -39.41 28.00
C PRO I 154 16.84 -40.89 28.26
N GLY I 155 17.33 -41.58 27.23
CA GLY I 155 17.61 -43.00 27.31
C GLY I 155 16.49 -43.90 26.84
N TRP I 156 15.33 -43.34 26.49
CA TRP I 156 14.18 -44.14 26.10
C TRP I 156 13.69 -43.81 24.69
N SER I 157 14.58 -43.35 23.81
CA SER I 157 14.14 -43.03 22.44
C SER I 157 13.62 -44.26 21.72
N HIS I 158 14.20 -45.43 21.99
CA HIS I 158 13.73 -46.65 21.36
C HIS I 158 12.51 -47.22 22.08
N TYR I 159 12.49 -47.16 23.41
CA TYR I 159 11.31 -47.57 24.15
C TYR I 159 10.10 -46.71 23.76
N GLY I 160 10.26 -45.38 23.80
CA GLY I 160 9.19 -44.51 23.37
C GLY I 160 8.70 -44.79 21.95
N ALA I 161 9.63 -45.07 21.04
CA ALA I 161 9.23 -45.46 19.69
C ALA I 161 8.33 -46.69 19.71
N SER I 162 8.70 -47.70 20.51
CA SER I 162 7.93 -48.94 20.50
C SER I 162 6.55 -48.74 21.11
N LYS I 163 6.44 -47.89 22.13
CA LYS I 163 5.13 -47.62 22.71
C LYS I 163 4.24 -46.85 21.74
N ALA I 164 4.82 -45.91 21.00
CA ALA I 164 4.05 -45.22 19.98
C ALA I 164 3.76 -46.13 18.79
N ALA I 165 4.70 -47.03 18.46
CA ALA I 165 4.41 -48.01 17.40
C ALA I 165 3.15 -48.82 17.70
N GLN I 166 2.97 -49.20 18.97
CA GLN I 166 1.77 -49.93 19.35
C GLN I 166 0.50 -49.16 18.98
N LEU I 167 0.51 -47.84 19.20
CA LEU I 167 -0.70 -47.06 18.95
C LEU I 167 -0.95 -46.91 17.46
N GLY I 168 0.10 -46.59 16.69
CA GLY I 168 -0.07 -46.51 15.25
C GLY I 168 -0.62 -47.81 14.68
N PHE I 169 -0.13 -48.94 15.20
CA PHE I 169 -0.65 -50.24 14.79
C PHE I 169 -2.15 -50.36 15.11
N LEU I 170 -2.53 -50.12 16.38
CA LEU I 170 -3.91 -50.38 16.77
C LEU I 170 -4.89 -49.40 16.15
N ARG I 171 -4.46 -48.20 15.76
CA ARG I 171 -5.35 -47.31 15.03
C ARG I 171 -5.79 -47.89 13.69
N THR I 172 -4.93 -48.66 13.03
CA THR I 172 -5.43 -49.38 11.86
C THR I 172 -6.09 -50.69 12.26
N ALA I 173 -5.51 -51.42 13.21
CA ALA I 173 -6.08 -52.72 13.59
C ALA I 173 -7.53 -52.58 14.01
N ALA I 174 -7.86 -51.48 14.70
CA ALA I 174 -9.22 -51.25 15.15
C ALA I 174 -10.20 -51.21 13.99
N MET I 175 -9.78 -50.64 12.88
CA MET I 175 -10.66 -50.65 11.72
C MET I 175 -10.73 -52.04 11.10
N GLU I 176 -9.59 -52.72 10.99
CA GLU I 176 -9.58 -54.05 10.39
C GLU I 176 -10.32 -55.06 11.25
N LEU I 177 -10.39 -54.82 12.56
CA LEU I 177 -11.01 -55.75 13.49
C LEU I 177 -12.49 -55.45 13.73
N ALA I 178 -12.98 -54.27 13.36
CA ALA I 178 -14.37 -53.92 13.65
C ALA I 178 -15.36 -54.91 13.07
N PRO I 179 -15.32 -55.27 11.76
CA PRO I 179 -16.30 -56.25 11.27
C PRO I 179 -16.21 -57.58 11.98
N LYS I 180 -15.07 -57.90 12.60
CA LYS I 180 -14.92 -59.11 13.40
C LYS I 180 -15.47 -58.97 14.83
N LYS I 181 -16.09 -57.83 15.16
CA LYS I 181 -16.61 -57.52 16.51
C LYS I 181 -15.52 -57.55 17.59
N ILE I 182 -14.27 -57.29 17.21
CA ILE I 182 -13.16 -57.16 18.14
C ILE I 182 -12.84 -55.68 18.31
N THR I 183 -12.83 -55.19 19.54
CA THR I 183 -12.27 -53.88 19.81
C THR I 183 -10.84 -54.03 20.29
N ILE I 184 -10.04 -53.00 20.06
CA ILE I 184 -8.65 -52.98 20.51
C ILE I 184 -8.35 -51.58 21.02
N ASN I 185 -7.84 -51.49 22.25
CA ASN I 185 -7.60 -50.22 22.91
C ASN I 185 -6.29 -50.33 23.67
N ALA I 186 -5.74 -49.18 24.04
CA ALA I 186 -4.49 -49.12 24.77
C ALA I 186 -4.69 -48.42 26.09
N VAL I 187 -4.07 -48.96 27.15
CA VAL I 187 -3.87 -48.23 28.39
C VAL I 187 -2.48 -47.59 28.33
N LEU I 188 -2.40 -46.32 28.72
CA LEU I 188 -1.11 -45.63 28.74
C LEU I 188 -0.71 -45.33 30.17
N PRO I 189 -0.09 -46.27 30.89
CA PRO I 189 0.30 -45.98 32.26
C PRO I 189 1.36 -44.88 32.28
N GLY I 190 1.35 -44.11 33.37
CA GLY I 190 2.44 -43.18 33.63
C GLY I 190 3.63 -43.88 34.24
N ASN I 191 3.75 -43.79 35.56
CA ASN I 191 4.79 -44.49 36.31
C ASN I 191 4.11 -45.30 37.40
N ILE I 192 4.24 -46.62 37.30
CA ILE I 192 3.53 -47.58 38.15
C ILE I 192 4.57 -48.38 38.92
N MET I 193 4.38 -48.50 40.22
CA MET I 193 5.30 -49.29 41.04
C MET I 193 5.30 -50.76 40.61
N THR I 194 6.32 -51.17 39.87
CA THR I 194 6.50 -52.56 39.44
C THR I 194 7.93 -53.00 39.69
N GLU I 195 8.17 -54.31 39.57
CA GLU I 195 9.53 -54.82 39.66
C GLU I 195 10.39 -54.25 38.54
N GLY I 196 9.82 -54.11 37.34
CA GLY I 196 10.55 -53.51 36.23
C GLY I 196 10.98 -52.08 36.53
N LEU I 197 10.04 -51.25 37.01
CA LEU I 197 10.38 -49.86 37.28
C LEU I 197 11.36 -49.73 38.44
N ASP I 198 11.36 -50.70 39.36
CA ASP I 198 12.28 -50.63 40.49
C ASP I 198 13.74 -50.68 40.03
N GLU I 199 14.00 -51.34 38.90
CA GLU I 199 15.35 -51.39 38.35
C GLU I 199 15.88 -50.00 37.98
N MET I 200 14.99 -49.03 37.75
CA MET I 200 15.43 -47.68 37.38
C MET I 200 16.17 -46.98 38.52
N GLY I 201 15.93 -47.38 39.76
CA GLY I 201 16.58 -46.78 40.91
C GLY I 201 15.66 -45.87 41.69
N GLN I 202 16.04 -45.64 42.95
CA GLN I 202 15.23 -44.80 43.85
C GLN I 202 15.20 -43.35 43.38
N ASP I 203 16.29 -42.85 42.81
CA ASP I 203 16.30 -41.50 42.25
C ASP I 203 15.25 -41.35 41.16
N TYR I 204 15.06 -42.39 40.34
CA TYR I 204 14.04 -42.35 39.31
C TYR I 204 12.64 -42.34 39.93
N LEU I 205 12.42 -43.18 40.94
CA LEU I 205 11.09 -43.30 41.52
C LEU I 205 10.68 -42.05 42.27
N ASP I 206 11.63 -41.44 43.00
CA ASP I 206 11.33 -40.17 43.66
C ASP I 206 11.11 -39.05 42.65
N GLN I 207 11.91 -39.02 41.58
CA GLN I 207 11.79 -37.96 40.59
C GLN I 207 10.41 -37.97 39.94
N MET I 208 9.85 -39.16 39.72
CA MET I 208 8.56 -39.24 39.06
C MET I 208 7.40 -38.96 40.01
N ALA I 209 7.58 -39.23 41.31
CA ALA I 209 6.50 -39.02 42.27
C ALA I 209 6.23 -37.53 42.48
N SER I 210 7.27 -36.71 42.55
CA SER I 210 7.11 -35.28 42.72
C SER I 210 6.45 -34.62 41.52
N ALA I 211 6.46 -35.28 40.36
CA ALA I 211 5.89 -34.71 39.16
C ALA I 211 4.41 -35.03 38.99
N ILE I 212 3.86 -35.90 39.82
CA ILE I 212 2.53 -36.45 39.64
C ILE I 212 1.53 -35.65 40.58
N PRO I 213 0.51 -35.05 40.00
CA PRO I 213 -0.44 -34.32 40.88
C PRO I 213 -1.14 -35.22 41.89
N ALA I 214 -1.39 -36.48 41.54
CA ALA I 214 -2.01 -37.41 42.47
C ALA I 214 -1.16 -37.63 43.73
N GLY I 215 0.12 -37.26 43.69
CA GLY I 215 0.97 -37.40 44.85
C GLY I 215 1.51 -38.78 45.09
N ARG I 216 1.47 -39.67 44.10
CA ARG I 216 1.96 -41.02 44.31
C ARG I 216 2.19 -41.68 42.96
N LEU I 217 3.05 -42.71 42.97
CA LEU I 217 3.14 -43.59 41.82
C LEU I 217 1.92 -44.50 41.77
N GLY I 218 1.50 -44.85 40.57
CA GLY I 218 0.35 -45.73 40.43
C GLY I 218 0.64 -47.16 40.87
N SER I 219 -0.43 -47.97 40.89
CA SER I 219 -0.37 -49.38 41.26
C SER I 219 -0.74 -50.26 40.07
N VAL I 220 -0.38 -51.55 40.14
CA VAL I 220 -0.71 -52.42 39.02
C VAL I 220 -2.21 -52.61 38.89
N ALA I 221 -2.95 -52.43 39.99
CA ALA I 221 -4.41 -52.48 39.91
C ALA I 221 -4.99 -51.30 39.12
N ASP I 222 -4.36 -50.13 39.19
CA ASP I 222 -4.85 -49.00 38.39
C ASP I 222 -4.88 -49.37 36.92
N ILE I 223 -3.85 -50.07 36.44
CA ILE I 223 -3.81 -50.48 35.04
C ILE I 223 -4.74 -51.68 34.81
N GLY I 224 -4.75 -52.65 35.73
CA GLY I 224 -5.64 -53.78 35.57
C GLY I 224 -7.09 -53.36 35.48
N ASN I 225 -7.48 -52.35 36.25
CA ASN I 225 -8.87 -51.94 36.23
C ASN I 225 -9.23 -51.17 34.96
N ALA I 226 -8.28 -50.42 34.41
CA ALA I 226 -8.54 -49.81 33.10
C ALA I 226 -8.71 -50.89 32.04
N ALA I 227 -7.83 -51.90 32.06
CA ALA I 227 -7.98 -53.02 31.12
C ALA I 227 -9.31 -53.72 31.31
N LEU I 228 -9.71 -53.94 32.58
CA LEU I 228 -11.01 -54.57 32.85
C LEU I 228 -12.15 -53.81 32.20
N PHE I 229 -12.14 -52.48 32.28
CA PHE I 229 -13.24 -51.71 31.68
C PHE I 229 -13.32 -51.92 30.18
N PHE I 230 -12.17 -51.81 29.50
CA PHE I 230 -12.13 -52.03 28.05
C PHE I 230 -12.72 -53.39 27.71
N ALA I 231 -12.44 -54.41 28.52
CA ALA I 231 -12.90 -55.75 28.23
C ALA I 231 -14.40 -55.95 28.44
N THR I 232 -15.07 -55.03 29.13
CA THR I 232 -16.50 -55.22 29.39
C THR I 232 -17.31 -55.23 28.10
N ASP I 233 -18.51 -55.83 28.17
CA ASP I 233 -19.44 -55.70 27.07
C ASP I 233 -19.87 -54.26 26.88
N GLU I 234 -19.97 -53.51 27.98
CA GLU I 234 -20.41 -52.13 27.98
C GLU I 234 -19.45 -51.20 27.27
N ALA I 235 -18.24 -51.66 26.93
CA ALA I 235 -17.27 -50.89 26.18
C ALA I 235 -17.17 -51.35 24.73
N ALA I 236 -18.23 -51.98 24.21
CA ALA I 236 -18.22 -52.45 22.83
C ALA I 236 -18.05 -51.33 21.81
N TYR I 237 -18.43 -50.09 22.17
CA TYR I 237 -18.37 -48.98 21.22
C TYR I 237 -17.06 -48.22 21.28
N VAL I 238 -16.09 -48.69 22.06
CA VAL I 238 -14.81 -48.03 22.23
C VAL I 238 -13.75 -48.86 21.52
N THR I 239 -13.07 -48.25 20.54
CA THR I 239 -12.04 -49.00 19.85
C THR I 239 -11.05 -48.05 19.19
N GLY I 240 -9.82 -48.53 19.04
CA GLY I 240 -8.77 -47.70 18.49
C GLY I 240 -8.41 -46.55 19.39
N GLN I 241 -8.72 -46.63 20.68
CA GLN I 241 -8.56 -45.50 21.58
C GLN I 241 -7.60 -45.81 22.72
N THR I 242 -7.29 -44.76 23.46
CA THR I 242 -6.26 -44.76 24.48
C THR I 242 -6.83 -44.22 25.78
N LEU I 243 -6.29 -44.68 26.90
CA LEU I 243 -6.64 -44.12 28.20
C LEU I 243 -5.36 -43.92 29.00
N VAL I 244 -5.07 -42.66 29.34
CA VAL I 244 -3.89 -42.31 30.11
C VAL I 244 -4.18 -42.48 31.60
N VAL I 245 -3.39 -43.30 32.28
CA VAL I 245 -3.56 -43.63 33.69
C VAL I 245 -2.25 -43.21 34.37
N ASP I 246 -2.20 -41.95 34.83
CA ASP I 246 -0.94 -41.40 35.32
C ASP I 246 -1.12 -40.41 36.47
N GLY I 247 -2.28 -40.35 37.11
CA GLY I 247 -2.47 -39.44 38.23
C GLY I 247 -2.25 -37.99 37.87
N GLY I 248 -2.47 -37.63 36.60
CA GLY I 248 -2.24 -36.29 36.09
C GLY I 248 -0.82 -35.97 35.69
N GLN I 249 0.07 -36.97 35.62
CA GLN I 249 1.49 -36.67 35.44
C GLN I 249 1.78 -35.89 34.16
N VAL I 250 1.02 -36.13 33.07
CA VAL I 250 1.35 -35.46 31.82
C VAL I 250 0.77 -34.06 31.73
N LEU I 251 0.03 -33.60 32.75
CA LEU I 251 -0.65 -32.32 32.72
C LEU I 251 0.20 -31.09 33.08
N PRO I 252 1.06 -31.13 34.11
CA PRO I 252 1.70 -29.91 34.56
C PRO I 252 2.57 -29.26 33.49
N GLU I 253 2.49 -27.93 33.40
CA GLU I 253 3.32 -27.19 32.46
C GLU I 253 4.78 -27.19 32.91
N SER I 254 5.01 -27.25 34.22
CA SER I 254 6.35 -27.21 34.78
C SER I 254 6.37 -28.03 36.06
N HIS I 255 7.58 -28.23 36.59
CA HIS I 255 7.69 -28.75 37.97
C HIS I 255 7.18 -27.74 38.98
N LEU I 256 7.17 -26.45 38.60
CA LEU I 256 6.57 -25.39 39.38
C LEU I 256 5.06 -25.32 39.27
N ALA I 257 4.51 -25.83 38.18
CA ALA I 257 3.06 -25.86 38.04
C ALA I 257 2.44 -26.74 39.11
N ILE I 258 3.01 -27.92 39.33
CA ILE I 258 2.49 -28.80 40.37
C ILE I 258 2.96 -28.33 41.75
N ALA I 259 4.19 -27.83 41.84
CA ALA I 259 4.74 -27.32 43.09
C ALA I 259 4.53 -25.81 43.21
N HIS J 2 13.18 -8.82 4.15
CA HIS J 2 13.82 -9.96 4.80
C HIS J 2 12.79 -10.89 5.44
N MET J 3 12.77 -12.14 5.00
CA MET J 3 11.84 -13.14 5.54
C MET J 3 12.57 -14.13 6.44
N PHE J 4 13.39 -15.02 5.89
CA PHE J 4 14.17 -15.95 6.71
C PHE J 4 15.63 -15.84 6.33
N THR J 5 16.50 -16.08 7.31
CA THR J 5 17.94 -15.97 7.07
C THR J 5 18.38 -17.01 6.05
N SER J 6 19.22 -16.59 5.11
CA SER J 6 19.57 -17.46 3.99
C SER J 6 20.30 -18.69 4.47
N LEU J 7 19.92 -19.83 3.91
CA LEU J 7 20.58 -21.10 4.20
C LEU J 7 21.64 -21.46 3.15
N GLU J 8 22.01 -20.53 2.28
CA GLU J 8 22.96 -20.85 1.22
C GLU J 8 24.29 -21.27 1.84
N GLY J 9 24.89 -22.31 1.27
CA GLY J 9 26.17 -22.81 1.71
C GLY J 9 26.12 -23.93 2.73
N ARG J 10 24.95 -24.21 3.29
CA ARG J 10 24.84 -25.28 4.27
C ARG J 10 24.81 -26.64 3.58
N SER J 11 24.85 -27.69 4.39
CA SER J 11 25.00 -29.06 3.90
C SER J 11 23.85 -29.91 4.41
N ALA J 12 23.21 -30.67 3.52
CA ALA J 12 22.03 -31.44 3.89
C ALA J 12 22.10 -32.85 3.33
N ILE J 13 21.44 -33.77 4.05
CA ILE J 13 21.18 -35.13 3.59
C ILE J 13 19.67 -35.31 3.49
N VAL J 14 19.21 -35.93 2.41
CA VAL J 14 17.82 -36.39 2.31
C VAL J 14 17.87 -37.88 1.99
N THR J 15 17.42 -38.72 2.92
CA THR J 15 17.40 -40.14 2.63
C THR J 15 16.22 -40.44 1.71
N GLY J 16 16.46 -41.24 0.68
CA GLY J 16 15.42 -41.52 -0.28
C GLY J 16 14.98 -40.29 -1.04
N GLY J 17 15.95 -39.54 -1.58
CA GLY J 17 15.70 -38.33 -2.34
C GLY J 17 15.70 -38.47 -3.85
N SER J 18 15.74 -39.69 -4.39
CA SER J 18 15.71 -39.85 -5.84
C SER J 18 14.30 -39.74 -6.41
N LYS J 19 13.27 -39.90 -5.57
CA LYS J 19 11.90 -39.86 -6.05
C LYS J 19 11.00 -39.19 -5.00
N GLY J 20 9.80 -38.84 -5.44
CA GLY J 20 8.74 -38.54 -4.50
C GLY J 20 9.05 -37.35 -3.63
N ILE J 21 8.77 -37.51 -2.33
CA ILE J 21 8.88 -36.40 -1.40
C ILE J 21 10.34 -36.06 -1.14
N GLY J 22 11.19 -37.08 -0.95
CA GLY J 22 12.61 -36.83 -0.80
C GLY J 22 13.16 -35.97 -1.94
N ARG J 23 12.79 -36.31 -3.17
CA ARG J 23 13.21 -35.49 -4.31
C ARG J 23 12.70 -34.06 -4.19
N GLY J 24 11.44 -33.90 -3.75
CA GLY J 24 10.90 -32.55 -3.58
C GLY J 24 11.58 -31.77 -2.47
N ILE J 25 11.92 -32.45 -1.37
CA ILE J 25 12.68 -31.80 -0.30
C ILE J 25 14.05 -31.37 -0.82
N ALA J 26 14.75 -32.28 -1.51
CA ALA J 26 16.08 -31.97 -2.00
C ALA J 26 16.07 -30.77 -2.94
N GLU J 27 15.14 -30.75 -3.90
CA GLU J 27 15.07 -29.62 -4.83
C GLU J 27 14.72 -28.33 -4.09
N THR J 28 13.86 -28.41 -3.09
CA THR J 28 13.51 -27.25 -2.28
C THR J 28 14.75 -26.70 -1.58
N PHE J 29 15.55 -27.58 -0.96
CA PHE J 29 16.76 -27.13 -0.29
C PHE J 29 17.78 -26.61 -1.30
N ALA J 30 17.93 -27.32 -2.43
CA ALA J 30 18.90 -26.88 -3.44
C ALA J 30 18.57 -25.48 -3.97
N ASN J 31 17.27 -25.20 -4.21
CA ASN J 31 16.89 -23.86 -4.65
C ASN J 31 17.27 -22.80 -3.62
N ALA J 32 17.30 -23.16 -2.35
CA ALA J 32 17.71 -22.25 -1.29
C ALA J 32 19.22 -22.15 -1.16
N GLY J 33 19.97 -22.80 -2.05
CA GLY J 33 21.42 -22.72 -2.01
C GLY J 33 22.10 -23.72 -1.12
N VAL J 34 21.37 -24.73 -0.65
CA VAL J 34 21.94 -25.78 0.17
C VAL J 34 22.46 -26.89 -0.76
N ASP J 35 23.70 -27.32 -0.52
CA ASP J 35 24.21 -28.53 -1.14
C ASP J 35 23.58 -29.76 -0.49
N VAL J 36 23.03 -30.66 -1.30
CA VAL J 36 22.21 -31.75 -0.80
C VAL J 36 22.77 -33.08 -1.31
N VAL J 37 22.90 -34.04 -0.41
CA VAL J 37 23.20 -35.42 -0.76
C VAL J 37 21.90 -36.21 -0.66
N ILE J 38 21.47 -36.78 -1.77
CA ILE J 38 20.30 -37.66 -1.78
C ILE J 38 20.81 -39.08 -1.76
N THR J 39 20.06 -39.96 -1.11
CA THR J 39 20.40 -41.36 -1.02
C THR J 39 19.30 -42.21 -1.64
N GLY J 40 19.65 -43.46 -1.93
CA GLY J 40 18.73 -44.41 -2.52
C GLY J 40 19.44 -45.70 -2.88
N ARG J 41 18.69 -46.79 -3.06
CA ARG J 41 19.32 -48.04 -3.41
C ARG J 41 19.60 -48.15 -4.91
N ASN J 42 18.76 -47.55 -5.75
CA ASN J 42 18.91 -47.70 -7.18
C ASN J 42 19.78 -46.57 -7.73
N GLN J 43 20.91 -46.93 -8.32
CA GLN J 43 21.86 -45.93 -8.80
C GLN J 43 21.28 -45.12 -9.95
N ASP J 44 20.53 -45.75 -10.86
CA ASP J 44 20.00 -45.05 -12.03
C ASP J 44 19.04 -43.94 -11.61
N ASP J 45 18.15 -44.22 -10.65
CA ASP J 45 17.21 -43.20 -10.20
C ASP J 45 17.93 -42.05 -9.50
N LEU J 46 18.99 -42.36 -8.74
CA LEU J 46 19.82 -41.32 -8.17
C LEU J 46 20.50 -40.49 -9.26
N ASP J 47 21.14 -41.17 -10.20
CA ASP J 47 21.82 -40.46 -11.28
C ASP J 47 20.85 -39.62 -12.09
N ARG J 48 19.63 -40.11 -12.29
CA ARG J 48 18.65 -39.38 -13.08
C ARG J 48 18.22 -38.10 -12.36
N THR J 49 17.90 -38.19 -11.09
CA THR J 49 17.52 -37.01 -10.32
C THR J 49 18.65 -36.00 -10.23
N VAL J 50 19.90 -36.48 -10.11
CA VAL J 50 21.02 -35.56 -10.06
C VAL J 50 21.15 -34.79 -11.36
N ALA J 51 20.96 -35.47 -12.50
CA ALA J 51 20.99 -34.78 -13.78
C ALA J 51 19.80 -33.84 -13.95
N ASP J 52 18.62 -34.25 -13.43
CA ASP J 52 17.45 -33.39 -13.54
C ASP J 52 17.66 -32.07 -12.79
N LEU J 53 18.23 -32.14 -11.59
CA LEU J 53 18.44 -30.96 -10.74
C LEU J 53 19.77 -30.28 -11.01
N SER J 54 20.38 -30.52 -12.18
CA SER J 54 21.72 -30.03 -12.47
C SER J 54 21.82 -28.51 -12.56
N GLY J 55 20.71 -27.79 -12.59
CA GLY J 55 20.77 -26.34 -12.67
C GLY J 55 20.52 -25.59 -11.39
N THR J 56 20.35 -26.29 -10.27
CA THR J 56 19.98 -25.64 -9.02
C THR J 56 21.17 -24.91 -8.41
N ARG J 57 20.87 -24.02 -7.46
CA ARG J 57 21.91 -23.23 -6.80
C ARG J 57 22.83 -24.11 -5.98
N GLY J 58 22.30 -24.78 -4.96
CA GLY J 58 23.08 -25.75 -4.23
C GLY J 58 23.30 -27.01 -5.04
N LYS J 59 24.39 -27.72 -4.74
CA LYS J 59 24.77 -28.90 -5.51
C LYS J 59 24.04 -30.14 -4.98
N VAL J 60 23.29 -30.80 -5.86
CA VAL J 60 22.63 -32.07 -5.55
C VAL J 60 23.48 -33.21 -6.11
N THR J 61 24.06 -34.01 -5.21
CA THR J 61 24.77 -35.23 -5.59
C THR J 61 24.14 -36.42 -4.87
N ALA J 62 24.53 -37.62 -5.28
CA ALA J 62 23.89 -38.83 -4.81
C ALA J 62 24.88 -39.72 -4.06
N VAL J 63 24.34 -40.54 -3.16
CA VAL J 63 25.10 -41.59 -2.49
C VAL J 63 24.22 -42.83 -2.44
N ARG J 64 24.64 -43.90 -3.12
CA ARG J 64 23.89 -45.16 -3.12
C ARG J 64 24.00 -45.83 -1.75
N ALA J 65 22.88 -45.95 -1.05
CA ALA J 65 22.90 -46.46 0.30
C ALA J 65 21.53 -46.93 0.70
N ASP J 66 21.48 -48.01 1.47
CA ASP J 66 20.26 -48.58 2.02
C ASP J 66 20.11 -48.09 3.46
N VAL J 67 18.98 -47.40 3.74
CA VAL J 67 18.81 -46.82 5.06
C VAL J 67 18.71 -47.87 6.14
N THR J 68 18.43 -49.12 5.78
CA THR J 68 18.31 -50.17 6.79
C THR J 68 19.66 -50.71 7.25
N ASP J 69 20.75 -50.24 6.67
CA ASP J 69 22.09 -50.70 7.02
C ASP J 69 22.80 -49.63 7.82
N PRO J 70 23.14 -49.87 9.09
CA PRO J 70 23.86 -48.87 9.87
C PRO J 70 25.18 -48.45 9.24
N GLU J 71 25.88 -49.36 8.56
CA GLU J 71 27.15 -49.01 7.93
C GLU J 71 26.94 -48.09 6.73
N ASP J 72 25.84 -48.24 6.00
CA ASP J 72 25.54 -47.30 4.92
C ASP J 72 25.18 -45.93 5.47
N ALA J 73 24.66 -45.86 6.70
CA ALA J 73 24.40 -44.56 7.31
C ALA J 73 25.70 -43.83 7.61
N ARG J 74 26.70 -44.55 8.11
CA ARG J 74 27.97 -43.92 8.44
C ARG J 74 28.73 -43.51 7.18
N ARG J 75 28.67 -44.33 6.13
CA ARG J 75 29.28 -43.93 4.86
C ARG J 75 28.59 -42.70 4.29
N THR J 76 27.26 -42.62 4.44
CA THR J 76 26.52 -41.48 3.91
C THR J 76 26.97 -40.17 4.54
N VAL J 77 27.08 -40.16 5.88
CA VAL J 77 27.51 -38.95 6.57
C VAL J 77 28.96 -38.62 6.22
N ALA J 78 29.84 -39.62 6.23
CA ALA J 78 31.24 -39.37 5.95
C ALA J 78 31.44 -38.85 4.53
N GLU J 79 30.71 -39.40 3.56
CA GLU J 79 30.86 -38.93 2.18
C GLU J 79 30.31 -37.52 2.03
N THR J 80 29.22 -37.21 2.75
CA THR J 80 28.62 -35.88 2.69
C THR J 80 29.53 -34.83 3.33
N VAL J 81 30.18 -35.19 4.44
CA VAL J 81 31.11 -34.24 5.06
C VAL J 81 32.33 -34.05 4.19
N SER J 82 32.77 -35.10 3.48
CA SER J 82 33.88 -34.94 2.56
C SER J 82 33.51 -34.01 1.40
N ARG J 83 32.29 -34.16 0.88
CA ARG J 83 31.87 -33.39 -0.28
C ARG J 83 31.55 -31.94 0.06
N HIS J 84 30.96 -31.69 1.24
CA HIS J 84 30.50 -30.37 1.60
C HIS J 84 31.32 -29.69 2.69
N GLY J 85 32.18 -30.43 3.39
CA GLY J 85 32.90 -29.87 4.51
C GLY J 85 32.21 -30.00 5.84
N GLY J 86 30.93 -30.36 5.85
CA GLY J 86 30.21 -30.51 7.10
C GLY J 86 28.80 -31.00 6.85
N LEU J 87 28.00 -30.98 7.91
CA LEU J 87 26.61 -31.42 7.84
C LEU J 87 25.76 -30.55 8.75
N ASP J 88 24.78 -29.86 8.17
CA ASP J 88 23.86 -29.01 8.93
C ASP J 88 22.45 -29.57 9.03
N ILE J 89 21.99 -30.33 8.03
CA ILE J 89 20.59 -30.71 7.90
C ILE J 89 20.51 -32.18 7.54
N VAL J 90 19.70 -32.94 8.28
CA VAL J 90 19.39 -34.32 7.93
C VAL J 90 17.88 -34.46 7.80
N CYS J 91 17.42 -34.83 6.61
CA CYS J 91 16.01 -35.12 6.36
C CYS J 91 15.86 -36.64 6.30
N ALA J 92 15.45 -37.23 7.41
CA ALA J 92 15.16 -38.67 7.46
C ALA J 92 13.80 -38.89 6.82
N ASN J 93 13.82 -39.24 5.54
CA ASN J 93 12.61 -39.27 4.73
C ASN J 93 12.32 -40.62 4.09
N ALA J 94 13.33 -41.43 3.81
CA ALA J 94 13.11 -42.69 3.10
C ALA J 94 12.05 -43.52 3.81
N GLY J 95 11.03 -43.93 3.07
CA GLY J 95 9.97 -44.73 3.65
C GLY J 95 9.21 -45.48 2.59
N ILE J 96 8.71 -46.66 2.97
CA ILE J 96 7.91 -47.51 2.10
C ILE J 96 6.60 -47.82 2.79
N PHE J 97 5.55 -48.03 1.98
CA PHE J 97 4.22 -48.34 2.49
C PHE J 97 3.58 -49.43 1.64
N PRO J 98 4.13 -50.64 1.66
CA PRO J 98 3.39 -51.78 1.09
C PRO J 98 2.14 -52.03 1.89
N SER J 99 1.16 -52.66 1.26
CA SER J 99 -0.14 -52.90 1.86
C SER J 99 -0.29 -54.38 2.19
N GLY J 100 -0.81 -54.66 3.40
CA GLY J 100 -1.13 -56.01 3.79
C GLY J 100 -2.06 -56.06 5.00
N ARG J 101 -3.09 -56.89 4.94
CA ARG J 101 -3.99 -57.02 6.07
C ARG J 101 -3.30 -57.71 7.24
N LEU J 102 -3.69 -57.31 8.45
CA LEU J 102 -3.06 -57.80 9.67
C LEU J 102 -2.90 -59.32 9.69
N GLU J 103 -3.93 -60.05 9.27
CA GLU J 103 -3.82 -61.51 9.30
C GLU J 103 -2.88 -62.06 8.24
N ASP J 104 -2.39 -61.22 7.31
CA ASP J 104 -1.49 -61.66 6.26
C ASP J 104 -0.06 -61.19 6.43
N LEU J 105 0.23 -60.33 7.41
CA LEU J 105 1.56 -59.76 7.55
C LEU J 105 2.50 -60.79 8.16
N THR J 106 3.57 -61.11 7.44
CA THR J 106 4.59 -62.00 7.95
C THR J 106 5.56 -61.24 8.84
N PRO J 107 6.35 -61.93 9.66
CA PRO J 107 7.44 -61.23 10.36
C PRO J 107 8.35 -60.48 9.40
N ASP J 108 8.63 -61.03 8.22
CA ASP J 108 9.47 -60.32 7.27
C ASP J 108 8.79 -59.07 6.72
N ASP J 109 7.48 -59.14 6.50
CA ASP J 109 6.72 -57.96 6.08
C ASP J 109 6.86 -56.84 7.09
N ILE J 110 6.70 -57.16 8.37
CA ILE J 110 6.74 -56.16 9.41
C ILE J 110 8.13 -55.56 9.53
N GLU J 111 9.16 -56.41 9.51
CA GLU J 111 10.52 -55.91 9.71
C GLU J 111 11.01 -55.11 8.50
N GLN J 112 10.54 -55.42 7.29
CA GLN J 112 10.93 -54.60 6.15
C GLN J 112 10.37 -53.20 6.25
N VAL J 113 9.17 -53.04 6.82
CA VAL J 113 8.60 -51.71 6.95
C VAL J 113 9.19 -50.97 8.15
N LEU J 114 9.29 -51.65 9.30
CA LEU J 114 9.91 -51.03 10.47
C LEU J 114 11.38 -50.70 10.21
N GLY J 115 12.07 -51.54 9.43
CA GLY J 115 13.47 -51.28 9.16
C GLY J 115 13.69 -50.01 8.34
N VAL J 116 13.01 -49.90 7.20
CA VAL J 116 13.18 -48.71 6.39
C VAL J 116 12.67 -47.47 7.13
N ASN J 117 11.43 -47.54 7.61
CA ASN J 117 10.73 -46.32 8.02
C ASN J 117 11.21 -45.82 9.38
N PHE J 118 11.38 -46.72 10.35
CA PHE J 118 11.80 -46.33 11.69
C PHE J 118 13.30 -46.51 11.90
N LYS J 119 13.81 -47.74 11.77
CA LYS J 119 15.24 -47.97 11.98
C LYS J 119 16.08 -47.12 11.03
N GLY J 120 15.62 -46.96 9.77
CA GLY J 120 16.37 -46.16 8.83
C GLY J 120 16.45 -44.70 9.22
N THR J 121 15.43 -44.21 9.95
CA THR J 121 15.47 -42.84 10.47
C THR J 121 16.41 -42.73 11.66
N VAL J 122 16.38 -43.71 12.57
CA VAL J 122 17.27 -43.69 13.71
C VAL J 122 18.72 -43.75 13.25
N TYR J 123 19.01 -44.64 12.31
CA TYR J 123 20.41 -44.91 11.93
C TYR J 123 21.06 -43.69 11.31
N ILE J 124 20.32 -42.94 10.48
CA ILE J 124 20.92 -41.78 9.86
C ILE J 124 21.08 -40.66 10.89
N VAL J 125 20.16 -40.56 11.86
CA VAL J 125 20.32 -39.52 12.88
C VAL J 125 21.54 -39.83 13.76
N GLN J 126 21.71 -41.10 14.11
CA GLN J 126 22.89 -41.50 14.88
C GLN J 126 24.17 -41.16 14.14
N ALA J 127 24.29 -41.59 12.88
CA ALA J 127 25.53 -41.41 12.15
C ALA J 127 25.87 -39.95 11.94
N ALA J 128 24.86 -39.07 11.96
CA ALA J 128 25.03 -37.65 11.72
C ALA J 128 25.22 -36.84 13.00
N LEU J 129 25.12 -37.49 14.17
CA LEU J 129 25.00 -36.75 15.44
C LEU J 129 26.16 -35.80 15.66
N GLN J 130 27.39 -36.28 15.48
CA GLN J 130 28.54 -35.43 15.79
C GLN J 130 28.71 -34.33 14.76
N ALA J 131 28.55 -34.65 13.46
CA ALA J 131 28.65 -33.60 12.44
C ALA J 131 27.58 -32.54 12.65
N LEU J 132 26.34 -32.96 12.93
CA LEU J 132 25.28 -32.00 13.24
C LEU J 132 25.66 -31.17 14.46
N THR J 133 26.34 -31.79 15.44
CA THR J 133 26.72 -31.07 16.64
C THR J 133 27.77 -30.01 16.35
N ALA J 134 28.75 -30.34 15.50
CA ALA J 134 29.78 -29.37 15.16
C ALA J 134 29.23 -28.18 14.37
N SER J 135 28.08 -28.35 13.72
CA SER J 135 27.53 -27.27 12.89
C SER J 135 27.09 -26.09 13.75
N GLY J 136 26.61 -26.35 14.96
CA GLY J 136 26.12 -25.30 15.82
C GLY J 136 24.68 -24.91 15.60
N HIS J 137 24.07 -25.36 14.50
CA HIS J 137 22.64 -25.13 14.23
C HIS J 137 22.08 -26.36 13.54
N GLY J 138 22.26 -27.52 14.17
CA GLY J 138 21.82 -28.76 13.57
C GLY J 138 20.32 -28.83 13.41
N ARG J 139 19.89 -29.50 12.35
CA ARG J 139 18.47 -29.63 12.05
C ARG J 139 18.21 -31.05 11.59
N VAL J 140 17.20 -31.69 12.18
CA VAL J 140 16.73 -32.98 11.71
C VAL J 140 15.23 -32.85 11.43
N VAL J 141 14.84 -33.19 10.20
CA VAL J 141 13.44 -33.22 9.79
C VAL J 141 13.08 -34.64 9.42
N VAL J 142 12.04 -35.17 10.07
CA VAL J 142 11.59 -36.55 9.90
C VAL J 142 10.33 -36.54 9.07
N THR J 143 10.31 -37.30 7.98
CA THR J 143 9.07 -37.46 7.22
C THR J 143 8.28 -38.59 7.88
N SER J 144 7.27 -38.22 8.65
CA SER J 144 6.34 -39.18 9.24
C SER J 144 5.10 -39.22 8.36
N SER J 145 3.92 -39.35 8.96
CA SER J 145 2.68 -39.36 8.19
C SER J 145 1.51 -39.09 9.14
N ILE J 146 0.37 -38.71 8.58
CA ILE J 146 -0.84 -38.74 9.38
C ILE J 146 -1.20 -40.17 9.71
N THR J 147 -0.80 -41.12 8.86
CA THR J 147 -1.12 -42.55 9.00
C THR J 147 -0.28 -43.15 10.12
N GLY J 148 -0.93 -43.54 11.21
CA GLY J 148 -0.21 -44.05 12.35
C GLY J 148 -0.38 -43.15 13.55
N PRO J 149 0.27 -41.97 13.51
CA PRO J 149 0.08 -41.00 14.60
C PRO J 149 -1.35 -40.52 14.73
N ILE J 150 -2.11 -40.48 13.62
CA ILE J 150 -3.45 -39.93 13.67
C ILE J 150 -4.45 -40.91 13.09
N THR J 151 -4.24 -41.31 11.84
CA THR J 151 -5.23 -42.10 11.13
C THR J 151 -4.84 -43.57 11.09
N GLY J 152 -5.83 -44.39 10.78
CA GLY J 152 -5.59 -45.74 10.32
C GLY J 152 -6.15 -45.90 8.91
N TYR J 153 -5.77 -47.01 8.29
CA TYR J 153 -6.21 -47.33 6.95
C TYR J 153 -5.94 -48.81 6.71
N PRO J 154 -6.94 -49.57 6.28
CA PRO J 154 -6.78 -51.03 6.17
C PRO J 154 -5.56 -51.39 5.34
N GLY J 155 -4.81 -52.36 5.84
CA GLY J 155 -3.60 -52.81 5.19
C GLY J 155 -2.34 -52.06 5.58
N TRP J 156 -2.44 -51.06 6.45
CA TRP J 156 -1.28 -50.24 6.82
C TRP J 156 -1.03 -50.22 8.33
N SER J 157 -1.37 -51.31 9.03
CA SER J 157 -1.13 -51.35 10.46
C SER J 157 0.36 -51.35 10.78
N HIS J 158 1.17 -52.03 9.96
CA HIS J 158 2.61 -52.01 10.17
C HIS J 158 3.21 -50.68 9.74
N TYR J 159 2.71 -50.11 8.65
CA TYR J 159 3.18 -48.81 8.21
C TYR J 159 2.87 -47.75 9.26
N GLY J 160 1.61 -47.67 9.68
CA GLY J 160 1.23 -46.72 10.71
C GLY J 160 2.06 -46.86 11.96
N ALA J 161 2.30 -48.10 12.40
CA ALA J 161 3.20 -48.33 13.51
C ALA J 161 4.54 -47.64 13.26
N SER J 162 5.09 -47.79 12.07
CA SER J 162 6.44 -47.27 11.81
C SER J 162 6.44 -45.75 11.82
N LYS J 163 5.36 -45.11 11.36
CA LYS J 163 5.31 -43.64 11.36
C LYS J 163 5.14 -43.10 12.78
N ALA J 164 4.37 -43.79 13.61
CA ALA J 164 4.23 -43.37 15.01
C ALA J 164 5.54 -43.59 15.77
N ALA J 165 6.21 -44.70 15.50
CA ALA J 165 7.53 -44.97 16.06
C ALA J 165 8.51 -43.83 15.81
N GLN J 166 8.50 -43.27 14.59
CA GLN J 166 9.37 -42.13 14.31
C GLN J 166 9.14 -41.00 15.31
N LEU J 167 7.87 -40.71 15.60
CA LEU J 167 7.53 -39.63 16.52
C LEU J 167 7.87 -39.99 17.96
N GLY J 168 7.56 -41.23 18.38
CA GLY J 168 7.94 -41.66 19.71
C GLY J 168 9.44 -41.52 19.95
N PHE J 169 10.23 -41.82 18.93
CA PHE J 169 11.68 -41.64 19.01
C PHE J 169 12.02 -40.16 19.06
N LEU J 170 11.34 -39.36 18.25
CA LEU J 170 11.66 -37.93 18.13
C LEU J 170 11.40 -37.18 19.44
N ARG J 171 10.39 -37.60 20.21
CA ARG J 171 10.04 -36.86 21.42
C ARG J 171 11.07 -37.05 22.53
N THR J 172 11.77 -38.18 22.55
CA THR J 172 12.92 -38.29 23.44
C THR J 172 14.16 -37.71 22.78
N ALA J 173 14.37 -37.99 21.49
CA ALA J 173 15.59 -37.54 20.83
C ALA J 173 15.74 -36.03 20.90
N ALA J 174 14.62 -35.30 20.87
CA ALA J 174 14.65 -33.86 20.98
C ALA J 174 15.27 -33.41 22.31
N MET J 175 15.00 -34.13 23.39
CA MET J 175 15.60 -33.77 24.66
C MET J 175 17.10 -34.07 24.69
N GLU J 176 17.50 -35.25 24.21
CA GLU J 176 18.93 -35.58 24.22
C GLU J 176 19.72 -34.70 23.26
N LEU J 177 19.09 -34.20 22.19
CA LEU J 177 19.79 -33.38 21.22
C LEU J 177 19.80 -31.89 21.58
N ALA J 178 18.94 -31.47 22.51
CA ALA J 178 18.90 -30.05 22.86
C ALA J 178 20.23 -29.47 23.31
N PRO J 179 21.03 -30.14 24.17
CA PRO J 179 22.34 -29.57 24.51
C PRO J 179 23.31 -29.51 23.34
N LYS J 180 23.08 -30.30 22.29
CA LYS J 180 23.93 -30.28 21.11
C LYS J 180 23.51 -29.20 20.11
N LYS J 181 22.46 -28.42 20.42
CA LYS J 181 21.92 -27.35 19.58
C LYS J 181 21.23 -27.88 18.31
N ILE J 182 20.85 -29.15 18.29
CA ILE J 182 20.15 -29.76 17.16
C ILE J 182 18.68 -29.90 17.51
N THR J 183 17.81 -29.33 16.69
CA THR J 183 16.38 -29.58 16.81
C THR J 183 16.01 -30.76 15.92
N ILE J 184 14.92 -31.43 16.28
CA ILE J 184 14.41 -32.55 15.49
C ILE J 184 12.90 -32.45 15.46
N ASN J 185 12.33 -32.36 14.27
CA ASN J 185 10.90 -32.18 14.10
C ASN J 185 10.43 -33.09 12.98
N ALA J 186 9.12 -33.28 12.88
CA ALA J 186 8.58 -34.14 11.85
C ALA J 186 7.51 -33.41 11.07
N VAL J 187 7.52 -33.62 9.75
CA VAL J 187 6.40 -33.27 8.89
C VAL J 187 5.51 -34.50 8.77
N LEU J 188 4.20 -34.30 8.93
CA LEU J 188 3.21 -35.36 8.78
C LEU J 188 2.42 -35.07 7.52
N PRO J 189 2.83 -35.55 6.36
CA PRO J 189 2.04 -35.32 5.15
C PRO J 189 0.73 -36.10 5.23
N GLY J 190 -0.29 -35.54 4.59
CA GLY J 190 -1.49 -36.31 4.35
C GLY J 190 -1.31 -37.27 3.19
N ASN J 191 -1.71 -36.85 1.99
CA ASN J 191 -1.48 -37.61 0.78
C ASN J 191 -0.85 -36.70 -0.25
N ILE J 192 0.36 -37.05 -0.69
CA ILE J 192 1.18 -36.26 -1.59
C ILE J 192 1.33 -37.01 -2.90
N MET J 193 1.14 -36.32 -4.02
CA MET J 193 1.29 -36.93 -5.33
C MET J 193 2.76 -37.30 -5.53
N THR J 194 3.05 -38.61 -5.53
CA THR J 194 4.40 -39.14 -5.66
C THR J 194 4.34 -40.45 -6.43
N GLU J 195 5.52 -40.92 -6.85
CA GLU J 195 5.57 -42.23 -7.49
C GLU J 195 5.20 -43.35 -6.52
N GLY J 196 5.57 -43.22 -5.25
CA GLY J 196 5.18 -44.21 -4.26
C GLY J 196 3.67 -44.31 -4.11
N LEU J 197 3.01 -43.18 -3.87
CA LEU J 197 1.55 -43.18 -3.75
C LEU J 197 0.89 -43.67 -5.03
N ASP J 198 1.52 -43.45 -6.19
CA ASP J 198 0.96 -43.90 -7.47
C ASP J 198 0.69 -45.39 -7.48
N GLU J 199 1.47 -46.17 -6.74
CA GLU J 199 1.29 -47.62 -6.72
C GLU J 199 0.00 -48.03 -6.01
N MET J 200 -0.63 -47.12 -5.26
CA MET J 200 -1.87 -47.45 -4.57
C MET J 200 -3.06 -47.58 -5.51
N GLY J 201 -2.93 -47.16 -6.76
CA GLY J 201 -4.03 -47.20 -7.70
C GLY J 201 -4.83 -45.91 -7.72
N GLN J 202 -5.59 -45.73 -8.80
CA GLN J 202 -6.36 -44.51 -8.98
C GLN J 202 -7.55 -44.47 -8.02
N ASP J 203 -8.12 -45.64 -7.69
CA ASP J 203 -9.21 -45.67 -6.72
C ASP J 203 -8.76 -45.14 -5.36
N TYR J 204 -7.50 -45.36 -4.99
CA TYR J 204 -6.99 -44.81 -3.75
C TYR J 204 -6.80 -43.30 -3.88
N LEU J 205 -6.24 -42.84 -5.01
CA LEU J 205 -5.98 -41.42 -5.18
C LEU J 205 -7.28 -40.62 -5.13
N ASP J 206 -8.29 -41.07 -5.89
CA ASP J 206 -9.57 -40.38 -5.89
C ASP J 206 -10.24 -40.42 -4.51
N GLN J 207 -10.15 -41.56 -3.81
CA GLN J 207 -10.76 -41.66 -2.49
C GLN J 207 -10.17 -40.64 -1.53
N MET J 208 -8.86 -40.43 -1.59
CA MET J 208 -8.23 -39.48 -0.69
C MET J 208 -8.47 -38.05 -1.15
N ALA J 209 -8.50 -37.82 -2.47
CA ALA J 209 -8.73 -36.48 -2.98
C ALA J 209 -10.10 -35.95 -2.57
N SER J 210 -11.12 -36.82 -2.61
CA SER J 210 -12.46 -36.43 -2.18
C SER J 210 -12.53 -36.14 -0.68
N ALA J 211 -11.56 -36.58 0.09
CA ALA J 211 -11.59 -36.43 1.55
C ALA J 211 -10.83 -35.20 2.04
N ILE J 212 -10.19 -34.48 1.15
CA ILE J 212 -9.32 -33.34 1.53
C ILE J 212 -10.09 -32.08 1.37
N PRO J 213 -10.34 -31.29 2.44
CA PRO J 213 -11.01 -30.00 2.30
C PRO J 213 -10.33 -29.06 1.31
N ALA J 214 -9.01 -29.10 1.20
CA ALA J 214 -8.32 -28.22 0.26
C ALA J 214 -8.66 -28.56 -1.18
N GLY J 215 -9.18 -29.76 -1.42
CA GLY J 215 -9.66 -30.13 -2.73
C GLY J 215 -8.63 -30.73 -3.66
N ARG J 216 -7.51 -31.21 -3.12
CA ARG J 216 -6.46 -31.77 -3.96
C ARG J 216 -5.52 -32.58 -3.09
N LEU J 217 -4.79 -33.47 -3.74
CA LEU J 217 -3.64 -34.07 -3.09
C LEU J 217 -2.52 -33.03 -3.00
N GLY J 218 -1.66 -33.21 -2.01
CA GLY J 218 -0.54 -32.30 -1.82
C GLY J 218 0.54 -32.52 -2.86
N SER J 219 1.46 -31.55 -2.90
CA SER J 219 2.63 -31.61 -3.76
C SER J 219 3.86 -31.86 -2.89
N VAL J 220 4.90 -32.41 -3.52
CA VAL J 220 6.14 -32.65 -2.79
C VAL J 220 6.77 -31.33 -2.36
N ALA J 221 6.52 -30.25 -3.11
CA ALA J 221 6.96 -28.93 -2.67
C ALA J 221 6.32 -28.53 -1.35
N ASP J 222 5.06 -28.93 -1.13
CA ASP J 222 4.40 -28.62 0.14
C ASP J 222 5.17 -29.20 1.31
N ILE J 223 5.76 -30.38 1.11
CA ILE J 223 6.54 -31.01 2.19
C ILE J 223 7.95 -30.45 2.22
N GLY J 224 8.54 -30.19 1.06
CA GLY J 224 9.84 -29.55 1.02
C GLY J 224 9.86 -28.22 1.76
N ASN J 225 8.80 -27.42 1.57
CA ASN J 225 8.79 -26.09 2.19
C ASN J 225 8.55 -26.15 3.69
N ALA J 226 7.87 -27.19 4.17
CA ALA J 226 7.73 -27.38 5.61
C ALA J 226 9.06 -27.80 6.22
N ALA J 227 9.73 -28.78 5.59
CA ALA J 227 11.08 -29.12 6.00
C ALA J 227 11.99 -27.90 5.97
N LEU J 228 11.82 -27.04 4.96
CA LEU J 228 12.66 -25.85 4.85
C LEU J 228 12.46 -24.91 6.03
N PHE J 229 11.21 -24.72 6.47
CA PHE J 229 10.99 -23.87 7.63
C PHE J 229 11.68 -24.41 8.87
N PHE J 230 11.54 -25.72 9.13
CA PHE J 230 12.19 -26.31 10.29
C PHE J 230 13.69 -26.06 10.26
N ALA J 231 14.31 -26.14 9.09
CA ALA J 231 15.75 -25.98 8.97
C ALA J 231 16.24 -24.55 9.19
N THR J 232 15.33 -23.57 9.24
CA THR J 232 15.76 -22.18 9.37
C THR J 232 16.32 -21.90 10.76
N ASP J 233 17.19 -20.89 10.84
CA ASP J 233 17.64 -20.40 12.13
C ASP J 233 16.47 -19.84 12.93
N GLU J 234 15.50 -19.24 12.24
CA GLU J 234 14.31 -18.69 12.88
C GLU J 234 13.44 -19.76 13.52
N ALA J 235 13.76 -21.04 13.35
CA ALA J 235 13.00 -22.15 13.94
C ALA J 235 13.75 -22.80 15.09
N ALA J 236 14.76 -22.14 15.64
CA ALA J 236 15.62 -22.76 16.65
C ALA J 236 14.84 -23.14 17.91
N TYR J 237 13.68 -22.52 18.16
CA TYR J 237 12.90 -22.80 19.36
C TYR J 237 11.82 -23.83 19.13
N VAL J 238 11.83 -24.51 17.98
CA VAL J 238 10.89 -25.57 17.67
C VAL J 238 11.64 -26.88 17.71
N THR J 239 11.23 -27.79 18.59
CA THR J 239 11.89 -29.09 18.62
C THR J 239 10.94 -30.10 19.23
N GLY J 240 11.08 -31.35 18.80
CA GLY J 240 10.22 -32.41 19.28
C GLY J 240 8.79 -32.31 18.83
N GLN J 241 8.51 -31.57 17.76
CA GLN J 241 7.14 -31.26 17.41
C GLN J 241 6.82 -31.74 16.00
N THR J 242 5.55 -31.60 15.66
CA THR J 242 4.97 -32.13 14.44
C THR J 242 4.24 -31.03 13.68
N LEU J 243 4.20 -31.17 12.36
CA LEU J 243 3.41 -30.28 11.52
C LEU J 243 2.68 -31.12 10.49
N VAL J 244 1.36 -31.13 10.57
CA VAL J 244 0.52 -31.86 9.64
C VAL J 244 0.29 -30.99 8.39
N VAL J 245 0.65 -31.53 7.24
CA VAL J 245 0.52 -30.83 5.95
C VAL J 245 -0.38 -31.72 5.09
N ASP J 246 -1.66 -31.38 5.05
CA ASP J 246 -2.64 -32.34 4.53
C ASP J 246 -3.91 -31.69 4.00
N GLY J 247 -3.91 -30.38 3.75
CA GLY J 247 -5.08 -29.71 3.24
C GLY J 247 -6.32 -29.84 4.09
N GLY J 248 -6.16 -30.22 5.36
CA GLY J 248 -7.27 -30.43 6.27
C GLY J 248 -7.84 -31.83 6.30
N GLN J 249 -7.15 -32.83 5.73
CA GLN J 249 -7.74 -34.15 5.58
C GLN J 249 -8.14 -34.78 6.91
N VAL J 250 -7.35 -34.55 7.97
CA VAL J 250 -7.66 -35.15 9.27
C VAL J 250 -8.75 -34.43 10.04
N LEU J 251 -9.25 -33.28 9.54
CA LEU J 251 -10.27 -32.54 10.28
C LEU J 251 -11.69 -33.12 10.20
N PRO J 252 -12.19 -33.49 9.01
CA PRO J 252 -13.64 -33.73 8.88
C PRO J 252 -14.14 -34.88 9.74
N GLU J 253 -15.32 -34.68 10.32
CA GLU J 253 -15.93 -35.70 11.15
C GLU J 253 -16.49 -36.86 10.31
N SER J 254 -16.88 -36.61 9.07
CA SER J 254 -17.37 -37.69 8.20
C SER J 254 -17.08 -37.32 6.74
N HIS J 255 -17.70 -38.06 5.81
CA HIS J 255 -17.39 -37.95 4.40
C HIS J 255 -17.86 -36.63 3.82
N LEU J 256 -19.11 -36.57 3.31
CA LEU J 256 -19.52 -35.31 2.67
C LEU J 256 -19.75 -34.17 3.68
N ALA J 257 -19.37 -34.38 4.94
CA ALA J 257 -19.05 -33.26 5.82
C ALA J 257 -18.08 -32.32 5.15
N ILE J 258 -17.19 -32.85 4.31
CA ILE J 258 -16.37 -32.08 3.38
C ILE J 258 -17.24 -31.39 2.33
N SER K 1 19.51 -16.73 -4.06
CA SER K 1 18.85 -17.89 -3.46
C SER K 1 17.38 -17.59 -3.18
N HIS K 2 16.54 -18.58 -3.44
CA HIS K 2 15.10 -18.47 -3.22
C HIS K 2 14.69 -19.43 -2.12
N MET K 3 14.14 -18.89 -1.03
CA MET K 3 13.62 -19.72 0.04
C MET K 3 12.10 -19.74 -0.01
N PHE K 4 11.46 -18.63 0.34
CA PHE K 4 10.02 -18.51 0.24
C PHE K 4 9.67 -17.35 -0.69
N THR K 5 8.45 -17.38 -1.22
CA THR K 5 7.97 -16.28 -2.04
C THR K 5 7.77 -15.03 -1.18
N SER K 6 8.27 -13.90 -1.67
CA SER K 6 8.20 -12.66 -0.90
C SER K 6 6.75 -12.30 -0.59
N LEU K 7 6.49 -11.88 0.65
CA LEU K 7 5.19 -11.38 1.05
C LEU K 7 5.10 -9.87 0.95
N GLU K 8 6.03 -9.23 0.25
CA GLU K 8 6.09 -7.77 0.21
C GLU K 8 4.84 -7.21 -0.46
N GLY K 9 4.24 -6.19 0.17
CA GLY K 9 3.07 -5.53 -0.37
C GLY K 9 1.74 -6.06 0.13
N ARG K 10 1.74 -7.15 0.88
CA ARG K 10 0.51 -7.73 1.40
C ARG K 10 0.04 -6.96 2.63
N SER K 11 -1.23 -7.17 2.97
CA SER K 11 -1.90 -6.43 4.03
C SER K 11 -2.20 -7.37 5.20
N ALA K 12 -1.77 -6.98 6.40
CA ALA K 12 -2.01 -7.82 7.57
C ALA K 12 -2.61 -7.00 8.72
N ILE K 13 -3.34 -7.70 9.58
CA ILE K 13 -3.82 -7.17 10.85
C ILE K 13 -3.26 -8.06 11.95
N VAL K 14 -2.79 -7.43 13.03
CA VAL K 14 -2.36 -8.13 14.24
C VAL K 14 -3.16 -7.56 15.39
N THR K 15 -4.06 -8.36 15.95
CA THR K 15 -4.77 -7.90 17.14
C THR K 15 -3.82 -7.96 18.33
N GLY K 16 -3.93 -6.96 19.21
CA GLY K 16 -3.01 -6.87 20.33
C GLY K 16 -1.55 -6.78 19.89
N GLY K 17 -1.27 -5.85 18.97
CA GLY K 17 0.05 -5.73 18.39
C GLY K 17 0.96 -4.70 19.01
N SER K 18 0.50 -3.97 20.04
CA SER K 18 1.31 -2.90 20.60
C SER K 18 2.38 -3.41 21.56
N LYS K 19 2.24 -4.62 22.09
CA LYS K 19 3.20 -5.16 23.06
C LYS K 19 3.32 -6.66 22.88
N GLY K 20 4.42 -7.21 23.41
CA GLY K 20 4.56 -8.66 23.54
C GLY K 20 4.61 -9.39 22.21
N ILE K 21 3.94 -10.53 22.18
CA ILE K 21 3.98 -11.41 21.01
C ILE K 21 3.41 -10.71 19.78
N GLY K 22 2.35 -9.93 19.98
CA GLY K 22 1.75 -9.23 18.86
C GLY K 22 2.70 -8.24 18.21
N ARG K 23 3.47 -7.53 19.03
CA ARG K 23 4.48 -6.63 18.49
C ARG K 23 5.54 -7.40 17.73
N GLY K 24 5.95 -8.57 18.26
CA GLY K 24 6.88 -9.40 17.54
C GLY K 24 6.34 -9.85 16.18
N ILE K 25 5.06 -10.23 16.15
CA ILE K 25 4.46 -10.63 14.88
C ILE K 25 4.39 -9.43 13.94
N ALA K 26 3.98 -8.27 14.48
CA ALA K 26 3.94 -7.05 13.68
C ALA K 26 5.30 -6.74 13.08
N GLU K 27 6.36 -6.78 13.89
CA GLU K 27 7.69 -6.46 13.38
C GLU K 27 8.19 -7.52 12.39
N THR K 28 7.92 -8.80 12.66
CA THR K 28 8.37 -9.85 11.75
C THR K 28 7.78 -9.65 10.35
N PHE K 29 6.47 -9.41 10.27
CA PHE K 29 5.84 -9.20 8.98
C PHE K 29 6.30 -7.89 8.35
N ALA K 30 6.46 -6.85 9.17
CA ALA K 30 6.91 -5.57 8.64
C ALA K 30 8.29 -5.67 8.03
N ASN K 31 9.19 -6.42 8.67
CA ASN K 31 10.52 -6.64 8.10
C ASN K 31 10.44 -7.38 6.77
N ALA K 32 9.40 -8.17 6.57
CA ALA K 32 9.20 -8.87 5.31
C ALA K 32 8.51 -8.00 4.27
N GLY K 33 8.37 -6.70 4.51
CA GLY K 33 7.69 -5.84 3.58
C GLY K 33 6.19 -5.89 3.64
N VAL K 34 5.61 -6.51 4.66
CA VAL K 34 4.17 -6.56 4.83
C VAL K 34 3.73 -5.32 5.61
N ASP K 35 2.74 -4.61 5.08
CA ASP K 35 2.13 -3.52 5.83
C ASP K 35 1.16 -4.08 6.85
N VAL K 36 1.14 -3.48 8.04
CA VAL K 36 0.48 -4.09 9.19
C VAL K 36 -0.29 -3.02 9.96
N VAL K 37 -1.55 -3.31 10.25
CA VAL K 37 -2.32 -2.57 11.24
C VAL K 37 -2.31 -3.39 12.52
N ILE K 38 -1.81 -2.82 13.61
CA ILE K 38 -1.91 -3.40 14.93
C ILE K 38 -3.06 -2.74 15.67
N THR K 39 -3.73 -3.50 16.53
CA THR K 39 -4.81 -3.00 17.37
C THR K 39 -4.43 -3.09 18.83
N GLY K 40 -5.25 -2.47 19.67
CA GLY K 40 -5.05 -2.38 21.10
C GLY K 40 -5.88 -1.27 21.68
N ARG K 41 -6.01 -1.28 23.00
CA ARG K 41 -6.90 -0.36 23.70
C ARG K 41 -6.21 0.92 24.14
N ASN K 42 -4.89 0.91 24.30
CA ASN K 42 -4.15 2.05 24.82
C ASN K 42 -3.52 2.79 23.63
N GLN K 43 -3.93 4.06 23.44
CA GLN K 43 -3.43 4.83 22.30
C GLN K 43 -1.94 5.14 22.46
N ASP K 44 -1.50 5.44 23.69
CA ASP K 44 -0.07 5.69 23.92
C ASP K 44 0.77 4.48 23.54
N ASP K 45 0.38 3.28 24.00
CA ASP K 45 1.13 2.07 23.67
C ASP K 45 1.10 1.80 22.17
N LEU K 46 -0.03 2.06 21.53
CA LEU K 46 -0.14 1.90 20.08
C LEU K 46 0.74 2.90 19.34
N ASP K 47 0.79 4.15 19.82
CA ASP K 47 1.57 5.17 19.12
C ASP K 47 3.07 4.98 19.34
N ARG K 48 3.48 4.53 20.54
CA ARG K 48 4.91 4.34 20.77
C ARG K 48 5.45 3.16 19.95
N THR K 49 4.65 2.11 19.78
CA THR K 49 5.10 1.00 18.95
C THR K 49 5.16 1.42 17.48
N VAL K 50 4.19 2.22 17.03
CA VAL K 50 4.21 2.71 15.66
C VAL K 50 5.45 3.58 15.41
N ALA K 51 5.81 4.40 16.40
CA ALA K 51 7.04 5.19 16.27
C ALA K 51 8.28 4.31 16.29
N ASP K 52 8.26 3.23 17.10
CA ASP K 52 9.43 2.37 17.18
C ASP K 52 9.72 1.66 15.87
N LEU K 53 8.69 1.27 15.12
CA LEU K 53 8.86 0.52 13.89
C LEU K 53 8.70 1.39 12.64
N SER K 54 8.90 2.72 12.77
CA SER K 54 8.78 3.59 11.61
C SER K 54 9.79 3.27 10.52
N GLY K 55 10.91 2.66 10.88
CA GLY K 55 11.95 2.34 9.91
C GLY K 55 11.80 1.03 9.16
N THR K 56 10.85 0.18 9.56
CA THR K 56 10.68 -1.12 8.90
C THR K 56 10.25 -0.96 7.45
N ARG K 57 10.42 -2.05 6.68
CA ARG K 57 10.12 -2.01 5.26
C ARG K 57 8.62 -1.87 5.01
N GLY K 58 7.82 -2.79 5.56
CA GLY K 58 6.39 -2.61 5.57
C GLY K 58 5.98 -1.51 6.54
N LYS K 59 4.77 -1.00 6.33
CA LYS K 59 4.29 0.17 7.08
C LYS K 59 3.36 -0.27 8.20
N VAL K 60 3.75 0.02 9.43
CA VAL K 60 2.97 -0.35 10.61
C VAL K 60 2.23 0.87 11.13
N THR K 61 0.90 0.80 11.12
CA THR K 61 0.03 1.79 11.72
C THR K 61 -0.89 1.11 12.71
N ALA K 62 -1.58 1.90 13.52
CA ALA K 62 -2.37 1.40 14.64
C ALA K 62 -3.83 1.80 14.50
N VAL K 63 -4.70 0.95 15.03
CA VAL K 63 -6.13 1.20 15.09
C VAL K 63 -6.59 0.86 16.51
N ARG K 64 -7.07 1.87 17.24
CA ARG K 64 -7.54 1.65 18.62
C ARG K 64 -8.86 0.91 18.58
N ALA K 65 -8.87 -0.32 19.07
CA ALA K 65 -10.07 -1.15 18.97
C ALA K 65 -10.02 -2.22 20.06
N ASP K 66 -11.20 -2.67 20.46
CA ASP K 66 -11.37 -3.72 21.46
C ASP K 66 -11.81 -4.99 20.75
N VAL K 67 -10.98 -6.05 20.83
CA VAL K 67 -11.34 -7.29 20.19
C VAL K 67 -12.64 -7.88 20.74
N THR K 68 -13.05 -7.51 21.94
CA THR K 68 -14.31 -8.04 22.44
C THR K 68 -15.53 -7.39 21.78
N ASP K 69 -15.33 -6.34 20.95
CA ASP K 69 -16.42 -5.61 20.32
C ASP K 69 -16.45 -5.90 18.83
N PRO K 70 -17.53 -6.51 18.31
CA PRO K 70 -17.56 -6.84 16.88
C PRO K 70 -17.60 -5.61 15.99
N GLU K 71 -18.19 -4.51 16.46
CA GLU K 71 -18.16 -3.28 15.68
C GLU K 71 -16.74 -2.76 15.55
N ASP K 72 -15.93 -2.89 16.59
CA ASP K 72 -14.52 -2.53 16.45
C ASP K 72 -13.82 -3.47 15.47
N ALA K 73 -14.19 -4.75 15.47
CA ALA K 73 -13.60 -5.68 14.51
C ALA K 73 -13.94 -5.29 13.08
N ARG K 74 -15.19 -4.90 12.82
CA ARG K 74 -15.55 -4.45 11.48
C ARG K 74 -14.81 -3.17 11.11
N ARG K 75 -14.71 -2.24 12.07
CA ARG K 75 -13.98 -1.00 11.79
C ARG K 75 -12.50 -1.28 11.52
N THR K 76 -11.91 -2.19 12.27
CA THR K 76 -10.50 -2.52 12.04
C THR K 76 -10.28 -3.01 10.61
N VAL K 77 -11.15 -3.92 10.15
CA VAL K 77 -11.02 -4.45 8.80
C VAL K 77 -11.27 -3.35 7.78
N ALA K 78 -12.21 -2.44 8.07
CA ALA K 78 -12.50 -1.34 7.16
C ALA K 78 -11.33 -0.37 7.04
N GLU K 79 -10.78 0.08 8.17
CA GLU K 79 -9.62 0.97 8.11
C GLU K 79 -8.46 0.29 7.41
N THR K 80 -8.22 -1.00 7.73
CA THR K 80 -7.08 -1.67 7.12
C THR K 80 -7.22 -1.76 5.60
N VAL K 81 -8.43 -2.07 5.12
CA VAL K 81 -8.65 -2.14 3.68
C VAL K 81 -8.41 -0.77 3.04
N SER K 82 -8.82 0.31 3.73
CA SER K 82 -8.62 1.65 3.19
C SER K 82 -7.14 2.00 3.11
N ARG K 83 -6.38 1.75 4.17
CA ARG K 83 -4.97 2.10 4.17
C ARG K 83 -4.14 1.24 3.24
N HIS K 84 -4.51 -0.04 3.08
CA HIS K 84 -3.70 -1.00 2.34
C HIS K 84 -4.28 -1.40 0.99
N GLY K 85 -5.55 -1.14 0.74
CA GLY K 85 -6.18 -1.59 -0.48
C GLY K 85 -6.73 -3.00 -0.43
N GLY K 86 -6.55 -3.71 0.69
CA GLY K 86 -7.01 -5.07 0.79
C GLY K 86 -6.64 -5.63 2.15
N LEU K 87 -6.80 -6.95 2.26
CA LEU K 87 -6.42 -7.65 3.50
C LEU K 87 -6.10 -9.10 3.16
N ASP K 88 -4.88 -9.53 3.50
CA ASP K 88 -4.37 -10.86 3.16
C ASP K 88 -4.06 -11.74 4.36
N ILE K 89 -3.64 -11.14 5.48
CA ILE K 89 -3.23 -11.89 6.67
C ILE K 89 -3.94 -11.30 7.87
N VAL K 90 -4.47 -12.17 8.72
CA VAL K 90 -5.03 -11.74 9.99
C VAL K 90 -4.36 -12.55 11.08
N CYS K 91 -3.75 -11.88 12.03
CA CYS K 91 -3.13 -12.53 13.18
C CYS K 91 -4.03 -12.30 14.37
N ALA K 92 -4.80 -13.32 14.74
CA ALA K 92 -5.73 -13.18 15.85
C ALA K 92 -4.92 -13.50 17.09
N ASN K 93 -4.29 -12.46 17.63
CA ASN K 93 -3.29 -12.62 18.67
C ASN K 93 -3.70 -12.12 20.04
N ALA K 94 -4.54 -11.08 20.10
CA ALA K 94 -4.92 -10.47 21.37
C ALA K 94 -5.34 -11.53 22.39
N GLY K 95 -4.87 -11.35 23.62
CA GLY K 95 -5.22 -12.24 24.70
C GLY K 95 -4.69 -11.75 26.03
N ILE K 96 -5.33 -12.18 27.12
CA ILE K 96 -4.92 -11.83 28.48
C ILE K 96 -4.89 -13.12 29.29
N PHE K 97 -4.07 -13.14 30.34
CA PHE K 97 -3.97 -14.34 31.19
C PHE K 97 -3.87 -13.97 32.67
N PRO K 98 -4.92 -13.36 33.23
CA PRO K 98 -4.96 -13.17 34.69
C PRO K 98 -5.09 -14.52 35.37
N SER K 99 -4.66 -14.57 36.62
CA SER K 99 -4.63 -15.79 37.41
C SER K 99 -5.80 -15.81 38.39
N GLY K 100 -6.41 -16.98 38.55
CA GLY K 100 -7.36 -17.16 39.62
C GLY K 100 -7.68 -18.62 39.86
N ARG K 101 -7.65 -19.05 41.12
CA ARG K 101 -8.03 -20.42 41.44
C ARG K 101 -9.49 -20.65 41.06
N LEU K 102 -9.81 -21.91 40.74
CA LEU K 102 -11.16 -22.26 40.27
C LEU K 102 -12.23 -21.71 41.20
N GLU K 103 -12.05 -21.87 42.52
CA GLU K 103 -13.06 -21.41 43.46
C GLU K 103 -13.16 -19.89 43.53
N ASP K 104 -12.19 -19.14 42.99
CA ASP K 104 -12.20 -17.69 43.03
C ASP K 104 -12.64 -17.05 41.71
N LEU K 105 -12.86 -17.83 40.67
CA LEU K 105 -13.19 -17.28 39.36
C LEU K 105 -14.65 -16.86 39.31
N THR K 106 -14.90 -15.55 39.11
CA THR K 106 -16.27 -15.07 38.99
C THR K 106 -16.76 -15.15 37.55
N PRO K 107 -18.07 -15.05 37.33
CA PRO K 107 -18.55 -14.96 35.94
C PRO K 107 -17.89 -13.86 35.13
N ASP K 108 -17.57 -12.72 35.76
CA ASP K 108 -16.87 -11.64 35.05
C ASP K 108 -15.44 -12.02 34.72
N ASP K 109 -14.71 -12.61 35.69
CA ASP K 109 -13.38 -13.14 35.41
C ASP K 109 -13.41 -14.07 34.20
N ILE K 110 -14.38 -14.98 34.18
CA ILE K 110 -14.42 -15.99 33.14
C ILE K 110 -14.78 -15.36 31.80
N GLU K 111 -15.79 -14.50 31.78
CA GLU K 111 -16.21 -13.84 30.54
C GLU K 111 -15.14 -12.89 30.02
N GLN K 112 -14.38 -12.25 30.91
CA GLN K 112 -13.33 -11.34 30.46
C GLN K 112 -12.29 -12.10 29.66
N VAL K 113 -11.87 -13.26 30.16
CA VAL K 113 -10.81 -14.03 29.52
C VAL K 113 -11.31 -14.71 28.26
N LEU K 114 -12.51 -15.30 28.31
CA LEU K 114 -13.03 -15.92 27.10
C LEU K 114 -13.38 -14.87 26.04
N GLY K 115 -13.74 -13.66 26.47
CA GLY K 115 -14.12 -12.63 25.52
C GLY K 115 -12.92 -12.11 24.74
N VAL K 116 -11.82 -11.81 25.44
CA VAL K 116 -10.63 -11.31 24.76
C VAL K 116 -9.99 -12.41 23.92
N ASN K 117 -9.77 -13.58 24.55
CA ASN K 117 -8.92 -14.61 23.96
C ASN K 117 -9.64 -15.41 22.88
N PHE K 118 -10.92 -15.72 23.11
CA PHE K 118 -11.68 -16.57 22.20
C PHE K 118 -12.64 -15.75 21.36
N LYS K 119 -13.54 -15.01 21.99
CA LYS K 119 -14.47 -14.20 21.21
C LYS K 119 -13.72 -13.20 20.33
N GLY K 120 -12.64 -12.62 20.85
CA GLY K 120 -11.86 -11.68 20.07
C GLY K 120 -11.23 -12.29 18.84
N THR K 121 -10.90 -13.59 18.90
CA THR K 121 -10.39 -14.28 17.72
C THR K 121 -11.50 -14.51 16.70
N VAL K 122 -12.66 -14.98 17.16
CA VAL K 122 -13.80 -15.18 16.25
C VAL K 122 -14.17 -13.88 15.55
N TYR K 123 -14.32 -12.79 16.30
CA TYR K 123 -14.87 -11.57 15.73
C TYR K 123 -13.96 -11.01 14.65
N ILE K 124 -12.64 -11.04 14.87
CA ILE K 124 -11.75 -10.48 13.86
C ILE K 124 -11.77 -11.32 12.59
N VAL K 125 -11.87 -12.67 12.72
CA VAL K 125 -11.93 -13.53 11.53
C VAL K 125 -13.26 -13.33 10.80
N GLN K 126 -14.36 -13.33 11.54
CA GLN K 126 -15.67 -12.97 10.96
C GLN K 126 -15.60 -11.65 10.21
N ALA K 127 -14.98 -10.64 10.82
CA ALA K 127 -14.94 -9.34 10.16
C ALA K 127 -13.93 -9.30 9.03
N ALA K 128 -13.05 -10.26 8.98
CA ALA K 128 -12.06 -10.28 7.93
C ALA K 128 -12.44 -11.13 6.72
N LEU K 129 -13.62 -11.79 6.73
CA LEU K 129 -13.86 -12.88 5.80
C LEU K 129 -13.88 -12.42 4.35
N GLN K 130 -14.65 -11.38 4.03
CA GLN K 130 -14.80 -11.10 2.61
C GLN K 130 -13.50 -10.56 2.02
N ALA K 131 -12.76 -9.74 2.78
CA ALA K 131 -11.49 -9.25 2.29
C ALA K 131 -10.50 -10.39 2.10
N LEU K 132 -10.47 -11.32 3.06
CA LEU K 132 -9.64 -12.52 2.92
C LEU K 132 -10.03 -13.31 1.69
N THR K 133 -11.34 -13.50 1.46
CA THR K 133 -11.79 -14.24 0.30
C THR K 133 -11.32 -13.58 -0.99
N ALA K 134 -11.43 -12.25 -1.04
CA ALA K 134 -11.10 -11.51 -2.26
C ALA K 134 -9.60 -11.49 -2.54
N SER K 135 -8.76 -11.71 -1.53
CA SER K 135 -7.32 -11.75 -1.76
C SER K 135 -6.88 -12.99 -2.53
N GLY K 136 -7.66 -14.06 -2.50
CA GLY K 136 -7.30 -15.28 -3.20
C GLY K 136 -6.22 -16.11 -2.52
N HIS K 137 -5.61 -15.62 -1.46
CA HIS K 137 -4.65 -16.41 -0.70
C HIS K 137 -4.73 -16.02 0.77
N GLY K 138 -5.93 -16.08 1.34
CA GLY K 138 -6.14 -15.62 2.69
C GLY K 138 -5.39 -16.48 3.71
N ARG K 139 -4.88 -15.82 4.74
CA ARG K 139 -4.17 -16.49 5.82
C ARG K 139 -4.66 -15.93 7.14
N VAL K 140 -5.04 -16.83 8.05
CA VAL K 140 -5.34 -16.48 9.44
C VAL K 140 -4.39 -17.27 10.32
N VAL K 141 -3.72 -16.57 11.23
CA VAL K 141 -2.83 -17.19 12.19
C VAL K 141 -3.31 -16.84 13.59
N VAL K 142 -3.63 -17.87 14.38
CA VAL K 142 -4.18 -17.69 15.72
C VAL K 142 -3.06 -17.90 16.72
N THR K 143 -2.95 -16.99 17.69
CA THR K 143 -2.05 -17.21 18.82
C THR K 143 -2.83 -17.93 19.90
N SER K 144 -2.64 -19.25 19.98
CA SER K 144 -3.17 -20.07 21.07
C SER K 144 -2.10 -20.18 22.16
N SER K 145 -1.93 -21.37 22.76
CA SER K 145 -0.96 -21.60 23.82
C SER K 145 -0.85 -23.10 24.06
N ILE K 146 0.28 -23.52 24.66
CA ILE K 146 0.34 -24.89 25.19
C ILE K 146 -0.58 -25.06 26.38
N THR K 147 -0.92 -23.97 27.08
CA THR K 147 -1.80 -23.99 28.24
C THR K 147 -3.24 -24.13 27.77
N GLY K 148 -3.89 -25.23 28.12
CA GLY K 148 -5.22 -25.50 27.67
C GLY K 148 -5.25 -26.68 26.71
N PRO K 149 -4.81 -26.47 25.47
CA PRO K 149 -4.73 -27.60 24.54
C PRO K 149 -3.83 -28.72 25.03
N ILE K 150 -2.76 -28.40 25.75
CA ILE K 150 -1.84 -29.45 26.17
C ILE K 150 -1.69 -29.50 27.68
N THR K 151 -1.23 -28.42 28.30
CA THR K 151 -0.84 -28.43 29.70
C THR K 151 -1.90 -27.79 30.60
N GLY K 152 -1.72 -28.02 31.90
CA GLY K 152 -2.53 -27.38 32.91
C GLY K 152 -1.65 -26.53 33.82
N TYR K 153 -2.23 -25.46 34.34
CA TYR K 153 -1.49 -24.64 35.29
C TYR K 153 -2.46 -24.05 36.30
N PRO K 154 -2.29 -24.34 37.58
CA PRO K 154 -3.23 -23.81 38.59
C PRO K 154 -3.40 -22.30 38.46
N GLY K 155 -4.65 -21.86 38.50
CA GLY K 155 -4.97 -20.46 38.34
C GLY K 155 -5.30 -20.06 36.91
N TRP K 156 -5.14 -20.97 35.95
CA TRP K 156 -5.34 -20.64 34.55
C TRP K 156 -6.37 -21.55 33.90
N SER K 157 -7.33 -22.04 34.66
CA SER K 157 -8.30 -22.96 34.09
C SER K 157 -9.18 -22.27 33.06
N HIS K 158 -9.45 -20.97 33.25
CA HIS K 158 -10.23 -20.21 32.28
C HIS K 158 -9.37 -19.76 31.11
N TYR K 159 -8.12 -19.38 31.37
CA TYR K 159 -7.21 -19.07 30.27
C TYR K 159 -7.01 -20.27 29.38
N GLY K 160 -6.68 -21.42 29.98
CA GLY K 160 -6.47 -22.62 29.20
C GLY K 160 -7.70 -23.00 28.41
N ALA K 161 -8.88 -22.81 28.99
CA ALA K 161 -10.12 -23.06 28.27
C ALA K 161 -10.24 -22.18 27.04
N SER K 162 -9.83 -20.91 27.15
CA SER K 162 -9.99 -20.00 26.01
C SER K 162 -9.04 -20.36 24.90
N LYS K 163 -7.84 -20.86 25.25
CA LYS K 163 -6.86 -21.23 24.24
C LYS K 163 -7.27 -22.51 23.52
N ALA K 164 -7.86 -23.47 24.24
CA ALA K 164 -8.34 -24.66 23.55
C ALA K 164 -9.57 -24.33 22.71
N ALA K 165 -10.38 -23.37 23.18
CA ALA K 165 -11.55 -22.93 22.41
C ALA K 165 -11.14 -22.40 21.04
N GLN K 166 -10.01 -21.70 20.98
CA GLN K 166 -9.52 -21.21 19.69
C GLN K 166 -9.29 -22.36 18.71
N LEU K 167 -8.76 -23.48 19.22
CA LEU K 167 -8.43 -24.61 18.36
C LEU K 167 -9.67 -25.37 17.95
N GLY K 168 -10.59 -25.61 18.88
CA GLY K 168 -11.87 -26.20 18.52
C GLY K 168 -12.60 -25.38 17.47
N PHE K 169 -12.49 -24.05 17.56
CA PHE K 169 -13.09 -23.17 16.56
C PHE K 169 -12.43 -23.36 15.20
N LEU K 170 -11.09 -23.32 15.15
CA LEU K 170 -10.43 -23.34 13.87
C LEU K 170 -10.46 -24.70 13.18
N ARG K 171 -10.62 -25.80 13.93
CA ARG K 171 -10.73 -27.09 13.25
C ARG K 171 -11.97 -27.16 12.37
N THR K 172 -13.07 -26.52 12.79
CA THR K 172 -14.21 -26.36 11.90
C THR K 172 -14.01 -25.21 10.92
N ALA K 173 -13.49 -24.08 11.41
CA ALA K 173 -13.31 -22.91 10.55
C ALA K 173 -12.48 -23.24 9.32
N ALA K 174 -11.43 -24.07 9.48
CA ALA K 174 -10.60 -24.44 8.34
C ALA K 174 -11.42 -25.11 7.25
N MET K 175 -12.38 -25.95 7.64
CA MET K 175 -13.24 -26.58 6.63
C MET K 175 -14.16 -25.56 5.99
N GLU K 176 -14.64 -24.58 6.75
CA GLU K 176 -15.52 -23.58 6.16
C GLU K 176 -14.75 -22.59 5.30
N LEU K 177 -13.48 -22.34 5.62
CA LEU K 177 -12.69 -21.40 4.85
C LEU K 177 -12.02 -22.02 3.63
N ALA K 178 -11.92 -23.35 3.58
CA ALA K 178 -11.25 -24.02 2.47
C ALA K 178 -11.78 -23.61 1.10
N PRO K 179 -13.09 -23.57 0.83
CA PRO K 179 -13.54 -23.15 -0.50
C PRO K 179 -13.21 -21.71 -0.82
N LYS K 180 -13.01 -20.87 0.19
CA LYS K 180 -12.63 -19.48 0.01
C LYS K 180 -11.12 -19.29 -0.14
N LYS K 181 -10.35 -20.39 -0.10
CA LYS K 181 -8.89 -20.36 -0.26
C LYS K 181 -8.22 -19.64 0.91
N ILE K 182 -8.86 -19.64 2.08
CA ILE K 182 -8.27 -19.12 3.31
C ILE K 182 -7.84 -20.31 4.17
N THR K 183 -6.59 -20.31 4.60
CA THR K 183 -6.16 -21.26 5.61
C THR K 183 -6.19 -20.58 6.98
N ILE K 184 -6.35 -21.40 8.03
CA ILE K 184 -6.32 -20.88 9.39
C ILE K 184 -5.58 -21.89 10.24
N ASN K 185 -4.48 -21.46 10.83
CA ASN K 185 -3.64 -22.28 11.69
C ASN K 185 -3.35 -21.50 12.96
N ALA K 186 -2.86 -22.22 13.95
CA ALA K 186 -2.53 -21.63 15.23
C ALA K 186 -1.08 -21.91 15.59
N VAL K 187 -0.42 -20.90 16.15
CA VAL K 187 0.84 -21.11 16.86
C VAL K 187 0.54 -21.30 18.33
N LEU K 188 1.19 -22.28 18.94
CA LEU K 188 1.03 -22.57 20.36
C LEU K 188 2.36 -22.28 21.04
N PRO K 189 2.62 -21.04 21.45
CA PRO K 189 3.86 -20.73 22.17
C PRO K 189 3.91 -21.45 23.51
N GLY K 190 5.12 -21.74 23.96
CA GLY K 190 5.32 -22.20 25.32
C GLY K 190 5.40 -21.02 26.26
N ASN K 191 6.61 -20.66 26.67
CA ASN K 191 6.82 -19.50 27.52
C ASN K 191 7.73 -18.51 26.79
N ILE K 192 7.16 -17.38 26.41
CA ILE K 192 7.85 -16.36 25.63
C ILE K 192 8.07 -15.14 26.51
N MET K 193 9.28 -14.58 26.46
CA MET K 193 9.60 -13.36 27.19
C MET K 193 8.83 -12.19 26.58
N THR K 194 7.80 -11.72 27.28
CA THR K 194 7.00 -10.57 26.87
C THR K 194 6.73 -9.70 28.08
N GLU K 195 5.99 -8.61 27.87
CA GLU K 195 5.55 -7.76 28.97
C GLU K 195 4.42 -8.41 29.77
N GLY K 196 3.53 -9.14 29.09
CA GLY K 196 2.48 -9.84 29.79
C GLY K 196 3.00 -10.91 30.73
N LEU K 197 3.97 -11.70 30.26
CA LEU K 197 4.59 -12.72 31.10
C LEU K 197 5.46 -12.10 32.19
N ASP K 198 5.87 -10.84 32.03
CA ASP K 198 6.57 -10.14 33.09
C ASP K 198 5.70 -10.01 34.33
N GLU K 199 4.39 -9.84 34.15
CA GLU K 199 3.50 -9.64 35.29
C GLU K 199 3.40 -10.88 36.17
N MET K 200 3.83 -12.04 35.66
CA MET K 200 3.77 -13.27 36.44
C MET K 200 4.83 -13.32 37.54
N GLY K 201 5.85 -12.48 37.47
CA GLY K 201 6.89 -12.44 38.48
C GLY K 201 8.13 -13.20 38.07
N GLN K 202 9.23 -12.94 38.78
CA GLN K 202 10.49 -13.63 38.52
C GLN K 202 10.40 -15.11 38.86
N ASP K 203 9.63 -15.46 39.89
CA ASP K 203 9.46 -16.86 40.24
C ASP K 203 8.76 -17.65 39.15
N TYR K 204 7.98 -16.98 38.29
CA TYR K 204 7.41 -17.62 37.10
C TYR K 204 8.37 -17.59 35.91
N LEU K 205 9.46 -16.82 35.99
CA LEU K 205 10.43 -16.86 34.89
C LEU K 205 11.58 -17.81 35.22
N ASP K 206 12.11 -17.75 36.47
CA ASP K 206 12.91 -18.86 37.00
C ASP K 206 12.20 -20.16 36.75
N GLN K 207 10.88 -20.13 36.86
CA GLN K 207 10.02 -21.28 36.67
C GLN K 207 10.25 -22.00 35.34
N MET K 208 9.72 -21.45 34.25
CA MET K 208 9.70 -22.21 33.02
C MET K 208 11.09 -22.42 32.42
N ALA K 209 12.05 -21.53 32.71
CA ALA K 209 13.40 -21.67 32.14
C ALA K 209 14.00 -23.04 32.45
N SER K 210 13.86 -23.49 33.70
CA SER K 210 14.41 -24.78 34.10
C SER K 210 13.66 -25.96 33.49
N ALA K 211 12.44 -25.74 33.00
CA ALA K 211 11.61 -26.81 32.46
C ALA K 211 11.71 -26.94 30.95
N ILE K 212 12.53 -26.13 30.30
CA ILE K 212 12.60 -26.03 28.84
C ILE K 212 13.91 -26.66 28.37
N PRO K 213 13.86 -27.73 27.56
CA PRO K 213 15.12 -28.33 27.08
C PRO K 213 16.00 -27.37 26.30
N ALA K 214 15.41 -26.47 25.51
CA ALA K 214 16.19 -25.44 24.84
C ALA K 214 16.95 -24.54 25.81
N GLY K 215 16.66 -24.62 27.11
CA GLY K 215 17.42 -23.89 28.12
C GLY K 215 17.19 -22.41 28.13
N ARG K 216 16.07 -21.94 27.59
CA ARG K 216 15.79 -20.51 27.55
C ARG K 216 14.30 -20.32 27.31
N LEU K 217 13.80 -19.18 27.77
CA LEU K 217 12.47 -18.74 27.36
C LEU K 217 12.52 -18.29 25.92
N GLY K 218 11.39 -18.44 25.22
CA GLY K 218 11.33 -18.04 23.83
C GLY K 218 11.30 -16.52 23.66
N SER K 219 11.56 -16.10 22.42
CA SER K 219 11.52 -14.70 22.04
C SER K 219 10.29 -14.42 21.21
N VAL K 220 9.89 -13.14 21.17
CA VAL K 220 8.73 -12.80 20.37
C VAL K 220 8.97 -13.13 18.89
N ALA K 221 10.22 -13.10 18.44
CA ALA K 221 10.50 -13.41 17.04
C ALA K 221 10.21 -14.87 16.71
N ASP K 222 10.43 -15.77 17.67
CA ASP K 222 10.09 -17.17 17.43
C ASP K 222 8.65 -17.30 16.99
N ILE K 223 7.76 -16.52 17.59
CA ILE K 223 6.33 -16.67 17.26
C ILE K 223 6.03 -16.01 15.92
N GLY K 224 6.52 -14.78 15.72
CA GLY K 224 6.29 -14.11 14.45
C GLY K 224 6.82 -14.90 13.27
N ASN K 225 7.97 -15.55 13.46
CA ASN K 225 8.54 -16.35 12.38
C ASN K 225 7.69 -17.60 12.11
N ALA K 226 7.11 -18.21 13.13
CA ALA K 226 6.18 -19.29 12.86
C ALA K 226 4.92 -18.77 12.16
N ALA K 227 4.41 -17.62 12.62
CA ALA K 227 3.27 -17.01 11.95
C ALA K 227 3.60 -16.66 10.50
N LEU K 228 4.82 -16.17 10.26
CA LEU K 228 5.24 -15.83 8.91
C LEU K 228 5.24 -17.05 7.99
N PHE K 229 5.69 -18.19 8.50
CA PHE K 229 5.66 -19.40 7.66
C PHE K 229 4.24 -19.72 7.22
N PHE K 230 3.32 -19.77 8.18
CA PHE K 230 1.91 -20.01 7.88
C PHE K 230 1.36 -19.06 6.82
N ALA K 231 1.85 -17.82 6.78
CA ALA K 231 1.34 -16.84 5.84
C ALA K 231 1.95 -16.94 4.46
N THR K 232 2.95 -17.80 4.26
CA THR K 232 3.57 -17.91 2.94
C THR K 232 2.61 -18.57 1.96
N ASP K 233 2.77 -18.23 0.68
CA ASP K 233 2.09 -19.03 -0.35
C ASP K 233 2.47 -20.50 -0.21
N GLU K 234 3.72 -20.76 0.17
CA GLU K 234 4.24 -22.12 0.28
C GLU K 234 3.53 -22.95 1.35
N ALA K 235 2.78 -22.32 2.26
CA ALA K 235 2.03 -23.08 3.26
C ALA K 235 0.55 -23.21 2.89
N ALA K 236 0.22 -23.05 1.61
CA ALA K 236 -1.19 -23.08 1.20
C ALA K 236 -1.86 -24.41 1.52
N TYR K 237 -1.11 -25.50 1.66
CA TYR K 237 -1.67 -26.82 1.94
C TYR K 237 -1.72 -27.11 3.44
N VAL K 238 -1.44 -26.12 4.29
CA VAL K 238 -1.49 -26.29 5.74
C VAL K 238 -2.68 -25.51 6.25
N THR K 239 -3.66 -26.22 6.82
CA THR K 239 -4.81 -25.53 7.37
C THR K 239 -5.40 -26.35 8.50
N GLY K 240 -6.01 -25.66 9.45
CA GLY K 240 -6.60 -26.30 10.60
C GLY K 240 -5.62 -26.93 11.56
N GLN K 241 -4.36 -26.53 11.50
CA GLN K 241 -3.31 -27.23 12.21
C GLN K 241 -2.63 -26.32 13.23
N THR K 242 -1.68 -26.91 13.96
CA THR K 242 -1.02 -26.27 15.09
C THR K 242 0.48 -26.49 15.00
N LEU K 243 1.25 -25.49 15.44
CA LEU K 243 2.69 -25.63 15.60
C LEU K 243 3.09 -25.16 16.99
N VAL K 244 3.64 -26.07 17.78
CA VAL K 244 4.04 -25.76 19.14
C VAL K 244 5.45 -25.19 19.09
N VAL K 245 5.62 -23.99 19.61
CA VAL K 245 6.91 -23.30 19.64
C VAL K 245 7.26 -23.12 21.12
N ASP K 246 7.96 -24.10 21.69
CA ASP K 246 8.15 -24.12 23.14
C ASP K 246 9.52 -24.60 23.59
N GLY K 247 10.52 -24.67 22.71
CA GLY K 247 11.82 -25.15 23.11
C GLY K 247 11.84 -26.56 23.70
N GLY K 248 10.78 -27.33 23.47
CA GLY K 248 10.66 -28.68 24.00
C GLY K 248 9.92 -28.80 25.31
N GLN K 249 9.24 -27.74 25.76
CA GLN K 249 8.78 -27.69 27.14
C GLN K 249 7.73 -28.74 27.45
N VAL K 250 6.89 -29.11 26.47
CA VAL K 250 5.82 -30.08 26.74
C VAL K 250 6.31 -31.52 26.70
N LEU K 251 7.60 -31.75 26.42
CA LEU K 251 8.11 -33.12 26.22
C LEU K 251 8.51 -33.83 27.51
N PRO K 252 9.23 -33.21 28.45
CA PRO K 252 9.81 -33.99 29.54
C PRO K 252 8.76 -34.71 30.38
N GLU K 253 8.99 -36.01 30.60
CA GLU K 253 8.08 -36.79 31.44
C GLU K 253 8.06 -36.24 32.87
N SER K 254 9.21 -35.79 33.36
CA SER K 254 9.28 -35.08 34.62
C SER K 254 10.20 -33.88 34.43
N HIS K 255 9.86 -32.77 35.09
CA HIS K 255 10.64 -31.55 34.98
C HIS K 255 11.56 -31.37 36.19
N HIS L 2 -16.04 -60.32 41.58
CA HIS L 2 -15.79 -58.93 41.93
C HIS L 2 -15.21 -58.14 40.75
N MET L 3 -16.01 -57.23 40.19
CA MET L 3 -15.49 -56.36 39.15
C MET L 3 -15.02 -55.04 39.78
N PHE L 4 -15.88 -54.04 39.87
CA PHE L 4 -15.51 -52.78 40.49
C PHE L 4 -16.25 -52.61 41.81
N THR L 5 -15.71 -51.76 42.68
CA THR L 5 -16.33 -51.49 43.97
C THR L 5 -17.69 -50.85 43.77
N SER L 6 -18.70 -51.37 44.48
CA SER L 6 -20.06 -50.92 44.29
C SER L 6 -20.18 -49.43 44.61
N LEU L 7 -20.94 -48.71 43.79
CA LEU L 7 -21.21 -47.30 44.00
C LEU L 7 -22.55 -47.07 44.67
N GLU L 8 -23.20 -48.13 45.13
CA GLU L 8 -24.52 -48.02 45.73
C GLU L 8 -24.49 -47.01 46.87
N GLY L 9 -25.54 -46.20 46.95
CA GLY L 9 -25.68 -45.21 48.00
C GLY L 9 -24.94 -43.91 47.79
N ARG L 10 -24.06 -43.81 46.81
CA ARG L 10 -23.39 -42.54 46.57
C ARG L 10 -24.37 -41.55 45.94
N SER L 11 -23.90 -40.31 45.76
CA SER L 11 -24.76 -39.19 45.38
C SER L 11 -24.18 -38.49 44.16
N ALA L 12 -25.02 -38.35 43.13
CA ALA L 12 -24.59 -37.84 41.83
C ALA L 12 -25.51 -36.72 41.34
N ILE L 13 -24.93 -35.76 40.65
CA ILE L 13 -25.64 -34.77 39.87
C ILE L 13 -25.34 -35.02 38.41
N VAL L 14 -26.37 -34.97 37.57
CA VAL L 14 -26.22 -35.00 36.11
C VAL L 14 -26.93 -33.76 35.57
N THR L 15 -26.17 -32.79 35.07
CA THR L 15 -26.81 -31.65 34.43
C THR L 15 -27.32 -32.06 33.05
N GLY L 16 -28.48 -31.52 32.68
CA GLY L 16 -29.11 -31.92 31.44
C GLY L 16 -29.47 -33.40 31.40
N GLY L 17 -30.02 -33.93 32.48
CA GLY L 17 -30.30 -35.33 32.61
C GLY L 17 -31.71 -35.77 32.27
N SER L 18 -32.53 -34.90 31.67
CA SER L 18 -33.88 -35.29 31.34
C SER L 18 -33.95 -36.03 30.00
N LYS L 19 -32.99 -35.80 29.12
CA LYS L 19 -33.04 -36.33 27.77
C LYS L 19 -31.66 -36.84 27.36
N GLY L 20 -31.65 -37.72 26.36
CA GLY L 20 -30.43 -38.03 25.64
C GLY L 20 -29.34 -38.63 26.51
N ILE L 21 -28.11 -38.20 26.25
CA ILE L 21 -26.95 -38.78 26.93
C ILE L 21 -27.06 -38.60 28.45
N GLY L 22 -27.53 -37.43 28.90
CA GLY L 22 -27.67 -37.20 30.33
C GLY L 22 -28.67 -38.14 30.98
N ARG L 23 -29.76 -38.44 30.27
CA ARG L 23 -30.71 -39.44 30.75
C ARG L 23 -30.04 -40.81 30.85
N GLY L 24 -29.21 -41.17 29.86
CA GLY L 24 -28.52 -42.45 29.90
C GLY L 24 -27.51 -42.54 31.02
N ILE L 25 -26.76 -41.44 31.25
CA ILE L 25 -25.85 -41.39 32.39
C ILE L 25 -26.61 -41.57 33.70
N ALA L 26 -27.72 -40.83 33.83
CA ALA L 26 -28.53 -40.90 35.05
C ALA L 26 -29.06 -42.31 35.29
N GLU L 27 -29.55 -42.96 34.24
CA GLU L 27 -30.07 -44.32 34.39
C GLU L 27 -28.96 -45.30 34.74
N THR L 28 -27.80 -45.16 34.08
CA THR L 28 -26.67 -46.05 34.35
C THR L 28 -26.25 -45.97 35.81
N PHE L 29 -26.18 -44.76 36.36
CA PHE L 29 -25.81 -44.59 37.76
C PHE L 29 -26.91 -45.08 38.70
N ALA L 30 -28.17 -44.88 38.32
CA ALA L 30 -29.28 -45.36 39.12
C ALA L 30 -29.29 -46.89 39.21
N ASN L 31 -29.08 -47.57 38.07
CA ASN L 31 -29.02 -49.03 38.07
C ASN L 31 -27.88 -49.54 38.94
N ALA L 32 -26.81 -48.73 39.08
CA ALA L 32 -25.69 -49.06 39.95
C ALA L 32 -25.95 -48.72 41.43
N GLY L 33 -27.15 -48.27 41.76
CA GLY L 33 -27.48 -47.93 43.12
C GLY L 33 -27.12 -46.51 43.55
N VAL L 34 -26.75 -45.63 42.61
CA VAL L 34 -26.43 -44.24 42.92
C VAL L 34 -27.72 -43.43 42.94
N ASP L 35 -27.89 -42.59 43.95
CA ASP L 35 -29.00 -41.64 43.97
C ASP L 35 -28.60 -40.41 43.17
N VAL L 36 -29.44 -40.04 42.19
CA VAL L 36 -29.08 -39.10 41.16
C VAL L 36 -30.11 -37.97 41.13
N VAL L 37 -29.63 -36.72 41.16
CA VAL L 37 -30.45 -35.56 40.85
C VAL L 37 -30.15 -35.16 39.41
N ILE L 38 -31.17 -35.19 38.53
CA ILE L 38 -31.04 -34.71 37.16
C ILE L 38 -31.54 -33.29 37.11
N THR L 39 -30.97 -32.50 36.19
CA THR L 39 -31.38 -31.11 36.04
C THR L 39 -31.75 -30.85 34.59
N GLY L 40 -32.51 -29.77 34.42
CA GLY L 40 -32.98 -29.33 33.13
C GLY L 40 -33.87 -28.14 33.32
N ARG L 41 -34.20 -27.49 32.21
CA ARG L 41 -35.00 -26.27 32.29
C ARG L 41 -36.50 -26.54 32.21
N ASN L 42 -36.94 -27.59 31.53
CA ASN L 42 -38.36 -27.85 31.35
C ASN L 42 -38.80 -28.86 32.39
N GLN L 43 -39.80 -28.48 33.19
CA GLN L 43 -40.24 -29.33 34.31
C GLN L 43 -40.92 -30.59 33.79
N ASP L 44 -41.66 -30.50 32.69
CA ASP L 44 -42.37 -31.66 32.16
C ASP L 44 -41.40 -32.76 31.74
N ASP L 45 -40.29 -32.39 31.08
CA ASP L 45 -39.29 -33.40 30.72
C ASP L 45 -38.62 -33.99 31.94
N LEU L 46 -38.39 -33.16 32.97
CA LEU L 46 -37.82 -33.68 34.21
C LEU L 46 -38.76 -34.66 34.88
N ASP L 47 -40.04 -34.29 35.01
CA ASP L 47 -41.00 -35.14 35.69
C ASP L 47 -41.21 -36.46 34.96
N ARG L 48 -41.19 -36.43 33.62
CA ARG L 48 -41.38 -37.64 32.85
C ARG L 48 -40.19 -38.59 33.01
N THR L 49 -38.98 -38.04 33.00
CA THR L 49 -37.80 -38.88 33.21
C THR L 49 -37.77 -39.44 34.63
N VAL L 50 -38.18 -38.63 35.62
CA VAL L 50 -38.27 -39.13 36.98
C VAL L 50 -39.27 -40.28 37.06
N ALA L 51 -40.42 -40.12 36.40
CA ALA L 51 -41.45 -41.16 36.45
C ALA L 51 -41.00 -42.41 35.70
N ASP L 52 -40.36 -42.25 34.54
CA ASP L 52 -39.91 -43.40 33.77
C ASP L 52 -38.88 -44.22 34.55
N LEU L 53 -38.04 -43.55 35.34
CA LEU L 53 -36.98 -44.22 36.07
C LEU L 53 -37.38 -44.59 37.50
N SER L 54 -38.66 -44.43 37.85
CA SER L 54 -39.09 -44.62 39.23
C SER L 54 -38.78 -46.00 39.79
N GLY L 55 -38.48 -46.97 38.93
CA GLY L 55 -38.16 -48.31 39.39
C GLY L 55 -36.70 -48.61 39.60
N THR L 56 -35.81 -47.62 39.52
CA THR L 56 -34.39 -47.89 39.62
C THR L 56 -33.98 -48.22 41.06
N ARG L 57 -32.80 -48.85 41.17
CA ARG L 57 -32.24 -49.15 42.49
C ARG L 57 -31.90 -47.87 43.25
N GLY L 58 -31.06 -47.01 42.67
CA GLY L 58 -30.92 -45.66 43.18
C GLY L 58 -32.11 -44.80 42.79
N LYS L 59 -32.38 -43.78 43.61
CA LYS L 59 -33.53 -42.93 43.39
C LYS L 59 -33.14 -41.70 42.56
N VAL L 60 -33.88 -41.47 41.48
CA VAL L 60 -33.62 -40.35 40.58
C VAL L 60 -34.69 -39.29 40.83
N THR L 61 -34.25 -38.06 41.14
CA THR L 61 -35.16 -36.94 41.33
C THR L 61 -34.66 -35.77 40.48
N ALA L 62 -35.49 -34.73 40.39
CA ALA L 62 -35.25 -33.62 39.48
C ALA L 62 -35.07 -32.32 40.25
N VAL L 63 -34.22 -31.46 39.70
CA VAL L 63 -34.11 -30.06 40.12
C VAL L 63 -34.15 -29.20 38.87
N ARG L 64 -35.14 -28.32 38.78
CA ARG L 64 -35.23 -27.41 37.65
C ARG L 64 -34.16 -26.33 37.79
N ALA L 65 -33.23 -26.30 36.83
CA ALA L 65 -32.13 -25.36 36.93
C ALA L 65 -31.52 -25.14 35.54
N ASP L 66 -30.97 -23.95 35.37
CA ASP L 66 -30.27 -23.55 34.15
C ASP L 66 -28.78 -23.54 34.43
N VAL L 67 -28.01 -24.33 33.68
CA VAL L 67 -26.57 -24.41 33.91
C VAL L 67 -25.89 -23.07 33.65
N THR L 68 -26.50 -22.19 32.83
CA THR L 68 -25.88 -20.90 32.54
C THR L 68 -25.91 -19.96 33.73
N ASP L 69 -26.73 -20.22 34.75
CA ASP L 69 -26.84 -19.33 35.90
C ASP L 69 -26.09 -19.91 37.08
N PRO L 70 -25.08 -19.22 37.62
CA PRO L 70 -24.35 -19.77 38.77
C PRO L 70 -25.21 -19.95 40.00
N GLU L 71 -26.24 -19.12 40.20
CA GLU L 71 -27.12 -19.31 41.35
C GLU L 71 -27.86 -20.63 41.25
N ASP L 72 -28.35 -20.97 40.05
CA ASP L 72 -29.00 -22.27 39.85
C ASP L 72 -28.04 -23.41 40.15
N ALA L 73 -26.77 -23.26 39.77
CA ALA L 73 -25.77 -24.26 40.10
C ALA L 73 -25.68 -24.47 41.61
N ARG L 74 -25.60 -23.38 42.37
CA ARG L 74 -25.47 -23.52 43.82
C ARG L 74 -26.74 -24.09 44.42
N ARG L 75 -27.90 -23.65 43.94
CA ARG L 75 -29.16 -24.23 44.38
C ARG L 75 -29.20 -25.72 44.06
N THR L 76 -28.74 -26.10 42.86
CA THR L 76 -28.72 -27.51 42.48
C THR L 76 -27.83 -28.31 43.42
N VAL L 77 -26.74 -27.73 43.92
CA VAL L 77 -25.84 -28.47 44.81
C VAL L 77 -26.40 -28.52 46.22
N ALA L 78 -27.05 -27.44 46.67
CA ALA L 78 -27.62 -27.43 48.01
C ALA L 78 -28.79 -28.40 48.13
N GLU L 79 -29.62 -28.47 47.10
CA GLU L 79 -30.81 -29.35 47.14
C GLU L 79 -30.41 -30.83 47.14
N THR L 80 -29.36 -31.16 46.39
CA THR L 80 -28.87 -32.53 46.25
C THR L 80 -28.22 -33.02 47.53
N VAL L 81 -27.42 -32.17 48.17
CA VAL L 81 -26.88 -32.56 49.47
C VAL L 81 -28.00 -32.62 50.50
N SER L 82 -29.07 -31.84 50.31
CA SER L 82 -30.19 -31.92 51.23
C SER L 82 -30.97 -33.22 51.05
N ARG L 83 -31.07 -33.70 49.81
CA ARG L 83 -31.81 -34.92 49.54
C ARG L 83 -30.99 -36.18 49.82
N HIS L 84 -29.66 -36.10 49.69
CA HIS L 84 -28.83 -37.28 49.76
C HIS L 84 -27.92 -37.31 50.98
N GLY L 85 -27.61 -36.15 51.57
CA GLY L 85 -26.64 -36.08 52.64
C GLY L 85 -25.23 -35.73 52.20
N GLY L 86 -25.02 -35.50 50.91
CA GLY L 86 -23.68 -35.31 50.40
C GLY L 86 -23.68 -35.35 48.88
N LEU L 87 -22.48 -35.24 48.32
CA LEU L 87 -22.32 -35.23 46.86
C LEU L 87 -20.99 -35.91 46.52
N ASP L 88 -21.05 -36.95 45.69
CA ASP L 88 -19.87 -37.71 45.33
C ASP L 88 -19.46 -37.57 43.88
N ILE L 89 -20.42 -37.40 42.99
CA ILE L 89 -20.20 -37.47 41.55
C ILE L 89 -20.94 -36.31 40.91
N VAL L 90 -20.27 -35.61 40.00
CA VAL L 90 -20.92 -34.57 39.19
C VAL L 90 -20.62 -34.85 37.74
N CYS L 91 -21.69 -35.02 36.94
CA CYS L 91 -21.58 -35.21 35.50
C CYS L 91 -22.01 -33.90 34.84
N ALA L 92 -21.01 -33.12 34.42
CA ALA L 92 -21.27 -31.86 33.70
C ALA L 92 -21.62 -32.22 32.27
N ASN L 93 -22.90 -32.40 32.01
CA ASN L 93 -23.34 -33.01 30.76
C ASN L 93 -24.10 -32.06 29.86
N ALA L 94 -24.88 -31.15 30.42
CA ALA L 94 -25.78 -30.32 29.65
C ALA L 94 -25.06 -29.67 28.47
N GLY L 95 -25.72 -29.67 27.32
CA GLY L 95 -25.10 -29.12 26.14
C GLY L 95 -26.05 -29.01 24.98
N ILE L 96 -25.79 -28.04 24.11
CA ILE L 96 -26.60 -27.78 22.93
C ILE L 96 -25.67 -27.63 21.74
N PHE L 97 -26.16 -28.00 20.57
CA PHE L 97 -25.36 -27.94 19.35
C PHE L 97 -26.21 -27.39 18.20
N PRO L 98 -26.63 -26.13 18.29
CA PRO L 98 -27.23 -25.50 17.12
C PRO L 98 -26.16 -25.32 16.04
N SER L 99 -26.65 -25.20 14.81
CA SER L 99 -25.82 -25.14 13.62
C SER L 99 -25.88 -23.75 13.03
N GLY L 100 -24.74 -23.23 12.62
CA GLY L 100 -24.68 -21.94 11.97
C GLY L 100 -23.30 -21.67 11.39
N ARG L 101 -23.24 -21.40 10.09
CA ARG L 101 -21.97 -21.10 9.47
C ARG L 101 -21.32 -19.89 10.11
N LEU L 102 -19.98 -19.88 10.11
CA LEU L 102 -19.19 -18.83 10.76
C LEU L 102 -19.73 -17.44 10.45
N GLU L 103 -19.86 -17.09 9.17
CA GLU L 103 -20.25 -15.73 8.81
C GLU L 103 -21.65 -15.37 9.32
N ASP L 104 -22.43 -16.35 9.81
CA ASP L 104 -23.78 -16.09 10.30
C ASP L 104 -23.89 -16.10 11.82
N LEU L 105 -22.84 -16.50 12.53
CA LEU L 105 -22.97 -16.64 13.98
C LEU L 105 -22.99 -15.27 14.63
N THR L 106 -24.08 -14.96 15.33
CA THR L 106 -24.19 -13.71 16.05
C THR L 106 -23.48 -13.82 17.40
N PRO L 107 -23.16 -12.68 18.02
CA PRO L 107 -22.64 -12.73 19.39
C PRO L 107 -23.49 -13.54 20.34
N ASP L 108 -24.81 -13.39 20.28
CA ASP L 108 -25.68 -14.17 21.16
C ASP L 108 -25.62 -15.67 20.82
N ASP L 109 -25.45 -16.01 19.54
CA ASP L 109 -25.29 -17.42 19.18
C ASP L 109 -24.06 -18.04 19.82
N ILE L 110 -22.94 -17.30 19.82
CA ILE L 110 -21.70 -17.82 20.38
C ILE L 110 -21.83 -17.95 21.89
N GLU L 111 -22.38 -16.94 22.56
CA GLU L 111 -22.48 -16.97 24.02
C GLU L 111 -23.51 -17.99 24.49
N GLN L 112 -24.60 -18.17 23.73
CA GLN L 112 -25.56 -19.20 24.11
C GLN L 112 -24.91 -20.58 24.15
N VAL L 113 -24.16 -20.93 23.10
CA VAL L 113 -23.48 -22.22 23.06
C VAL L 113 -22.35 -22.28 24.07
N LEU L 114 -21.55 -21.21 24.15
CA LEU L 114 -20.48 -21.17 25.14
C LEU L 114 -21.03 -21.21 26.55
N GLY L 115 -22.08 -20.43 26.80
CA GLY L 115 -22.65 -20.36 28.14
C GLY L 115 -23.15 -21.70 28.62
N VAL L 116 -23.88 -22.42 27.77
CA VAL L 116 -24.43 -23.72 28.15
C VAL L 116 -23.32 -24.75 28.29
N ASN L 117 -22.54 -24.93 27.24
CA ASN L 117 -21.64 -26.07 27.16
C ASN L 117 -20.40 -25.89 28.02
N PHE L 118 -19.87 -24.67 28.12
CA PHE L 118 -18.62 -24.47 28.83
C PHE L 118 -18.82 -23.81 30.18
N LYS L 119 -19.46 -22.63 30.21
CA LYS L 119 -19.72 -21.98 31.49
C LYS L 119 -20.58 -22.86 32.38
N GLY L 120 -21.61 -23.51 31.81
CA GLY L 120 -22.42 -24.43 32.61
C GLY L 120 -21.64 -25.59 33.18
N THR L 121 -20.54 -25.97 32.52
CA THR L 121 -19.65 -26.98 33.10
C THR L 121 -18.85 -26.39 34.25
N VAL L 122 -18.30 -25.20 34.06
CA VAL L 122 -17.48 -24.59 35.10
C VAL L 122 -18.31 -24.32 36.35
N TYR L 123 -19.51 -23.77 36.16
CA TYR L 123 -20.31 -23.34 37.31
C TYR L 123 -20.76 -24.54 38.15
N ILE L 124 -21.13 -25.65 37.52
CA ILE L 124 -21.54 -26.79 38.33
C ILE L 124 -20.37 -27.35 39.11
N VAL L 125 -19.19 -27.42 38.49
CA VAL L 125 -18.02 -27.91 39.21
C VAL L 125 -17.70 -26.97 40.38
N GLN L 126 -17.73 -25.65 40.14
CA GLN L 126 -17.46 -24.70 41.20
C GLN L 126 -18.40 -24.88 42.38
N ALA L 127 -19.71 -24.93 42.10
CA ALA L 127 -20.68 -25.02 43.17
C ALA L 127 -20.51 -26.31 43.97
N ALA L 128 -20.02 -27.38 43.32
CA ALA L 128 -19.91 -28.69 43.96
C ALA L 128 -18.58 -28.93 44.66
N LEU L 129 -17.62 -28.01 44.52
CA LEU L 129 -16.26 -28.22 45.03
C LEU L 129 -16.26 -28.65 46.50
N GLN L 130 -16.96 -27.90 47.37
CA GLN L 130 -16.82 -28.18 48.79
C GLN L 130 -17.41 -29.55 49.15
N ALA L 131 -18.55 -29.89 48.55
CA ALA L 131 -19.16 -31.19 48.85
C ALA L 131 -18.35 -32.33 48.26
N LEU L 132 -17.80 -32.15 47.05
CA LEU L 132 -16.96 -33.20 46.46
C LEU L 132 -15.70 -33.41 47.28
N THR L 133 -15.14 -32.32 47.82
CA THR L 133 -13.98 -32.43 48.70
C THR L 133 -14.32 -33.22 49.96
N ALA L 134 -15.48 -32.94 50.57
CA ALA L 134 -15.84 -33.62 51.80
C ALA L 134 -16.12 -35.10 51.57
N SER L 135 -16.40 -35.52 50.34
CA SER L 135 -16.70 -36.91 50.08
C SER L 135 -15.46 -37.78 50.20
N GLY L 136 -14.27 -37.22 49.95
CA GLY L 136 -13.05 -37.99 49.97
C GLY L 136 -12.75 -38.77 48.72
N HIS L 137 -13.70 -38.89 47.80
CA HIS L 137 -13.51 -39.62 46.55
C HIS L 137 -14.25 -38.90 45.41
N GLY L 138 -14.08 -37.58 45.37
CA GLY L 138 -14.87 -36.78 44.45
C GLY L 138 -14.60 -37.18 43.01
N ARG L 139 -15.67 -37.18 42.21
CA ARG L 139 -15.60 -37.52 40.81
C ARG L 139 -16.34 -36.49 39.99
N VAL L 140 -15.68 -35.96 38.96
CA VAL L 140 -16.33 -35.11 37.96
C VAL L 140 -16.12 -35.74 36.60
N VAL L 141 -17.20 -35.97 35.87
CA VAL L 141 -17.15 -36.48 34.51
C VAL L 141 -17.77 -35.43 33.61
N VAL L 142 -17.01 -34.97 32.61
CA VAL L 142 -17.48 -33.96 31.67
C VAL L 142 -17.86 -34.63 30.36
N THR L 143 -19.04 -34.28 29.82
CA THR L 143 -19.41 -34.71 28.47
C THR L 143 -18.88 -33.69 27.47
N SER L 144 -17.72 -33.98 26.87
CA SER L 144 -17.20 -33.19 25.77
C SER L 144 -17.69 -33.77 24.45
N SER L 145 -16.81 -33.85 23.44
CA SER L 145 -17.18 -34.38 22.13
C SER L 145 -15.91 -34.61 21.32
N ILE L 146 -16.02 -35.46 20.29
CA ILE L 146 -14.96 -35.50 19.29
C ILE L 146 -14.93 -34.17 18.53
N THR L 147 -16.09 -33.52 18.39
CA THR L 147 -16.22 -32.28 17.64
C THR L 147 -15.55 -31.14 18.42
N GLY L 148 -14.43 -30.65 17.91
CA GLY L 148 -13.74 -29.53 18.54
C GLY L 148 -12.36 -29.92 19.01
N PRO L 149 -12.30 -30.85 19.97
CA PRO L 149 -11.00 -31.40 20.34
C PRO L 149 -10.35 -32.19 19.23
N ILE L 150 -11.12 -32.84 18.37
CA ILE L 150 -10.53 -33.69 17.33
C ILE L 150 -10.95 -33.26 15.94
N THR L 151 -12.25 -33.15 15.71
CA THR L 151 -12.80 -32.97 14.37
C THR L 151 -13.38 -31.57 14.18
N GLY L 152 -13.65 -31.26 12.92
CA GLY L 152 -14.43 -30.10 12.57
C GLY L 152 -15.66 -30.53 11.79
N TYR L 153 -16.71 -29.71 11.83
CA TYR L 153 -17.91 -29.98 11.06
C TYR L 153 -18.58 -28.65 10.75
N PRO L 154 -18.82 -28.33 9.48
CA PRO L 154 -19.34 -27.00 9.12
C PRO L 154 -20.59 -26.62 9.89
N GLY L 155 -20.61 -25.40 10.42
CA GLY L 155 -21.71 -24.93 11.21
C GLY L 155 -21.57 -25.18 12.69
N TRP L 156 -20.45 -25.76 13.14
CA TRP L 156 -20.24 -26.11 14.54
C TRP L 156 -18.93 -25.53 15.06
N SER L 157 -18.52 -24.37 14.55
CA SER L 157 -17.27 -23.77 15.00
C SER L 157 -17.37 -23.27 16.43
N HIS L 158 -18.54 -22.80 16.84
CA HIS L 158 -18.72 -22.38 18.23
C HIS L 158 -19.02 -23.57 19.12
N TYR L 159 -19.74 -24.56 18.62
CA TYR L 159 -19.93 -25.79 19.37
C TYR L 159 -18.60 -26.46 19.64
N GLY L 160 -17.80 -26.67 18.59
CA GLY L 160 -16.52 -27.31 18.77
C GLY L 160 -15.60 -26.54 19.70
N ALA L 161 -15.69 -25.20 19.65
CA ALA L 161 -14.90 -24.39 20.57
C ALA L 161 -15.31 -24.65 22.01
N SER L 162 -16.61 -24.77 22.26
CA SER L 162 -17.10 -24.98 23.61
C SER L 162 -16.70 -26.35 24.14
N LYS L 163 -16.66 -27.37 23.27
CA LYS L 163 -16.28 -28.71 23.70
C LYS L 163 -14.78 -28.78 23.99
N ALA L 164 -13.96 -28.06 23.22
CA ALA L 164 -12.53 -28.02 23.50
C ALA L 164 -12.24 -27.16 24.73
N ALA L 165 -13.02 -26.10 24.92
CA ALA L 165 -12.87 -25.25 26.10
C ALA L 165 -13.08 -26.05 27.39
N GLN L 166 -14.06 -26.95 27.40
CA GLN L 166 -14.20 -27.89 28.51
C GLN L 166 -12.90 -28.61 28.82
N LEU L 167 -12.22 -29.11 27.77
CA LEU L 167 -10.99 -29.87 27.99
C LEU L 167 -9.85 -28.97 28.46
N GLY L 168 -9.74 -27.76 27.90
CA GLY L 168 -8.73 -26.84 28.40
C GLY L 168 -8.93 -26.54 29.86
N PHE L 169 -10.19 -26.36 30.26
CA PHE L 169 -10.54 -26.13 31.67
C PHE L 169 -10.11 -27.30 32.53
N LEU L 170 -10.52 -28.52 32.15
CA LEU L 170 -10.30 -29.64 33.07
C LEU L 170 -8.83 -30.02 33.19
N ARG L 171 -8.00 -29.69 32.21
CA ARG L 171 -6.59 -30.06 32.31
C ARG L 171 -5.87 -29.28 33.40
N THR L 172 -6.29 -28.02 33.64
CA THR L 172 -5.81 -27.29 34.80
C THR L 172 -6.58 -27.68 36.05
N ALA L 173 -7.91 -27.80 35.94
CA ALA L 173 -8.73 -28.08 37.10
C ALA L 173 -8.33 -29.39 37.76
N ALA L 174 -7.92 -30.39 36.96
CA ALA L 174 -7.44 -31.65 37.54
C ALA L 174 -6.26 -31.43 38.48
N MET L 175 -5.42 -30.44 38.17
CA MET L 175 -4.29 -30.19 39.06
C MET L 175 -4.73 -29.47 40.32
N GLU L 176 -5.67 -28.54 40.20
CA GLU L 176 -6.17 -27.85 41.38
C GLU L 176 -7.02 -28.77 42.25
N LEU L 177 -7.66 -29.78 41.65
CA LEU L 177 -8.55 -30.65 42.40
C LEU L 177 -7.85 -31.87 42.99
N ALA L 178 -6.66 -32.21 42.51
CA ALA L 178 -5.94 -33.36 43.03
C ALA L 178 -5.73 -33.32 44.54
N PRO L 179 -5.32 -32.22 45.17
CA PRO L 179 -5.20 -32.24 46.64
C PRO L 179 -6.53 -32.45 47.35
N LYS L 180 -7.65 -32.19 46.69
CA LYS L 180 -8.96 -32.44 47.26
C LYS L 180 -9.46 -33.85 47.00
N LYS L 181 -8.62 -34.69 46.39
CA LYS L 181 -8.98 -36.08 46.07
C LYS L 181 -10.17 -36.16 45.12
N ILE L 182 -10.34 -35.14 44.28
CA ILE L 182 -11.35 -35.12 43.22
C ILE L 182 -10.66 -35.34 41.88
N THR L 183 -11.14 -36.30 41.11
CA THR L 183 -10.68 -36.47 39.73
C THR L 183 -11.69 -35.88 38.77
N ILE L 184 -11.19 -35.39 37.65
CA ILE L 184 -12.06 -34.79 36.64
C ILE L 184 -11.60 -35.29 35.28
N ASN L 185 -12.50 -35.89 34.54
CA ASN L 185 -12.20 -36.50 33.26
C ASN L 185 -13.33 -36.19 32.31
N ALA L 186 -13.13 -36.51 31.04
CA ALA L 186 -14.15 -36.26 30.04
C ALA L 186 -14.40 -37.48 29.18
N VAL L 187 -15.67 -37.73 28.89
CA VAL L 187 -16.08 -38.63 27.83
C VAL L 187 -16.32 -37.79 26.59
N LEU L 188 -15.76 -38.22 25.46
CA LEU L 188 -15.93 -37.56 24.18
C LEU L 188 -16.75 -38.50 23.29
N PRO L 189 -18.07 -38.42 23.33
CA PRO L 189 -18.88 -39.24 22.42
C PRO L 189 -18.64 -38.85 20.97
N GLY L 190 -18.79 -39.84 20.09
CA GLY L 190 -18.78 -39.60 18.67
C GLY L 190 -20.12 -39.09 18.24
N ASN L 191 -20.98 -39.99 17.76
CA ASN L 191 -22.36 -39.65 17.44
C ASN L 191 -23.28 -40.66 18.10
N ILE L 192 -24.09 -40.18 19.05
CA ILE L 192 -24.94 -41.02 19.89
C ILE L 192 -26.39 -40.71 19.57
N MET L 193 -27.20 -41.76 19.45
CA MET L 193 -28.63 -41.58 19.16
C MET L 193 -29.31 -40.93 20.35
N THR L 194 -29.69 -39.66 20.20
CA THR L 194 -30.38 -38.90 21.26
C THR L 194 -31.49 -38.09 20.63
N GLU L 195 -32.20 -37.35 21.49
CA GLU L 195 -33.20 -36.40 20.99
C GLU L 195 -32.52 -35.21 20.32
N GLY L 196 -31.42 -34.72 20.90
CA GLY L 196 -30.74 -33.57 20.32
C GLY L 196 -30.13 -33.89 18.96
N LEU L 197 -29.50 -35.05 18.82
CA LEU L 197 -28.99 -35.44 17.52
C LEU L 197 -30.11 -35.76 16.54
N ASP L 198 -31.35 -35.91 17.01
CA ASP L 198 -32.47 -36.11 16.09
C ASP L 198 -32.77 -34.85 15.30
N GLU L 199 -32.56 -33.67 15.91
CA GLU L 199 -32.79 -32.41 15.20
C GLU L 199 -31.86 -32.21 14.02
N MET L 200 -30.82 -33.05 13.90
CA MET L 200 -29.89 -32.94 12.78
C MET L 200 -30.51 -33.44 11.47
N GLY L 201 -31.56 -34.25 11.54
CA GLY L 201 -32.16 -34.83 10.37
C GLY L 201 -31.60 -36.20 10.04
N GLN L 202 -32.36 -36.94 9.24
CA GLN L 202 -31.94 -38.29 8.87
C GLN L 202 -30.70 -38.28 8.00
N ASP L 203 -30.52 -37.23 7.19
CA ASP L 203 -29.33 -37.14 6.35
C ASP L 203 -28.06 -37.08 7.19
N TYR L 204 -28.10 -36.36 8.30
CA TYR L 204 -26.95 -36.30 9.21
C TYR L 204 -26.72 -37.64 9.90
N LEU L 205 -27.80 -38.32 10.30
CA LEU L 205 -27.66 -39.61 10.95
C LEU L 205 -27.10 -40.66 10.00
N ASP L 206 -27.62 -40.71 8.77
CA ASP L 206 -27.10 -41.67 7.79
C ASP L 206 -25.64 -41.37 7.44
N GLN L 207 -25.30 -40.09 7.32
CA GLN L 207 -23.92 -39.71 6.96
C GLN L 207 -22.93 -40.15 8.04
N MET L 208 -23.25 -39.89 9.31
CA MET L 208 -22.33 -40.25 10.38
C MET L 208 -22.20 -41.76 10.50
N ALA L 209 -23.31 -42.49 10.33
CA ALA L 209 -23.30 -43.94 10.53
C ALA L 209 -22.33 -44.65 9.60
N SER L 210 -22.32 -44.27 8.32
CA SER L 210 -21.42 -44.90 7.35
C SER L 210 -19.97 -44.54 7.56
N ALA L 211 -19.66 -43.58 8.44
CA ALA L 211 -18.29 -43.17 8.73
C ALA L 211 -17.72 -43.89 9.94
N ILE L 212 -18.47 -44.80 10.56
CA ILE L 212 -18.13 -45.38 11.85
C ILE L 212 -17.75 -46.84 11.64
N PRO L 213 -16.52 -47.25 11.94
CA PRO L 213 -16.14 -48.66 11.74
C PRO L 213 -17.03 -49.64 12.48
N ALA L 214 -17.48 -49.30 13.70
CA ALA L 214 -18.40 -50.17 14.42
C ALA L 214 -19.72 -50.38 13.69
N GLY L 215 -20.02 -49.58 12.67
CA GLY L 215 -21.19 -49.82 11.84
C GLY L 215 -22.50 -49.38 12.45
N ARG L 216 -22.47 -48.48 13.43
CA ARG L 216 -23.70 -48.00 14.05
C ARG L 216 -23.39 -46.72 14.79
N LEU L 217 -24.41 -45.92 14.99
CA LEU L 217 -24.32 -44.84 15.96
C LEU L 217 -24.37 -45.41 17.36
N GLY L 218 -23.68 -44.76 18.29
CA GLY L 218 -23.64 -45.25 19.66
C GLY L 218 -24.91 -44.98 20.43
N SER L 219 -24.94 -45.49 21.65
CA SER L 219 -26.11 -45.39 22.51
C SER L 219 -25.77 -44.62 23.78
N VAL L 220 -26.80 -44.08 24.43
CA VAL L 220 -26.56 -43.30 25.64
C VAL L 220 -25.93 -44.15 26.71
N ALA L 221 -26.17 -45.47 26.68
CA ALA L 221 -25.52 -46.36 27.64
C ALA L 221 -24.02 -46.44 27.39
N ASP L 222 -23.57 -46.31 26.13
CA ASP L 222 -22.15 -46.27 25.86
C ASP L 222 -21.49 -45.11 26.61
N ILE L 223 -22.16 -43.96 26.65
CA ILE L 223 -21.58 -42.84 27.38
C ILE L 223 -21.75 -43.02 28.88
N GLY L 224 -22.94 -43.45 29.32
CA GLY L 224 -23.16 -43.69 30.75
C GLY L 224 -22.14 -44.65 31.35
N ASN L 225 -21.91 -45.79 30.68
CA ASN L 225 -20.95 -46.75 31.19
C ASN L 225 -19.54 -46.20 31.22
N ALA L 226 -19.20 -45.31 30.28
CA ALA L 226 -17.89 -44.68 30.31
C ALA L 226 -17.77 -43.75 31.51
N ALA L 227 -18.85 -42.99 31.79
CA ALA L 227 -18.86 -42.15 32.97
C ALA L 227 -18.88 -42.98 34.25
N LEU L 228 -19.55 -44.14 34.23
CA LEU L 228 -19.55 -45.01 35.38
C LEU L 228 -18.13 -45.46 35.74
N PHE L 229 -17.32 -45.82 34.74
CA PHE L 229 -15.95 -46.25 35.02
C PHE L 229 -15.15 -45.15 35.68
N PHE L 230 -15.23 -43.92 35.15
CA PHE L 230 -14.52 -42.80 35.75
C PHE L 230 -14.93 -42.61 37.20
N ALA L 231 -16.22 -42.80 37.50
CA ALA L 231 -16.69 -42.61 38.88
C ALA L 231 -16.18 -43.66 39.85
N THR L 232 -15.69 -44.82 39.38
CA THR L 232 -15.33 -45.89 40.31
C THR L 232 -14.16 -45.46 41.19
N ASP L 233 -14.09 -46.08 42.38
CA ASP L 233 -12.89 -45.96 43.21
C ASP L 233 -11.66 -46.43 42.48
N GLU L 234 -11.82 -47.44 41.60
CA GLU L 234 -10.69 -48.04 40.91
C GLU L 234 -10.09 -47.13 39.86
N ALA L 235 -10.76 -46.02 39.54
CA ALA L 235 -10.24 -45.03 38.61
C ALA L 235 -9.69 -43.80 39.33
N ALA L 236 -9.27 -43.97 40.57
CA ALA L 236 -8.78 -42.84 41.35
C ALA L 236 -7.49 -42.26 40.79
N TYR L 237 -6.71 -43.05 40.06
CA TYR L 237 -5.45 -42.58 39.49
C TYR L 237 -5.61 -42.02 38.09
N VAL L 238 -6.83 -41.82 37.61
CA VAL L 238 -7.10 -41.23 36.30
C VAL L 238 -7.66 -39.82 36.52
N THR L 239 -6.98 -38.81 36.01
CA THR L 239 -7.49 -37.44 36.13
C THR L 239 -6.96 -36.56 35.01
N GLY L 240 -7.74 -35.55 34.66
CA GLY L 240 -7.38 -34.66 33.57
C GLY L 240 -7.39 -35.31 32.20
N GLN L 241 -8.09 -36.43 32.06
CA GLN L 241 -7.95 -37.26 30.88
C GLN L 241 -9.26 -37.34 30.12
N THR L 242 -9.15 -37.91 28.93
CA THR L 242 -10.23 -38.03 27.98
C THR L 242 -10.36 -39.47 27.52
N LEU L 243 -11.60 -39.87 27.22
CA LEU L 243 -11.87 -41.17 26.60
C LEU L 243 -12.84 -40.93 25.45
N VAL L 244 -12.42 -41.25 24.23
CA VAL L 244 -13.27 -41.12 23.05
C VAL L 244 -14.11 -42.39 22.93
N VAL L 245 -15.41 -42.21 22.76
CA VAL L 245 -16.36 -43.32 22.64
C VAL L 245 -17.11 -43.08 21.33
N ASP L 246 -16.63 -43.71 20.24
CA ASP L 246 -17.13 -43.36 18.91
C ASP L 246 -17.10 -44.50 17.91
N GLY L 247 -16.99 -45.76 18.35
CA GLY L 247 -16.94 -46.85 17.39
C GLY L 247 -15.84 -46.73 16.35
N GLY L 248 -14.78 -45.99 16.65
CA GLY L 248 -13.69 -45.79 15.73
C GLY L 248 -13.86 -44.64 14.76
N GLN L 249 -14.83 -43.75 15.00
CA GLN L 249 -15.17 -42.75 13.99
C GLN L 249 -13.99 -41.85 13.65
N VAL L 250 -13.19 -41.44 14.65
CA VAL L 250 -12.10 -40.51 14.38
C VAL L 250 -10.92 -41.16 13.66
N LEU L 251 -10.94 -42.48 13.44
CA LEU L 251 -9.78 -43.20 12.91
C LEU L 251 -9.58 -43.18 11.40
N PRO L 252 -10.61 -43.40 10.57
CA PRO L 252 -10.35 -43.61 9.14
C PRO L 252 -9.72 -42.39 8.48
N GLU L 253 -8.70 -42.66 7.65
CA GLU L 253 -8.04 -41.60 6.90
C GLU L 253 -8.96 -41.02 5.83
N SER L 254 -9.86 -41.82 5.26
CA SER L 254 -10.86 -41.31 4.34
C SER L 254 -12.25 -41.79 4.75
N SER M 1 11.20 -2.79 -11.30
CA SER M 1 10.67 -1.43 -11.50
C SER M 1 10.85 -0.97 -12.94
N HIS M 2 9.84 -0.26 -13.46
CA HIS M 2 9.83 0.15 -14.86
C HIS M 2 9.46 1.63 -14.95
N MET M 3 10.35 2.44 -15.51
CA MET M 3 10.09 3.86 -15.71
C MET M 3 9.94 4.19 -17.20
N PHE M 4 11.03 4.27 -17.94
CA PHE M 4 10.94 4.44 -19.39
C PHE M 4 11.57 3.23 -20.07
N THR M 5 11.01 2.89 -21.24
CA THR M 5 11.56 1.81 -22.06
C THR M 5 13.02 2.09 -22.36
N SER M 6 13.87 1.10 -22.15
CA SER M 6 15.30 1.28 -22.33
C SER M 6 15.63 1.62 -23.77
N LEU M 7 16.52 2.58 -23.95
CA LEU M 7 17.01 2.99 -25.25
C LEU M 7 18.28 2.24 -25.65
N GLU M 8 18.73 1.29 -24.82
CA GLU M 8 19.94 0.52 -25.11
C GLU M 8 19.88 -0.05 -26.53
N GLY M 9 21.01 0.03 -27.23
CA GLY M 9 21.11 -0.48 -28.58
C GLY M 9 20.66 0.46 -29.68
N ARG M 10 20.14 1.63 -29.36
CA ARG M 10 19.76 2.57 -30.42
C ARG M 10 20.96 3.40 -30.84
N SER M 11 20.76 4.20 -31.89
CA SER M 11 21.86 4.89 -32.56
C SER M 11 21.58 6.39 -32.58
N ALA M 12 22.54 7.16 -32.11
CA ALA M 12 22.34 8.59 -31.93
C ALA M 12 23.51 9.37 -32.51
N ILE M 13 23.19 10.57 -32.98
CA ILE M 13 24.17 11.57 -33.39
C ILE M 13 24.01 12.76 -32.49
N VAL M 14 25.12 13.31 -32.02
CA VAL M 14 25.11 14.58 -31.28
C VAL M 14 26.06 15.52 -31.99
N THR M 15 25.51 16.53 -32.65
CA THR M 15 26.37 17.55 -33.24
C THR M 15 26.98 18.40 -32.15
N GLY M 16 28.27 18.69 -32.28
CA GLY M 16 28.98 19.46 -31.28
C GLY M 16 29.10 18.77 -29.92
N GLY M 17 29.29 17.45 -29.91
CA GLY M 17 29.33 16.69 -28.69
C GLY M 17 30.69 16.56 -28.06
N SER M 18 31.70 17.27 -28.56
CA SER M 18 33.04 17.16 -28.01
C SER M 18 33.22 17.95 -26.72
N LYS M 19 32.35 18.91 -26.41
CA LYS M 19 32.46 19.71 -25.19
C LYS M 19 31.11 20.33 -24.86
N GLY M 20 30.94 20.69 -23.58
CA GLY M 20 29.78 21.44 -23.16
C GLY M 20 28.50 20.61 -23.14
N ILE M 21 27.39 21.27 -23.51
CA ILE M 21 26.09 20.60 -23.48
C ILE M 21 26.07 19.36 -24.36
N GLY M 22 26.71 19.44 -25.53
CA GLY M 22 26.76 18.28 -26.41
C GLY M 22 27.43 17.08 -25.76
N ARG M 23 28.53 17.31 -25.06
CA ARG M 23 29.19 16.21 -24.36
C ARG M 23 28.29 15.63 -23.27
N GLY M 24 27.58 16.50 -22.54
CA GLY M 24 26.67 16.00 -21.52
C GLY M 24 25.50 15.25 -22.11
N ILE M 25 24.99 15.72 -23.26
CA ILE M 25 23.97 14.97 -23.99
C ILE M 25 24.50 13.60 -24.40
N ALA M 26 25.71 13.58 -24.99
CA ALA M 26 26.24 12.31 -25.47
C ALA M 26 26.54 11.35 -24.32
N GLU M 27 27.07 11.88 -23.21
CA GLU M 27 27.35 11.02 -22.07
C GLU M 27 26.06 10.50 -21.45
N THR M 28 25.01 11.31 -21.43
CA THR M 28 23.73 10.85 -20.91
C THR M 28 23.16 9.74 -21.78
N PHE M 29 23.20 9.91 -23.09
CA PHE M 29 22.74 8.86 -23.99
C PHE M 29 23.63 7.62 -23.87
N ALA M 30 24.94 7.81 -23.80
CA ALA M 30 25.84 6.67 -23.67
C ALA M 30 25.57 5.89 -22.39
N ASN M 31 25.30 6.59 -21.28
CA ASN M 31 25.00 5.87 -20.04
C ASN M 31 23.71 5.10 -20.15
N ALA M 32 22.80 5.55 -21.02
CA ALA M 32 21.55 4.86 -21.27
C ALA M 32 21.70 3.67 -22.22
N GLY M 33 22.92 3.34 -22.63
CA GLY M 33 23.14 2.24 -23.54
C GLY M 33 22.98 2.58 -25.00
N VAL M 34 22.83 3.86 -25.34
CA VAL M 34 22.74 4.28 -26.74
C VAL M 34 24.14 4.44 -27.29
N ASP M 35 24.36 3.94 -28.51
CA ASP M 35 25.62 4.17 -29.19
C ASP M 35 25.55 5.53 -29.88
N VAL M 36 26.58 6.35 -29.68
CA VAL M 36 26.52 7.77 -29.99
C VAL M 36 27.72 8.14 -30.85
N VAL M 37 27.46 8.77 -31.99
CA VAL M 37 28.47 9.46 -32.77
C VAL M 37 28.42 10.95 -32.44
N ILE M 38 29.58 11.52 -32.08
CA ILE M 38 29.71 12.94 -31.79
C ILE M 38 30.46 13.60 -32.95
N THR M 39 30.13 14.84 -33.24
CA THR M 39 30.75 15.60 -34.31
C THR M 39 31.44 16.84 -33.76
N GLY M 40 32.40 17.33 -34.53
CA GLY M 40 33.12 18.54 -34.19
C GLY M 40 34.16 18.81 -35.26
N ARG M 41 34.70 20.04 -35.21
CA ARG M 41 35.70 20.43 -36.20
C ARG M 41 37.11 20.02 -35.78
N ASN M 42 37.40 19.99 -34.48
CA ASN M 42 38.74 19.75 -33.96
C ASN M 42 38.86 18.28 -33.54
N GLN M 43 39.76 17.54 -34.19
CA GLN M 43 39.89 16.12 -33.93
C GLN M 43 40.44 15.84 -32.54
N ASP M 44 41.29 16.74 -32.02
CA ASP M 44 41.88 16.52 -30.70
C ASP M 44 40.81 16.51 -29.61
N ASP M 45 39.90 17.50 -29.64
CA ASP M 45 38.83 17.53 -28.65
C ASP M 45 37.92 16.31 -28.77
N LEU M 46 37.66 15.88 -30.01
CA LEU M 46 36.84 14.68 -30.21
C LEU M 46 37.55 13.45 -29.66
N ASP M 47 38.84 13.30 -29.96
CA ASP M 47 39.58 12.15 -29.44
C ASP M 47 39.61 12.17 -27.92
N ARG M 48 39.74 13.36 -27.32
CA ARG M 48 39.78 13.45 -25.86
C ARG M 48 38.45 13.03 -25.24
N THR M 49 37.34 13.45 -25.85
CA THR M 49 36.03 13.10 -25.32
C THR M 49 35.74 11.62 -25.48
N VAL M 50 36.07 11.04 -26.64
CA VAL M 50 35.86 9.61 -26.84
C VAL M 50 36.66 8.82 -25.80
N ALA M 51 37.92 9.21 -25.57
CA ALA M 51 38.74 8.53 -24.57
C ALA M 51 38.14 8.66 -23.18
N ASP M 52 37.65 9.86 -22.83
CA ASP M 52 37.07 10.05 -21.50
C ASP M 52 35.83 9.19 -21.29
N LEU M 53 35.07 8.94 -22.35
CA LEU M 53 33.84 8.15 -22.26
C LEU M 53 34.05 6.69 -22.67
N SER M 54 35.27 6.18 -22.59
CA SER M 54 35.53 4.80 -23.00
C SER M 54 34.73 3.80 -22.18
N GLY M 55 34.50 4.06 -20.90
CA GLY M 55 33.79 3.12 -20.07
C GLY M 55 32.28 3.11 -20.19
N THR M 56 31.71 3.95 -21.04
CA THR M 56 30.25 4.04 -21.13
C THR M 56 29.65 2.75 -21.65
N ARG M 57 28.41 2.48 -21.24
CA ARG M 57 27.70 1.30 -21.75
C ARG M 57 27.50 1.42 -23.26
N GLY M 58 26.95 2.53 -23.72
CA GLY M 58 26.94 2.81 -25.15
C GLY M 58 28.32 3.19 -25.63
N LYS M 59 28.60 2.87 -26.89
CA LYS M 59 29.89 3.17 -27.49
C LYS M 59 29.85 4.58 -28.09
N VAL M 60 30.76 5.44 -27.64
CA VAL M 60 30.85 6.80 -28.15
C VAL M 60 32.04 6.87 -29.09
N THR M 61 31.77 7.09 -30.37
CA THR M 61 32.79 7.37 -31.38
C THR M 61 32.56 8.77 -31.95
N ALA M 62 33.52 9.25 -32.74
CA ALA M 62 33.47 10.61 -33.25
C ALA M 62 33.58 10.62 -34.76
N VAL M 63 33.12 11.72 -35.34
CA VAL M 63 33.24 12.04 -36.76
C VAL M 63 33.58 13.51 -36.87
N ARG M 64 34.73 13.82 -37.47
CA ARG M 64 35.12 15.21 -37.69
C ARG M 64 34.25 15.78 -38.81
N ALA M 65 33.43 16.77 -38.48
CA ALA M 65 32.45 17.31 -39.42
C ALA M 65 32.09 18.74 -39.05
N ASP M 66 31.77 19.53 -40.06
CA ASP M 66 31.31 20.90 -39.90
C ASP M 66 29.81 20.93 -40.15
N VAL M 67 29.04 21.45 -39.19
CA VAL M 67 27.58 21.46 -39.32
C VAL M 67 27.14 22.38 -40.44
N THR M 68 27.93 23.41 -40.76
CA THR M 68 27.49 24.35 -41.79
C THR M 68 27.64 23.80 -43.20
N ASP M 69 28.29 22.64 -43.36
CA ASP M 69 28.52 22.06 -44.67
C ASP M 69 27.58 20.87 -44.87
N PRO M 70 26.61 20.96 -45.78
CA PRO M 70 25.68 19.84 -45.96
C PRO M 70 26.35 18.52 -46.33
N GLU M 71 27.46 18.57 -47.07
CA GLU M 71 28.15 17.33 -47.41
C GLU M 71 28.69 16.65 -46.17
N ASP M 72 29.19 17.44 -45.21
CA ASP M 72 29.61 16.86 -43.93
C ASP M 72 28.43 16.28 -43.17
N ALA M 73 27.26 16.89 -43.31
CA ALA M 73 26.06 16.35 -42.68
C ALA M 73 25.74 14.97 -43.24
N ARG M 74 25.77 14.83 -44.57
CA ARG M 74 25.47 13.54 -45.19
C ARG M 74 26.51 12.49 -44.82
N ARG M 75 27.79 12.85 -44.81
CA ARG M 75 28.83 11.90 -44.45
C ARG M 75 28.69 11.46 -43.00
N THR M 76 28.33 12.39 -42.11
CA THR M 76 28.09 12.03 -40.71
C THR M 76 26.99 10.99 -40.58
N VAL M 77 25.91 11.15 -41.34
CA VAL M 77 24.83 10.17 -41.29
C VAL M 77 25.29 8.84 -41.88
N ALA M 78 26.03 8.89 -43.00
CA ALA M 78 26.51 7.65 -43.60
C ALA M 78 27.45 6.89 -42.67
N GLU M 79 28.36 7.62 -42.00
CA GLU M 79 29.30 6.94 -41.12
C GLU M 79 28.62 6.38 -39.88
N THR M 80 27.62 7.11 -39.36
CA THR M 80 26.89 6.62 -38.19
C THR M 80 26.09 5.37 -38.52
N VAL M 81 25.39 5.37 -39.67
CA VAL M 81 24.63 4.19 -40.07
C VAL M 81 25.57 3.04 -40.39
N SER M 82 26.76 3.33 -40.90
CA SER M 82 27.72 2.25 -41.17
C SER M 82 28.30 1.70 -39.87
N ARG M 83 28.40 2.54 -38.83
CA ARG M 83 28.94 2.08 -37.54
C ARG M 83 27.90 1.32 -36.75
N HIS M 84 26.65 1.75 -36.79
CA HIS M 84 25.61 1.21 -35.91
C HIS M 84 24.59 0.33 -36.62
N GLY M 85 24.41 0.50 -37.94
CA GLY M 85 23.36 -0.18 -38.66
C GLY M 85 22.10 0.63 -38.84
N GLY M 86 22.12 1.91 -38.50
CA GLY M 86 20.97 2.76 -38.62
C GLY M 86 21.09 3.94 -37.68
N LEU M 87 19.98 4.67 -37.56
CA LEU M 87 19.99 5.93 -36.83
C LEU M 87 18.61 6.17 -36.27
N ASP M 88 18.52 6.38 -34.96
CA ASP M 88 17.24 6.64 -34.31
C ASP M 88 17.10 8.06 -33.78
N ILE M 89 18.19 8.69 -33.36
CA ILE M 89 18.15 9.92 -32.59
C ILE M 89 19.16 10.89 -33.16
N VAL M 90 18.74 12.13 -33.38
CA VAL M 90 19.64 13.18 -33.81
C VAL M 90 19.48 14.36 -32.87
N CYS M 91 20.55 14.71 -32.18
CA CYS M 91 20.58 15.86 -31.29
C CYS M 91 21.29 16.96 -32.06
N ALA M 92 20.51 17.87 -32.63
CA ALA M 92 21.04 19.00 -33.39
C ALA M 92 21.43 20.06 -32.38
N ASN M 93 22.69 20.00 -31.95
CA ASN M 93 23.09 20.73 -30.77
C ASN M 93 24.20 21.75 -31.01
N ALA M 94 25.03 21.55 -32.02
CA ALA M 94 26.16 22.43 -32.28
C ALA M 94 25.71 23.89 -32.35
N GLY M 95 26.39 24.74 -31.59
CA GLY M 95 26.07 26.15 -31.62
C GLY M 95 27.21 26.97 -31.09
N ILE M 96 27.27 28.23 -31.54
CA ILE M 96 28.23 29.19 -31.05
C ILE M 96 27.47 30.44 -30.62
N PHE M 97 28.05 31.19 -29.68
CA PHE M 97 27.43 32.41 -29.18
C PHE M 97 28.47 33.49 -29.01
N PRO M 98 29.11 33.92 -30.09
CA PRO M 98 29.95 35.12 -30.01
C PRO M 98 29.08 36.34 -29.80
N SER M 99 29.67 37.37 -29.22
CA SER M 99 28.96 38.57 -28.81
C SER M 99 29.27 39.73 -29.74
N GLY M 100 28.25 40.54 -30.02
CA GLY M 100 28.43 41.72 -30.84
C GLY M 100 27.23 42.64 -30.79
N ARG M 101 27.47 43.91 -30.48
CA ARG M 101 26.36 44.86 -30.48
C ARG M 101 25.86 45.08 -31.91
N LEU M 102 24.59 45.47 -32.00
CA LEU M 102 23.88 45.50 -33.29
C LEU M 102 24.67 46.23 -34.36
N GLU M 103 25.08 47.47 -34.07
CA GLU M 103 25.80 48.28 -35.05
C GLU M 103 27.18 47.72 -35.39
N ASP M 104 27.64 46.68 -34.70
CA ASP M 104 28.96 46.11 -34.95
C ASP M 104 28.91 44.79 -35.71
N LEU M 105 27.74 44.20 -35.87
CA LEU M 105 27.62 42.87 -36.48
C LEU M 105 27.79 42.99 -37.99
N THR M 106 28.88 42.43 -38.51
CA THR M 106 29.11 42.38 -39.95
C THR M 106 28.27 41.28 -40.58
N PRO M 107 28.12 41.29 -41.90
CA PRO M 107 27.45 40.15 -42.56
C PRO M 107 28.11 38.81 -42.26
N ASP M 108 29.44 38.79 -42.09
CA ASP M 108 30.11 37.54 -41.74
C ASP M 108 29.75 37.09 -40.33
N ASP M 109 29.76 38.01 -39.36
CA ASP M 109 29.38 37.67 -37.99
C ASP M 109 27.99 37.04 -37.96
N ILE M 110 27.05 37.64 -38.68
CA ILE M 110 25.67 37.18 -38.68
C ILE M 110 25.57 35.79 -39.33
N GLU M 111 26.27 35.60 -40.44
CA GLU M 111 26.15 34.34 -41.17
C GLU M 111 26.81 33.20 -40.40
N GLN M 112 27.96 33.44 -39.79
CA GLN M 112 28.60 32.36 -39.04
C GLN M 112 27.68 31.85 -37.93
N VAL M 113 27.02 32.74 -37.22
CA VAL M 113 26.08 32.33 -36.16
C VAL M 113 24.86 31.65 -36.77
N LEU M 114 24.28 32.28 -37.80
CA LEU M 114 23.14 31.66 -38.46
C LEU M 114 23.51 30.31 -39.08
N GLY M 115 24.70 30.24 -39.69
CA GLY M 115 25.10 29.01 -40.35
C GLY M 115 25.27 27.85 -39.39
N VAL M 116 26.05 28.06 -38.33
CA VAL M 116 26.27 27.00 -37.35
C VAL M 116 24.97 26.68 -36.63
N ASN M 117 24.34 27.69 -36.02
CA ASN M 117 23.28 27.44 -35.05
C ASN M 117 21.97 27.04 -35.73
N PHE M 118 21.65 27.63 -36.87
CA PHE M 118 20.39 27.33 -37.53
C PHE M 118 20.56 26.37 -38.71
N LYS M 119 21.31 26.77 -39.73
CA LYS M 119 21.54 25.90 -40.88
C LYS M 119 22.13 24.56 -40.46
N GLY M 120 23.08 24.57 -39.52
CA GLY M 120 23.64 23.32 -39.03
C GLY M 120 22.59 22.39 -38.44
N THR M 121 21.55 22.97 -37.83
CA THR M 121 20.42 22.16 -37.38
C THR M 121 19.62 21.64 -38.56
N VAL M 122 19.39 22.48 -39.56
CA VAL M 122 18.58 22.04 -40.70
C VAL M 122 19.30 20.95 -41.50
N TYR M 123 20.61 21.08 -41.68
CA TYR M 123 21.33 20.17 -42.56
C TYR M 123 21.45 18.78 -41.96
N ILE M 124 21.63 18.68 -40.64
CA ILE M 124 21.75 17.35 -40.06
C ILE M 124 20.40 16.65 -40.06
N VAL M 125 19.31 17.38 -39.80
CA VAL M 125 17.99 16.77 -39.88
C VAL M 125 17.69 16.30 -41.30
N GLN M 126 17.99 17.15 -42.30
CA GLN M 126 17.76 16.77 -43.70
C GLN M 126 18.53 15.50 -44.04
N ALA M 127 19.81 15.46 -43.70
CA ALA M 127 20.63 14.31 -44.06
C ALA M 127 20.17 13.04 -43.34
N ALA M 128 19.55 13.18 -42.16
CA ALA M 128 19.17 12.03 -41.35
C ALA M 128 17.73 11.55 -41.59
N LEU M 129 16.96 12.30 -42.39
CA LEU M 129 15.54 12.02 -42.59
C LEU M 129 15.30 10.56 -42.99
N GLN M 130 15.99 10.12 -44.04
CA GLN M 130 15.76 8.78 -44.57
C GLN M 130 15.98 7.72 -43.49
N ALA M 131 17.06 7.86 -42.71
CA ALA M 131 17.39 6.85 -41.70
C ALA M 131 16.48 6.98 -40.48
N LEU M 132 16.12 8.21 -40.10
CA LEU M 132 15.18 8.36 -38.99
C LEU M 132 13.83 7.75 -39.33
N THR M 133 13.40 7.91 -40.59
CA THR M 133 12.15 7.31 -41.04
C THR M 133 12.19 5.80 -40.90
N ALA M 134 13.26 5.17 -41.40
CA ALA M 134 13.38 3.71 -41.38
C ALA M 134 13.38 3.15 -39.97
N SER M 135 13.76 3.96 -38.99
CA SER M 135 13.83 3.46 -37.62
C SER M 135 12.44 3.15 -37.07
N GLY M 136 11.41 3.86 -37.56
CA GLY M 136 10.07 3.73 -37.03
C GLY M 136 9.81 4.46 -35.74
N HIS M 137 10.83 5.04 -35.11
CA HIS M 137 10.66 5.80 -33.86
C HIS M 137 11.66 6.95 -33.83
N GLY M 138 11.76 7.66 -34.95
CA GLY M 138 12.80 8.67 -35.08
C GLY M 138 12.60 9.83 -34.13
N ARG M 139 13.72 10.35 -33.64
CA ARG M 139 13.71 11.43 -32.67
C ARG M 139 14.74 12.47 -33.06
N VAL M 140 14.33 13.73 -33.08
CA VAL M 140 15.22 14.88 -33.21
C VAL M 140 15.05 15.77 -31.99
N VAL M 141 16.16 16.11 -31.36
CA VAL M 141 16.18 17.03 -30.23
C VAL M 141 17.09 18.20 -30.60
N VAL M 142 16.51 19.39 -30.64
CA VAL M 142 17.24 20.61 -30.99
C VAL M 142 17.61 21.34 -29.71
N THR M 143 18.88 21.69 -29.56
CA THR M 143 19.33 22.55 -28.47
C THR M 143 19.14 24.00 -28.92
N SER M 144 18.03 24.60 -28.50
CA SER M 144 17.78 26.00 -28.74
C SER M 144 18.32 26.79 -27.55
N SER M 145 17.58 27.81 -27.12
CA SER M 145 17.99 28.62 -25.97
C SER M 145 16.80 29.46 -25.54
N ILE M 146 16.84 29.91 -24.29
CA ILE M 146 15.89 30.94 -23.88
C ILE M 146 16.19 32.26 -24.57
N THR M 147 17.45 32.48 -24.97
CA THR M 147 17.88 33.69 -25.64
C THR M 147 17.37 33.68 -27.08
N GLY M 148 16.42 34.56 -27.40
CA GLY M 148 15.82 34.61 -28.71
C GLY M 148 14.35 34.28 -28.67
N PRO M 149 14.02 33.02 -28.39
CA PRO M 149 12.59 32.67 -28.23
C PRO M 149 11.94 33.39 -27.06
N ILE M 150 12.66 33.63 -25.96
CA ILE M 150 12.05 34.27 -24.80
C ILE M 150 12.73 35.58 -24.47
N THR M 151 14.03 35.55 -24.17
CA THR M 151 14.72 36.69 -23.59
C THR M 151 15.61 37.41 -24.60
N GLY M 152 15.99 38.64 -24.24
CA GLY M 152 17.01 39.38 -24.97
C GLY M 152 18.22 39.60 -24.08
N TYR M 153 19.39 39.74 -24.72
CA TYR M 153 20.64 40.05 -24.03
C TYR M 153 21.55 40.83 -24.96
N PRO M 154 21.95 42.06 -24.62
CA PRO M 154 22.65 42.91 -25.58
C PRO M 154 23.93 42.24 -26.07
N GLY M 155 24.13 42.26 -27.38
CA GLY M 155 25.24 41.58 -28.00
C GLY M 155 24.92 40.19 -28.54
N TRP M 156 23.72 39.69 -28.28
CA TRP M 156 23.28 38.37 -28.74
C TRP M 156 22.09 38.49 -29.68
N SER M 157 22.04 39.60 -30.42
CA SER M 157 20.95 39.86 -31.34
C SER M 157 20.88 38.81 -32.44
N HIS M 158 22.03 38.42 -32.98
CA HIS M 158 22.07 37.39 -34.00
C HIS M 158 21.97 36.00 -33.39
N TYR M 159 22.60 35.78 -32.24
CA TYR M 159 22.45 34.52 -31.51
C TYR M 159 20.97 34.22 -31.24
N GLY M 160 20.28 35.17 -30.60
CA GLY M 160 18.87 34.98 -30.33
C GLY M 160 18.05 34.73 -31.58
N ALA M 161 18.36 35.45 -32.67
CA ALA M 161 17.70 35.16 -33.94
C ALA M 161 17.88 33.71 -34.34
N SER M 162 19.12 33.19 -34.25
CA SER M 162 19.40 31.83 -34.70
C SER M 162 18.66 30.82 -33.82
N LYS M 163 18.54 31.10 -32.53
CA LYS M 163 17.88 30.18 -31.60
C LYS M 163 16.37 30.17 -31.82
N ALA M 164 15.78 31.32 -32.16
CA ALA M 164 14.36 31.33 -32.49
C ALA M 164 14.13 30.74 -33.87
N ALA M 165 15.08 30.91 -34.78
CA ALA M 165 14.97 30.30 -36.12
C ALA M 165 14.84 28.79 -36.01
N GLN M 166 15.60 28.16 -35.11
CA GLN M 166 15.48 26.72 -34.90
C GLN M 166 14.04 26.33 -34.60
N LEU M 167 13.37 27.10 -33.74
CA LEU M 167 12.01 26.77 -33.32
C LEU M 167 11.01 27.02 -34.44
N GLY M 168 11.09 28.17 -35.12
CA GLY M 168 10.26 28.38 -36.30
C GLY M 168 10.43 27.26 -37.32
N PHE M 169 11.66 26.77 -37.50
CA PHE M 169 11.88 25.63 -38.37
C PHE M 169 11.11 24.40 -37.87
N LEU M 170 11.27 24.08 -36.58
CA LEU M 170 10.76 22.79 -36.14
C LEU M 170 9.25 22.77 -35.96
N ARG M 171 8.60 23.92 -35.88
CA ARG M 171 7.14 23.91 -35.80
C ARG M 171 6.51 23.49 -37.12
N THR M 172 7.17 23.79 -38.25
CA THR M 172 6.75 23.21 -39.50
C THR M 172 7.33 21.81 -39.71
N ALA M 173 8.61 21.62 -39.38
CA ALA M 173 9.24 20.31 -39.59
C ALA M 173 8.46 19.23 -38.86
N ALA M 174 7.98 19.53 -37.65
CA ALA M 174 7.22 18.54 -36.89
C ALA M 174 6.00 18.07 -37.65
N MET M 175 5.35 18.97 -38.39
CA MET M 175 4.21 18.54 -39.19
C MET M 175 4.67 17.69 -40.38
N GLU M 176 5.72 18.12 -41.08
CA GLU M 176 6.23 17.33 -42.19
C GLU M 176 6.77 15.97 -41.74
N LEU M 177 7.20 15.85 -40.49
CA LEU M 177 7.83 14.62 -40.01
C LEU M 177 6.85 13.65 -39.34
N ALA M 178 5.70 14.12 -38.88
CA ALA M 178 4.74 13.23 -38.24
C ALA M 178 4.34 12.03 -39.10
N PRO M 179 4.13 12.15 -40.42
CA PRO M 179 3.89 10.93 -41.21
C PRO M 179 5.04 9.93 -41.15
N LYS M 180 6.27 10.42 -40.98
CA LYS M 180 7.46 9.57 -40.91
C LYS M 180 7.69 9.01 -39.50
N LYS M 181 6.78 9.28 -38.57
CA LYS M 181 6.90 8.82 -37.18
C LYS M 181 8.15 9.39 -36.49
N ILE M 182 8.63 10.53 -36.99
CA ILE M 182 9.74 11.26 -36.38
C ILE M 182 9.16 12.43 -35.60
N THR M 183 9.45 12.52 -34.30
CA THR M 183 9.17 13.74 -33.55
C THR M 183 10.39 14.65 -33.55
N ILE M 184 10.15 15.95 -33.38
CA ILE M 184 11.22 16.94 -33.28
C ILE M 184 10.81 17.96 -32.23
N ASN M 185 11.64 18.11 -31.19
CA ASN M 185 11.37 18.99 -30.08
C ASN M 185 12.66 19.74 -29.76
N ALA M 186 12.54 20.75 -28.90
CA ALA M 186 13.69 21.54 -28.53
C ALA M 186 13.81 21.64 -27.02
N VAL M 187 15.03 21.50 -26.54
CA VAL M 187 15.38 21.91 -25.18
C VAL M 187 15.88 23.34 -25.22
N LEU M 188 15.36 24.17 -24.33
CA LEU M 188 15.78 25.57 -24.24
C LEU M 188 16.56 25.76 -22.94
N PRO M 189 17.88 25.56 -22.95
CA PRO M 189 18.66 25.77 -21.74
C PRO M 189 18.66 27.23 -21.33
N GLY M 190 18.69 27.45 -20.02
CA GLY M 190 18.94 28.77 -19.49
C GLY M 190 20.42 29.06 -19.50
N ASN M 191 21.06 29.05 -18.34
CA ASN M 191 22.50 29.25 -18.26
C ASN M 191 23.13 27.99 -17.69
N ILE M 192 23.87 27.28 -18.53
CA ILE M 192 24.46 26.00 -18.21
C ILE M 192 25.97 26.17 -18.09
N MET M 193 26.55 25.58 -17.05
CA MET M 193 28.00 25.66 -16.83
C MET M 193 28.71 24.81 -17.88
N THR M 194 29.27 25.47 -18.89
CA THR M 194 30.01 24.80 -19.96
C THR M 194 31.34 25.52 -20.13
N GLU M 195 32.00 25.30 -21.27
CA GLU M 195 33.20 26.08 -21.60
C GLU M 195 32.85 27.25 -22.50
N GLY M 196 31.93 27.06 -23.44
CA GLY M 196 31.47 28.19 -24.24
C GLY M 196 31.07 29.36 -23.36
N LEU M 197 30.27 29.10 -22.33
CA LEU M 197 29.86 30.15 -21.41
C LEU M 197 30.95 30.55 -20.43
N ASP M 198 32.09 29.84 -20.42
CA ASP M 198 33.25 30.33 -19.70
C ASP M 198 33.93 31.48 -20.43
N GLU M 199 33.72 31.60 -21.74
CA GLU M 199 34.29 32.70 -22.50
C GLU M 199 33.60 34.03 -22.21
N MET M 200 32.35 33.99 -21.72
CA MET M 200 31.65 35.22 -21.36
C MET M 200 32.31 35.93 -20.18
N GLY M 201 33.08 35.23 -19.38
CA GLY M 201 33.71 35.80 -18.20
C GLY M 201 32.95 35.46 -16.93
N GLN M 202 33.64 35.69 -15.80
CA GLN M 202 33.03 35.41 -14.50
C GLN M 202 31.96 36.44 -14.13
N ASP M 203 32.03 37.65 -14.68
CA ASP M 203 31.00 38.65 -14.40
C ASP M 203 29.66 38.23 -15.00
N TYR M 204 29.68 37.67 -16.21
CA TYR M 204 28.45 37.15 -16.79
C TYR M 204 27.91 35.99 -15.98
N LEU M 205 28.80 35.14 -15.43
CA LEU M 205 28.34 33.94 -14.73
C LEU M 205 27.72 34.31 -13.39
N ASP M 206 28.31 35.27 -12.65
CA ASP M 206 27.75 35.64 -11.35
C ASP M 206 26.43 36.39 -11.51
N GLN M 207 26.30 37.18 -12.57
CA GLN M 207 25.07 37.95 -12.77
C GLN M 207 23.87 37.05 -13.03
N MET M 208 24.06 35.96 -13.79
CA MET M 208 22.93 35.05 -14.00
C MET M 208 22.62 34.24 -12.75
N ALA M 209 23.65 33.89 -11.97
CA ALA M 209 23.44 32.98 -10.85
C ALA M 209 22.47 33.57 -9.82
N SER M 210 22.57 34.87 -9.56
CA SER M 210 21.65 35.51 -8.61
C SER M 210 20.30 35.83 -9.24
N ALA M 211 20.14 35.63 -10.54
CA ALA M 211 18.87 35.87 -11.23
C ALA M 211 18.08 34.59 -11.44
N ILE M 212 18.50 33.47 -10.86
CA ILE M 212 17.91 32.16 -11.11
C ILE M 212 17.30 31.64 -9.82
N PRO M 213 15.99 31.39 -9.79
CA PRO M 213 15.35 30.91 -8.54
C PRO M 213 15.93 29.62 -7.99
N ALA M 214 16.39 28.70 -8.85
CA ALA M 214 16.98 27.47 -8.36
C ALA M 214 18.29 27.71 -7.61
N GLY M 215 18.87 28.90 -7.73
CA GLY M 215 20.05 29.26 -6.95
C GLY M 215 21.38 28.88 -7.56
N ARG M 216 21.40 28.32 -8.76
CA ARG M 216 22.64 27.85 -9.38
C ARG M 216 22.50 27.89 -10.89
N LEU M 217 23.64 27.79 -11.56
CA LEU M 217 23.62 27.52 -13.00
C LEU M 217 23.31 26.03 -13.22
N GLY M 218 22.76 25.73 -14.39
CA GLY M 218 22.40 24.37 -14.67
C GLY M 218 23.60 23.51 -15.02
N SER M 219 23.36 22.21 -15.04
CA SER M 219 24.34 21.22 -15.43
C SER M 219 24.11 20.79 -16.88
N VAL M 220 25.19 20.39 -17.55
CA VAL M 220 25.04 19.80 -18.88
C VAL M 220 24.18 18.54 -18.82
N ALA M 221 24.18 17.85 -17.67
CA ALA M 221 23.30 16.70 -17.50
C ALA M 221 21.83 17.11 -17.46
N ASP M 222 21.53 18.29 -16.92
CA ASP M 222 20.15 18.80 -16.95
C ASP M 222 19.60 18.81 -18.36
N ILE M 223 20.43 19.17 -19.33
CA ILE M 223 19.98 19.24 -20.71
C ILE M 223 20.08 17.89 -21.40
N GLY M 224 21.09 17.08 -21.08
CA GLY M 224 21.13 15.73 -21.62
C GLY M 224 19.93 14.91 -21.20
N ASN M 225 19.50 15.08 -19.95
CA ASN M 225 18.36 14.31 -19.44
C ASN M 225 17.05 14.75 -20.07
N ALA M 226 16.87 16.05 -20.33
CA ALA M 226 15.70 16.49 -21.06
C ALA M 226 15.71 15.95 -22.48
N ALA M 227 16.88 15.95 -23.12
CA ALA M 227 17.01 15.33 -24.43
C ALA M 227 16.68 13.84 -24.36
N LEU M 228 17.09 13.18 -23.28
CA LEU M 228 16.82 11.74 -23.18
C LEU M 228 15.33 11.48 -23.06
N PHE M 229 14.58 12.33 -22.36
CA PHE M 229 13.14 12.11 -22.23
C PHE M 229 12.46 12.21 -23.59
N PHE M 230 12.74 13.28 -24.34
CA PHE M 230 12.21 13.42 -25.69
C PHE M 230 12.47 12.18 -26.54
N ALA M 231 13.67 11.62 -26.43
CA ALA M 231 14.09 10.44 -27.20
C ALA M 231 13.35 9.16 -26.85
N THR M 232 12.55 9.14 -25.77
CA THR M 232 11.95 7.90 -25.33
C THR M 232 10.74 7.54 -26.17
N ASP M 233 10.44 6.24 -26.19
CA ASP M 233 9.20 5.78 -26.81
C ASP M 233 7.99 6.41 -26.14
N GLU M 234 8.10 6.71 -24.85
CA GLU M 234 7.00 7.28 -24.07
C GLU M 234 6.72 8.73 -24.39
N ALA M 235 7.57 9.39 -25.16
CA ALA M 235 7.33 10.76 -25.60
C ALA M 235 6.92 10.82 -27.06
N ALA M 236 6.40 9.72 -27.61
CA ALA M 236 6.01 9.70 -29.01
C ALA M 236 4.88 10.66 -29.32
N TYR M 237 4.08 11.05 -28.33
CA TYR M 237 3.01 12.00 -28.57
C TYR M 237 3.45 13.45 -28.37
N VAL M 238 4.75 13.74 -28.28
CA VAL M 238 5.25 15.09 -28.05
C VAL M 238 6.05 15.50 -29.28
N THR M 239 5.56 16.50 -30.00
CA THR M 239 6.31 16.94 -31.17
C THR M 239 6.07 18.43 -31.39
N GLY M 240 7.02 19.06 -32.08
CA GLY M 240 6.95 20.49 -32.32
C GLY M 240 7.02 21.35 -31.08
N GLN M 241 7.57 20.82 -29.99
CA GLN M 241 7.41 21.47 -28.70
C GLN M 241 8.76 21.81 -28.09
N THR M 242 8.68 22.62 -27.04
CA THR M 242 9.81 23.17 -26.33
C THR M 242 9.69 22.84 -24.86
N LEU M 243 10.84 22.67 -24.21
CA LEU M 243 10.94 22.50 -22.77
C LEU M 243 12.06 23.39 -22.28
N VAL M 244 11.72 24.40 -21.48
CA VAL M 244 12.72 25.31 -20.92
C VAL M 244 13.31 24.67 -19.68
N VAL M 245 14.64 24.67 -19.59
CA VAL M 245 15.36 24.05 -18.47
C VAL M 245 16.31 25.12 -17.94
N ASP M 246 15.85 25.91 -16.94
CA ASP M 246 16.58 27.11 -16.55
C ASP M 246 16.49 27.43 -15.07
N GLY M 247 16.05 26.51 -14.21
CA GLY M 247 15.94 26.83 -12.81
C GLY M 247 14.98 27.95 -12.49
N GLY M 248 14.10 28.29 -13.42
CA GLY M 248 13.13 29.35 -13.24
C GLY M 248 13.57 30.72 -13.71
N GLN M 249 14.73 30.82 -14.39
CA GLN M 249 15.31 32.14 -14.67
C GLN M 249 14.39 33.02 -15.48
N VAL M 250 13.58 32.46 -16.39
CA VAL M 250 12.72 33.32 -17.21
C VAL M 250 11.47 33.76 -16.46
N LEU M 251 11.32 33.41 -15.20
CA LEU M 251 10.10 33.72 -14.46
C LEU M 251 10.11 35.09 -13.77
N PRO M 252 11.21 35.53 -13.14
CA PRO M 252 11.15 36.75 -12.32
C PRO M 252 10.68 37.97 -13.09
N GLU M 253 9.67 38.65 -12.54
CA GLU M 253 9.24 39.93 -13.08
C GLU M 253 10.36 40.95 -12.98
N SER M 254 11.12 40.91 -11.90
CA SER M 254 12.39 41.60 -11.79
C SER M 254 13.36 40.65 -11.11
N HIS M 255 14.46 40.31 -11.77
CA HIS M 255 15.40 39.32 -11.22
C HIS M 255 16.07 39.80 -9.94
N LEU M 256 15.95 41.08 -9.60
CA LEU M 256 16.48 41.62 -8.36
C LEU M 256 15.53 41.37 -7.20
N HIS N 2 21.29 2.55 -17.41
CA HIS N 2 20.85 3.66 -16.57
C HIS N 2 20.25 4.80 -17.40
N MET N 3 18.94 5.02 -17.23
CA MET N 3 18.28 6.15 -17.85
C MET N 3 18.02 7.26 -16.80
N PHE N 4 17.06 7.06 -15.91
CA PHE N 4 16.88 8.01 -14.81
C PHE N 4 16.97 7.27 -13.48
N THR N 5 17.22 8.03 -12.43
CA THR N 5 17.32 7.45 -11.09
C THR N 5 15.96 6.93 -10.64
N SER N 6 15.95 5.71 -10.11
CA SER N 6 14.69 5.06 -9.74
C SER N 6 13.96 5.86 -8.68
N LEU N 7 12.65 6.00 -8.85
CA LEU N 7 11.79 6.66 -7.88
C LEU N 7 11.10 5.67 -6.94
N GLU N 8 11.52 4.41 -6.93
CA GLU N 8 10.86 3.40 -6.12
C GLU N 8 10.90 3.79 -4.64
N GLY N 9 9.79 3.57 -3.94
CA GLY N 9 9.69 3.91 -2.55
C GLY N 9 9.17 5.31 -2.27
N ARG N 10 9.18 6.20 -3.25
CA ARG N 10 8.68 7.53 -3.00
C ARG N 10 7.17 7.52 -2.88
N SER N 11 6.61 8.68 -2.53
CA SER N 11 5.21 8.80 -2.14
C SER N 11 4.57 9.90 -2.96
N ALA N 12 3.35 9.64 -3.43
CA ALA N 12 2.71 10.51 -4.40
C ALA N 12 1.22 10.57 -4.11
N ILE N 13 0.65 11.75 -4.38
CA ILE N 13 -0.78 11.98 -4.40
C ILE N 13 -1.19 12.32 -5.84
N VAL N 14 -2.32 11.78 -6.28
CA VAL N 14 -2.89 12.11 -7.58
C VAL N 14 -4.35 12.50 -7.34
N THR N 15 -4.67 13.77 -7.48
CA THR N 15 -6.06 14.19 -7.35
C THR N 15 -6.84 13.79 -8.59
N GLY N 16 -8.08 13.36 -8.39
CA GLY N 16 -8.88 12.85 -9.49
C GLY N 16 -8.29 11.64 -10.17
N GLY N 17 -7.80 10.68 -9.39
CA GLY N 17 -7.06 9.55 -9.91
C GLY N 17 -7.86 8.29 -10.16
N SER N 18 -9.19 8.34 -10.04
CA SER N 18 -9.99 7.15 -10.26
C SER N 18 -10.34 6.93 -11.72
N LYS N 19 -10.15 7.92 -12.59
CA LYS N 19 -10.49 7.77 -13.99
C LYS N 19 -9.53 8.60 -14.82
N GLY N 20 -9.60 8.40 -16.14
CA GLY N 20 -8.96 9.28 -17.10
C GLY N 20 -7.47 9.47 -16.87
N ILE N 21 -7.00 10.69 -17.09
CA ILE N 21 -5.57 11.01 -17.01
C ILE N 21 -5.03 10.71 -15.62
N GLY N 22 -5.74 11.15 -14.58
CA GLY N 22 -5.31 10.86 -13.22
C GLY N 22 -4.98 9.39 -13.00
N ARG N 23 -5.81 8.49 -13.53
CA ARG N 23 -5.51 7.07 -13.35
C ARG N 23 -4.29 6.67 -14.15
N GLY N 24 -4.09 7.28 -15.32
CA GLY N 24 -2.87 7.02 -16.07
C GLY N 24 -1.62 7.49 -15.34
N ILE N 25 -1.69 8.67 -14.72
CA ILE N 25 -0.57 9.16 -13.92
C ILE N 25 -0.33 8.23 -12.74
N ALA N 26 -1.40 7.80 -12.07
CA ALA N 26 -1.26 6.90 -10.93
C ALA N 26 -0.59 5.59 -11.35
N GLU N 27 -1.06 5.00 -12.44
CA GLU N 27 -0.50 3.73 -12.88
C GLU N 27 0.95 3.87 -13.33
N THR N 28 1.27 4.97 -14.03
CA THR N 28 2.65 5.18 -14.46
C THR N 28 3.59 5.27 -13.25
N PHE N 29 3.22 6.08 -12.25
CA PHE N 29 4.04 6.19 -11.06
C PHE N 29 4.11 4.87 -10.29
N ALA N 30 2.96 4.19 -10.14
CA ALA N 30 2.95 2.91 -9.44
C ALA N 30 3.83 1.88 -10.13
N ASN N 31 3.83 1.89 -11.47
CA ASN N 31 4.71 0.99 -12.21
C ASN N 31 6.18 1.29 -11.94
N ALA N 32 6.48 2.54 -11.57
CA ALA N 32 7.82 2.94 -11.20
C ALA N 32 8.15 2.63 -9.74
N GLY N 33 7.25 1.93 -9.04
CA GLY N 33 7.46 1.64 -7.64
C GLY N 33 7.10 2.77 -6.70
N VAL N 34 6.50 3.85 -7.20
CA VAL N 34 6.04 4.92 -6.33
C VAL N 34 4.73 4.48 -5.70
N ASP N 35 4.59 4.75 -4.40
CA ASP N 35 3.33 4.52 -3.72
C ASP N 35 2.42 5.71 -3.91
N VAL N 36 1.15 5.46 -4.25
CA VAL N 36 0.27 6.48 -4.77
C VAL N 36 -1.06 6.45 -4.03
N VAL N 37 -1.52 7.63 -3.58
CA VAL N 37 -2.88 7.81 -3.11
C VAL N 37 -3.65 8.57 -4.19
N ILE N 38 -4.68 7.94 -4.74
CA ILE N 38 -5.58 8.61 -5.69
C ILE N 38 -6.77 9.16 -4.92
N THR N 39 -7.30 10.29 -5.40
CA THR N 39 -8.47 10.89 -4.76
C THR N 39 -9.62 10.99 -5.74
N GLY N 40 -10.82 11.09 -5.17
CA GLY N 40 -12.04 11.23 -5.95
C GLY N 40 -13.23 11.27 -5.03
N ARG N 41 -14.39 11.60 -5.60
CA ARG N 41 -15.61 11.66 -4.81
C ARG N 41 -16.35 10.32 -4.81
N ASN N 42 -16.35 9.61 -5.93
CA ASN N 42 -17.07 8.35 -6.08
C ASN N 42 -16.23 7.23 -5.46
N GLN N 43 -16.65 6.76 -4.29
CA GLN N 43 -15.93 5.68 -3.62
C GLN N 43 -15.86 4.44 -4.51
N ASP N 44 -16.95 4.10 -5.19
CA ASP N 44 -16.95 2.89 -6.02
C ASP N 44 -15.90 2.98 -7.11
N ASP N 45 -15.78 4.14 -7.77
CA ASP N 45 -14.76 4.30 -8.79
C ASP N 45 -13.36 4.21 -8.19
N LEU N 46 -13.16 4.79 -7.00
CA LEU N 46 -11.88 4.63 -6.32
C LEU N 46 -11.62 3.17 -6.01
N ASP N 47 -12.66 2.44 -5.61
CA ASP N 47 -12.50 1.05 -5.21
C ASP N 47 -12.19 0.16 -6.41
N ARG N 48 -12.77 0.42 -7.57
CA ARG N 48 -12.45 -0.41 -8.72
C ARG N 48 -11.06 -0.09 -9.24
N THR N 49 -10.61 1.16 -9.12
CA THR N 49 -9.25 1.49 -9.56
C THR N 49 -8.21 0.89 -8.64
N VAL N 50 -8.42 0.93 -7.32
CA VAL N 50 -7.46 0.26 -6.43
C VAL N 50 -7.44 -1.23 -6.71
N ALA N 51 -8.58 -1.84 -7.02
CA ALA N 51 -8.60 -3.25 -7.38
C ALA N 51 -7.87 -3.51 -8.69
N ASP N 52 -8.08 -2.65 -9.69
CA ASP N 52 -7.47 -2.83 -11.00
C ASP N 52 -5.95 -2.78 -10.93
N LEU N 53 -5.39 -1.98 -10.02
CA LEU N 53 -3.95 -1.77 -9.96
C LEU N 53 -3.28 -2.52 -8.80
N SER N 54 -3.94 -3.55 -8.26
CA SER N 54 -3.46 -4.19 -7.04
C SER N 54 -2.17 -4.98 -7.24
N GLY N 55 -1.73 -5.19 -8.46
CA GLY N 55 -0.47 -5.87 -8.72
C GLY N 55 0.70 -4.99 -9.08
N THR N 56 0.53 -3.66 -9.08
CA THR N 56 1.63 -2.79 -9.46
C THR N 56 2.75 -2.85 -8.42
N ARG N 57 3.97 -2.53 -8.88
CA ARG N 57 5.12 -2.47 -7.98
C ARG N 57 4.86 -1.53 -6.81
N GLY N 58 4.66 -0.24 -7.09
CA GLY N 58 4.15 0.66 -6.08
C GLY N 58 2.69 0.38 -5.76
N LYS N 59 2.28 0.74 -4.55
CA LYS N 59 0.96 0.42 -4.05
C LYS N 59 0.03 1.61 -4.25
N VAL N 60 -1.12 1.35 -4.86
CA VAL N 60 -2.13 2.39 -5.11
C VAL N 60 -3.29 2.16 -4.15
N THR N 61 -3.54 3.15 -3.30
CA THR N 61 -4.74 3.17 -2.47
C THR N 61 -5.46 4.49 -2.72
N ALA N 62 -6.60 4.67 -2.07
CA ALA N 62 -7.43 5.83 -2.35
C ALA N 62 -7.79 6.56 -1.07
N VAL N 63 -8.11 7.85 -1.24
CA VAL N 63 -8.70 8.68 -0.20
C VAL N 63 -9.84 9.44 -0.85
N ARG N 64 -11.03 9.35 -0.27
CA ARG N 64 -12.19 10.04 -0.82
C ARG N 64 -12.16 11.50 -0.34
N ALA N 65 -11.98 12.42 -1.29
CA ALA N 65 -11.85 13.83 -0.95
C ALA N 65 -12.34 14.68 -2.10
N ASP N 66 -12.81 15.87 -1.77
CA ASP N 66 -13.21 16.87 -2.74
C ASP N 66 -12.10 17.90 -2.87
N VAL N 67 -11.66 18.16 -4.12
CA VAL N 67 -10.56 19.11 -4.30
C VAL N 67 -10.99 20.52 -3.93
N THR N 68 -12.28 20.82 -4.05
CA THR N 68 -12.71 22.17 -3.73
C THR N 68 -12.63 22.46 -2.25
N ASP N 69 -12.47 21.45 -1.41
CA ASP N 69 -12.52 21.61 0.04
C ASP N 69 -11.10 21.64 0.59
N PRO N 70 -10.63 22.76 1.17
CA PRO N 70 -9.30 22.76 1.77
C PRO N 70 -9.14 21.76 2.90
N GLU N 71 -10.20 21.49 3.67
CA GLU N 71 -10.10 20.51 4.75
C GLU N 71 -9.86 19.12 4.20
N ASP N 72 -10.51 18.76 3.07
CA ASP N 72 -10.21 17.50 2.42
C ASP N 72 -8.76 17.47 1.93
N ALA N 73 -8.26 18.60 1.41
CA ALA N 73 -6.86 18.68 1.05
C ALA N 73 -5.98 18.42 2.25
N ARG N 74 -6.31 19.05 3.39
CA ARG N 74 -5.63 18.76 4.65
C ARG N 74 -5.62 17.27 4.97
N ARG N 75 -6.79 16.64 4.91
CA ARG N 75 -6.91 15.24 5.31
C ARG N 75 -6.25 14.31 4.31
N THR N 76 -6.22 14.70 3.02
CA THR N 76 -5.56 13.87 2.02
C THR N 76 -4.06 13.78 2.29
N VAL N 77 -3.41 14.93 2.54
CA VAL N 77 -1.97 14.92 2.81
C VAL N 77 -1.69 14.20 4.12
N ALA N 78 -2.48 14.49 5.17
CA ALA N 78 -2.28 13.81 6.45
C ALA N 78 -2.36 12.29 6.29
N GLU N 79 -3.43 11.80 5.65
CA GLU N 79 -3.58 10.36 5.46
C GLU N 79 -2.48 9.78 4.59
N THR N 80 -1.99 10.54 3.60
CA THR N 80 -0.94 10.02 2.73
C THR N 80 0.39 9.90 3.47
N VAL N 81 0.72 10.89 4.31
CA VAL N 81 1.94 10.79 5.10
C VAL N 81 1.84 9.74 6.18
N SER N 82 0.63 9.32 6.57
CA SER N 82 0.52 8.24 7.55
C SER N 82 0.67 6.87 6.89
N ARG N 83 0.13 6.71 5.67
CA ARG N 83 0.27 5.45 4.96
C ARG N 83 1.69 5.24 4.46
N HIS N 84 2.30 6.29 3.92
CA HIS N 84 3.59 6.19 3.25
C HIS N 84 4.77 6.64 4.11
N GLY N 85 4.53 7.42 5.16
CA GLY N 85 5.60 7.98 5.95
C GLY N 85 6.10 9.33 5.47
N GLY N 86 5.64 9.81 4.32
CA GLY N 86 6.11 11.08 3.81
C GLY N 86 5.38 11.42 2.53
N LEU N 87 5.85 12.47 1.87
CA LEU N 87 5.21 12.90 0.63
C LEU N 87 6.24 13.63 -0.23
N ASP N 88 6.45 13.14 -1.46
CA ASP N 88 7.45 13.63 -2.38
C ASP N 88 6.89 14.21 -3.66
N ILE N 89 5.72 13.76 -4.11
CA ILE N 89 5.16 14.15 -5.39
C ILE N 89 3.69 14.47 -5.18
N VAL N 90 3.24 15.60 -5.73
CA VAL N 90 1.82 15.92 -5.80
C VAL N 90 1.47 16.13 -7.26
N CYS N 91 0.52 15.35 -7.75
CA CYS N 91 -0.04 15.56 -9.08
C CYS N 91 -1.40 16.21 -8.87
N ALA N 92 -1.47 17.52 -9.10
CA ALA N 92 -2.71 18.27 -9.01
C ALA N 92 -3.42 18.09 -10.34
N ASN N 93 -4.26 17.06 -10.42
CA ASN N 93 -4.79 16.63 -11.71
C ASN N 93 -6.29 16.85 -11.89
N ALA N 94 -7.07 16.74 -10.82
CA ALA N 94 -8.53 16.71 -10.93
C ALA N 94 -9.06 17.92 -11.70
N GLY N 95 -9.94 17.65 -12.66
CA GLY N 95 -10.54 18.73 -13.42
C GLY N 95 -11.81 18.27 -14.12
N ILE N 96 -12.64 19.25 -14.44
CA ILE N 96 -13.87 19.04 -15.20
C ILE N 96 -13.92 20.05 -16.34
N PHE N 97 -14.57 19.64 -17.43
CA PHE N 97 -14.75 20.51 -18.60
C PHE N 97 -16.18 20.42 -19.11
N PRO N 98 -17.16 20.87 -18.33
CA PRO N 98 -18.50 21.07 -18.88
C PRO N 98 -18.48 22.16 -19.96
N SER N 99 -19.46 22.09 -20.85
CA SER N 99 -19.57 23.02 -21.96
C SER N 99 -20.73 23.96 -21.70
N GLY N 100 -20.50 25.26 -21.92
CA GLY N 100 -21.51 26.26 -21.73
C GLY N 100 -21.12 27.53 -22.47
N ARG N 101 -21.89 27.93 -23.46
CA ARG N 101 -21.50 29.12 -24.19
C ARG N 101 -21.59 30.33 -23.25
N LEU N 102 -20.89 31.40 -23.64
CA LEU N 102 -20.64 32.50 -22.71
C LEU N 102 -21.94 33.07 -22.14
N GLU N 103 -22.91 33.37 -23.02
CA GLU N 103 -24.15 33.96 -22.56
C GLU N 103 -24.94 33.05 -21.62
N ASP N 104 -24.64 31.75 -21.61
CA ASP N 104 -25.38 30.78 -20.81
C ASP N 104 -24.68 30.43 -19.50
N LEU N 105 -23.49 30.95 -19.25
CA LEU N 105 -22.71 30.55 -18.09
C LEU N 105 -23.23 31.26 -16.85
N THR N 106 -23.68 30.48 -15.86
CA THR N 106 -24.16 31.08 -14.62
C THR N 106 -23.02 31.30 -13.65
N PRO N 107 -23.19 32.19 -12.66
CA PRO N 107 -22.15 32.30 -11.62
C PRO N 107 -21.78 30.98 -10.98
N ASP N 108 -22.77 30.10 -10.76
CA ASP N 108 -22.46 28.77 -10.23
C ASP N 108 -21.74 27.91 -11.25
N ASP N 109 -22.04 28.11 -12.55
CA ASP N 109 -21.30 27.40 -13.60
C ASP N 109 -19.83 27.73 -13.55
N ILE N 110 -19.51 29.02 -13.45
CA ILE N 110 -18.13 29.48 -13.50
C ILE N 110 -17.37 29.02 -12.25
N GLU N 111 -18.01 29.14 -11.08
CA GLU N 111 -17.34 28.78 -9.83
C GLU N 111 -17.11 27.28 -9.73
N GLN N 112 -18.03 26.47 -10.25
CA GLN N 112 -17.83 25.03 -10.23
C GLN N 112 -16.57 24.64 -11.00
N VAL N 113 -16.35 25.28 -12.14
CA VAL N 113 -15.18 24.95 -12.96
C VAL N 113 -13.92 25.55 -12.37
N LEU N 114 -13.97 26.83 -11.98
CA LEU N 114 -12.83 27.46 -11.33
C LEU N 114 -12.50 26.79 -10.02
N GLY N 115 -13.52 26.38 -9.27
CA GLY N 115 -13.27 25.74 -7.98
C GLY N 115 -12.48 24.44 -8.12
N VAL N 116 -12.94 23.55 -9.01
CA VAL N 116 -12.31 22.23 -9.10
C VAL N 116 -10.93 22.35 -9.74
N ASN N 117 -10.86 23.07 -10.87
CA ASN N 117 -9.69 23.04 -11.74
C ASN N 117 -8.56 23.89 -11.21
N PHE N 118 -8.88 25.10 -10.74
CA PHE N 118 -7.88 26.02 -10.22
C PHE N 118 -7.75 25.95 -8.70
N LYS N 119 -8.85 26.22 -8.00
CA LYS N 119 -8.78 26.23 -6.53
C LYS N 119 -8.38 24.87 -5.99
N GLY N 120 -8.87 23.79 -6.60
CA GLY N 120 -8.47 22.45 -6.16
C GLY N 120 -6.99 22.19 -6.35
N THR N 121 -6.40 22.80 -7.38
CA THR N 121 -4.94 22.74 -7.57
C THR N 121 -4.22 23.50 -6.47
N VAL N 122 -4.65 24.73 -6.18
CA VAL N 122 -3.97 25.52 -5.16
C VAL N 122 -4.07 24.84 -3.79
N TYR N 123 -5.27 24.38 -3.42
CA TYR N 123 -5.47 23.80 -2.09
C TYR N 123 -4.54 22.61 -1.85
N ILE N 124 -4.47 21.68 -2.82
CA ILE N 124 -3.67 20.48 -2.55
C ILE N 124 -2.19 20.83 -2.48
N VAL N 125 -1.75 21.81 -3.28
CA VAL N 125 -0.36 22.27 -3.19
C VAL N 125 -0.10 22.87 -1.81
N GLN N 126 -0.98 23.78 -1.37
CA GLN N 126 -0.83 24.38 -0.05
C GLN N 126 -0.73 23.32 1.03
N ALA N 127 -1.71 22.41 1.10
CA ALA N 127 -1.72 21.42 2.17
C ALA N 127 -0.47 20.55 2.16
N ALA N 128 0.14 20.34 0.99
CA ALA N 128 1.31 19.48 0.91
C ALA N 128 2.64 20.21 1.13
N LEU N 129 2.63 21.55 1.15
CA LEU N 129 3.88 22.31 1.20
C LEU N 129 4.83 21.80 2.28
N GLN N 130 4.33 21.61 3.50
CA GLN N 130 5.20 21.21 4.60
C GLN N 130 5.82 19.83 4.33
N ALA N 131 4.98 18.84 3.98
CA ALA N 131 5.51 17.50 3.72
C ALA N 131 6.41 17.51 2.49
N LEU N 132 5.98 18.19 1.42
CA LEU N 132 6.83 18.33 0.25
C LEU N 132 8.20 18.90 0.61
N THR N 133 8.22 19.96 1.44
CA THR N 133 9.48 20.58 1.85
C THR N 133 10.40 19.59 2.56
N ALA N 134 9.85 18.73 3.41
CA ALA N 134 10.67 17.80 4.15
C ALA N 134 11.32 16.75 3.26
N SER N 135 10.76 16.49 2.07
CA SER N 135 11.21 15.37 1.26
C SER N 135 12.64 15.55 0.75
N GLY N 136 13.09 16.79 0.58
CA GLY N 136 14.35 17.08 -0.07
C GLY N 136 14.27 17.15 -1.58
N HIS N 137 13.18 16.70 -2.20
CA HIS N 137 13.10 16.66 -3.64
C HIS N 137 11.65 16.67 -4.09
N GLY N 138 10.87 17.58 -3.51
CA GLY N 138 9.45 17.62 -3.78
C GLY N 138 9.15 18.03 -5.20
N ARG N 139 8.02 17.51 -5.69
CA ARG N 139 7.62 17.65 -7.07
C ARG N 139 6.13 17.89 -7.11
N VAL N 140 5.71 18.93 -7.83
CA VAL N 140 4.31 19.20 -8.08
C VAL N 140 4.10 19.22 -9.58
N VAL N 141 3.24 18.34 -10.09
CA VAL N 141 2.88 18.33 -11.50
C VAL N 141 1.42 18.72 -11.63
N VAL N 142 1.16 19.75 -12.44
CA VAL N 142 -0.19 20.24 -12.66
C VAL N 142 -0.68 19.75 -14.01
N THR N 143 -1.90 19.23 -14.06
CA THR N 143 -2.55 18.95 -15.35
C THR N 143 -3.34 20.20 -15.75
N SER N 144 -2.72 21.02 -16.59
CA SER N 144 -3.45 22.09 -17.25
C SER N 144 -3.96 21.56 -18.59
N SER N 145 -3.90 22.38 -19.65
CA SER N 145 -4.39 21.95 -20.96
C SER N 145 -3.90 22.95 -21.99
N ILE N 146 -3.94 22.55 -23.27
CA ILE N 146 -3.77 23.53 -24.34
C ILE N 146 -4.95 24.49 -24.35
N THR N 147 -6.11 24.04 -23.87
CA THR N 147 -7.32 24.85 -23.93
C THR N 147 -7.24 25.93 -22.86
N GLY N 148 -7.09 27.19 -23.29
CA GLY N 148 -6.95 28.30 -22.37
C GLY N 148 -5.60 28.96 -22.49
N PRO N 149 -4.55 28.26 -22.06
CA PRO N 149 -3.19 28.76 -22.31
C PRO N 149 -2.87 29.01 -23.77
N ILE N 150 -3.41 28.21 -24.69
CA ILE N 150 -3.06 28.32 -26.10
C ILE N 150 -4.29 28.47 -26.98
N THR N 151 -5.28 27.58 -26.82
CA THR N 151 -6.39 27.50 -27.76
C THR N 151 -7.68 28.06 -27.18
N GLY N 152 -8.62 28.33 -28.09
CA GLY N 152 -9.99 28.58 -27.72
C GLY N 152 -10.87 27.46 -28.24
N TYR N 153 -11.99 27.25 -27.58
CA TYR N 153 -12.98 26.31 -28.08
C TYR N 153 -14.35 26.73 -27.57
N PRO N 154 -15.29 27.01 -28.47
CA PRO N 154 -16.62 27.48 -28.07
C PRO N 154 -17.23 26.60 -26.99
N GLY N 155 -17.79 27.24 -25.96
CA GLY N 155 -18.36 26.55 -24.83
C GLY N 155 -17.39 26.28 -23.70
N TRP N 156 -16.12 26.67 -23.84
CA TRP N 156 -15.10 26.39 -22.83
C TRP N 156 -14.39 27.65 -22.36
N SER N 157 -15.09 28.80 -22.34
CA SER N 157 -14.40 30.02 -21.91
C SER N 157 -14.08 29.97 -20.42
N HIS N 158 -14.89 29.29 -19.63
CA HIS N 158 -14.57 29.15 -18.21
C HIS N 158 -13.60 28.02 -17.96
N TYR N 159 -13.64 26.96 -18.76
CA TYR N 159 -12.64 25.91 -18.67
C TYR N 159 -11.26 26.44 -19.00
N GLY N 160 -11.14 27.15 -20.14
CA GLY N 160 -9.85 27.68 -20.54
C GLY N 160 -9.28 28.69 -19.55
N ALA N 161 -10.15 29.51 -18.96
CA ALA N 161 -9.69 30.43 -17.91
C ALA N 161 -9.07 29.67 -16.75
N SER N 162 -9.70 28.58 -16.32
CA SER N 162 -9.22 27.83 -15.16
C SER N 162 -7.91 27.13 -15.46
N LYS N 163 -7.68 26.72 -16.70
CA LYS N 163 -6.43 26.05 -17.05
C LYS N 163 -5.29 27.04 -17.15
N ALA N 164 -5.55 28.21 -17.73
CA ALA N 164 -4.57 29.30 -17.71
C ALA N 164 -4.27 29.75 -16.28
N ALA N 165 -5.31 29.90 -15.46
CA ALA N 165 -5.11 30.24 -14.05
C ALA N 165 -4.08 29.33 -13.37
N GLN N 166 -4.17 28.02 -13.60
CA GLN N 166 -3.17 27.10 -13.08
C GLN N 166 -1.75 27.55 -13.41
N LEU N 167 -1.53 27.96 -14.66
CA LEU N 167 -0.19 28.37 -15.10
C LEU N 167 0.21 29.72 -14.53
N GLY N 168 -0.71 30.68 -14.51
CA GLY N 168 -0.39 31.95 -13.85
C GLY N 168 -0.06 31.74 -12.39
N PHE N 169 -0.75 30.80 -11.74
CA PHE N 169 -0.43 30.45 -10.36
C PHE N 169 0.97 29.87 -10.24
N LEU N 170 1.30 28.88 -11.08
CA LEU N 170 2.57 28.18 -10.84
C LEU N 170 3.79 28.97 -11.30
N ARG N 171 3.63 29.97 -12.17
CA ARG N 171 4.78 30.80 -12.49
C ARG N 171 5.26 31.60 -11.29
N THR N 172 4.35 31.95 -10.37
CA THR N 172 4.79 32.58 -9.13
C THR N 172 5.15 31.53 -8.08
N ALA N 173 4.30 30.52 -7.91
CA ALA N 173 4.56 29.48 -6.92
C ALA N 173 5.93 28.83 -7.12
N ALA N 174 6.40 28.76 -8.37
CA ALA N 174 7.70 28.16 -8.63
C ALA N 174 8.83 28.97 -8.00
N MET N 175 8.64 30.29 -7.93
CA MET N 175 9.62 31.13 -7.28
C MET N 175 9.53 31.02 -5.77
N GLU N 176 8.32 30.92 -5.23
CA GLU N 176 8.18 30.76 -3.79
C GLU N 176 8.65 29.39 -3.33
N LEU N 177 8.47 28.36 -4.17
CA LEU N 177 8.82 26.99 -3.80
C LEU N 177 10.30 26.68 -4.01
N ALA N 178 11.02 27.49 -4.81
CA ALA N 178 12.41 27.18 -5.12
C ALA N 178 13.30 27.09 -3.89
N PRO N 179 13.31 28.06 -2.96
CA PRO N 179 14.12 27.88 -1.74
C PRO N 179 13.70 26.67 -0.93
N LYS N 180 12.42 26.29 -0.95
CA LYS N 180 11.95 25.16 -0.19
C LYS N 180 12.15 23.88 -0.91
N LYS N 181 13.04 23.84 -1.91
CA LYS N 181 13.51 22.61 -2.53
C LYS N 181 12.58 22.14 -3.66
N ILE N 182 11.36 22.67 -3.79
CA ILE N 182 10.30 22.07 -4.60
C ILE N 182 10.27 22.68 -5.99
N THR N 183 10.11 21.85 -7.03
CA THR N 183 9.80 22.33 -8.36
C THR N 183 8.32 22.13 -8.64
N ILE N 184 7.77 22.96 -9.53
CA ILE N 184 6.38 22.83 -9.95
C ILE N 184 6.28 23.13 -11.43
N ASN N 185 5.78 22.17 -12.21
CA ASN N 185 5.62 22.31 -13.65
C ASN N 185 4.24 21.82 -14.04
N ALA N 186 3.90 22.01 -15.32
CA ALA N 186 2.60 21.57 -15.81
C ALA N 186 2.72 20.84 -17.13
N VAL N 187 1.95 19.77 -17.24
CA VAL N 187 1.69 19.12 -18.52
C VAL N 187 0.41 19.72 -19.08
N LEU N 188 0.43 20.03 -20.38
CA LEU N 188 -0.70 20.60 -21.09
C LEU N 188 -1.19 19.59 -22.11
N PRO N 189 -2.01 18.62 -21.70
CA PRO N 189 -2.50 17.65 -22.66
C PRO N 189 -3.29 18.36 -23.75
N GLY N 190 -3.26 17.77 -24.96
CA GLY N 190 -4.12 18.18 -26.03
C GLY N 190 -5.47 17.51 -25.92
N ASN N 191 -5.66 16.40 -26.62
CA ASN N 191 -6.90 15.64 -26.51
C ASN N 191 -6.54 14.19 -26.26
N ILE N 192 -6.97 13.68 -25.10
CA ILE N 192 -6.54 12.38 -24.59
C ILE N 192 -7.78 11.53 -24.38
N MET N 193 -7.71 10.27 -24.84
CA MET N 193 -8.81 9.33 -24.68
C MET N 193 -9.08 9.04 -23.21
N THR N 194 -10.07 9.72 -22.63
CA THR N 194 -10.46 9.52 -21.25
C THR N 194 -11.97 9.38 -21.16
N GLU N 195 -12.45 8.93 -19.99
CA GLU N 195 -13.89 8.94 -19.74
C GLU N 195 -14.45 10.34 -19.84
N GLY N 196 -13.78 11.31 -19.22
CA GLY N 196 -14.22 12.70 -19.32
C GLY N 196 -14.40 13.13 -20.76
N LEU N 197 -13.39 12.88 -21.60
CA LEU N 197 -13.50 13.29 -23.00
C LEU N 197 -14.53 12.48 -23.75
N ASP N 198 -14.84 11.26 -23.30
CA ASP N 198 -15.80 10.44 -24.03
C ASP N 198 -17.19 11.07 -24.01
N GLU N 199 -17.52 11.81 -22.95
CA GLU N 199 -18.81 12.47 -22.86
C GLU N 199 -18.94 13.65 -23.82
N MET N 200 -17.85 14.09 -24.44
CA MET N 200 -17.93 15.17 -25.41
C MET N 200 -18.63 14.75 -26.68
N GLY N 201 -18.72 13.46 -26.95
CA GLY N 201 -19.37 12.94 -28.13
C GLY N 201 -18.37 12.46 -29.17
N GLN N 202 -18.81 11.51 -30.00
CA GLN N 202 -17.97 11.00 -31.07
C GLN N 202 -17.67 12.07 -32.12
N ASP N 203 -18.61 12.99 -32.36
CA ASP N 203 -18.36 14.07 -33.30
C ASP N 203 -17.20 14.95 -32.83
N TYR N 204 -17.08 15.13 -31.52
CA TYR N 204 -15.95 15.90 -30.98
C TYR N 204 -14.65 15.14 -31.14
N LEU N 205 -14.66 13.86 -30.77
CA LEU N 205 -13.44 13.05 -30.81
C LEU N 205 -12.88 12.96 -32.23
N ASP N 206 -13.76 12.70 -33.21
CA ASP N 206 -13.30 12.63 -34.59
C ASP N 206 -12.83 13.99 -35.09
N GLN N 207 -13.53 15.05 -34.70
CA GLN N 207 -13.12 16.41 -35.08
C GLN N 207 -11.70 16.70 -34.61
N MET N 208 -11.35 16.25 -33.40
CA MET N 208 -9.99 16.49 -32.91
C MET N 208 -8.97 15.55 -33.55
N ALA N 209 -9.37 14.32 -33.87
CA ALA N 209 -8.43 13.37 -34.45
C ALA N 209 -7.84 13.88 -35.77
N SER N 210 -8.68 14.46 -36.62
CA SER N 210 -8.18 14.97 -37.89
C SER N 210 -7.46 16.31 -37.75
N ALA N 211 -7.44 16.89 -36.56
CA ALA N 211 -6.67 18.11 -36.33
C ALA N 211 -5.27 17.84 -35.80
N ILE N 212 -4.88 16.58 -35.66
CA ILE N 212 -3.68 16.23 -34.92
C ILE N 212 -2.67 15.62 -35.87
N PRO N 213 -1.51 16.24 -36.07
CA PRO N 213 -0.51 15.67 -36.99
C PRO N 213 -0.12 14.24 -36.67
N ALA N 214 -0.02 13.87 -35.40
CA ALA N 214 0.31 12.50 -35.04
C ALA N 214 -0.76 11.51 -35.43
N GLY N 215 -1.96 11.97 -35.79
CA GLY N 215 -2.95 11.09 -36.40
C GLY N 215 -3.76 10.29 -35.42
N ARG N 216 -3.79 10.67 -34.15
CA ARG N 216 -4.53 9.96 -33.12
C ARG N 216 -4.70 10.89 -31.94
N LEU N 217 -5.73 10.61 -31.14
CA LEU N 217 -5.78 11.17 -29.80
C LEU N 217 -4.73 10.51 -28.93
N GLY N 218 -4.24 11.25 -27.94
CA GLY N 218 -3.24 10.70 -27.04
C GLY N 218 -3.84 9.72 -26.05
N SER N 219 -2.94 9.12 -25.27
CA SER N 219 -3.32 8.18 -24.22
C SER N 219 -2.96 8.74 -22.85
N VAL N 220 -3.59 8.18 -21.80
CA VAL N 220 -3.30 8.67 -20.46
C VAL N 220 -1.86 8.39 -20.07
N ALA N 221 -1.23 7.38 -20.68
CA ALA N 221 0.19 7.12 -20.42
C ALA N 221 1.08 8.21 -21.00
N ASP N 222 0.64 8.86 -22.10
CA ASP N 222 1.42 9.99 -22.62
C ASP N 222 1.56 11.08 -21.58
N ILE N 223 0.50 11.37 -20.83
CA ILE N 223 0.52 12.38 -19.79
C ILE N 223 1.20 11.84 -18.54
N GLY N 224 0.97 10.57 -18.21
CA GLY N 224 1.63 9.99 -17.06
C GLY N 224 3.14 9.97 -17.22
N ASN N 225 3.61 9.66 -18.42
CA ASN N 225 5.06 9.66 -18.63
C ASN N 225 5.63 11.07 -18.61
N ALA N 226 4.86 12.07 -19.01
CA ALA N 226 5.32 13.45 -18.89
C ALA N 226 5.43 13.85 -17.42
N ALA N 227 4.41 13.48 -16.62
CA ALA N 227 4.47 13.72 -15.18
C ALA N 227 5.62 12.96 -14.55
N LEU N 228 5.91 11.74 -15.02
CA LEU N 228 7.03 10.98 -14.48
C LEU N 228 8.34 11.72 -14.68
N PHE N 229 8.56 12.27 -15.89
CA PHE N 229 9.82 12.96 -16.14
C PHE N 229 10.01 14.16 -15.22
N PHE N 230 8.95 14.96 -15.04
CA PHE N 230 9.06 16.11 -14.16
C PHE N 230 9.41 15.67 -12.73
N ALA N 231 8.87 14.52 -12.32
CA ALA N 231 9.07 14.01 -10.97
C ALA N 231 10.46 13.45 -10.72
N THR N 232 11.28 13.25 -11.76
CA THR N 232 12.60 12.65 -11.55
C THR N 232 13.55 13.63 -10.88
N ASP N 233 14.57 13.07 -10.24
CA ASP N 233 15.66 13.89 -9.72
C ASP N 233 16.34 14.64 -10.85
N GLU N 234 16.41 14.02 -12.03
CA GLU N 234 17.14 14.61 -13.15
C GLU N 234 16.43 15.82 -13.75
N ALA N 235 15.19 16.13 -13.34
CA ALA N 235 14.52 17.35 -13.75
C ALA N 235 14.53 18.42 -12.66
N ALA N 236 15.51 18.36 -11.75
CA ALA N 236 15.55 19.29 -10.62
C ALA N 236 15.69 20.74 -11.08
N TYR N 237 16.30 20.96 -12.25
CA TYR N 237 16.49 22.30 -12.78
C TYR N 237 15.35 22.75 -13.69
N VAL N 238 14.20 22.10 -13.61
CA VAL N 238 13.02 22.48 -14.39
C VAL N 238 11.93 22.89 -13.40
N THR N 239 11.51 24.15 -13.47
CA THR N 239 10.44 24.61 -12.59
C THR N 239 9.72 25.79 -13.22
N GLY N 240 8.44 25.91 -12.90
CA GLY N 240 7.62 26.97 -13.43
C GLY N 240 7.31 26.84 -14.90
N GLN N 241 7.51 25.66 -15.48
CA GLN N 241 7.49 25.47 -16.93
C GLN N 241 6.36 24.53 -17.35
N THR N 242 6.16 24.49 -18.66
CA THR N 242 5.05 23.77 -19.27
C THR N 242 5.58 22.80 -20.32
N LEU N 243 4.79 21.78 -20.61
CA LEU N 243 5.13 20.82 -21.64
C LEU N 243 3.86 20.40 -22.34
N VAL N 244 3.78 20.69 -23.64
CA VAL N 244 2.58 20.39 -24.42
C VAL N 244 2.70 18.97 -24.97
N VAL N 245 1.70 18.15 -24.67
CA VAL N 245 1.67 16.75 -25.08
C VAL N 245 0.39 16.57 -25.90
N ASP N 246 0.48 16.86 -27.21
CA ASP N 246 -0.72 16.95 -28.03
C ASP N 246 -0.55 16.41 -29.45
N GLY N 247 0.52 15.69 -29.75
CA GLY N 247 0.70 15.15 -31.09
C GLY N 247 0.80 16.20 -32.18
N GLY N 248 1.18 17.43 -31.80
CA GLY N 248 1.30 18.55 -32.72
C GLY N 248 0.03 19.36 -32.93
N GLN N 249 -1.00 19.14 -32.12
CA GLN N 249 -2.32 19.71 -32.44
C GLN N 249 -2.30 21.24 -32.48
N VAL N 250 -1.42 21.91 -31.72
CA VAL N 250 -1.43 23.37 -31.71
C VAL N 250 -0.62 23.98 -32.83
N LEU N 251 0.10 23.17 -33.61
CA LEU N 251 0.97 23.66 -34.66
C LEU N 251 0.28 24.12 -35.94
N PRO N 252 -0.71 23.39 -36.47
CA PRO N 252 -1.16 23.67 -37.85
C PRO N 252 -1.79 25.06 -37.97
N GLU N 253 -1.36 25.79 -38.99
CA GLU N 253 -1.93 27.10 -39.29
C GLU N 253 -3.40 26.97 -39.66
N SER N 254 -3.78 25.90 -40.33
CA SER N 254 -5.18 25.60 -40.60
C SER N 254 -5.36 24.08 -40.73
N HIS N 255 -6.55 23.68 -41.16
CA HIS N 255 -6.83 22.30 -41.54
C HIS N 255 -6.19 21.99 -42.90
N MET O 3 -5.49 59.41 -39.94
CA MET O 3 -5.01 58.48 -38.91
C MET O 3 -5.97 57.32 -38.74
N PHE O 4 -6.73 57.32 -37.65
CA PHE O 4 -7.74 56.31 -37.41
C PHE O 4 -9.12 56.97 -37.41
N THR O 5 -10.13 56.22 -37.86
CA THR O 5 -11.48 56.75 -37.94
C THR O 5 -11.95 57.22 -36.56
N SER O 6 -12.59 58.39 -36.55
CA SER O 6 -12.99 59.01 -35.30
C SER O 6 -14.01 58.15 -34.55
N LEU O 7 -13.77 57.95 -33.26
CA LEU O 7 -14.73 57.26 -32.41
C LEU O 7 -15.66 58.23 -31.67
N GLU O 8 -15.70 59.50 -32.07
CA GLU O 8 -16.57 60.46 -31.40
C GLU O 8 -18.00 59.95 -31.41
N GLY O 9 -18.67 60.15 -30.28
CA GLY O 9 -20.07 59.77 -30.15
C GLY O 9 -20.32 58.34 -29.76
N ARG O 10 -19.30 57.50 -29.74
CA ARG O 10 -19.50 56.13 -29.29
C ARG O 10 -19.62 56.08 -27.78
N SER O 11 -19.95 54.90 -27.27
CA SER O 11 -20.31 54.70 -25.87
C SER O 11 -19.45 53.60 -25.27
N ALA O 12 -18.85 53.87 -24.10
CA ALA O 12 -17.93 52.92 -23.50
C ALA O 12 -18.22 52.78 -22.01
N ILE O 13 -17.87 51.60 -21.49
CA ILE O 13 -17.83 51.35 -20.05
C ILE O 13 -16.39 51.00 -19.69
N VAL O 14 -15.89 51.59 -18.62
CA VAL O 14 -14.59 51.23 -18.06
C VAL O 14 -14.80 50.85 -16.60
N THR O 15 -14.73 49.56 -16.28
CA THR O 15 -14.85 49.15 -14.89
C THR O 15 -13.61 49.56 -14.11
N GLY O 16 -13.78 49.88 -12.83
CA GLY O 16 -12.70 50.42 -12.04
C GLY O 16 -12.09 51.64 -12.72
N GLY O 17 -12.93 52.60 -13.07
CA GLY O 17 -12.50 53.79 -13.77
C GLY O 17 -12.25 55.00 -12.92
N SER O 18 -12.42 54.89 -11.58
CA SER O 18 -12.24 56.05 -10.73
C SER O 18 -10.78 56.35 -10.42
N LYS O 19 -9.90 55.36 -10.55
CA LYS O 19 -8.50 55.54 -10.20
C LYS O 19 -7.61 54.86 -11.24
N GLY O 20 -6.32 55.22 -11.20
CA GLY O 20 -5.29 54.43 -11.85
C GLY O 20 -5.50 54.26 -13.36
N ILE O 21 -5.35 53.01 -13.81
CA ILE O 21 -5.38 52.75 -15.25
C ILE O 21 -6.78 52.98 -15.80
N GLY O 22 -7.82 52.52 -15.09
CA GLY O 22 -9.17 52.68 -15.58
C GLY O 22 -9.54 54.13 -15.77
N ARG O 23 -9.05 55.00 -14.88
CA ARG O 23 -9.25 56.44 -15.06
C ARG O 23 -8.49 56.96 -16.27
N GLY O 24 -7.27 56.47 -16.48
CA GLY O 24 -6.53 56.86 -17.67
C GLY O 24 -7.16 56.34 -18.94
N ILE O 25 -7.74 55.14 -18.89
CA ILE O 25 -8.49 54.65 -20.05
C ILE O 25 -9.68 55.57 -20.31
N ALA O 26 -10.45 55.88 -19.26
CA ALA O 26 -11.62 56.75 -19.40
C ALA O 26 -11.26 58.11 -19.99
N GLU O 27 -10.18 58.72 -19.50
CA GLU O 27 -9.78 60.03 -19.99
C GLU O 27 -9.31 59.95 -21.43
N THR O 28 -8.62 58.87 -21.80
CA THR O 28 -8.17 58.71 -23.18
C THR O 28 -9.36 58.60 -24.12
N PHE O 29 -10.34 57.75 -23.79
CA PHE O 29 -11.54 57.63 -24.61
C PHE O 29 -12.33 58.93 -24.63
N ALA O 30 -12.40 59.62 -23.49
CA ALA O 30 -13.16 60.85 -23.41
C ALA O 30 -12.54 61.94 -24.28
N ASN O 31 -11.21 62.01 -24.30
CA ASN O 31 -10.54 62.97 -25.17
C ASN O 31 -10.79 62.68 -26.65
N ALA O 32 -11.13 61.44 -26.98
CA ALA O 32 -11.48 61.07 -28.34
C ALA O 32 -12.96 61.29 -28.65
N GLY O 33 -13.73 61.85 -27.72
CA GLY O 33 -15.13 62.08 -27.95
C GLY O 33 -16.03 60.91 -27.61
N VAL O 34 -15.50 59.88 -26.97
CA VAL O 34 -16.30 58.75 -26.51
C VAL O 34 -16.93 59.13 -25.17
N ASP O 35 -18.25 58.94 -25.07
CA ASP O 35 -18.91 59.03 -23.77
C ASP O 35 -18.58 57.78 -22.96
N VAL O 36 -18.14 57.97 -21.72
CA VAL O 36 -17.62 56.88 -20.90
C VAL O 36 -18.36 56.81 -19.58
N VAL O 37 -18.94 55.65 -19.27
CA VAL O 37 -19.42 55.35 -17.93
C VAL O 37 -18.28 54.65 -17.18
N ILE O 38 -17.86 55.22 -16.06
CA ILE O 38 -16.88 54.58 -15.20
C ILE O 38 -17.61 53.97 -14.01
N THR O 39 -17.06 52.88 -13.49
CA THR O 39 -17.64 52.21 -12.35
C THR O 39 -16.63 52.11 -11.21
N GLY O 40 -17.14 51.66 -10.08
CA GLY O 40 -16.39 51.58 -8.85
C GLY O 40 -17.33 51.46 -7.68
N ARG O 41 -16.76 51.08 -6.54
CA ARG O 41 -17.58 50.91 -5.35
C ARG O 41 -17.70 52.20 -4.54
N ASN O 42 -16.64 52.99 -4.48
CA ASN O 42 -16.65 54.20 -3.66
C ASN O 42 -17.24 55.34 -4.48
N GLN O 43 -18.34 55.92 -3.98
CA GLN O 43 -19.03 56.97 -4.70
C GLN O 43 -18.22 58.27 -4.69
N ASP O 44 -17.52 58.58 -3.60
CA ASP O 44 -16.74 59.81 -3.57
C ASP O 44 -15.66 59.79 -4.65
N ASP O 45 -14.97 58.66 -4.80
CA ASP O 45 -13.90 58.59 -5.79
C ASP O 45 -14.46 58.68 -7.21
N LEU O 46 -15.60 58.05 -7.47
CA LEU O 46 -16.26 58.21 -8.75
C LEU O 46 -16.64 59.67 -8.98
N ASP O 47 -17.29 60.28 -8.00
CA ASP O 47 -17.71 61.67 -8.14
C ASP O 47 -16.53 62.59 -8.44
N ARG O 48 -15.41 62.39 -7.74
CA ARG O 48 -14.26 63.28 -7.92
C ARG O 48 -13.68 63.13 -9.33
N THR O 49 -13.53 61.90 -9.80
CA THR O 49 -13.00 61.70 -11.15
C THR O 49 -13.92 62.31 -12.18
N VAL O 50 -15.24 62.16 -12.00
CA VAL O 50 -16.20 62.77 -12.92
C VAL O 50 -16.04 64.29 -12.92
N ALA O 51 -15.89 64.90 -11.74
CA ALA O 51 -15.69 66.34 -11.69
C ALA O 51 -14.37 66.73 -12.34
N ASP O 52 -13.32 65.93 -12.10
CA ASP O 52 -12.01 66.21 -12.66
C ASP O 52 -12.04 66.25 -14.20
N LEU O 53 -12.78 65.34 -14.83
CA LEU O 53 -12.83 65.23 -16.28
C LEU O 53 -14.03 65.96 -16.89
N SER O 54 -14.53 67.00 -16.22
CA SER O 54 -15.69 67.71 -16.72
C SER O 54 -15.44 68.44 -18.05
N GLY O 55 -14.19 68.76 -18.36
CA GLY O 55 -13.92 69.45 -19.60
C GLY O 55 -13.75 68.59 -20.83
N THR O 56 -13.80 67.27 -20.67
CA THR O 56 -13.53 66.38 -21.79
C THR O 56 -14.62 66.46 -22.85
N ARG O 57 -14.24 66.13 -24.08
CA ARG O 57 -15.16 66.26 -25.20
C ARG O 57 -16.27 65.21 -25.13
N GLY O 58 -15.91 63.95 -24.95
CA GLY O 58 -16.88 62.93 -24.55
C GLY O 58 -17.20 63.04 -23.08
N LYS O 59 -18.41 62.60 -22.71
CA LYS O 59 -18.96 62.85 -21.39
C LYS O 59 -18.72 61.66 -20.46
N VAL O 60 -17.98 61.89 -19.39
CA VAL O 60 -17.67 60.86 -18.39
C VAL O 60 -18.65 60.99 -17.24
N THR O 61 -19.44 59.95 -17.04
CA THR O 61 -20.31 59.84 -15.87
C THR O 61 -19.93 58.57 -15.11
N ALA O 62 -20.53 58.40 -13.93
CA ALA O 62 -20.18 57.27 -13.09
C ALA O 62 -21.42 56.49 -12.70
N VAL O 63 -21.22 55.18 -12.52
CA VAL O 63 -22.21 54.26 -12.00
C VAL O 63 -21.53 53.47 -10.87
N ARG O 64 -22.07 53.57 -9.66
CA ARG O 64 -21.51 52.84 -8.53
C ARG O 64 -21.90 51.37 -8.62
N ALA O 65 -20.91 50.49 -8.66
CA ALA O 65 -21.17 49.09 -8.92
C ALA O 65 -19.94 48.26 -8.57
N ASP O 66 -20.17 47.09 -7.98
CA ASP O 66 -19.14 46.12 -7.66
C ASP O 66 -19.04 45.11 -8.81
N VAL O 67 -17.85 44.99 -9.41
CA VAL O 67 -17.71 44.08 -10.55
C VAL O 67 -18.01 42.64 -10.17
N THR O 68 -17.95 42.30 -8.88
CA THR O 68 -18.17 40.92 -8.46
C THR O 68 -19.64 40.55 -8.38
N ASP O 69 -20.56 41.51 -8.49
CA ASP O 69 -21.98 41.25 -8.44
C ASP O 69 -22.56 41.21 -9.85
N PRO O 70 -23.01 40.05 -10.33
CA PRO O 70 -23.57 39.98 -11.70
C PRO O 70 -24.74 40.93 -11.92
N GLU O 71 -25.60 41.12 -10.92
CA GLU O 71 -26.70 42.07 -11.06
C GLU O 71 -26.18 43.50 -11.15
N ASP O 72 -25.05 43.80 -10.50
CA ASP O 72 -24.43 45.11 -10.68
C ASP O 72 -23.94 45.30 -12.11
N ALA O 73 -23.55 44.20 -12.77
CA ALA O 73 -23.09 44.32 -14.16
C ALA O 73 -24.26 44.56 -15.11
N ARG O 74 -25.39 43.87 -14.90
CA ARG O 74 -26.56 44.12 -15.72
C ARG O 74 -27.05 45.55 -15.55
N ARG O 75 -27.02 46.07 -14.32
CA ARG O 75 -27.45 47.44 -14.07
C ARG O 75 -26.53 48.45 -14.75
N THR O 76 -25.22 48.19 -14.72
CA THR O 76 -24.28 49.10 -15.36
C THR O 76 -24.51 49.21 -16.86
N VAL O 77 -24.74 48.07 -17.52
CA VAL O 77 -25.01 48.11 -18.96
C VAL O 77 -26.32 48.83 -19.23
N ALA O 78 -27.37 48.51 -18.46
CA ALA O 78 -28.66 49.16 -18.67
C ALA O 78 -28.58 50.67 -18.49
N GLU O 79 -27.88 51.12 -17.44
CA GLU O 79 -27.78 52.56 -17.22
C GLU O 79 -26.95 53.24 -18.29
N THR O 80 -25.94 52.54 -18.84
CA THR O 80 -25.12 53.11 -19.89
C THR O 80 -25.89 53.23 -21.18
N VAL O 81 -26.64 52.18 -21.54
CA VAL O 81 -27.48 52.28 -22.73
C VAL O 81 -28.46 53.44 -22.60
N SER O 82 -28.97 53.68 -21.40
CA SER O 82 -29.95 54.76 -21.22
C SER O 82 -29.28 56.12 -21.37
N ARG O 83 -28.09 56.30 -20.79
CA ARG O 83 -27.42 57.60 -20.86
C ARG O 83 -26.88 57.89 -22.25
N HIS O 84 -26.45 56.85 -22.99
CA HIS O 84 -25.79 57.04 -24.27
C HIS O 84 -26.62 56.59 -25.46
N GLY O 85 -27.63 55.76 -25.25
CA GLY O 85 -28.41 55.22 -26.35
C GLY O 85 -27.86 53.95 -26.93
N GLY O 86 -26.74 53.45 -26.41
CA GLY O 86 -26.11 52.25 -26.94
C GLY O 86 -24.80 52.01 -26.23
N LEU O 87 -24.10 50.96 -26.68
CA LEU O 87 -22.86 50.54 -26.04
C LEU O 87 -21.95 49.93 -27.10
N ASP O 88 -20.77 50.52 -27.27
CA ASP O 88 -19.82 50.08 -28.28
C ASP O 88 -18.54 49.48 -27.72
N ILE O 89 -18.10 49.91 -26.54
CA ILE O 89 -16.80 49.55 -25.99
C ILE O 89 -16.98 49.14 -24.53
N VAL O 90 -16.38 48.02 -24.15
CA VAL O 90 -16.33 47.62 -22.74
C VAL O 90 -14.88 47.37 -22.37
N CYS O 91 -14.35 48.18 -21.45
CA CYS O 91 -12.99 48.02 -20.95
C CYS O 91 -13.08 47.32 -19.59
N ALA O 92 -12.92 46.00 -19.60
CA ALA O 92 -12.95 45.19 -18.37
C ALA O 92 -11.61 45.34 -17.68
N ASN O 93 -11.53 46.35 -16.80
CA ASN O 93 -10.27 46.79 -16.23
C ASN O 93 -10.15 46.60 -14.72
N ALA O 94 -11.27 46.56 -13.99
CA ALA O 94 -11.19 46.55 -12.53
C ALA O 94 -10.37 45.36 -12.05
N GLY O 95 -9.44 45.62 -11.14
CA GLY O 95 -8.60 44.56 -10.60
C GLY O 95 -7.86 44.99 -9.35
N ILE O 96 -7.51 43.99 -8.53
CA ILE O 96 -6.77 44.22 -7.30
C ILE O 96 -5.59 43.26 -7.24
N PHE O 97 -4.54 43.68 -6.52
CA PHE O 97 -3.36 42.85 -6.35
C PHE O 97 -2.86 42.93 -4.90
N PRO O 98 -3.66 42.46 -3.95
CA PRO O 98 -3.11 42.22 -2.62
C PRO O 98 -2.02 41.17 -2.70
N SER O 99 -1.11 41.22 -1.75
CA SER O 99 0.08 40.39 -1.75
C SER O 99 0.01 39.40 -0.60
N GLY O 100 0.34 38.14 -0.90
CA GLY O 100 0.40 37.15 0.15
C GLY O 100 1.12 35.91 -0.30
N ARG O 101 1.94 35.34 0.59
CA ARG O 101 2.62 34.09 0.29
C ARG O 101 1.60 32.97 0.14
N LEU O 102 1.96 32.00 -0.72
CA LEU O 102 1.06 30.88 -1.00
C LEU O 102 0.62 30.16 0.28
N GLU O 103 1.53 29.95 1.22
CA GLU O 103 1.08 29.26 2.43
C GLU O 103 0.20 30.13 3.33
N ASP O 104 0.10 31.42 3.04
CA ASP O 104 -0.74 32.30 3.84
C ASP O 104 -2.09 32.61 3.20
N LEU O 105 -2.27 32.35 1.91
CA LEU O 105 -3.50 32.74 1.22
C LEU O 105 -4.67 31.91 1.71
N THR O 106 -5.70 32.58 2.19
CA THR O 106 -6.90 31.88 2.62
C THR O 106 -7.82 31.63 1.44
N PRO O 107 -8.79 30.74 1.57
CA PRO O 107 -9.81 30.64 0.51
C PRO O 107 -10.44 31.99 0.19
N ASP O 108 -10.69 32.81 1.21
CA ASP O 108 -11.28 34.12 0.97
C ASP O 108 -10.33 35.05 0.22
N ASP O 109 -9.04 35.02 0.55
CA ASP O 109 -8.07 35.83 -0.18
C ASP O 109 -8.07 35.47 -1.66
N ILE O 110 -8.18 34.17 -1.96
CA ILE O 110 -8.09 33.72 -3.34
C ILE O 110 -9.36 34.10 -4.09
N GLU O 111 -10.52 33.91 -3.48
CA GLU O 111 -11.76 34.25 -4.17
C GLU O 111 -11.92 35.77 -4.32
N GLN O 112 -11.42 36.55 -3.35
CA GLN O 112 -11.49 38.00 -3.48
C GLN O 112 -10.74 38.49 -4.72
N VAL O 113 -9.57 37.90 -4.99
CA VAL O 113 -8.79 38.30 -6.15
C VAL O 113 -9.35 37.72 -7.43
N LEU O 114 -9.69 36.42 -7.43
CA LEU O 114 -10.28 35.81 -8.61
C LEU O 114 -11.63 36.45 -8.95
N GLY O 115 -12.38 36.85 -7.93
CA GLY O 115 -13.68 37.44 -8.16
C GLY O 115 -13.58 38.79 -8.85
N VAL O 116 -12.77 39.69 -8.31
CA VAL O 116 -12.65 41.02 -8.91
C VAL O 116 -12.00 40.92 -10.29
N ASN O 117 -10.89 40.21 -10.38
CA ASN O 117 -10.03 40.29 -11.56
C ASN O 117 -10.56 39.45 -12.71
N PHE O 118 -10.97 38.21 -12.43
CA PHE O 118 -11.44 37.34 -13.50
C PHE O 118 -12.96 37.34 -13.60
N LYS O 119 -13.66 36.97 -12.53
CA LYS O 119 -15.11 36.93 -12.57
C LYS O 119 -15.70 38.28 -12.94
N GLY O 120 -15.12 39.36 -12.40
CA GLY O 120 -15.62 40.69 -12.72
C GLY O 120 -15.44 41.05 -14.17
N THR O 121 -14.46 40.42 -14.84
CA THR O 121 -14.29 40.64 -16.27
C THR O 121 -15.34 39.87 -17.08
N VAL O 122 -15.63 38.63 -16.66
CA VAL O 122 -16.64 37.80 -17.35
C VAL O 122 -18.00 38.44 -17.23
N TYR O 123 -18.36 38.88 -16.01
CA TYR O 123 -19.71 39.37 -15.76
C TYR O 123 -20.03 40.62 -16.57
N ILE O 124 -19.10 41.58 -16.64
CA ILE O 124 -19.41 42.78 -17.42
C ILE O 124 -19.47 42.46 -18.90
N VAL O 125 -18.73 41.45 -19.37
CA VAL O 125 -18.76 41.10 -20.79
C VAL O 125 -20.08 40.41 -21.11
N GLN O 126 -20.54 39.53 -20.22
CA GLN O 126 -21.81 38.82 -20.45
C GLN O 126 -22.97 39.80 -20.52
N ALA O 127 -23.04 40.73 -19.56
CA ALA O 127 -24.15 41.68 -19.50
C ALA O 127 -24.13 42.65 -20.67
N ALA O 128 -22.97 42.85 -21.30
CA ALA O 128 -22.83 43.76 -22.43
C ALA O 128 -23.01 43.10 -23.78
N LEU O 129 -23.13 41.76 -23.82
CA LEU O 129 -23.10 41.03 -25.09
C LEU O 129 -24.17 41.52 -26.06
N GLN O 130 -25.42 41.57 -25.60
CA GLN O 130 -26.52 41.93 -26.48
C GLN O 130 -26.34 43.34 -27.05
N ALA O 131 -25.93 44.28 -26.20
CA ALA O 131 -25.77 45.66 -26.66
C ALA O 131 -24.54 45.83 -27.54
N LEU O 132 -23.46 45.13 -27.21
CA LEU O 132 -22.28 45.15 -28.06
C LEU O 132 -22.58 44.56 -29.43
N THR O 133 -23.37 43.49 -29.48
CA THR O 133 -23.79 42.91 -30.75
C THR O 133 -24.58 43.92 -31.57
N ALA O 134 -25.49 44.64 -30.92
CA ALA O 134 -26.31 45.62 -31.63
C ALA O 134 -25.46 46.74 -32.23
N SER O 135 -24.30 47.02 -31.64
CA SER O 135 -23.47 48.12 -32.14
C SER O 135 -22.93 47.83 -33.54
N GLY O 136 -22.77 46.56 -33.89
CA GLY O 136 -22.16 46.19 -35.15
C GLY O 136 -20.66 46.34 -35.22
N HIS O 137 -20.03 46.87 -34.18
CA HIS O 137 -18.57 47.00 -34.13
C HIS O 137 -18.12 46.96 -32.67
N GLY O 138 -18.63 46.01 -31.91
CA GLY O 138 -18.32 45.97 -30.49
C GLY O 138 -16.85 45.68 -30.24
N ARG O 139 -16.35 46.23 -29.14
CA ARG O 139 -14.97 46.03 -28.74
C ARG O 139 -14.89 45.81 -27.25
N VAL O 140 -14.17 44.78 -26.82
CA VAL O 140 -13.87 44.53 -25.43
C VAL O 140 -12.36 44.60 -25.24
N VAL O 141 -11.91 45.41 -24.29
CA VAL O 141 -10.51 45.55 -23.95
C VAL O 141 -10.36 45.13 -22.50
N VAL O 142 -9.62 44.03 -22.29
CA VAL O 142 -9.38 43.48 -20.96
C VAL O 142 -8.03 43.99 -20.45
N THR O 143 -7.99 44.54 -19.24
CA THR O 143 -6.71 44.83 -18.61
C THR O 143 -6.24 43.57 -17.88
N SER O 144 -5.31 42.84 -18.51
CA SER O 144 -4.63 41.74 -17.86
C SER O 144 -3.34 42.27 -17.25
N SER O 145 -2.26 41.49 -17.29
CA SER O 145 -0.97 41.93 -16.78
C SER O 145 0.12 41.03 -17.35
N ILE O 146 1.36 41.50 -17.28
CA ILE O 146 2.48 40.58 -17.52
C ILE O 146 2.53 39.54 -16.40
N THR O 147 2.15 39.93 -15.17
CA THR O 147 2.18 39.06 -13.99
C THR O 147 1.15 37.94 -14.13
N GLY O 148 1.62 36.70 -14.28
CA GLY O 148 0.74 35.57 -14.47
C GLY O 148 0.91 34.94 -15.83
N PRO O 149 0.48 35.65 -16.89
CA PRO O 149 0.72 35.15 -18.24
C PRO O 149 2.20 34.98 -18.58
N ILE O 150 3.07 35.80 -18.00
CA ILE O 150 4.48 35.78 -18.36
C ILE O 150 5.34 35.63 -17.11
N THR O 151 5.19 36.54 -16.16
CA THR O 151 6.08 36.63 -15.03
C THR O 151 5.48 36.01 -13.78
N GLY O 152 6.35 35.69 -12.84
CA GLY O 152 5.96 35.37 -11.48
C GLY O 152 6.51 36.41 -10.51
N TYR O 153 5.88 36.55 -9.34
CA TYR O 153 6.38 37.50 -8.36
C TYR O 153 5.91 37.04 -6.99
N PRO O 154 6.81 36.90 -6.01
CA PRO O 154 6.42 36.35 -4.71
C PRO O 154 5.24 37.11 -4.13
N GLY O 155 4.26 36.38 -3.64
CA GLY O 155 3.07 36.96 -3.06
C GLY O 155 1.91 37.16 -4.01
N TRP O 156 2.09 36.85 -5.30
CA TRP O 156 1.05 37.15 -6.29
C TRP O 156 0.63 35.91 -7.06
N SER O 157 0.73 34.73 -6.43
CA SER O 157 0.31 33.51 -7.13
C SER O 157 -1.18 33.53 -7.44
N HIS O 158 -2.00 34.13 -6.56
CA HIS O 158 -3.41 34.26 -6.88
C HIS O 158 -3.67 35.39 -7.86
N TYR O 159 -2.93 36.50 -7.73
CA TYR O 159 -3.10 37.60 -8.67
C TYR O 159 -2.74 37.17 -10.08
N GLY O 160 -1.57 36.57 -10.25
CA GLY O 160 -1.14 36.16 -11.57
C GLY O 160 -2.03 35.10 -12.18
N ALA O 161 -2.56 34.18 -11.36
CA ALA O 161 -3.57 33.25 -11.83
C ALA O 161 -4.80 34.00 -12.34
N SER O 162 -5.23 35.03 -11.61
CA SER O 162 -6.37 35.82 -12.06
C SER O 162 -6.09 36.52 -13.38
N LYS O 163 -4.87 37.00 -13.58
CA LYS O 163 -4.57 37.70 -14.83
C LYS O 163 -4.48 36.73 -16.00
N ALA O 164 -3.94 35.52 -15.75
CA ALA O 164 -3.91 34.50 -16.79
C ALA O 164 -5.30 33.96 -17.10
N ALA O 165 -6.15 33.82 -16.07
CA ALA O 165 -7.53 33.40 -16.32
C ALA O 165 -8.24 34.31 -17.33
N GLN O 166 -8.03 35.63 -17.22
CA GLN O 166 -8.62 36.52 -18.19
C GLN O 166 -8.26 36.13 -19.61
N LEU O 167 -6.98 35.78 -19.85
CA LEU O 167 -6.55 35.45 -21.19
C LEU O 167 -7.12 34.11 -21.66
N GLY O 168 -7.17 33.11 -20.77
CA GLY O 168 -7.78 31.85 -21.18
C GLY O 168 -9.24 32.03 -21.54
N PHE O 169 -9.94 32.86 -20.77
CA PHE O 169 -11.33 33.19 -21.07
C PHE O 169 -11.45 33.82 -22.45
N LEU O 170 -10.65 34.85 -22.72
CA LEU O 170 -10.84 35.59 -23.95
C LEU O 170 -10.38 34.84 -25.19
N ARG O 171 -9.50 33.85 -25.07
CA ARG O 171 -9.14 33.10 -26.27
C ARG O 171 -10.32 32.29 -26.80
N THR O 172 -11.16 31.77 -25.91
CA THR O 172 -12.44 31.20 -26.33
C THR O 172 -13.45 32.29 -26.68
N ALA O 173 -13.54 33.33 -25.84
CA ALA O 173 -14.53 34.39 -26.06
C ALA O 173 -14.35 35.04 -27.42
N ALA O 174 -13.10 35.19 -27.88
CA ALA O 174 -12.89 35.74 -29.21
C ALA O 174 -13.62 34.92 -30.27
N MET O 175 -13.60 33.60 -30.13
CA MET O 175 -14.24 32.74 -31.12
C MET O 175 -15.76 32.83 -31.03
N GLU O 176 -16.32 32.81 -29.82
CA GLU O 176 -17.76 32.92 -29.66
C GLU O 176 -18.29 34.28 -30.10
N LEU O 177 -17.49 35.32 -29.95
CA LEU O 177 -17.94 36.68 -30.25
C LEU O 177 -17.72 37.08 -31.70
N ALA O 178 -16.85 36.38 -32.42
CA ALA O 178 -16.59 36.70 -33.83
C ALA O 178 -17.87 36.79 -34.67
N PRO O 179 -18.80 35.83 -34.64
CA PRO O 179 -20.04 36.00 -35.41
C PRO O 179 -20.85 37.23 -35.01
N LYS O 180 -20.60 37.80 -33.84
CA LYS O 180 -21.29 39.00 -33.41
C LYS O 180 -20.55 40.27 -33.82
N LYS O 181 -19.41 40.13 -34.50
CA LYS O 181 -18.55 41.24 -34.89
C LYS O 181 -18.06 42.02 -33.67
N ILE O 182 -17.89 41.33 -32.56
CA ILE O 182 -17.25 41.88 -31.36
C ILE O 182 -15.85 41.30 -31.29
N THR O 183 -14.85 42.16 -31.18
CA THR O 183 -13.49 41.69 -30.92
C THR O 183 -13.23 41.80 -29.42
N ILE O 184 -12.30 41.00 -28.94
CA ILE O 184 -11.93 41.04 -27.52
C ILE O 184 -10.43 40.81 -27.44
N ASN O 185 -9.72 41.77 -26.87
CA ASN O 185 -8.27 41.74 -26.75
C ASN O 185 -7.90 42.18 -25.36
N ALA O 186 -6.64 41.96 -24.99
CA ALA O 186 -6.17 42.30 -23.66
C ALA O 186 -4.89 43.11 -23.77
N VAL O 187 -4.81 44.17 -23.00
CA VAL O 187 -3.57 44.86 -22.73
C VAL O 187 -2.97 44.26 -21.48
N LEU O 188 -1.65 44.00 -21.54
CA LEU O 188 -0.90 43.44 -20.42
C LEU O 188 0.11 44.50 -20.00
N PRO O 189 -0.26 45.42 -19.12
CA PRO O 189 0.73 46.36 -18.60
C PRO O 189 1.81 45.64 -17.82
N GLY O 190 2.98 46.27 -17.78
CA GLY O 190 4.04 45.85 -16.88
C GLY O 190 3.85 46.48 -15.52
N ASN O 191 4.48 47.62 -15.28
CA ASN O 191 4.32 48.35 -14.02
C ASN O 191 4.01 49.81 -14.32
N ILE O 192 2.81 50.23 -13.94
CA ILE O 192 2.23 51.53 -14.30
C ILE O 192 2.05 52.33 -13.03
N MET O 193 2.45 53.60 -13.06
CA MET O 193 2.36 54.46 -11.89
C MET O 193 0.89 54.78 -11.64
N THR O 194 0.32 54.18 -10.60
CA THR O 194 -1.09 54.34 -10.22
C THR O 194 -1.19 54.38 -8.71
N GLU O 195 -2.40 54.68 -8.22
CA GLU O 195 -2.66 54.61 -6.79
C GLU O 195 -2.56 53.17 -6.28
N GLY O 196 -3.08 52.21 -7.05
CA GLY O 196 -2.99 50.82 -6.65
C GLY O 196 -1.56 50.37 -6.43
N LEU O 197 -0.69 50.59 -7.42
CA LEU O 197 0.69 50.14 -7.32
C LEU O 197 1.45 50.90 -6.24
N ASP O 198 1.03 52.13 -5.93
CA ASP O 198 1.68 52.88 -4.86
C ASP O 198 1.61 52.15 -3.53
N GLU O 199 0.53 51.42 -3.29
CA GLU O 199 0.39 50.66 -2.06
C GLU O 199 1.46 49.58 -1.90
N MET O 200 2.20 49.24 -2.96
CA MET O 200 3.29 48.27 -2.85
C MET O 200 4.53 48.83 -2.17
N GLY O 201 4.64 50.15 -1.99
CA GLY O 201 5.77 50.76 -1.34
C GLY O 201 6.80 51.28 -2.34
N GLN O 202 7.67 52.16 -1.84
CA GLN O 202 8.66 52.77 -2.72
C GLN O 202 9.73 51.78 -3.15
N ASP O 203 10.03 50.79 -2.31
CA ASP O 203 11.05 49.81 -2.68
C ASP O 203 10.57 48.90 -3.80
N TYR O 204 9.28 48.59 -3.84
CA TYR O 204 8.74 47.85 -4.97
C TYR O 204 8.80 48.67 -6.26
N LEU O 205 8.50 49.96 -6.18
CA LEU O 205 8.51 50.79 -7.38
C LEU O 205 9.92 50.90 -7.96
N ASP O 206 10.90 51.16 -7.10
CA ASP O 206 12.28 51.25 -7.56
C ASP O 206 12.80 49.92 -8.09
N GLN O 207 12.40 48.81 -7.46
CA GLN O 207 12.82 47.49 -7.94
C GLN O 207 12.33 47.25 -9.37
N MET O 208 11.08 47.60 -9.65
CA MET O 208 10.57 47.42 -11.01
C MET O 208 11.18 48.43 -11.97
N ALA O 209 11.43 49.66 -11.49
CA ALA O 209 11.99 50.68 -12.37
C ALA O 209 13.35 50.27 -12.89
N SER O 210 14.19 49.70 -12.02
CA SER O 210 15.51 49.21 -12.43
C SER O 210 15.46 48.00 -13.34
N ALA O 211 14.31 47.37 -13.52
CA ALA O 211 14.19 46.18 -14.35
C ALA O 211 13.66 46.46 -15.75
N ILE O 212 13.39 47.72 -16.08
CA ILE O 212 12.71 48.11 -17.30
C ILE O 212 13.71 48.74 -18.25
N PRO O 213 13.90 48.20 -19.46
CA PRO O 213 14.84 48.85 -20.39
C PRO O 213 14.47 50.28 -20.75
N ALA O 214 13.17 50.61 -20.84
CA ALA O 214 12.80 51.99 -21.12
C ALA O 214 13.19 52.95 -20.01
N GLY O 215 13.60 52.44 -18.85
CA GLY O 215 14.09 53.30 -17.79
C GLY O 215 13.05 54.04 -17.00
N ARG O 216 11.79 53.63 -17.05
CA ARG O 216 10.76 54.31 -16.29
C ARG O 216 9.58 53.37 -16.08
N LEU O 217 8.85 53.58 -14.99
CA LEU O 217 7.52 52.99 -14.90
C LEU O 217 6.61 53.63 -15.94
N GLY O 218 5.63 52.87 -16.39
CA GLY O 218 4.71 53.38 -17.40
C GLY O 218 3.66 54.32 -16.82
N SER O 219 2.91 54.94 -17.71
CA SER O 219 1.84 55.85 -17.33
C SER O 219 0.49 55.25 -17.69
N VAL O 220 -0.57 55.78 -17.06
CA VAL O 220 -1.91 55.30 -17.36
C VAL O 220 -2.29 55.62 -18.79
N ALA O 221 -1.78 56.73 -19.34
CA ALA O 221 -2.02 57.06 -20.75
C ALA O 221 -1.46 55.96 -21.67
N ASP O 222 -0.33 55.35 -21.31
CA ASP O 222 0.24 54.28 -22.13
C ASP O 222 -0.75 53.15 -22.34
N ILE O 223 -1.47 52.78 -21.28
CA ILE O 223 -2.46 51.72 -21.39
C ILE O 223 -3.74 52.24 -22.04
N GLY O 224 -4.11 53.49 -21.74
CA GLY O 224 -5.28 54.06 -22.38
C GLY O 224 -5.13 54.12 -23.89
N ASN O 225 -3.92 54.42 -24.38
CA ASN O 225 -3.71 54.50 -25.81
C ASN O 225 -3.66 53.12 -26.45
N ALA O 226 -3.18 52.10 -25.71
CA ALA O 226 -3.28 50.74 -26.21
C ALA O 226 -4.74 50.33 -26.37
N ALA O 227 -5.54 50.62 -25.34
CA ALA O 227 -6.96 50.27 -25.38
C ALA O 227 -7.66 51.04 -26.49
N LEU O 228 -7.25 52.29 -26.71
CA LEU O 228 -7.84 53.10 -27.78
C LEU O 228 -7.61 52.47 -29.15
N PHE O 229 -6.39 51.98 -29.40
CA PHE O 229 -6.11 51.33 -30.69
C PHE O 229 -7.02 50.14 -30.89
N PHE O 230 -7.13 49.29 -29.86
CA PHE O 230 -7.98 48.11 -29.95
C PHE O 230 -9.40 48.49 -30.32
N ALA O 231 -9.88 49.63 -29.81
CA ALA O 231 -11.25 50.06 -30.03
C ALA O 231 -11.49 50.64 -31.42
N THR O 232 -10.46 50.96 -32.19
CA THR O 232 -10.65 51.55 -33.51
C THR O 232 -11.35 50.57 -34.45
N ASP O 233 -12.08 51.15 -35.41
CA ASP O 233 -12.53 50.36 -36.54
C ASP O 233 -11.35 49.70 -37.25
N GLU O 234 -10.19 50.36 -37.24
CA GLU O 234 -9.04 49.85 -37.96
C GLU O 234 -8.41 48.64 -37.30
N ALA O 235 -8.91 48.23 -36.13
CA ALA O 235 -8.45 47.03 -35.45
C ALA O 235 -9.47 45.90 -35.54
N ALA O 236 -10.36 45.94 -36.54
CA ALA O 236 -11.40 44.94 -36.64
C ALA O 236 -10.85 43.52 -36.84
N TYR O 237 -9.65 43.40 -37.43
CA TYR O 237 -9.09 42.08 -37.72
C TYR O 237 -8.21 41.56 -36.59
N VAL O 238 -8.25 42.19 -35.42
CA VAL O 238 -7.46 41.80 -34.26
C VAL O 238 -8.42 41.28 -33.19
N THR O 239 -8.24 40.02 -32.78
CA THR O 239 -9.11 39.49 -31.75
C THR O 239 -8.45 38.30 -31.08
N GLY O 240 -8.83 38.09 -29.81
CA GLY O 240 -8.23 37.09 -28.95
C GLY O 240 -6.76 37.30 -28.69
N GLN O 241 -6.28 38.54 -28.81
CA GLN O 241 -4.85 38.76 -28.77
C GLN O 241 -4.44 39.67 -27.62
N THR O 242 -3.13 39.75 -27.44
CA THR O 242 -2.51 40.42 -26.31
C THR O 242 -1.49 41.42 -26.83
N LEU O 243 -1.36 42.54 -26.12
CA LEU O 243 -0.29 43.50 -26.35
C LEU O 243 0.36 43.84 -25.02
N VAL O 244 1.64 43.56 -24.88
CA VAL O 244 2.38 43.86 -23.66
C VAL O 244 2.92 45.29 -23.75
N VAL O 245 2.67 46.07 -22.71
CA VAL O 245 3.02 47.49 -22.69
C VAL O 245 3.84 47.69 -21.42
N ASP O 246 5.17 47.53 -21.53
CA ASP O 246 5.98 47.40 -20.34
C ASP O 246 7.38 47.97 -20.50
N GLY O 247 7.63 48.80 -21.52
CA GLY O 247 8.96 49.34 -21.74
C GLY O 247 10.04 48.29 -21.87
N GLY O 248 9.69 47.09 -22.32
CA GLY O 248 10.64 46.00 -22.47
C GLY O 248 10.89 45.18 -21.22
N GLN O 249 10.07 45.32 -20.18
CA GLN O 249 10.40 44.73 -18.89
C GLN O 249 10.51 43.21 -18.96
N VAL O 250 9.70 42.55 -19.81
CA VAL O 250 9.72 41.09 -19.84
C VAL O 250 10.87 40.52 -20.66
N LEU O 251 11.66 41.38 -21.31
CA LEU O 251 12.74 40.94 -22.21
C LEU O 251 14.03 40.50 -21.52
N PRO O 252 14.57 41.24 -20.54
CA PRO O 252 15.93 40.96 -20.09
C PRO O 252 16.10 39.56 -19.52
N GLU O 253 17.20 38.93 -19.91
CA GLU O 253 17.52 37.61 -19.40
C GLU O 253 17.84 37.67 -17.91
N SER O 254 18.45 38.76 -17.45
CA SER O 254 18.77 38.95 -16.04
C SER O 254 18.90 40.45 -15.78
N HIS O 255 19.46 40.80 -14.63
CA HIS O 255 19.64 42.21 -14.28
C HIS O 255 20.95 42.75 -14.85
N SER P 1 -12.03 64.69 -30.39
CA SER P 1 -11.36 65.31 -31.53
C SER P 1 -9.86 65.12 -31.41
N HIS P 2 -9.45 64.26 -30.49
CA HIS P 2 -8.04 63.92 -30.30
C HIS P 2 -7.91 62.43 -30.02
N MET P 3 -7.26 61.72 -30.93
CA MET P 3 -7.03 60.28 -30.76
C MET P 3 -5.55 59.98 -30.60
N PHE P 4 -4.74 60.09 -31.66
CA PHE P 4 -3.30 59.98 -31.53
C PHE P 4 -2.65 61.24 -32.11
N THR P 5 -1.42 61.50 -31.69
CA THR P 5 -0.67 62.64 -32.19
C THR P 5 -0.35 62.46 -33.68
N SER P 6 -0.73 63.45 -34.48
CA SER P 6 -0.53 63.34 -35.92
C SER P 6 0.94 63.13 -36.26
N LEU P 7 1.22 62.17 -37.14
CA LEU P 7 2.58 61.90 -37.56
C LEU P 7 2.98 62.66 -38.82
N GLU P 8 2.24 63.71 -39.17
CA GLU P 8 2.55 64.42 -40.41
C GLU P 8 3.92 65.07 -40.32
N GLY P 9 4.68 64.99 -41.41
CA GLY P 9 6.02 65.52 -41.48
C GLY P 9 7.11 64.53 -41.14
N ARG P 10 6.75 63.39 -40.56
CA ARG P 10 7.74 62.39 -40.22
C ARG P 10 8.15 61.61 -41.46
N SER P 11 9.31 60.95 -41.38
CA SER P 11 9.93 60.26 -42.50
C SER P 11 9.95 58.76 -42.25
N ALA P 12 9.48 57.99 -43.22
CA ALA P 12 9.42 56.55 -43.07
C ALA P 12 10.06 55.85 -44.25
N ILE P 13 10.52 54.64 -44.00
CA ILE P 13 10.99 53.73 -45.05
C ILE P 13 10.19 52.44 -44.90
N VAL P 14 9.77 51.88 -46.04
CA VAL P 14 9.07 50.60 -46.09
C VAL P 14 9.79 49.72 -47.10
N THR P 15 10.47 48.69 -46.62
CA THR P 15 11.14 47.79 -47.55
C THR P 15 10.10 46.89 -48.20
N GLY P 16 10.29 46.61 -49.48
CA GLY P 16 9.30 45.84 -50.23
C GLY P 16 7.95 46.52 -50.23
N GLY P 17 7.92 47.80 -50.60
CA GLY P 17 6.71 48.59 -50.52
C GLY P 17 5.94 48.74 -51.80
N SER P 18 6.37 48.09 -52.89
CA SER P 18 5.67 48.25 -54.16
C SER P 18 4.43 47.38 -54.27
N LYS P 19 4.32 46.31 -53.47
CA LYS P 19 3.19 45.41 -53.58
C LYS P 19 2.78 44.93 -52.19
N GLY P 20 1.57 44.36 -52.14
CA GLY P 20 1.16 43.60 -50.97
C GLY P 20 1.13 44.43 -49.70
N ILE P 21 1.54 43.79 -48.60
CA ILE P 21 1.47 44.41 -47.28
C ILE P 21 2.31 45.68 -47.22
N GLY P 22 3.52 45.63 -47.77
CA GLY P 22 4.37 46.81 -47.77
C GLY P 22 3.74 48.00 -48.47
N ARG P 23 2.96 47.75 -49.52
CA ARG P 23 2.24 48.85 -50.17
C ARG P 23 1.15 49.39 -49.27
N GLY P 24 0.44 48.50 -48.57
CA GLY P 24 -0.58 48.98 -47.64
C GLY P 24 0.01 49.78 -46.50
N ILE P 25 1.11 49.30 -45.92
CA ILE P 25 1.82 50.09 -44.91
C ILE P 25 2.16 51.46 -45.47
N ALA P 26 2.78 51.49 -46.65
CA ALA P 26 3.12 52.75 -47.30
C ALA P 26 1.92 53.66 -47.43
N GLU P 27 0.83 53.14 -48.01
CA GLU P 27 -0.34 53.97 -48.22
C GLU P 27 -0.94 54.43 -46.89
N THR P 28 -0.98 53.55 -45.90
CA THR P 28 -1.53 53.93 -44.59
C THR P 28 -0.76 55.10 -43.99
N PHE P 29 0.58 55.02 -44.01
CA PHE P 29 1.38 56.12 -43.47
C PHE P 29 1.22 57.37 -44.32
N ALA P 30 1.26 57.22 -45.65
CA ALA P 30 1.13 58.38 -46.53
C ALA P 30 -0.22 59.08 -46.35
N ASN P 31 -1.25 58.31 -45.99
CA ASN P 31 -2.54 58.91 -45.69
C ASN P 31 -2.48 59.72 -44.39
N ALA P 32 -1.62 59.32 -43.45
CA ALA P 32 -1.43 60.07 -42.22
C ALA P 32 -0.46 61.23 -42.38
N GLY P 33 -0.15 61.63 -43.61
CA GLY P 33 0.79 62.71 -43.82
C GLY P 33 2.23 62.35 -43.64
N VAL P 34 2.55 61.05 -43.57
CA VAL P 34 3.91 60.57 -43.43
C VAL P 34 4.52 60.45 -44.82
N ASP P 35 5.74 60.95 -44.99
CA ASP P 35 6.46 60.76 -46.24
C ASP P 35 7.19 59.44 -46.21
N VAL P 36 7.03 58.66 -47.27
CA VAL P 36 7.42 57.26 -47.28
C VAL P 36 8.28 56.99 -48.50
N VAL P 37 9.46 56.43 -48.28
CA VAL P 37 10.26 55.84 -49.34
C VAL P 37 9.98 54.33 -49.32
N ILE P 38 9.48 53.81 -50.44
CA ILE P 38 9.27 52.38 -50.60
C ILE P 38 10.41 51.81 -51.42
N THR P 39 10.83 50.60 -51.09
CA THR P 39 11.94 49.97 -51.78
C THR P 39 11.49 48.70 -52.48
N GLY P 40 12.30 48.30 -53.45
CA GLY P 40 12.08 47.06 -54.18
C GLY P 40 13.13 46.94 -55.26
N ARG P 41 13.13 45.79 -55.93
CA ARG P 41 14.09 45.51 -56.99
C ARG P 41 13.54 45.78 -58.39
N ASN P 42 12.23 45.67 -58.58
CA ASN P 42 11.59 45.91 -59.87
C ASN P 42 11.28 47.40 -60.00
N GLN P 43 11.99 48.09 -60.90
CA GLN P 43 11.83 49.53 -61.05
C GLN P 43 10.44 49.88 -61.56
N ASP P 44 9.91 49.09 -62.50
CA ASP P 44 8.56 49.33 -63.00
C ASP P 44 7.54 49.28 -61.87
N ASP P 45 7.64 48.26 -61.01
CA ASP P 45 6.67 48.10 -59.93
C ASP P 45 6.74 49.26 -58.95
N LEU P 46 7.96 49.70 -58.63
CA LEU P 46 8.11 50.88 -57.77
C LEU P 46 7.49 52.11 -58.43
N ASP P 47 7.61 52.23 -59.75
CA ASP P 47 7.10 53.41 -60.44
C ASP P 47 5.57 53.42 -60.49
N ARG P 48 4.95 52.26 -60.70
CA ARG P 48 3.49 52.26 -60.81
C ARG P 48 2.84 52.47 -59.45
N THR P 49 3.47 52.01 -58.36
CA THR P 49 2.91 52.30 -57.04
C THR P 49 3.11 53.77 -56.68
N VAL P 50 4.29 54.33 -56.95
CA VAL P 50 4.51 55.76 -56.73
C VAL P 50 3.50 56.58 -57.54
N ALA P 51 3.15 56.10 -58.74
CA ALA P 51 2.14 56.79 -59.54
C ALA P 51 0.75 56.64 -58.92
N ASP P 52 0.41 55.43 -58.48
CA ASP P 52 -0.88 55.17 -57.85
C ASP P 52 -1.09 56.05 -56.62
N LEU P 53 -0.05 56.28 -55.84
CA LEU P 53 -0.16 57.00 -54.57
C LEU P 53 0.20 58.47 -54.69
N SER P 54 0.16 59.04 -55.89
CA SER P 54 0.62 60.42 -56.07
C SER P 54 -0.30 61.41 -55.37
N GLY P 55 -1.54 61.05 -55.12
CA GLY P 55 -2.47 61.94 -54.44
C GLY P 55 -2.50 61.85 -52.94
N THR P 56 -1.68 60.98 -52.32
CA THR P 56 -1.69 60.86 -50.88
C THR P 56 -1.14 62.11 -50.22
N ARG P 57 -1.58 62.37 -48.98
CA ARG P 57 -1.17 63.57 -48.28
C ARG P 57 0.34 63.55 -48.04
N GLY P 58 0.87 62.42 -47.60
CA GLY P 58 2.30 62.23 -47.60
C GLY P 58 2.79 61.81 -48.96
N LYS P 59 4.07 62.05 -49.20
CA LYS P 59 4.67 61.83 -50.52
C LYS P 59 5.42 60.51 -50.54
N VAL P 60 4.96 59.57 -51.36
CA VAL P 60 5.59 58.28 -51.52
C VAL P 60 6.51 58.35 -52.72
N THR P 61 7.80 58.09 -52.48
CA THR P 61 8.84 57.98 -53.49
C THR P 61 9.44 56.58 -53.39
N ALA P 62 10.26 56.23 -54.37
CA ALA P 62 10.79 54.88 -54.48
C ALA P 62 12.31 54.92 -54.54
N VAL P 63 12.93 53.86 -54.04
CA VAL P 63 14.36 53.64 -54.15
C VAL P 63 14.56 52.19 -54.58
N ARG P 64 15.24 51.99 -55.69
CA ARG P 64 15.52 50.63 -56.16
C ARG P 64 16.64 50.05 -55.30
N ALA P 65 16.33 49.01 -54.53
CA ALA P 65 17.30 48.51 -53.57
C ALA P 65 16.91 47.10 -53.15
N ASP P 66 17.94 46.28 -52.90
CA ASP P 66 17.78 44.90 -52.48
C ASP P 66 18.09 44.79 -50.99
N VAL P 67 17.14 44.25 -50.21
CA VAL P 67 17.34 44.20 -48.77
C VAL P 67 18.49 43.29 -48.39
N THR P 68 18.86 42.33 -49.26
CA THR P 68 19.94 41.40 -48.92
C THR P 68 21.32 42.02 -49.07
N ASP P 69 21.41 43.26 -49.58
CA ASP P 69 22.68 43.93 -49.82
C ASP P 69 22.82 45.08 -48.83
N PRO P 70 23.77 45.03 -47.90
CA PRO P 70 23.86 46.10 -46.90
C PRO P 70 24.20 47.46 -47.49
N GLU P 71 24.97 47.50 -48.58
CA GLU P 71 25.23 48.79 -49.20
C GLU P 71 23.97 49.39 -49.79
N ASP P 72 23.05 48.55 -50.28
CA ASP P 72 21.76 49.06 -50.72
C ASP P 72 20.97 49.63 -49.56
N ALA P 73 21.10 49.03 -48.37
CA ALA P 73 20.44 49.55 -47.18
C ALA P 73 20.99 50.92 -46.84
N ARG P 74 22.32 51.07 -46.86
CA ARG P 74 22.92 52.36 -46.56
C ARG P 74 22.50 53.41 -47.59
N ARG P 75 22.42 53.01 -48.87
CA ARG P 75 21.97 53.94 -49.89
C ARG P 75 20.51 54.31 -49.71
N THR P 76 19.70 53.38 -49.19
CA THR P 76 18.29 53.69 -48.93
C THR P 76 18.14 54.73 -47.84
N VAL P 77 18.77 54.50 -46.69
CA VAL P 77 18.72 55.46 -45.59
C VAL P 77 19.28 56.80 -46.04
N ALA P 78 20.40 56.79 -46.76
CA ALA P 78 21.01 58.04 -47.19
C ALA P 78 20.12 58.77 -48.20
N GLU P 79 19.51 58.01 -49.11
CA GLU P 79 18.56 58.62 -50.04
C GLU P 79 17.38 59.21 -49.31
N THR P 80 16.87 58.49 -48.31
CA THR P 80 15.67 58.94 -47.60
C THR P 80 15.96 60.17 -46.75
N VAL P 81 17.10 60.20 -46.06
CA VAL P 81 17.39 61.35 -45.22
C VAL P 81 17.54 62.61 -46.07
N SER P 82 18.03 62.45 -47.31
CA SER P 82 18.16 63.61 -48.19
C SER P 82 16.80 64.12 -48.67
N ARG P 83 15.86 63.20 -48.94
CA ARG P 83 14.57 63.62 -49.49
C ARG P 83 13.66 64.22 -48.43
N HIS P 84 13.78 63.75 -47.18
CA HIS P 84 12.86 64.11 -46.11
C HIS P 84 13.49 64.96 -45.01
N GLY P 85 14.82 65.09 -45.00
CA GLY P 85 15.50 65.78 -43.92
C GLY P 85 15.78 64.95 -42.69
N GLY P 86 15.55 63.65 -42.75
CA GLY P 86 15.74 62.81 -41.58
C GLY P 86 15.00 61.50 -41.77
N LEU P 87 14.95 60.73 -40.68
CA LEU P 87 14.26 59.45 -40.70
C LEU P 87 13.72 59.13 -39.32
N ASP P 88 12.42 58.81 -39.25
CA ASP P 88 11.73 58.55 -38.00
C ASP P 88 11.18 57.12 -37.87
N ILE P 89 10.84 56.48 -38.97
CA ILE P 89 10.14 55.19 -38.97
C ILE P 89 10.79 54.29 -40.02
N VAL P 90 11.09 53.05 -39.65
CA VAL P 90 11.59 52.05 -40.59
C VAL P 90 10.67 50.85 -40.51
N CYS P 91 10.06 50.49 -41.63
CA CYS P 91 9.20 49.33 -41.70
C CYS P 91 9.97 48.22 -42.43
N ALA P 92 10.56 47.32 -41.65
CA ALA P 92 11.29 46.17 -42.16
C ALA P 92 10.25 45.15 -42.59
N ASN P 93 9.80 45.28 -43.84
CA ASN P 93 8.68 44.50 -44.33
C ASN P 93 9.05 43.48 -45.39
N ALA P 94 10.08 43.73 -46.19
CA ALA P 94 10.38 42.88 -47.33
C ALA P 94 10.50 41.41 -46.92
N GLY P 95 9.87 40.54 -47.69
CA GLY P 95 9.92 39.13 -47.41
C GLY P 95 9.33 38.33 -48.54
N ILE P 96 9.71 37.04 -48.59
CA ILE P 96 9.27 36.12 -49.62
C ILE P 96 8.89 34.81 -48.94
N PHE P 97 7.95 34.08 -49.53
CA PHE P 97 7.52 32.79 -48.97
C PHE P 97 7.37 31.75 -50.07
N PRO P 98 8.46 31.41 -50.77
CA PRO P 98 8.41 30.23 -51.62
C PRO P 98 8.20 29.00 -50.75
N SER P 99 7.65 27.98 -51.37
CA SER P 99 7.27 26.75 -50.69
C SER P 99 8.21 25.63 -51.10
N GLY P 100 8.58 24.80 -50.12
CA GLY P 100 9.42 23.66 -50.42
C GLY P 100 9.52 22.70 -49.25
N ARG P 101 9.24 21.42 -49.51
CA ARG P 101 9.32 20.43 -48.46
C ARG P 101 10.75 20.32 -47.93
N LEU P 102 10.85 19.92 -46.66
CA LEU P 102 12.13 19.90 -45.96
C LEU P 102 13.22 19.17 -46.75
N GLU P 103 12.89 18.01 -47.32
CA GLU P 103 13.92 17.25 -48.02
C GLU P 103 14.28 17.82 -49.38
N ASP P 104 13.53 18.80 -49.89
CA ASP P 104 13.84 19.42 -51.17
C ASP P 104 14.53 20.77 -51.05
N LEU P 105 14.70 21.29 -49.84
CA LEU P 105 15.27 22.62 -49.67
C LEU P 105 16.78 22.58 -49.84
N THR P 106 17.28 23.33 -50.82
CA THR P 106 18.71 23.47 -51.08
C THR P 106 19.31 24.57 -50.21
N PRO P 107 20.63 24.56 -50.02
CA PRO P 107 21.27 25.70 -49.33
C PRO P 107 20.87 27.04 -49.92
N ASP P 108 20.76 27.13 -51.25
CA ASP P 108 20.34 28.39 -51.89
C ASP P 108 18.90 28.73 -51.52
N ASP P 109 18.00 27.74 -51.55
CA ASP P 109 16.61 27.96 -51.13
C ASP P 109 16.56 28.56 -49.73
N ILE P 110 17.33 28.00 -48.80
CA ILE P 110 17.32 28.47 -47.42
C ILE P 110 17.96 29.84 -47.32
N GLU P 111 19.10 30.05 -47.98
CA GLU P 111 19.77 31.35 -47.87
C GLU P 111 18.96 32.47 -48.53
N GLN P 112 18.20 32.16 -49.58
CA GLN P 112 17.38 33.20 -50.19
C GLN P 112 16.30 33.67 -49.22
N VAL P 113 15.63 32.73 -48.56
CA VAL P 113 14.54 33.07 -47.65
C VAL P 113 15.09 33.74 -46.40
N LEU P 114 16.13 33.16 -45.79
CA LEU P 114 16.73 33.80 -44.63
C LEU P 114 17.34 35.15 -44.99
N GLY P 115 17.87 35.27 -46.22
CA GLY P 115 18.54 36.50 -46.60
C GLY P 115 17.58 37.67 -46.77
N VAL P 116 16.49 37.45 -47.49
CA VAL P 116 15.52 38.53 -47.68
C VAL P 116 14.77 38.80 -46.38
N ASN P 117 14.22 37.73 -45.76
CA ASN P 117 13.29 37.91 -44.65
C ASN P 117 14.00 38.31 -43.37
N PHE P 118 15.16 37.73 -43.10
CA PHE P 118 15.84 37.97 -41.83
C PHE P 118 17.00 38.93 -41.98
N LYS P 119 18.00 38.58 -42.79
CA LYS P 119 19.14 39.46 -42.99
C LYS P 119 18.68 40.82 -43.51
N GLY P 120 17.65 40.85 -44.38
CA GLY P 120 17.18 42.11 -44.92
C GLY P 120 16.55 43.01 -43.87
N THR P 121 16.01 42.41 -42.81
CA THR P 121 15.48 43.16 -41.68
C THR P 121 16.60 43.72 -40.82
N VAL P 122 17.60 42.89 -40.52
CA VAL P 122 18.74 43.35 -39.75
C VAL P 122 19.47 44.48 -40.46
N TYR P 123 19.69 44.33 -41.77
CA TYR P 123 20.52 45.28 -42.50
C TYR P 123 19.88 46.66 -42.55
N ILE P 124 18.56 46.72 -42.79
CA ILE P 124 17.86 48.02 -42.87
C ILE P 124 17.67 48.62 -41.49
N VAL P 125 17.76 47.82 -40.42
CA VAL P 125 17.75 48.41 -39.07
C VAL P 125 19.14 48.93 -38.70
N GLN P 126 20.19 48.30 -39.23
CA GLN P 126 21.55 48.72 -38.92
C GLN P 126 21.90 50.04 -39.60
N ALA P 127 21.67 50.13 -40.91
CA ALA P 127 21.98 51.34 -41.66
C ALA P 127 21.23 52.55 -41.11
N ALA P 128 20.01 52.34 -40.63
CA ALA P 128 19.13 53.41 -40.20
C ALA P 128 19.34 53.82 -38.75
N LEU P 129 20.24 53.16 -38.03
CA LEU P 129 20.33 53.36 -36.58
C LEU P 129 20.64 54.81 -36.23
N GLN P 130 21.59 55.42 -36.93
CA GLN P 130 22.02 56.77 -36.57
C GLN P 130 20.94 57.79 -36.89
N ALA P 131 20.25 57.65 -38.01
CA ALA P 131 19.17 58.58 -38.32
C ALA P 131 18.00 58.41 -37.35
N LEU P 132 17.71 57.16 -36.98
CA LEU P 132 16.61 56.92 -36.04
C LEU P 132 16.94 57.49 -34.67
N THR P 133 18.20 57.37 -34.23
CA THR P 133 18.60 57.93 -32.94
C THR P 133 18.42 59.44 -32.92
N ALA P 134 18.83 60.12 -34.00
CA ALA P 134 18.75 61.56 -34.07
C ALA P 134 17.30 62.06 -34.04
N SER P 135 16.36 61.28 -34.60
CA SER P 135 14.97 61.70 -34.57
C SER P 135 14.44 61.86 -33.16
N GLY P 136 15.00 61.11 -32.20
CA GLY P 136 14.55 61.20 -30.82
C GLY P 136 13.24 60.47 -30.54
N HIS P 137 12.58 59.93 -31.55
CA HIS P 137 11.40 59.09 -31.34
C HIS P 137 11.40 57.96 -32.37
N GLY P 138 12.56 57.30 -32.49
CA GLY P 138 12.71 56.29 -33.53
C GLY P 138 11.71 55.16 -33.38
N ARG P 139 11.24 54.65 -34.51
CA ARG P 139 10.28 53.56 -34.56
C ARG P 139 10.73 52.55 -35.61
N VAL P 140 10.83 51.28 -35.21
CA VAL P 140 11.08 50.19 -36.15
C VAL P 140 9.93 49.19 -36.01
N VAL P 141 9.27 48.90 -37.12
CA VAL P 141 8.18 47.95 -37.16
C VAL P 141 8.57 46.81 -38.10
N VAL P 142 8.51 45.58 -37.60
CA VAL P 142 8.91 44.38 -38.34
C VAL P 142 7.66 43.65 -38.78
N THR P 143 7.57 43.31 -40.06
CA THR P 143 6.52 42.42 -40.54
C THR P 143 7.01 41.00 -40.35
N SER P 144 6.52 40.35 -39.28
CA SER P 144 6.83 38.93 -39.10
C SER P 144 5.70 38.12 -39.70
N SER P 145 5.27 37.07 -39.00
CA SER P 145 4.14 36.26 -39.42
C SER P 145 3.73 35.39 -38.24
N ILE P 146 2.48 34.91 -38.27
CA ILE P 146 2.13 33.82 -37.38
C ILE P 146 2.89 32.56 -37.77
N THR P 147 3.26 32.44 -39.05
CA THR P 147 4.00 31.28 -39.53
C THR P 147 5.43 31.33 -39.02
N GLY P 148 5.77 30.42 -38.11
CA GLY P 148 7.10 30.38 -37.56
C GLY P 148 7.07 30.57 -36.06
N PRO P 149 6.83 31.80 -35.61
CA PRO P 149 6.72 32.03 -34.16
C PRO P 149 5.57 31.24 -33.55
N ILE P 150 4.54 30.93 -34.31
CA ILE P 150 3.36 30.30 -33.74
C ILE P 150 2.98 29.01 -34.46
N THR P 151 2.76 29.10 -35.77
CA THR P 151 2.21 27.97 -36.50
C THR P 151 3.26 27.31 -37.38
N GLY P 152 2.92 26.09 -37.80
CA GLY P 152 3.68 25.40 -38.83
C GLY P 152 2.81 25.24 -40.06
N TYR P 153 3.46 25.14 -41.21
CA TYR P 153 2.72 24.87 -42.44
C TYR P 153 3.65 24.14 -43.39
N PRO P 154 3.28 22.95 -43.85
CA PRO P 154 4.19 22.15 -44.67
C PRO P 154 4.66 22.93 -45.89
N GLY P 155 5.97 22.90 -46.11
CA GLY P 155 6.60 23.64 -47.17
C GLY P 155 7.19 24.97 -46.77
N TRP P 156 7.04 25.38 -45.50
CA TRP P 156 7.47 26.70 -45.04
C TRP P 156 8.38 26.60 -43.83
N SER P 157 9.16 25.53 -43.74
CA SER P 157 10.07 25.38 -42.61
C SER P 157 11.19 26.42 -42.65
N HIS P 158 11.64 26.81 -43.85
CA HIS P 158 12.64 27.87 -43.93
C HIS P 158 12.00 29.25 -43.78
N TYR P 159 10.80 29.43 -44.30
CA TYR P 159 10.06 30.68 -44.12
C TYR P 159 9.76 30.93 -42.65
N GLY P 160 9.11 29.96 -41.99
CA GLY P 160 8.78 30.10 -40.58
C GLY P 160 10.00 30.32 -39.70
N ALA P 161 11.10 29.66 -40.04
CA ALA P 161 12.36 29.94 -39.37
C ALA P 161 12.75 31.42 -39.51
N SER P 162 12.61 31.97 -40.71
CA SER P 162 13.07 33.33 -40.95
C SER P 162 12.20 34.33 -40.19
N LYS P 163 10.90 34.06 -40.09
CA LYS P 163 10.00 34.95 -39.38
C LYS P 163 10.19 34.85 -37.87
N ALA P 164 10.59 33.68 -37.36
CA ALA P 164 10.93 33.59 -35.95
C ALA P 164 12.26 34.27 -35.67
N ALA P 165 13.22 34.12 -36.60
CA ALA P 165 14.51 34.78 -36.45
C ALA P 165 14.37 36.30 -36.30
N GLN P 166 13.38 36.91 -36.96
CA GLN P 166 13.17 38.33 -36.78
C GLN P 166 12.80 38.65 -35.33
N LEU P 167 11.92 37.84 -34.73
CA LEU P 167 11.49 38.11 -33.36
C LEU P 167 12.65 37.94 -32.38
N GLY P 168 13.39 36.83 -32.48
CA GLY P 168 14.53 36.64 -31.60
C GLY P 168 15.53 37.78 -31.75
N PHE P 169 15.66 38.32 -32.96
CA PHE P 169 16.52 39.48 -33.18
C PHE P 169 16.00 40.70 -32.42
N LEU P 170 14.71 41.00 -32.56
CA LEU P 170 14.19 42.24 -31.99
C LEU P 170 14.08 42.19 -30.47
N ARG P 171 13.94 41.00 -29.88
CA ARG P 171 13.89 40.95 -28.42
C ARG P 171 15.19 41.41 -27.79
N THR P 172 16.33 41.16 -28.45
CA THR P 172 17.58 41.76 -27.99
C THR P 172 17.70 43.20 -28.48
N ALA P 173 17.33 43.45 -29.74
CA ALA P 173 17.50 44.78 -30.33
C ALA P 173 16.76 45.83 -29.52
N ALA P 174 15.55 45.53 -29.07
CA ALA P 174 14.80 46.45 -28.23
C ALA P 174 15.62 46.91 -27.03
N MET P 175 16.32 45.98 -26.36
CA MET P 175 17.13 46.40 -25.22
C MET P 175 18.35 47.21 -25.65
N GLU P 176 18.88 46.96 -26.85
CA GLU P 176 20.01 47.75 -27.33
C GLU P 176 19.55 49.11 -27.84
N LEU P 177 18.31 49.21 -28.30
CA LEU P 177 17.79 50.46 -28.84
C LEU P 177 17.14 51.34 -27.78
N ALA P 178 16.84 50.79 -26.61
CA ALA P 178 16.16 51.58 -25.57
C ALA P 178 16.91 52.86 -25.21
N PRO P 179 18.23 52.87 -25.02
CA PRO P 179 18.90 54.13 -24.70
C PRO P 179 18.79 55.16 -25.82
N LYS P 180 18.65 54.74 -27.07
CA LYS P 180 18.46 55.66 -28.18
C LYS P 180 17.00 56.07 -28.37
N LYS P 181 16.12 55.68 -27.45
CA LYS P 181 14.70 55.99 -27.52
C LYS P 181 14.06 55.49 -28.81
N ILE P 182 14.55 54.34 -29.31
CA ILE P 182 14.00 53.68 -30.49
C ILE P 182 13.27 52.42 -30.02
N THR P 183 12.00 52.31 -30.39
CA THR P 183 11.26 51.08 -30.12
C THR P 183 11.28 50.18 -31.35
N ILE P 184 11.28 48.87 -31.11
CA ILE P 184 11.16 47.91 -32.20
C ILE P 184 10.13 46.87 -31.80
N ASN P 185 9.11 46.71 -32.63
CA ASN P 185 8.02 45.79 -32.41
C ASN P 185 7.70 45.11 -33.74
N ALA P 186 6.98 43.99 -33.67
CA ALA P 186 6.61 43.26 -34.86
C ALA P 186 5.09 43.12 -34.98
N VAL P 187 4.57 43.35 -36.18
CA VAL P 187 3.25 42.85 -36.53
C VAL P 187 3.42 41.45 -37.08
N LEU P 188 2.57 40.51 -36.62
CA LEU P 188 2.54 39.14 -37.12
C LEU P 188 1.21 38.94 -37.85
N PRO P 189 1.16 39.17 -39.15
CA PRO P 189 -0.10 38.98 -39.87
C PRO P 189 -0.42 37.50 -39.96
N GLY P 190 -1.72 37.21 -40.06
CA GLY P 190 -2.16 35.86 -40.33
C GLY P 190 -2.10 35.60 -41.83
N ASN P 191 -3.24 35.62 -42.48
CA ASN P 191 -3.31 35.47 -43.92
C ASN P 191 -3.97 36.70 -44.48
N ILE P 192 -3.18 37.53 -45.16
CA ILE P 192 -3.61 38.81 -45.70
C ILE P 192 -3.69 38.69 -47.22
N MET P 193 -4.79 39.16 -47.80
CA MET P 193 -4.96 39.11 -49.25
C MET P 193 -3.95 40.04 -49.92
N THR P 194 -3.06 39.45 -50.73
CA THR P 194 -1.95 40.17 -51.35
C THR P 194 -1.66 39.55 -52.71
N GLU P 195 -0.75 40.18 -53.45
CA GLU P 195 -0.22 39.56 -54.66
C GLU P 195 0.69 38.39 -54.32
N GLY P 196 1.46 38.49 -53.22
CA GLY P 196 2.27 37.38 -52.79
C GLY P 196 1.45 36.16 -52.42
N LEU P 197 0.43 36.36 -51.56
CA LEU P 197 -0.46 35.25 -51.20
C LEU P 197 -1.29 34.77 -52.38
N ASP P 198 -1.42 35.59 -53.41
CA ASP P 198 -2.09 35.16 -54.63
C ASP P 198 -1.41 33.94 -55.24
N GLU P 199 -0.08 33.90 -55.17
CA GLU P 199 0.68 32.84 -55.83
C GLU P 199 0.51 31.49 -55.16
N MET P 200 -0.02 31.46 -53.93
CA MET P 200 -0.28 30.21 -53.23
C MET P 200 -1.46 29.44 -53.81
N GLY P 201 -2.28 30.09 -54.63
CA GLY P 201 -3.39 29.43 -55.29
C GLY P 201 -4.72 29.69 -54.59
N GLN P 202 -5.80 29.41 -55.33
CA GLN P 202 -7.14 29.63 -54.79
C GLN P 202 -7.45 28.69 -53.63
N ASP P 203 -7.00 27.44 -53.72
CA ASP P 203 -7.32 26.46 -52.68
C ASP P 203 -6.61 26.78 -51.37
N TYR P 204 -5.42 27.39 -51.45
CA TYR P 204 -4.77 27.86 -50.23
C TYR P 204 -5.59 28.97 -49.57
N LEU P 205 -6.08 29.92 -50.37
CA LEU P 205 -6.88 31.01 -49.81
C LEU P 205 -8.18 30.49 -49.20
N ASP P 206 -8.85 29.56 -49.89
CA ASP P 206 -10.07 28.95 -49.36
C ASP P 206 -9.79 28.24 -48.04
N GLN P 207 -8.73 27.41 -48.01
CA GLN P 207 -8.40 26.69 -46.79
C GLN P 207 -8.20 27.63 -45.62
N MET P 208 -7.53 28.77 -45.85
CA MET P 208 -7.25 29.69 -44.75
C MET P 208 -8.51 30.44 -44.33
N ALA P 209 -9.39 30.77 -45.28
CA ALA P 209 -10.59 31.56 -44.97
C ALA P 209 -11.49 30.83 -43.97
N SER P 210 -11.76 29.55 -44.22
CA SER P 210 -12.63 28.77 -43.36
C SER P 210 -11.99 28.45 -42.01
N ALA P 211 -10.73 28.78 -41.81
CA ALA P 211 -10.06 28.58 -40.53
C ALA P 211 -9.97 29.86 -39.70
N ILE P 212 -10.56 30.96 -40.17
CA ILE P 212 -10.38 32.26 -39.54
C ILE P 212 -11.70 32.65 -38.87
N PRO P 213 -11.72 32.80 -37.53
CA PRO P 213 -12.97 33.19 -36.85
C PRO P 213 -13.61 34.45 -37.40
N ALA P 214 -12.82 35.47 -37.77
CA ALA P 214 -13.39 36.67 -38.39
C ALA P 214 -14.07 36.40 -39.74
N GLY P 215 -13.84 35.22 -40.32
CA GLY P 215 -14.55 34.82 -41.52
C GLY P 215 -14.00 35.36 -42.82
N ARG P 216 -12.81 35.96 -42.83
CA ARG P 216 -12.24 36.47 -44.06
C ARG P 216 -10.73 36.56 -43.90
N LEU P 217 -10.04 36.61 -45.04
CA LEU P 217 -8.65 37.00 -45.05
C LEU P 217 -8.55 38.48 -44.69
N GLY P 218 -7.46 38.85 -44.03
CA GLY P 218 -7.23 40.24 -43.73
C GLY P 218 -6.87 41.05 -44.97
N SER P 219 -6.82 42.36 -44.79
CA SER P 219 -6.42 43.28 -45.84
C SER P 219 -5.08 43.92 -45.49
N VAL P 220 -4.44 44.51 -46.51
CA VAL P 220 -3.16 45.17 -46.26
C VAL P 220 -3.30 46.32 -45.27
N ALA P 221 -4.47 46.97 -45.24
CA ALA P 221 -4.66 48.08 -44.31
C ALA P 221 -4.66 47.61 -42.86
N ASP P 222 -5.12 46.38 -42.60
CA ASP P 222 -5.04 45.83 -41.25
C ASP P 222 -3.60 45.84 -40.75
N ILE P 223 -2.66 45.49 -41.63
CA ILE P 223 -1.25 45.49 -41.21
C ILE P 223 -0.73 46.91 -41.12
N GLY P 224 -1.05 47.74 -42.11
CA GLY P 224 -0.59 49.11 -42.07
C GLY P 224 -1.07 49.85 -40.84
N ASN P 225 -2.30 49.56 -40.40
CA ASN P 225 -2.85 50.27 -39.26
C ASN P 225 -2.22 49.80 -37.95
N ALA P 226 -1.81 48.54 -37.88
CA ALA P 226 -1.09 48.08 -36.71
C ALA P 226 0.32 48.64 -36.69
N ALA P 227 0.98 48.70 -37.85
CA ALA P 227 2.26 49.38 -37.95
C ALA P 227 2.13 50.86 -37.62
N LEU P 228 0.99 51.47 -37.97
CA LEU P 228 0.77 52.88 -37.67
C LEU P 228 0.68 53.12 -36.15
N PHE P 229 -0.01 52.24 -35.42
CA PHE P 229 -0.10 52.40 -33.97
C PHE P 229 1.28 52.37 -33.33
N PHE P 230 2.09 51.35 -33.69
CA PHE P 230 3.44 51.22 -33.16
C PHE P 230 4.28 52.47 -33.40
N ALA P 231 4.04 53.16 -34.51
CA ALA P 231 4.80 54.35 -34.85
C ALA P 231 4.39 55.60 -34.08
N THR P 232 3.25 55.57 -33.39
CA THR P 232 2.77 56.79 -32.71
C THR P 232 3.64 57.10 -31.50
N ASP P 233 3.72 58.40 -31.17
CA ASP P 233 4.28 58.81 -29.89
C ASP P 233 3.69 58.00 -28.75
N GLU P 234 2.38 57.75 -28.80
CA GLU P 234 1.62 57.15 -27.71
C GLU P 234 1.99 55.68 -27.47
N ALA P 235 2.86 55.10 -28.30
CA ALA P 235 3.34 53.74 -28.14
C ALA P 235 4.81 53.70 -27.75
N ALA P 236 5.33 54.83 -27.26
CA ALA P 236 6.72 54.93 -26.80
C ALA P 236 7.05 53.91 -25.72
N TYR P 237 6.06 53.45 -24.95
CA TYR P 237 6.32 52.46 -23.90
C TYR P 237 6.10 51.03 -24.37
N VAL P 238 5.99 50.81 -25.68
CA VAL P 238 5.86 49.48 -26.26
C VAL P 238 7.15 49.16 -27.00
N THR P 239 7.87 48.13 -26.55
CA THR P 239 9.06 47.76 -27.31
C THR P 239 9.37 46.28 -27.15
N GLY P 240 9.95 45.71 -28.21
CA GLY P 240 10.29 44.31 -28.23
C GLY P 240 9.11 43.38 -28.23
N GLN P 241 7.97 43.83 -28.73
CA GLN P 241 6.71 43.12 -28.58
C GLN P 241 6.10 42.80 -29.93
N THR P 242 5.05 41.98 -29.89
CA THR P 242 4.42 41.42 -31.08
C THR P 242 2.94 41.75 -31.03
N LEU P 243 2.32 41.88 -32.21
CA LEU P 243 0.87 42.02 -32.31
C LEU P 243 0.39 41.13 -33.44
N VAL P 244 -0.33 40.07 -33.09
CA VAL P 244 -0.90 39.17 -34.07
C VAL P 244 -2.15 39.81 -34.66
N VAL P 245 -2.20 39.89 -35.99
CA VAL P 245 -3.33 40.48 -36.71
C VAL P 245 -3.80 39.40 -37.68
N ASP P 246 -4.75 38.57 -37.21
CA ASP P 246 -5.10 37.36 -37.94
C ASP P 246 -6.58 36.98 -37.86
N GLY P 247 -7.47 37.90 -37.50
CA GLY P 247 -8.88 37.59 -37.37
C GLY P 247 -9.18 36.43 -36.44
N GLY P 248 -8.24 36.09 -35.56
CA GLY P 248 -8.41 34.98 -34.62
C GLY P 248 -7.85 33.66 -35.08
N GLN P 249 -7.06 33.65 -36.17
CA GLN P 249 -6.74 32.39 -36.84
C GLN P 249 -5.97 31.43 -35.94
N VAL P 250 -5.09 31.94 -35.09
CA VAL P 250 -4.23 31.05 -34.29
C VAL P 250 -4.94 30.50 -33.08
N LEU P 251 -6.22 30.78 -32.89
CA LEU P 251 -6.90 30.42 -31.65
C LEU P 251 -7.60 29.06 -31.65
N PRO P 252 -8.33 28.68 -32.71
CA PRO P 252 -9.18 27.48 -32.59
C PRO P 252 -8.38 26.21 -32.32
N GLU P 253 -8.89 25.40 -31.38
CA GLU P 253 -8.25 24.15 -31.06
C GLU P 253 -8.28 23.20 -32.26
N SER P 254 -9.38 23.22 -33.00
CA SER P 254 -9.47 22.54 -34.29
C SER P 254 -10.24 23.47 -35.23
N HIS P 255 -9.88 23.46 -36.51
CA HIS P 255 -10.52 24.37 -37.45
C HIS P 255 -11.70 23.69 -38.15
PA NAP Q . 80.08 -1.50 7.94
O1A NAP Q . 80.54 -1.82 9.36
O2A NAP Q . 80.92 -0.37 7.34
O5B NAP Q . 80.27 -2.80 6.91
C5B NAP Q . 79.62 -2.68 5.65
C4B NAP Q . 79.84 -3.96 4.90
O4B NAP Q . 79.32 -3.81 3.49
C3B NAP Q . 81.29 -4.23 4.81
O3B NAP Q . 81.48 -5.67 4.94
C2B NAP Q . 81.70 -3.81 3.46
O2B NAP Q . 82.85 -4.62 2.99
C1B NAP Q . 80.49 -4.04 2.62
N9A NAP Q . 80.46 -3.20 1.44
C8A NAP Q . 80.59 -1.92 1.43
N7A NAP Q . 80.52 -1.51 0.17
C5A NAP Q . 80.32 -2.64 -0.64
C6A NAP Q . 80.15 -2.93 -2.00
N6A NAP Q . 80.17 -1.89 -3.03
N1A NAP Q . 79.98 -4.19 -2.38
C2A NAP Q . 79.97 -5.19 -1.50
N3A NAP Q . 80.12 -4.96 -0.18
C4A NAP Q . 80.29 -3.75 0.28
O3 NAP Q . 78.48 -1.10 7.88
PN NAP Q . 77.32 -1.51 8.91
O1N NAP Q . 77.30 -0.56 10.08
O2N NAP Q . 77.43 -2.94 9.39
O5D NAP Q . 75.85 -1.35 8.15
C5D NAP Q . 75.61 -2.14 6.97
C4D NAP Q . 74.18 -1.95 6.63
O4D NAP Q . 73.38 -1.68 7.87
C3D NAP Q . 74.07 -0.75 5.80
O3D NAP Q . 73.07 -1.12 4.76
C2D NAP Q . 73.61 0.33 6.68
O2D NAP Q . 72.88 1.34 5.97
C1D NAP Q . 72.69 -0.38 7.58
N1N NAP Q . 72.45 0.29 8.84
C2N NAP Q . 73.48 0.47 9.77
C3N NAP Q . 73.20 1.11 11.00
C7N NAP Q . 74.31 1.33 12.11
O7N NAP Q . 74.04 1.90 13.14
N7N NAP Q . 75.68 0.78 11.91
C4N NAP Q . 71.91 1.57 11.26
C5N NAP Q . 70.89 1.38 10.32
C6N NAP Q . 71.18 0.73 9.10
P2B NAP Q . 83.88 -3.98 1.83
O1X NAP Q . 85.21 -4.67 1.87
O2X NAP Q . 83.23 -4.19 0.50
O3X NAP Q . 84.08 -2.52 2.10
N F3V R . 70.81 5.43 11.76
CA F3V R . 72.25 5.38 11.56
C F3V R . 72.56 4.66 10.25
O F3V R . 71.67 4.17 9.63
CM F3V R . 73.99 4.58 9.74
CL CL S . 59.77 4.37 3.09
CL CL T . 75.40 12.19 8.99
MG MG U . 75.15 -28.40 7.88
PA NAP V . 37.87 -14.50 18.78
O1A NAP V . 38.18 -15.71 17.91
O2A NAP V . 36.39 -14.10 18.78
O5B NAP V . 38.42 -14.70 20.33
C5B NAP V . 38.27 -13.58 21.20
C4B NAP V . 38.76 -13.98 22.54
O4B NAP V . 38.70 -12.77 23.45
C3B NAP V . 37.86 -15.01 23.09
O3B NAP V . 38.68 -16.00 23.77
C2B NAP V . 37.00 -14.31 24.06
O2B NAP V . 36.63 -15.20 25.14
C1B NAP V . 37.87 -13.22 24.59
N9A NAP V . 37.09 -12.11 25.10
C8A NAP V . 36.16 -11.54 24.43
N7A NAP V . 35.64 -10.60 25.21
C5A NAP V . 36.32 -10.61 26.43
C6A NAP V . 36.26 -9.90 27.63
N6A NAP V . 35.29 -8.82 27.80
N1A NAP V . 37.09 -10.22 28.61
C2A NAP V . 37.97 -11.21 28.47
N3A NAP V . 38.08 -11.92 27.34
C4A NAP V . 37.28 -11.65 26.30
O3 NAP V . 38.65 -13.17 18.17
PN NAP V . 40.04 -13.20 17.32
O1N NAP V . 39.66 -13.23 15.85
O2N NAP V . 40.96 -14.32 17.69
O5D NAP V . 40.82 -11.78 17.68
C5D NAP V . 41.63 -11.69 18.86
C4D NAP V . 42.38 -10.41 18.81
O4D NAP V . 43.17 -10.29 17.51
C3D NAP V . 41.43 -9.30 18.81
O3D NAP V . 42.07 -8.32 19.70
C2D NAP V . 41.35 -8.81 17.44
O2D NAP V . 41.06 -7.42 17.41
C1D NAP V . 42.69 -9.01 16.89
N1N NAP V . 42.72 -9.13 15.46
C2N NAP V . 42.04 -10.17 14.84
C3N NAP V . 42.08 -10.30 13.41
C7N NAP V . 41.32 -11.49 12.67
O7N NAP V . 41.30 -11.55 11.46
N7N NAP V . 40.62 -12.55 13.46
C4N NAP V . 42.79 -9.37 12.66
C5N NAP V . 43.47 -8.32 13.29
C6N NAP V . 43.42 -8.21 14.71
P2B NAP V . 35.19 -14.88 25.96
O1X NAP V . 34.79 -16.09 26.75
O2X NAP V . 35.45 -13.73 26.91
O3X NAP V . 34.09 -14.54 24.97
N F3V W . 41.42 -6.77 9.99
CA F3V W . 40.16 -7.39 10.38
C F3V W . 40.13 -7.49 11.90
O F3V W . 40.96 -6.92 12.52
CM F3V W . 39.05 -8.29 12.63
CL CL X . 48.62 4.07 15.50
PA NAP Y . 43.40 24.37 25.68
O1A NAP Y . 44.27 25.58 25.44
O2A NAP Y . 43.50 23.89 27.12
O5B NAP Y . 41.82 24.61 25.28
C5B NAP Y . 40.98 23.48 25.31
C4B NAP Y . 39.61 23.91 24.91
O4B NAP Y . 38.76 22.68 24.90
C3B NAP Y . 39.01 24.86 25.87
O3B NAP Y . 38.23 25.82 25.07
C2B NAP Y . 38.12 24.05 26.70
O2B NAP Y . 36.98 24.82 27.19
C1B NAP Y . 37.63 22.95 25.81
N9A NAP Y . 37.26 21.74 26.51
C8A NAP Y . 38.02 21.12 27.36
N7A NAP Y . 37.32 20.06 27.82
C5A NAP Y . 36.07 20.08 27.18
C6A NAP Y . 34.90 19.33 27.19
N6A NAP Y . 34.77 18.14 28.02
N1A NAP Y . 33.89 19.70 26.42
C2A NAP Y . 33.94 20.75 25.61
N3A NAP Y . 35.03 21.50 25.59
C4A NAP Y . 36.09 21.23 26.34
O3 NAP Y . 43.91 23.11 24.78
PN NAP Y . 44.82 23.17 23.46
O1N NAP Y . 46.31 23.28 23.72
O2N NAP Y . 44.35 24.32 22.57
O5D NAP Y . 44.49 21.79 22.64
C5D NAP Y . 43.17 21.61 22.07
C4D NAP Y . 43.31 20.42 21.17
O4D NAP Y . 44.64 20.57 20.48
C3D NAP Y . 43.44 19.19 21.99
O3D NAP Y . 42.65 18.20 21.25
C2D NAP Y . 44.83 18.78 21.95
O2D NAP Y . 44.93 17.36 22.09
C1D NAP Y . 45.29 19.23 20.62
N1N NAP Y . 46.71 19.45 20.52
C2N NAP Y . 47.32 20.49 21.22
C3N NAP Y . 48.74 20.67 21.11
C7N NAP Y . 49.48 21.85 21.83
O7N NAP Y . 50.69 21.91 21.77
N7N NAP Y . 48.71 22.87 22.58
C4N NAP Y . 49.50 19.81 20.31
C5N NAP Y . 48.86 18.78 19.61
C6N NAP Y . 47.47 18.62 19.73
P2B NAP Y . 36.38 24.43 28.71
O1X NAP Y . 35.72 25.66 29.29
O2X NAP Y . 35.37 23.36 28.54
O3X NAP Y . 37.58 24.06 29.54
N F3V Z . 52.46 17.14 21.55
CA F3V Z . 51.94 17.62 22.80
C F3V Z . 50.42 17.67 22.79
O F3V Z . 49.77 17.12 21.94
CM F3V Z . 49.69 18.39 23.92
CL CL AA . 47.15 6.34 14.26
MG MG BA . 38.77 25.08 30.52
PA NAP CA . 53.33 13.47 -17.38
O1A NAP CA . 51.84 13.75 -17.60
O2A NAP CA . 53.92 12.41 -18.28
O5B NAP CA . 54.20 14.85 -17.33
C5B NAP CA . 55.59 14.57 -17.17
C4B NAP CA . 56.22 15.92 -17.26
O4B NAP CA . 57.66 15.85 -16.80
C3B NAP CA . 56.25 16.28 -18.69
O3B NAP CA . 56.16 17.74 -18.79
C2B NAP CA . 57.57 15.87 -19.15
O2B NAP CA . 57.95 16.74 -20.29
C1B NAP CA . 58.46 16.16 -17.99
N9A NAP CA . 59.67 15.38 -17.99
C8A NAP CA . 59.74 14.09 -18.16
N7A NAP CA . 61.01 13.73 -18.09
C5A NAP CA . 61.74 14.89 -17.83
C6A NAP CA . 63.07 15.20 -17.65
N6A NAP CA . 64.07 14.15 -17.73
N1A NAP CA . 63.44 16.45 -17.44
C2A NAP CA . 62.53 17.41 -17.38
N3A NAP CA . 61.24 17.17 -17.55
C4A NAP CA . 60.81 15.95 -17.78
O3 NAP CA . 53.44 12.79 -15.87
PN NAP CA . 52.46 13.13 -14.63
O1N NAP CA . 51.30 12.16 -14.70
O2N NAP CA . 51.95 14.54 -14.66
O5D NAP CA . 53.33 12.95 -13.25
C5D NAP CA . 54.39 13.88 -12.98
C4D NAP CA . 54.81 13.63 -11.57
O4D NAP CA . 53.60 13.32 -10.72
C3D NAP CA . 55.68 12.45 -11.56
O3D NAP CA . 56.83 12.82 -10.71
C2D NAP CA . 54.88 11.35 -11.03
O2D NAP CA . 55.75 10.42 -10.33
C1D NAP CA . 53.99 12.01 -10.08
N1N NAP CA . 52.77 11.31 -9.78
C2N NAP CA . 51.81 11.18 -10.77
C3N NAP CA . 50.59 10.52 -10.45
C7N NAP CA . 49.46 10.34 -11.52
O7N NAP CA . 48.50 9.68 -11.20
N7N NAP CA . 49.55 10.98 -12.89
C4N NAP CA . 50.37 10.01 -9.17
C5N NAP CA . 51.35 10.17 -8.19
C6N NAP CA . 52.56 10.83 -8.52
P2B NAP CA . 59.02 16.16 -21.42
O1X NAP CA . 58.79 16.92 -22.69
O2X NAP CA . 60.40 16.45 -20.90
O3X NAP CA . 58.79 14.69 -21.67
N F3V DA . 50.26 6.10 -8.06
CA F3V DA . 50.50 5.83 -9.47
C F3V DA . 51.58 6.79 -10.01
O F3V DA . 52.21 7.50 -9.29
CM F3V DA . 51.84 6.80 -11.53
CL CL EA . 59.10 7.05 2.52
PA NAP FA . -44.40 -23.25 10.05
O1A NAP FA . -44.78 -23.01 11.50
O2A NAP FA . -42.91 -23.33 9.87
O5B NAP FA . -45.25 -24.54 9.44
C5B NAP FA . -44.98 -24.89 8.06
C4B NAP FA . -45.71 -26.16 7.76
O4B NAP FA . -45.59 -26.42 6.27
C3B NAP FA . -45.05 -27.28 8.45
O3B NAP FA . -46.04 -28.30 8.74
C2B NAP FA . -44.13 -27.85 7.47
O2B NAP FA . -43.97 -29.26 7.83
C1B NAP FA . -44.84 -27.69 6.17
N9A NAP FA . -43.99 -27.73 4.98
C8A NAP FA . -42.92 -27.01 4.86
N7A NAP FA . -42.37 -27.29 3.68
C5A NAP FA . -43.17 -28.25 3.05
C6A NAP FA . -43.17 -28.95 1.85
N6A NAP FA . -42.11 -28.73 0.86
N1A NAP FA . -44.13 -29.81 1.57
C2A NAP FA . -45.11 -30.03 2.45
N3A NAP FA . -45.17 -29.38 3.62
C4A NAP FA . -44.25 -28.50 3.97
O3 NAP FA . -44.90 -21.95 9.17
PN NAP FA . -46.17 -20.97 9.45
O1N NAP FA . -45.70 -19.74 10.19
O2N NAP FA . -47.39 -21.62 10.00
O5D NAP FA . -46.58 -20.51 7.90
C5D NAP FA . -47.42 -21.38 7.09
C4D NAP FA . -47.95 -20.52 5.97
O4D NAP FA . -48.57 -19.25 6.51
C3D NAP FA . -46.85 -20.13 5.09
O3D NAP FA . -47.37 -20.29 3.73
C2D NAP FA . -46.60 -18.70 5.33
O2D NAP FA . -46.18 -18.09 4.10
C1D NAP FA . -47.90 -18.14 5.75
N1N NAP FA . -47.82 -16.97 6.60
C2N NAP FA . -47.27 -17.04 7.88
C3N NAP FA . -47.25 -15.85 8.69
C7N NAP FA . -46.64 -15.88 10.14
O7N NAP FA . -46.51 -14.83 10.76
N7N NAP FA . -46.30 -17.20 10.74
C4N NAP FA . -47.75 -14.63 8.22
C5N NAP FA . -48.28 -14.59 6.92
C6N NAP FA . -48.32 -15.77 6.14
P2B NAP FA . -42.62 -30.08 7.27
O1X NAP FA . -42.52 -31.39 8.04
O2X NAP FA . -42.79 -30.34 5.81
O3X NAP FA . -41.38 -29.26 7.50
N F3V GA . -45.61 -11.35 7.48
CA F3V GA . -44.34 -12.07 7.56
C F3V GA . -44.51 -13.50 7.03
O F3V GA . -45.44 -13.77 6.34
CM F3V GA . -43.48 -14.58 7.34
CL CL HA . -51.12 -9.61 -5.29
PA NAP IA . -82.21 -0.12 -0.20
O1A NAP IA . -82.82 -1.43 -0.70
O2A NAP IA . -82.79 1.06 -0.97
O5B NAP IA . -82.48 0.10 1.43
C5B NAP IA . -81.68 1.14 2.01
C4B NAP IA . -82.06 1.28 3.45
O4B NAP IA . -81.40 2.51 4.00
C3B NAP IA . -83.51 1.46 3.55
O3B NAP IA . -84.00 0.67 4.69
C2B NAP IA . -83.74 2.89 3.79
O2B NAP IA . -84.96 3.09 4.58
C1B NAP IA . -82.53 3.30 4.55
N9A NAP IA . -82.23 4.71 4.45
C8A NAP IA . -82.11 5.35 3.33
N7A NAP IA . -81.83 6.62 3.62
C5A NAP IA . -81.76 6.72 5.02
C6A NAP IA . -81.51 7.73 5.96
N6A NAP IA . -81.22 9.10 5.55
N1A NAP IA . -81.54 7.43 7.25
C2A NAP IA . -81.78 6.21 7.65
N3A NAP IA . -82.03 5.21 6.81
C4A NAP IA . -82.02 5.41 5.51
O3 NAP IA . -80.58 -0.10 -0.37
PN NAP IA . -79.62 -1.41 -0.43
O1N NAP IA . -79.57 -1.92 -1.85
O2N NAP IA . -80.04 -2.53 0.48
O5D NAP IA . -78.11 -0.86 -0.01
C5D NAP IA . -77.83 -0.65 1.38
C4D NAP IA . -76.38 -0.36 1.48
O4D NAP IA . -75.59 -1.38 0.71
C3D NAP IA . -76.08 0.93 0.87
O3D NAP IA . -75.07 1.50 1.77
C2D NAP IA . -75.47 0.69 -0.45
O2D NAP IA . -74.55 1.75 -0.77
C1D NAP IA . -74.74 -0.56 -0.22
N1N NAP IA . -74.51 -1.38 -1.39
C2N NAP IA . -75.57 -1.95 -2.10
C3N NAP IA . -75.30 -2.79 -3.22
C7N NAP IA . -76.46 -3.46 -4.04
O7N NAP IA . -76.20 -4.07 -5.04
N7N NAP IA . -77.87 -3.40 -3.54
C4N NAP IA . -73.99 -3.05 -3.60
C5N NAP IA . -72.93 -2.48 -2.89
C6N NAP IA . -73.21 -1.66 -1.76
P2B NAP IA . -85.73 4.59 4.54
O1X NAP IA . -87.15 4.47 4.95
O2X NAP IA . -85.04 5.58 5.44
O3X NAP IA . -85.66 5.09 3.12
N F3V JA . -72.19 -1.79 -7.07
CA F3V JA . -73.56 -1.30 -7.14
C F3V JA . -73.90 -0.47 -5.90
O F3V JA . -73.11 -0.35 -5.02
CM F3V JA . -75.27 0.21 -5.79
CL CL KA . -60.77 3.13 -0.71
MG MG LA . -82.60 -14.07 23.13
PA NAP MA . -50.59 23.95 2.35
O1A NAP MA . -49.08 24.13 2.30
O2A NAP MA . -51.17 24.33 3.69
O5B NAP MA . -51.34 24.71 1.12
C5B NAP MA . -52.76 24.63 1.07
C4B NAP MA . -53.14 25.50 -0.08
O4B NAP MA . -54.62 25.33 -0.38
C3B NAP MA . -52.93 26.92 0.29
O3B NAP MA . -52.46 27.67 -0.87
C2B NAP MA . -54.25 27.41 0.67
O2B NAP MA . -54.34 28.84 0.41
C1B NAP MA . -55.19 26.67 -0.21
N9A NAP MA . -56.52 26.56 0.34
C8A NAP MA . -56.78 26.16 1.55
N7A NAP MA . -58.09 26.18 1.69
C5A NAP MA . -58.65 26.62 0.48
C6A NAP MA . -59.93 26.84 -0.02
N6A NAP MA . -61.09 26.63 0.84
N1A NAP MA . -60.07 27.28 -1.25
C2A NAP MA . -59.02 27.48 -2.03
N3A NAP MA . -57.76 27.27 -1.61
C4A NAP MA . -57.54 26.85 -0.39
O3 NAP MA . -50.90 22.32 2.18
PN NAP MA . -50.02 21.26 1.30
O1N NAP MA . -48.99 20.61 2.18
O2N NAP MA . -49.35 21.90 0.12
O5D NAP MA . -51.11 20.16 0.74
C5D NAP MA . -51.97 20.58 -0.33
C4D NAP MA . -52.59 19.33 -0.87
O4D NAP MA . -51.56 18.22 -0.87
C3D NAP MA . -53.66 18.94 0.04
O3D NAP MA . -54.78 18.56 -0.83
C2D NAP MA . -53.13 17.81 0.84
O2D NAP MA . -54.19 16.92 1.22
C1D NAP MA . -52.26 17.14 -0.11
N1N NAP MA . -51.25 16.30 0.47
C2N NAP MA . -50.20 16.88 1.18
C3N NAP MA . -49.18 16.07 1.73
C7N NAP MA . -48.00 16.72 2.54
O7N NAP MA . -47.18 15.99 3.04
N7N NAP MA . -47.90 18.20 2.65
C4N NAP MA . -49.22 14.68 1.54
C5N NAP MA . -50.26 14.12 0.82
C6N NAP MA . -51.27 14.95 0.27
P2B NAP MA . -55.33 29.74 1.41
O1X NAP MA . -54.80 31.14 1.42
O2X NAP MA . -56.74 29.69 0.85
O3X NAP MA . -55.31 29.22 2.82
N F3V NA . -49.83 11.96 4.49
CA F3V NA . -49.72 13.28 5.08
C F3V NA . -50.78 14.22 4.47
O F3V NA . -51.44 13.87 3.55
CM F3V NA . -50.98 15.62 5.08
CL CL OA . -59.55 4.91 -2.64
PA NAP PA . -43.57 -9.70 -27.46
O1A NAP PA . -44.24 -8.83 -28.51
O2A NAP PA . -43.85 -11.19 -27.69
O5B NAP PA . -41.94 -9.50 -27.34
C5B NAP PA . -41.37 -10.34 -26.33
C4B NAP PA . -39.91 -10.03 -26.29
O4B NAP PA . -39.35 -10.74 -25.09
C3B NAP PA . -39.24 -10.52 -27.51
O3B NAP PA . -38.24 -9.53 -27.94
C2B NAP PA . -38.59 -11.77 -27.08
O2B NAP PA . -37.36 -12.02 -27.85
C1B NAP PA . -38.25 -11.55 -25.65
N9A NAP PA . -38.11 -12.78 -24.92
C8A NAP PA . -39.06 -13.66 -24.85
N7A NAP PA . -38.60 -14.67 -24.11
C5A NAP PA . -37.29 -14.34 -23.69
C6A NAP PA . -36.30 -14.95 -22.93
N6A NAP PA . -36.49 -16.27 -22.31
N1A NAP PA . -35.15 -14.31 -22.79
C2A NAP PA . -34.93 -13.12 -23.33
N3A NAP PA . -35.86 -12.49 -24.08
C4A NAP PA . -37.02 -13.07 -24.28
O3 NAP PA . -44.16 -9.42 -25.96
PN NAP PA . -44.78 -8.05 -25.42
O1N NAP PA . -46.24 -7.99 -25.74
O2N NAP PA . -44.02 -6.86 -25.99
O5D NAP PA . -44.63 -8.02 -23.78
C5D NAP PA . -43.36 -7.83 -23.14
C4D NAP PA . -43.73 -7.61 -21.70
O4D NAP PA . -44.97 -6.75 -21.69
C3D NAP PA . -44.14 -8.90 -21.11
O3D NAP PA . -43.43 -9.00 -19.82
C2D NAP PA . -45.58 -8.84 -20.87
O2D NAP PA . -45.87 -9.60 -19.69
C1D NAP PA . -45.84 -7.40 -20.66
N1N NAP PA . -47.18 -6.98 -20.95
C2N NAP PA . -47.66 -6.96 -22.26
C3N NAP PA . -49.00 -6.53 -22.51
C7N NAP PA . -49.55 -6.50 -23.98
O7N NAP PA . -50.72 -6.25 -24.20
N7N NAP PA . -48.62 -6.78 -25.08
C4N NAP PA . -49.84 -6.14 -21.46
C5N NAP PA . -49.33 -6.15 -20.16
C6N NAP PA . -48.00 -6.57 -19.92
P2B NAP PA . -36.92 -13.62 -28.18
O1X NAP PA . -36.10 -13.63 -29.43
O2X NAP PA . -36.12 -14.15 -27.06
O3X NAP PA . -38.21 -14.35 -28.41
N F3V QA . -53.33 -7.97 -20.06
CA F3V QA . -52.94 -8.86 -21.14
C F3V QA . -51.45 -9.17 -21.02
O F3V QA . -50.85 -8.80 -20.08
CM F3V QA . -50.74 -9.99 -22.10
CL CL RA . -49.38 -7.64 -6.57
MG MG SA . -39.40 -14.42 -29.95
PA NAP TA . 8.01 -55.86 34.60
O1A NAP TA . 7.59 -55.62 36.04
O2A NAP TA . 9.52 -55.95 34.39
O5B NAP TA . 7.29 -57.23 34.00
C5B NAP TA . 7.55 -57.51 32.62
C4B NAP TA . 6.85 -58.79 32.28
O4B NAP TA . 7.02 -59.04 30.80
C3B NAP TA . 7.48 -59.90 33.01
O3B NAP TA . 6.46 -60.80 33.51
C2B NAP TA . 8.35 -60.56 32.04
O2B NAP TA . 8.46 -61.98 32.36
C1B NAP TA . 7.67 -60.36 30.73
N9A NAP TA . 8.56 -60.42 29.59
C8A NAP TA . 9.64 -59.70 29.48
N7A NAP TA . 10.20 -60.00 28.31
C5A NAP TA . 9.40 -60.94 27.67
C6A NAP TA . 9.43 -61.65 26.47
N6A NAP TA . 10.50 -61.45 25.49
N1A NAP TA . 8.45 -62.49 26.21
C2A NAP TA . 7.46 -62.70 27.06
N3A NAP TA . 7.38 -62.05 28.23
C4A NAP TA . 8.32 -61.18 28.57
O3 NAP TA . 7.53 -54.58 33.68
PN NAP TA . 6.21 -53.66 33.92
O1N NAP TA . 6.60 -52.41 34.66
O2N NAP TA . 5.11 -54.41 34.61
O5D NAP TA . 5.69 -53.19 32.41
C5D NAP TA . 5.01 -54.14 31.55
C4D NAP TA . 4.44 -53.36 30.41
O4D NAP TA . 3.75 -52.14 30.96
C3D NAP TA . 5.52 -52.89 29.53
O3D NAP TA . 5.08 -53.03 28.13
C2D NAP TA . 5.72 -51.48 29.83
O2D NAP TA . 6.18 -50.79 28.65
C1D NAP TA . 4.39 -51.00 30.22
N1N NAP TA . 4.45 -49.83 31.05
C2N NAP TA . 5.02 -49.88 32.34
C3N NAP TA . 5.05 -48.69 33.13
C7N NAP TA . 5.67 -48.66 34.57
O7N NAP TA . 5.70 -47.61 35.19
N7N NAP TA . 6.25 -49.90 35.17
C4N NAP TA . 4.51 -47.50 32.62
C5N NAP TA . 3.95 -47.47 31.36
C6N NAP TA . 3.92 -48.65 30.59
P2B NAP TA . 9.91 -62.70 31.94
O1X NAP TA . 10.14 -63.89 32.82
O2X NAP TA . 9.85 -63.11 30.50
O3X NAP TA . 11.03 -61.70 32.14
N F3V UA . 6.73 -44.03 31.69
CA F3V UA . 7.45 -45.05 32.44
C F3V UA . 7.49 -46.31 31.59
O F3V UA . 6.80 -46.39 30.63
CM F3V UA . 8.41 -47.49 31.97
CL CL VA . 0.78 -42.51 19.04
PA NAP WA . 8.56 -42.85 -3.15
O1A NAP WA . 8.02 -41.90 -4.21
O2A NAP WA . 8.23 -44.29 -3.49
O5B NAP WA . 10.22 -42.69 -3.00
C5B NAP WA . 10.82 -43.28 -1.82
C4B NAP WA . 12.29 -42.96 -1.82
O4B NAP WA . 12.97 -43.59 -0.64
C3B NAP WA . 12.92 -43.50 -3.04
O3B NAP WA . 13.88 -42.51 -3.54
C2B NAP WA . 13.56 -44.76 -2.63
O2B NAP WA . 14.77 -45.04 -3.44
C1B NAP WA . 13.96 -44.53 -1.22
N9A NAP WA . 14.05 -45.76 -0.45
C8A NAP WA . 13.10 -46.62 -0.32
N7A NAP WA . 13.54 -47.61 0.43
C5A NAP WA . 14.87 -47.33 0.78
C6A NAP WA . 15.87 -47.93 1.54
N6A NAP WA . 15.63 -49.23 2.19
N1A NAP WA . 17.05 -47.34 1.64
C2A NAP WA . 17.29 -46.18 1.04
N3A NAP WA . 16.36 -45.54 0.32
C4A NAP WA . 15.16 -46.08 0.16
O3 NAP WA . 7.90 -42.58 -1.66
PN NAP WA . 7.26 -41.18 -1.10
O1N NAP WA . 5.78 -41.12 -1.43
O2N NAP WA . 7.99 -39.99 -1.66
O5D NAP WA . 7.42 -41.23 0.54
C5D NAP WA . 8.59 -40.69 1.19
C4D NAP WA . 8.28 -40.59 2.66
O4D NAP WA . 7.08 -39.69 2.87
C3D NAP WA . 7.92 -41.90 3.23
O3D NAP WA . 8.66 -42.05 4.50
C2D NAP WA . 6.48 -41.89 3.46
O2D NAP WA . 6.16 -42.74 4.58
C1D NAP WA . 6.17 -40.49 3.75
N1N NAP WA . 4.82 -40.10 3.42
C2N NAP WA . 4.39 -40.09 2.10
C3N NAP WA . 3.05 -39.67 1.81
C7N NAP WA . 2.49 -39.65 0.33
O7N NAP WA . 1.35 -39.32 0.15
N7N NAP WA . 3.37 -40.04 -0.82
C4N NAP WA . 2.18 -39.28 2.83
C5N NAP WA . 2.63 -39.30 4.15
C6N NAP WA . 3.97 -39.70 4.41
P2B NAP WA . 15.17 -46.63 -3.81
O1X NAP WA . 15.99 -46.60 -5.06
O2X NAP WA . 15.98 -47.22 -2.69
O3X NAP WA . 13.91 -47.41 -4.02
N F3V XA . -1.34 -41.06 4.28
CA F3V XA . -0.83 -41.91 3.21
C F3V XA . 0.61 -42.33 3.47
O F3V XA . 1.16 -42.05 4.50
CM F3V XA . 1.37 -43.11 2.41
CL CL YA . 2.83 -40.56 17.81
MG MG ZA . 12.78 -47.44 -5.78
PA NAP AB . 0.92 -8.91 26.26
O1A NAP AB . 2.44 -8.71 26.36
O2A NAP AB . 0.19 -8.45 27.52
O5B NAP AB . 0.26 -8.06 24.99
C5B NAP AB . -1.12 -8.37 24.73
C4B NAP AB . -1.62 -7.42 23.68
O4B NAP AB . -3.10 -7.65 23.48
C3B NAP AB . -1.41 -6.06 24.17
O3B NAP AB . -0.90 -5.23 23.07
C2B NAP AB . -2.73 -5.56 24.55
O2B NAP AB . -2.82 -4.13 24.25
C1B NAP AB . -3.70 -6.32 23.71
N9A NAP AB . -5.01 -6.47 24.30
C8A NAP AB . -5.23 -6.93 25.49
N7A NAP AB . -6.55 -6.93 25.67
C5A NAP AB . -7.13 -6.43 24.51
C6A NAP AB . -8.43 -6.17 24.05
N6A NAP AB . -9.58 -6.45 24.92
N1A NAP AB . -8.61 -5.67 22.84
C2A NAP AB . -7.59 -5.42 22.05
N3A NAP AB . -6.32 -5.64 22.42
C4A NAP AB . -6.06 -6.14 23.63
O3 NAP AB . 0.58 -10.50 26.03
PN NAP AB . 1.52 -11.59 25.27
O1N NAP AB . 2.45 -12.23 26.28
O2N NAP AB . 2.31 -10.98 24.13
O5D NAP AB . 0.51 -12.73 24.65
C5D NAP AB . -0.47 -12.30 23.70
C4D NAP AB . -1.07 -13.55 23.14
O4D NAP AB . -0.03 -14.63 23.06
C3D NAP AB . -2.11 -13.99 24.07
O3D NAP AB . -3.18 -14.54 23.21
C2D NAP AB . -1.50 -15.04 24.88
O2D NAP AB . -2.51 -15.96 25.32
C1D NAP AB . -0.60 -15.72 23.93
N1N NAP AB . 0.46 -16.47 24.56
C2N NAP AB . 1.46 -15.83 25.28
C3N NAP AB . 2.50 -16.61 25.87
C7N NAP AB . 3.67 -15.94 26.71
O7N NAP AB . 4.50 -16.62 27.27
N7N NAP AB . 3.74 -14.45 26.81
C4N NAP AB . 2.50 -18.01 25.72
C5N NAP AB . 1.50 -18.63 24.99
C6N NAP AB . 0.47 -17.83 24.41
P2B NAP AB . -3.78 -3.20 25.26
O1X NAP AB . -3.19 -1.83 25.29
O2X NAP AB . -5.19 -3.20 24.73
O3X NAP AB . -3.75 -3.78 26.65
N F3V BB . 1.83 -20.90 28.80
CA F3V BB . 1.83 -19.60 29.44
C F3V BB . 0.88 -18.66 28.70
O F3V BB . 0.26 -19.07 27.77
CM F3V BB . 0.73 -17.20 29.13
CL CL CB . -7.66 -28.03 21.57
PA NAP DB . -30.16 -33.60 24.14
O1A NAP DB . -30.78 -34.94 23.72
O2A NAP DB . -30.80 -32.44 23.37
O5B NAP DB . -30.39 -33.35 25.77
C5B NAP DB . -29.64 -32.24 26.31
C4B NAP DB . -29.97 -32.08 27.76
O4B NAP DB . -29.31 -30.81 28.25
C3B NAP DB . -31.42 -31.92 27.88
O3B NAP DB . -31.92 -32.79 28.94
C2B NAP DB . -31.68 -30.51 28.16
O2B NAP DB . -32.86 -30.33 29.02
C1B NAP DB . -30.44 -30.04 28.84
N9A NAP DB . -30.18 -28.63 28.71
C8A NAP DB . -30.05 -28.01 27.59
N7A NAP DB . -29.82 -26.74 27.85
C5A NAP DB . -29.79 -26.58 29.23
C6A NAP DB . -29.60 -25.53 30.14
N6A NAP DB . -29.34 -24.18 29.64
N1A NAP DB . -29.65 -25.77 31.44
C2A NAP DB . -29.89 -26.98 31.89
N3A NAP DB . -30.08 -28.03 31.08
C4A NAP DB . -30.04 -27.87 29.77
O3 NAP DB . -28.54 -33.56 23.87
PN NAP DB . -27.55 -34.85 23.97
O1N NAP DB . -27.47 -35.53 22.63
O2N NAP DB . -28.07 -35.84 24.99
O5D NAP DB . -26.05 -34.30 24.39
C5D NAP DB . -25.78 -33.87 25.74
C4D NAP DB . -24.31 -33.59 25.79
O4D NAP DB . -23.59 -34.69 25.04
C3D NAP DB . -24.02 -32.34 25.11
O3D NAP DB . -23.06 -31.63 25.96
C2D NAP DB . -23.40 -32.67 23.81
O2D NAP DB . -22.47 -31.66 23.42
C1D NAP DB . -22.69 -33.93 24.10
N1N NAP DB . -22.43 -34.76 22.95
C2N NAP DB . -23.48 -35.36 22.25
C3N NAP DB . -23.21 -36.19 21.12
C7N NAP DB . -24.38 -36.89 20.32
O7N NAP DB . -24.14 -37.55 19.34
N7N NAP DB . -25.80 -36.72 20.78
C4N NAP DB . -21.89 -36.40 20.72
C5N NAP DB . -20.84 -35.80 21.42
C6N NAP DB . -21.14 -34.98 22.54
P2B NAP DB . -33.84 -28.99 28.82
O1X NAP DB . -35.19 -29.29 29.40
O2X NAP DB . -33.27 -27.79 29.51
O3X NAP DB . -33.98 -28.67 27.35
N F3V EB . -20.25 -35.07 17.33
CA F3V EB . -21.66 -34.75 17.28
C F3V EB . -22.02 -33.83 18.44
O F3V EB . -21.21 -33.59 19.29
CM F3V EB . -23.42 -33.23 18.54
CL CL FB . -8.69 -29.93 23.64
MG MG GB . -29.77 -46.25 47.64
PA NAP HB . 30.50 24.94 -26.25
O1A NAP HB . 30.83 24.42 -24.85
O2A NAP HB . 31.43 26.11 -26.60
O5B NAP HB . 30.69 23.72 -27.37
C5B NAP HB . 29.95 23.81 -28.61
C4B NAP HB . 30.14 22.54 -29.37
O4B NAP HB . 29.65 22.72 -30.80
C3B NAP HB . 31.57 22.20 -29.43
O3B NAP HB . 31.73 20.78 -29.16
C2B NAP HB . 32.03 22.54 -30.78
O2B NAP HB . 33.13 21.66 -31.21
C1B NAP HB . 30.82 22.38 -31.64
N9A NAP HB . 30.86 23.21 -32.82
C8A NAP HB . 31.01 24.49 -32.79
N7A NAP HB . 31.01 24.93 -34.04
C5A NAP HB . 30.84 23.81 -34.87
C6A NAP HB . 30.75 23.58 -36.24
N6A NAP HB . 30.84 24.69 -37.19
N1A NAP HB . 30.58 22.34 -36.68
C2A NAP HB . 30.51 21.32 -35.84
N3A NAP HB . 30.58 21.48 -34.51
C4A NAP HB . 30.75 22.70 -34.00
O3 NAP HB . 28.92 25.45 -26.30
PN NAP HB . 27.79 24.95 -25.24
O1N NAP HB . 27.79 25.91 -24.05
O2N NAP HB . 28.05 23.55 -24.78
O5D NAP HB . 26.28 24.98 -25.94
C5D NAP HB . 26.06 24.20 -27.13
C4D NAP HB . 24.69 24.51 -27.62
O4D NAP HB . 23.74 24.74 -26.45
C3D NAP HB . 24.71 25.75 -28.38
O3D NAP HB . 23.78 25.50 -29.49
C2D NAP HB . 24.20 26.79 -27.51
O2D NAP HB . 23.59 27.85 -28.28
C1D NAP HB . 23.17 26.11 -26.71
N1N NAP HB . 22.93 26.76 -25.45
C2N NAP HB . 23.93 26.82 -24.48
C3N NAP HB . 23.66 27.47 -23.23
C7N NAP HB . 24.77 27.55 -22.09
O7N NAP HB . 24.51 28.09 -21.04
N7N NAP HB . 26.12 26.95 -22.31
C4N NAP HB . 22.41 28.04 -23.00
C5N NAP HB . 21.42 27.96 -23.98
C6N NAP HB . 21.70 27.32 -25.22
P2B NAP HB . 34.40 22.30 -32.09
O1X NAP HB . 35.65 21.48 -31.87
O2X NAP HB . 34.06 22.27 -33.56
O3X NAP HB . 34.68 23.73 -31.68
N F3V IB . 21.38 31.80 -22.32
CA F3V IB . 22.82 31.59 -22.46
C F3V IB . 23.14 31.16 -23.89
O F3V IB . 22.27 30.77 -24.59
CM F3V IB . 24.58 31.20 -24.40
CL CL JB . 10.31 30.94 -31.24
MG MG KB . 24.80 -2.33 -26.77
PA NAP LB . -12.09 12.40 -16.21
O1A NAP LB . -11.78 11.20 -17.10
O2A NAP LB . -13.58 12.72 -16.24
O5B NAP LB . -11.61 12.12 -14.64
C5B NAP LB . -11.58 13.24 -13.76
C4B NAP LB . -11.17 12.79 -12.39
O4B NAP LB . -11.23 13.94 -11.43
C3B NAP LB . -12.11 11.77 -11.89
O3B NAP LB . -11.37 10.78 -11.11
C2B NAP LB . -13.03 12.47 -11.00
O2B NAP LB . -13.48 11.52 -9.98
C1B NAP LB . -12.17 13.51 -10.38
N9A NAP LB . -12.93 14.61 -9.85
C8A NAP LB . -13.83 15.26 -10.52
N7A NAP LB . -14.31 16.21 -9.73
C5A NAP LB . -13.63 16.13 -8.50
C6A NAP LB . -13.64 16.79 -7.27
N6A NAP LB . -14.55 17.92 -7.05
N1A NAP LB . -12.82 16.41 -6.31
C2A NAP LB . -11.98 15.40 -6.49
N3A NAP LB . -11.92 14.71 -7.64
C4A NAP LB . -12.72 15.04 -8.65
O3 NAP LB . -11.24 13.72 -16.71
PN NAP LB . -9.81 13.70 -17.49
O1N NAP LB . -10.08 13.66 -18.99
O2N NAP LB . -8.96 12.52 -17.10
O5D NAP LB . -8.99 15.09 -17.12
C5D NAP LB . -8.23 15.21 -15.89
C4D NAP LB . -7.49 16.49 -16.00
O4D NAP LB . -6.69 16.50 -17.30
C3D NAP LB . -8.41 17.62 -16.06
O3D NAP LB . -7.84 18.66 -15.19
C2D NAP LB . -8.41 18.14 -17.43
O2D NAP LB . -8.57 19.57 -17.43
C1D NAP LB . -7.09 17.78 -17.97
N1N NAP LB . -7.07 17.63 -19.41
C2N NAP LB . -7.75 16.59 -20.06
C3N NAP LB . -7.67 16.46 -21.49
C7N NAP LB . -8.40 15.31 -22.30
O7N NAP LB . -8.30 15.30 -23.51
N7N NAP LB . -9.20 14.27 -21.60
C4N NAP LB . -6.92 17.38 -22.22
C5N NAP LB . -6.25 18.42 -21.57
C6N NAP LB . -6.34 18.52 -20.16
P2B NAP LB . -14.92 11.81 -9.20
O1X NAP LB . -15.43 10.51 -8.64
O2X NAP LB . -14.66 12.81 -8.11
O3X NAP LB . -15.94 12.34 -10.17
N F3V MB . -8.42 20.01 -24.89
CA F3V MB . -9.74 19.56 -24.45
C F3V MB . -9.77 19.36 -22.93
O F3V MB . -8.86 19.70 -22.26
CM F3V MB . -10.99 18.73 -22.27
CL CL NB . -1.00 30.84 -19.27
PA NAP OB . -6.08 51.01 -8.85
O1A NAP OB . -5.24 52.27 -9.12
O2A NAP OB . -6.04 50.64 -7.38
O5B NAP OB . -7.66 51.27 -9.28
C5B NAP OB . -8.55 50.18 -9.01
C4B NAP OB . -9.90 50.57 -9.54
O4B NAP OB . -10.78 49.34 -9.60
C3B NAP OB . -10.52 51.52 -8.60
O3B NAP OB . -11.23 52.57 -9.35
C2B NAP OB . -11.45 50.70 -7.83
O2B NAP OB . -12.59 51.49 -7.39
C1B NAP OB . -11.93 49.65 -8.75
N9A NAP OB . -12.37 48.47 -8.07
C8A NAP OB . -11.61 47.81 -7.26
N7A NAP OB . -12.31 46.77 -6.81
C5A NAP OB . -13.57 46.81 -7.39
C6A NAP OB . -14.72 46.03 -7.34
N6A NAP OB . -14.79 44.83 -6.50
N1A NAP OB . -15.77 46.40 -8.07
C2A NAP OB . -15.73 47.46 -8.84
N3A NAP OB . -14.65 48.24 -8.94
C4A NAP OB . -13.57 47.96 -8.23
O3 NAP OB . -5.50 49.72 -9.74
PN NAP OB . -4.68 49.85 -11.15
O1N NAP OB . -3.17 49.91 -10.91
O2N NAP OB . -5.13 51.05 -11.95
O5D NAP OB . -4.98 48.48 -12.00
C5D NAP OB . -6.26 48.31 -12.63
C4D NAP OB . -6.08 47.09 -13.47
O4D NAP OB . -4.75 47.19 -14.18
C3D NAP OB . -6.02 45.91 -12.58
O3D NAP OB . -6.86 44.86 -13.18
C2D NAP OB . -4.61 45.49 -12.52
O2D NAP OB . -4.53 44.06 -12.33
C1D NAP OB . -4.11 45.88 -13.84
N1N NAP OB . -2.69 46.06 -13.90
C2N NAP OB . -2.07 47.11 -13.22
C3N NAP OB . -0.67 47.27 -13.35
C7N NAP OB . 0.05 48.44 -12.57
O7N NAP OB . 1.25 48.55 -12.65
N7N NAP OB . -0.79 49.36 -11.75
C4N NAP OB . 0.09 46.41 -14.14
C5N NAP OB . -0.54 45.39 -14.83
C6N NAP OB . -1.94 45.22 -14.70
P2B NAP OB . -13.23 51.10 -5.89
O1X NAP OB . -13.80 52.36 -5.32
O2X NAP OB . -14.26 50.02 -6.00
O3X NAP OB . -12.12 50.62 -5.02
N F3V PB . 2.88 43.68 -12.83
CA F3V PB . 2.44 44.42 -11.67
C F3V PB . 0.92 44.28 -11.50
O F3V PB . 0.27 43.75 -12.34
CM F3V PB . 0.24 44.82 -10.25
CL CL QB . -2.17 33.24 -20.53
MG MG RB . -10.65 51.50 -4.30
PA NAP SB . 4.27 40.50 -51.76
O1A NAP SB . 2.79 40.74 -52.04
O2A NAP SB . 4.79 39.35 -52.62
O5B NAP SB . 5.22 41.84 -51.96
C5B NAP SB . 6.55 41.71 -51.44
C4B NAP SB . 7.31 42.99 -51.61
O4B NAP SB . 8.72 42.76 -51.13
C3B NAP SB . 7.36 43.31 -53.04
O3B NAP SB . 7.14 44.75 -53.20
C2B NAP SB . 8.70 42.94 -53.49
O2B NAP SB . 9.12 43.84 -54.58
C1B NAP SB . 9.57 43.11 -52.29
N9A NAP SB . 10.79 42.33 -52.29
C8A NAP SB . 10.82 41.05 -52.47
N7A NAP SB . 12.08 40.65 -52.41
C5A NAP SB . 12.85 41.79 -52.17
C6A NAP SB . 14.22 42.07 -51.99
N6A NAP SB . 15.19 40.98 -52.06
N1A NAP SB . 14.62 43.31 -51.77
C2A NAP SB . 13.73 44.31 -51.72
N3A NAP SB . 12.42 44.10 -51.87
C4A NAP SB . 11.95 42.88 -52.09
O3 NAP SB . 4.47 40.04 -50.19
PN NAP SB . 3.38 40.26 -49.01
O1N NAP SB . 2.25 39.27 -49.13
O2N NAP SB . 2.88 41.68 -49.00
O5D NAP SB . 4.18 40.01 -47.59
C5D NAP SB . 5.30 40.87 -47.33
C4D NAP SB . 5.75 40.59 -45.96
O4D NAP SB . 4.54 40.31 -45.10
C3D NAP SB . 6.58 39.38 -45.96
O3D NAP SB . 7.68 39.65 -45.02
C2D NAP SB . 5.74 38.31 -45.46
O2D NAP SB . 6.55 37.34 -44.79
C1D NAP SB . 4.86 38.97 -44.49
N1N NAP SB . 3.61 38.28 -44.25
C2N NAP SB . 2.66 38.18 -45.26
C3N NAP SB . 1.43 37.52 -44.97
C7N NAP SB . 0.31 37.37 -46.09
O7N NAP SB . -0.66 36.69 -45.86
N7N NAP SB . 0.48 38.06 -47.40
C4N NAP SB . 1.18 36.99 -43.71
C5N NAP SB . 2.15 37.10 -42.72
C6N NAP SB . 3.36 37.78 -43.01
P2B NAP SB . 10.17 43.23 -55.75
O1X NAP SB . 10.06 44.06 -56.99
O2X NAP SB . 11.58 43.31 -55.22
O3X NAP SB . 9.80 41.82 -56.10
N F3V TB . 0.78 33.02 -42.82
CA F3V TB . 1.11 32.98 -44.24
C F3V TB . 2.30 33.89 -44.52
O F3V TB . 2.97 34.28 -43.63
CM F3V TB . 2.61 34.31 -45.95
CL CL UB . 9.86 33.86 -31.96
#